data_1R9N
#
_entry.id   1R9N
#
_cell.length_a   122.606
_cell.length_b   122.701
_cell.length_c   145.405
_cell.angle_alpha   90.00
_cell.angle_beta   114.88
_cell.angle_gamma   90.00
#
_symmetry.space_group_name_H-M   'P 1 21 1'
#
loop_
_entity.id
_entity.type
_entity.pdbx_description
1 polymer 'Dipeptidyl peptidase IV'
2 polymer 'Neuropeptide Y'
3 branched 2-acetamido-2-deoxy-beta-D-glucopyranose-(1-4)-2-acetamido-2-deoxy-beta-D-glucopyranose
4 non-polymer 2-acetamido-2-deoxy-beta-D-glucopyranose
5 water water
#
loop_
_entity_poly.entity_id
_entity_poly.type
_entity_poly.pdbx_seq_one_letter_code
_entity_poly.pdbx_strand_id
1 'polypeptide(L)'
;ADPGGSHHHHHSRKTYTLTDYLKNTYRLKLYSLRWISDHEYLYKQENNILVFNAEYGNSSVFLENSTFDEFGHSINDYSI
SPDGQFILLEYNYVKQWRHSYTASYDIYDLNKRQLITEERIPNNTQWVTWSPVGHKLAYVWNNDIYVKIEPNLPSYRITW
TGKEDIIYNGITDWVYEEEVFSAYSALWWSPNGTFLAYAQFNDTEVPLIEYSFYSDESLQYPKTVRVPYPKAGAVNPTVK
FFVVNTDSLSSVTNATSIQITAPASMLIGDHYLCDVTWATQERISLQWLRRIQNYSVMDICDYDESSGRWNCLVARQHIE
MSTTGWVGRFRPSEPHFTLDGNSFYKIISNEEGYRHICYFQIDKKDCTFITKGTWEVIGIEALTSDYLYYISNEYKGMPG
GRNLYKIQLSDYTKVTCLSCELNPERCQYYSVSFSKEAKYYQLRCSGPGLPLYTLHSSVNDKGLRVLEDNSALDKMLQNV
QMPSKKLDFIILNETKFWYQMILPPHFDKSKKYPLLLDVYAGPCSQKADTVFRLNWATYLASTENIIVASFDGRGSGYQG
DKIMHAINRRLGTFEVEDQIEAARQFSKMGFVDNKRIAIWGWSYGGYVTSMVLGSGSGVFKCGIAVAPVSRWEYYDSVYT
ERYMGLPTPEDNLDHYRNSTVMSRAENFKQVEYLLIHGTADDNVHFQQSAQISKALVDVGVDFQAMWYTDEDHGIASSTA
HQHIYTHMSHFIKQCFSLP
;
A,B,C,D
2 'polypeptide(L)' YPSKPDNPGE E,F,G,H
#
loop_
_chem_comp.id
_chem_comp.type
_chem_comp.name
_chem_comp.formula
NAG D-saccharide, beta linking 2-acetamido-2-deoxy-beta-D-glucopyranose 'C8 H15 N O6'
#
# COMPACT_ATOMS: atom_id res chain seq x y z
N SER A 12 -9.32 -50.35 13.51
CA SER A 12 -10.07 -49.06 13.58
C SER A 12 -9.52 -48.14 14.67
N ARG A 13 -9.23 -46.89 14.29
CA ARG A 13 -8.89 -45.82 15.24
C ARG A 13 -9.13 -44.41 14.69
N LYS A 14 -8.88 -44.21 13.39
CA LYS A 14 -9.27 -42.97 12.73
C LYS A 14 -10.79 -42.92 12.71
N THR A 15 -11.35 -41.73 12.89
CA THR A 15 -12.79 -41.53 12.75
C THR A 15 -13.06 -40.81 11.42
N TYR A 16 -14.33 -40.73 11.04
CA TYR A 16 -14.72 -39.97 9.87
C TYR A 16 -14.89 -38.52 10.33
N THR A 17 -14.03 -37.63 9.84
CA THR A 17 -13.94 -36.25 10.38
C THR A 17 -14.77 -35.26 9.57
N LEU A 18 -14.92 -34.05 10.09
CA LEU A 18 -15.60 -33.00 9.34
C LEU A 18 -14.88 -32.71 8.05
N THR A 19 -13.54 -32.61 8.12
CA THR A 19 -12.69 -32.50 6.93
C THR A 19 -12.92 -33.64 5.92
N ASP A 20 -13.00 -34.89 6.41
CA ASP A 20 -13.34 -36.03 5.56
C ASP A 20 -14.60 -35.81 4.77
N TYR A 21 -15.65 -35.35 5.44
CA TYR A 21 -16.91 -35.04 4.77
C TYR A 21 -16.80 -33.87 3.80
N LEU A 22 -16.12 -32.81 4.24
CA LEU A 22 -16.08 -31.54 3.49
C LEU A 22 -15.13 -31.57 2.30
N LYS A 23 -13.96 -32.16 2.51
CA LYS A 23 -12.96 -32.29 1.44
C LYS A 23 -13.14 -33.55 0.56
N ASN A 24 -14.05 -34.44 0.95
CA ASN A 24 -14.40 -35.62 0.15
C ASN A 24 -13.28 -36.68 0.15
N THR A 25 -12.76 -37.01 1.34
CA THR A 25 -11.65 -37.95 1.45
C THR A 25 -12.03 -39.33 0.91
N TYR A 26 -13.22 -39.81 1.28
CA TYR A 26 -13.69 -41.14 0.92
C TYR A 26 -14.78 -41.03 -0.14
N ARG A 27 -14.41 -41.33 -1.38
CA ARG A 27 -15.31 -41.09 -2.50
C ARG A 27 -16.18 -42.32 -2.80
N LEU A 28 -17.41 -42.04 -3.22
CA LEU A 28 -18.38 -43.05 -3.59
C LEU A 28 -18.36 -43.15 -5.12
N LYS A 29 -17.92 -44.29 -5.64
CA LYS A 29 -17.83 -44.49 -7.08
C LYS A 29 -19.17 -44.83 -7.72
N LEU A 30 -19.45 -44.16 -8.83
CA LEU A 30 -20.66 -44.37 -9.61
C LEU A 30 -20.34 -45.25 -10.81
N TYR A 31 -21.36 -45.54 -11.60
CA TYR A 31 -21.18 -46.06 -12.95
C TYR A 31 -22.31 -45.50 -13.78
N SER A 32 -22.11 -44.28 -14.27
CA SER A 32 -23.13 -43.57 -15.02
C SER A 32 -23.02 -43.87 -16.51
N LEU A 33 -24.07 -44.46 -17.09
CA LEU A 33 -24.08 -44.75 -18.51
C LEU A 33 -25.23 -44.05 -19.23
N ARG A 34 -25.10 -43.89 -20.54
CA ARG A 34 -26.26 -43.56 -21.37
C ARG A 34 -26.38 -44.50 -22.55
N TRP A 35 -27.44 -45.30 -22.53
CA TRP A 35 -27.76 -46.21 -23.61
C TRP A 35 -27.93 -45.40 -24.87
N ILE A 36 -27.18 -45.76 -25.90
CA ILE A 36 -27.33 -45.13 -27.21
C ILE A 36 -28.18 -46.01 -28.12
N SER A 37 -28.28 -47.30 -27.78
CA SER A 37 -29.07 -48.27 -28.52
C SER A 37 -29.64 -49.31 -27.57
N ASP A 38 -30.03 -50.45 -28.12
CA ASP A 38 -30.47 -51.59 -27.33
C ASP A 38 -29.27 -52.45 -26.93
N HIS A 39 -28.14 -52.26 -27.60
CA HIS A 39 -26.98 -53.13 -27.42
C HIS A 39 -25.79 -52.40 -26.78
N GLU A 40 -25.77 -51.07 -26.92
CA GLU A 40 -24.59 -50.29 -26.58
C GLU A 40 -24.87 -49.13 -25.65
N TYR A 41 -23.87 -48.74 -24.87
CA TYR A 41 -23.96 -47.56 -24.03
C TYR A 41 -22.65 -46.79 -23.97
N LEU A 42 -22.77 -45.50 -23.68
CA LEU A 42 -21.60 -44.65 -23.56
C LEU A 42 -21.17 -44.46 -22.11
N TYR A 43 -19.85 -44.45 -21.91
CA TYR A 43 -19.25 -44.26 -20.60
C TYR A 43 -18.07 -43.30 -20.69
N LYS A 44 -17.80 -42.59 -19.59
CA LYS A 44 -16.60 -41.76 -19.45
C LYS A 44 -15.51 -42.50 -18.66
N GLN A 45 -14.46 -42.94 -19.36
CA GLN A 45 -13.36 -43.69 -18.72
C GLN A 45 -12.48 -42.76 -17.90
N GLU A 46 -11.28 -42.47 -18.41
CA GLU A 46 -10.33 -41.61 -17.71
C GLU A 46 -10.21 -40.30 -18.49
N ASN A 47 -11.34 -39.59 -18.58
CA ASN A 47 -11.59 -38.40 -19.44
C ASN A 47 -11.90 -38.70 -20.93
N ASN A 48 -11.77 -39.96 -21.34
CA ASN A 48 -12.22 -40.43 -22.66
C ASN A 48 -13.73 -40.68 -22.66
N ILE A 49 -14.35 -40.68 -23.83
CA ILE A 49 -15.70 -41.22 -23.97
C ILE A 49 -15.61 -42.60 -24.62
N LEU A 50 -15.92 -43.62 -23.83
CA LEU A 50 -15.92 -45.00 -24.30
C LEU A 50 -17.30 -45.45 -24.74
N VAL A 51 -17.34 -46.32 -25.76
CA VAL A 51 -18.55 -47.05 -26.09
C VAL A 51 -18.39 -48.50 -25.62
N PHE A 52 -19.42 -49.02 -24.95
CA PHE A 52 -19.40 -50.39 -24.45
C PHE A 52 -20.44 -51.25 -25.15
N ASN A 53 -20.07 -52.51 -25.38
CA ASN A 53 -21.01 -53.54 -25.82
C ASN A 53 -21.62 -54.24 -24.60
N ALA A 54 -22.94 -54.13 -24.44
CA ALA A 54 -23.66 -54.73 -23.31
C ALA A 54 -23.46 -56.25 -23.21
N GLU A 55 -23.55 -56.93 -24.37
CA GLU A 55 -23.42 -58.39 -24.44
C GLU A 55 -22.09 -58.89 -23.86
N TYR A 56 -20.98 -58.34 -24.36
CA TYR A 56 -19.63 -58.87 -24.09
C TYR A 56 -18.80 -58.05 -23.10
N GLY A 57 -19.13 -56.76 -22.95
CA GLY A 57 -18.40 -55.88 -22.04
C GLY A 57 -17.14 -55.26 -22.63
N ASN A 58 -16.85 -55.57 -23.90
CA ASN A 58 -15.75 -54.95 -24.62
C ASN A 58 -16.05 -53.48 -24.93
N SER A 59 -14.99 -52.68 -24.98
CA SER A 59 -15.11 -51.26 -25.27
C SER A 59 -14.09 -50.77 -26.29
N SER A 60 -14.41 -49.62 -26.89
CA SER A 60 -13.50 -48.89 -27.76
C SER A 60 -13.74 -47.42 -27.51
N VAL A 61 -12.75 -46.59 -27.83
CA VAL A 61 -12.84 -45.14 -27.63
C VAL A 61 -13.79 -44.52 -28.67
N PHE A 62 -14.92 -43.99 -28.19
CA PHE A 62 -15.90 -43.31 -29.05
C PHE A 62 -15.43 -41.89 -29.34
N LEU A 63 -14.81 -41.28 -28.34
CA LEU A 63 -14.31 -39.93 -28.46
C LEU A 63 -13.12 -39.74 -27.53
N GLU A 64 -11.96 -39.43 -28.12
CA GLU A 64 -10.71 -39.31 -27.39
C GLU A 64 -10.72 -38.04 -26.57
N ASN A 65 -10.16 -38.15 -25.36
CA ASN A 65 -10.02 -37.03 -24.43
C ASN A 65 -9.47 -35.74 -25.06
N SER A 66 -8.39 -35.88 -25.82
CA SER A 66 -7.63 -34.76 -26.35
C SER A 66 -8.12 -34.23 -27.70
N THR A 67 -9.21 -34.81 -28.22
CA THR A 67 -9.82 -34.36 -29.49
C THR A 67 -10.11 -32.85 -29.54
N PHE A 68 -10.35 -32.26 -28.36
CA PHE A 68 -10.71 -30.85 -28.27
C PHE A 68 -9.75 -30.01 -27.43
N ASP A 69 -8.47 -30.40 -27.37
CA ASP A 69 -7.52 -29.62 -26.57
C ASP A 69 -7.09 -28.32 -27.26
N GLU A 70 -7.65 -28.10 -28.45
CA GLU A 70 -7.51 -26.81 -29.16
C GLU A 70 -8.87 -26.18 -29.47
N PHE A 71 -9.90 -26.65 -28.76
CA PHE A 71 -11.25 -26.08 -28.81
C PHE A 71 -11.24 -24.63 -28.35
N GLY A 72 -10.45 -24.35 -27.31
CA GLY A 72 -10.34 -23.01 -26.73
C GLY A 72 -11.26 -22.84 -25.53
N HIS A 73 -12.36 -23.57 -25.55
CA HIS A 73 -13.37 -23.53 -24.51
C HIS A 73 -13.37 -24.81 -23.69
N SER A 74 -13.72 -24.68 -22.42
CA SER A 74 -13.88 -25.83 -21.54
C SER A 74 -15.27 -26.44 -21.75
N ILE A 75 -15.30 -27.70 -22.19
CA ILE A 75 -16.56 -28.40 -22.49
C ILE A 75 -17.22 -28.95 -21.22
N ASN A 76 -18.43 -28.46 -20.96
CA ASN A 76 -19.21 -28.81 -19.77
C ASN A 76 -19.99 -30.13 -19.92
N ASP A 77 -20.56 -30.35 -21.11
CA ASP A 77 -21.26 -31.60 -21.39
C ASP A 77 -21.27 -31.93 -22.88
N TYR A 78 -21.52 -33.19 -23.18
CA TYR A 78 -21.69 -33.65 -24.54
C TYR A 78 -23.10 -34.21 -24.64
N SER A 79 -23.70 -34.09 -25.82
CA SER A 79 -24.96 -34.74 -26.14
C SER A 79 -24.88 -35.23 -27.58
N ILE A 80 -25.01 -36.54 -27.78
CA ILE A 80 -24.81 -37.14 -29.10
C ILE A 80 -26.15 -37.57 -29.73
N SER A 81 -26.34 -37.24 -31.01
CA SER A 81 -27.60 -37.47 -31.72
C SER A 81 -28.02 -38.95 -31.75
N PRO A 82 -29.34 -39.24 -31.73
CA PRO A 82 -29.86 -40.60 -31.75
C PRO A 82 -29.33 -41.49 -32.87
N ASP A 83 -29.18 -40.95 -34.08
CA ASP A 83 -28.57 -41.70 -35.19
C ASP A 83 -27.06 -41.89 -35.03
N GLY A 84 -26.42 -41.03 -34.24
CA GLY A 84 -25.00 -41.16 -33.93
C GLY A 84 -24.07 -40.44 -34.88
N GLN A 85 -24.63 -39.58 -35.73
CA GLN A 85 -23.86 -38.91 -36.78
C GLN A 85 -23.19 -37.61 -36.30
N PHE A 86 -23.77 -37.00 -35.28
CA PHE A 86 -23.33 -35.69 -34.75
C PHE A 86 -23.25 -35.71 -33.24
N ILE A 87 -22.42 -34.84 -32.68
CA ILE A 87 -22.33 -34.63 -31.24
C ILE A 87 -22.47 -33.15 -30.88
N LEU A 88 -23.23 -32.88 -29.81
CA LEU A 88 -23.41 -31.53 -29.32
C LEU A 88 -22.44 -31.26 -28.17
N LEU A 89 -21.66 -30.20 -28.32
CA LEU A 89 -20.80 -29.76 -27.25
C LEU A 89 -21.40 -28.53 -26.56
N GLU A 90 -21.52 -28.64 -25.24
CA GLU A 90 -22.09 -27.61 -24.42
C GLU A 90 -21.00 -26.95 -23.58
N TYR A 91 -20.92 -25.63 -23.68
CA TYR A 91 -19.91 -24.86 -22.95
C TYR A 91 -20.48 -23.49 -22.55
N ASN A 92 -19.68 -22.69 -21.85
CA ASN A 92 -20.13 -21.40 -21.27
C ASN A 92 -21.40 -21.58 -20.41
N TYR A 93 -21.36 -22.58 -19.54
CA TYR A 93 -22.47 -22.93 -18.68
C TYR A 93 -22.73 -21.85 -17.64
N VAL A 94 -23.98 -21.38 -17.56
CA VAL A 94 -24.40 -20.46 -16.50
C VAL A 94 -25.71 -20.97 -15.87
N LYS A 95 -25.60 -21.39 -14.61
CA LYS A 95 -26.75 -21.88 -13.85
C LYS A 95 -27.80 -20.79 -13.66
N GLN A 96 -29.07 -21.16 -13.77
CA GLN A 96 -30.14 -20.28 -13.31
C GLN A 96 -30.80 -20.81 -12.04
N TRP A 97 -31.92 -21.51 -12.20
CA TRP A 97 -32.61 -22.06 -11.06
C TRP A 97 -32.20 -23.53 -10.85
N ARG A 98 -33.11 -24.38 -10.38
CA ARG A 98 -32.74 -25.75 -10.05
C ARG A 98 -32.35 -26.56 -11.27
N HIS A 99 -33.08 -26.35 -12.36
CA HIS A 99 -32.87 -27.11 -13.58
C HIS A 99 -32.36 -26.24 -14.72
N SER A 100 -32.85 -25.00 -14.77
CA SER A 100 -32.51 -24.06 -15.83
C SER A 100 -31.05 -23.58 -15.82
N TYR A 101 -30.55 -23.36 -17.03
CA TYR A 101 -29.25 -22.75 -17.26
C TYR A 101 -29.19 -22.23 -18.69
N THR A 102 -28.17 -21.41 -18.98
CA THR A 102 -27.83 -21.08 -20.36
C THR A 102 -26.46 -21.65 -20.70
N ALA A 103 -26.19 -21.81 -22.00
CA ALA A 103 -24.92 -22.30 -22.49
C ALA A 103 -24.70 -21.94 -23.96
N SER A 104 -23.44 -22.01 -24.35
CA SER A 104 -22.99 -21.94 -25.74
C SER A 104 -22.90 -23.37 -26.26
N TYR A 105 -23.14 -23.54 -27.56
CA TYR A 105 -23.16 -24.88 -28.16
C TYR A 105 -22.42 -24.98 -29.49
N ASP A 106 -21.65 -26.04 -29.65
CA ASP A 106 -21.01 -26.37 -30.92
C ASP A 106 -21.38 -27.79 -31.36
N ILE A 107 -21.58 -27.98 -32.66
CA ILE A 107 -21.92 -29.29 -33.23
C ILE A 107 -20.74 -29.87 -34.04
N TYR A 108 -20.26 -31.02 -33.60
CA TYR A 108 -19.15 -31.72 -34.24
C TYR A 108 -19.69 -32.79 -35.19
N ASP A 109 -19.19 -32.77 -36.42
CA ASP A 109 -19.52 -33.78 -37.43
C ASP A 109 -18.64 -35.00 -37.19
N LEU A 110 -19.22 -36.09 -36.69
CA LEU A 110 -18.48 -37.31 -36.37
C LEU A 110 -17.88 -38.00 -37.61
N ASN A 111 -18.71 -38.20 -38.62
CA ASN A 111 -18.28 -38.79 -39.90
C ASN A 111 -17.10 -38.05 -40.51
N LYS A 112 -17.23 -36.73 -40.63
CA LYS A 112 -16.21 -35.88 -41.24
C LYS A 112 -15.04 -35.51 -40.31
N ARG A 113 -15.27 -35.62 -39.00
CA ARG A 113 -14.33 -35.19 -37.94
C ARG A 113 -14.02 -33.69 -38.00
N GLN A 114 -15.08 -32.88 -37.87
CA GLN A 114 -14.97 -31.42 -38.00
C GLN A 114 -16.09 -30.64 -37.30
N LEU A 115 -15.72 -29.50 -36.74
CA LEU A 115 -16.65 -28.55 -36.17
C LEU A 115 -17.44 -27.86 -37.27
N ILE A 116 -18.74 -27.69 -37.04
CA ILE A 116 -19.60 -26.96 -37.98
C ILE A 116 -19.52 -25.47 -37.68
N THR A 117 -19.18 -24.67 -38.70
CA THR A 117 -18.94 -23.24 -38.51
C THR A 117 -20.07 -22.33 -39.00
N GLU A 118 -21.02 -22.88 -39.75
CA GLU A 118 -22.11 -22.06 -40.32
C GLU A 118 -23.49 -22.33 -39.72
N GLU A 119 -24.33 -21.29 -39.75
CA GLU A 119 -25.67 -21.28 -39.13
C GLU A 119 -25.64 -21.92 -37.75
N ARG A 120 -24.88 -21.30 -36.85
CA ARG A 120 -24.61 -21.87 -35.55
C ARG A 120 -25.74 -21.63 -34.56
N ILE A 121 -25.76 -22.46 -33.52
CA ILE A 121 -26.59 -22.24 -32.34
C ILE A 121 -26.02 -21.01 -31.62
N PRO A 122 -26.86 -19.96 -31.45
CA PRO A 122 -26.38 -18.72 -30.84
C PRO A 122 -25.92 -18.91 -29.38
N ASN A 123 -25.21 -17.92 -28.85
CA ASN A 123 -24.86 -17.92 -27.45
C ASN A 123 -26.11 -17.69 -26.63
N ASN A 124 -26.05 -18.08 -25.35
CA ASN A 124 -27.14 -17.86 -24.40
C ASN A 124 -28.40 -18.64 -24.74
N THR A 125 -28.19 -19.84 -25.28
CA THR A 125 -29.28 -20.72 -25.61
C THR A 125 -29.84 -21.32 -24.32
N GLN A 126 -31.17 -21.34 -24.23
CA GLN A 126 -31.85 -21.72 -23.00
C GLN A 126 -32.08 -23.24 -22.91
N TRP A 127 -32.29 -23.88 -24.06
CA TRP A 127 -32.55 -25.31 -24.11
C TRP A 127 -32.29 -25.88 -25.51
N VAL A 128 -31.68 -27.07 -25.56
CA VAL A 128 -31.43 -27.79 -26.82
C VAL A 128 -31.79 -29.29 -26.69
N THR A 129 -32.37 -29.84 -27.77
CA THR A 129 -32.71 -31.26 -27.81
C THR A 129 -32.68 -31.82 -29.25
N TRP A 130 -32.02 -32.98 -29.41
CA TRP A 130 -32.14 -33.76 -30.61
C TRP A 130 -33.55 -34.37 -30.68
N SER A 131 -34.06 -34.52 -31.89
CA SER A 131 -35.23 -35.34 -32.16
C SER A 131 -34.96 -36.76 -31.62
N PRO A 132 -36.02 -37.53 -31.31
CA PRO A 132 -35.76 -38.85 -30.70
C PRO A 132 -35.11 -39.86 -31.66
N VAL A 133 -35.32 -39.66 -32.96
CA VAL A 133 -34.57 -40.38 -34.00
C VAL A 133 -34.01 -39.38 -35.02
N GLY A 134 -32.96 -39.77 -35.74
CA GLY A 134 -32.32 -38.86 -36.71
C GLY A 134 -31.38 -37.85 -36.05
N HIS A 135 -31.29 -36.66 -36.63
CA HIS A 135 -30.36 -35.64 -36.14
C HIS A 135 -30.90 -34.21 -36.16
N LYS A 136 -32.22 -34.08 -36.07
CA LYS A 136 -32.86 -32.75 -36.02
C LYS A 136 -32.58 -32.05 -34.69
N LEU A 137 -32.71 -30.72 -34.67
CA LEU A 137 -32.58 -29.97 -33.44
C LEU A 137 -33.71 -28.99 -33.24
N ALA A 138 -34.19 -28.91 -32.00
CA ALA A 138 -35.02 -27.81 -31.54
C ALA A 138 -34.27 -27.09 -30.42
N TYR A 139 -34.18 -25.78 -30.52
CA TYR A 139 -33.60 -25.01 -29.44
C TYR A 139 -34.47 -23.82 -29.06
N VAL A 140 -34.26 -23.34 -27.83
CA VAL A 140 -34.93 -22.15 -27.33
C VAL A 140 -33.91 -21.06 -27.06
N TRP A 141 -34.20 -19.85 -27.54
CA TRP A 141 -33.28 -18.74 -27.46
C TRP A 141 -34.09 -17.46 -27.43
N ASN A 142 -33.78 -16.58 -26.47
CA ASN A 142 -34.61 -15.42 -26.13
C ASN A 142 -36.11 -15.78 -26.04
N ASN A 143 -36.40 -16.91 -25.38
CA ASN A 143 -37.78 -17.37 -25.16
C ASN A 143 -38.57 -17.80 -26.41
N ASP A 144 -37.88 -18.01 -27.53
CA ASP A 144 -38.53 -18.52 -28.75
C ASP A 144 -37.93 -19.85 -29.19
N ILE A 145 -38.76 -20.65 -29.86
CA ILE A 145 -38.36 -21.95 -30.39
C ILE A 145 -37.82 -21.86 -31.85
N TYR A 146 -36.72 -22.57 -32.08
CA TYR A 146 -36.09 -22.70 -33.40
C TYR A 146 -35.87 -24.17 -33.66
N VAL A 147 -35.96 -24.56 -34.93
CA VAL A 147 -35.73 -25.95 -35.36
C VAL A 147 -34.70 -26.01 -36.50
N LYS A 148 -33.71 -26.91 -36.36
CA LYS A 148 -32.77 -27.22 -37.45
C LYS A 148 -32.89 -28.66 -37.97
N ILE A 149 -33.35 -28.81 -39.21
CA ILE A 149 -33.45 -30.13 -39.85
C ILE A 149 -32.07 -30.74 -40.02
N GLU A 150 -31.12 -29.92 -40.49
CA GLU A 150 -29.72 -30.31 -40.63
C GLU A 150 -28.84 -29.38 -39.79
N PRO A 151 -27.79 -29.93 -39.13
CA PRO A 151 -26.92 -29.19 -38.21
C PRO A 151 -26.22 -27.95 -38.81
N ASN A 152 -26.05 -27.93 -40.14
CA ASN A 152 -25.35 -26.83 -40.81
C ASN A 152 -26.26 -25.89 -41.62
N LEU A 153 -27.55 -26.19 -41.67
CA LEU A 153 -28.51 -25.39 -42.44
C LEU A 153 -29.19 -24.34 -41.57
N PRO A 154 -29.88 -23.36 -42.18
CA PRO A 154 -30.56 -22.36 -41.33
C PRO A 154 -31.63 -22.95 -40.41
N SER A 155 -31.93 -22.24 -39.34
CA SER A 155 -33.02 -22.61 -38.43
C SER A 155 -34.33 -21.98 -38.86
N TYR A 156 -35.43 -22.65 -38.55
CA TYR A 156 -36.75 -22.11 -38.80
C TYR A 156 -37.28 -21.56 -37.50
N ARG A 157 -37.65 -20.29 -37.47
CA ARG A 157 -38.25 -19.72 -36.29
C ARG A 157 -39.72 -20.17 -36.13
N ILE A 158 -39.96 -20.95 -35.09
CA ILE A 158 -41.30 -21.46 -34.80
C ILE A 158 -42.18 -20.38 -34.16
N THR A 159 -41.67 -19.72 -33.12
CA THR A 159 -42.50 -18.78 -32.36
C THR A 159 -41.88 -17.39 -32.39
N TRP A 160 -42.72 -16.36 -32.32
CA TRP A 160 -42.29 -14.97 -32.49
C TRP A 160 -42.74 -14.08 -31.32
N THR A 161 -43.16 -14.72 -30.23
CA THR A 161 -43.82 -14.03 -29.10
C THR A 161 -43.01 -14.02 -27.79
N GLY A 162 -41.93 -14.80 -27.76
CA GLY A 162 -41.08 -14.92 -26.59
C GLY A 162 -40.57 -13.59 -26.08
N LYS A 163 -40.77 -13.36 -24.79
CA LYS A 163 -40.38 -12.10 -24.16
C LYS A 163 -39.95 -12.37 -22.75
N GLU A 164 -38.73 -11.94 -22.46
CA GLU A 164 -38.05 -12.20 -21.20
C GLU A 164 -38.93 -11.78 -20.04
N ASP A 165 -39.10 -12.71 -19.10
CA ASP A 165 -39.94 -12.56 -17.90
C ASP A 165 -41.45 -12.53 -18.16
N ILE A 166 -41.89 -12.75 -19.40
CA ILE A 166 -43.31 -12.57 -19.77
C ILE A 166 -43.91 -13.69 -20.61
N ILE A 167 -43.36 -13.93 -21.80
CA ILE A 167 -43.83 -15.04 -22.67
C ILE A 167 -42.72 -16.06 -22.81
N TYR A 168 -42.99 -17.30 -22.40
CA TYR A 168 -42.02 -18.41 -22.50
C TYR A 168 -42.48 -19.48 -23.49
N ASN A 169 -41.78 -19.62 -24.61
CA ASN A 169 -42.10 -20.65 -25.60
C ASN A 169 -41.09 -21.77 -25.53
N GLY A 170 -41.56 -22.98 -25.19
CA GLY A 170 -40.71 -24.16 -25.17
C GLY A 170 -39.82 -24.29 -23.97
N ILE A 171 -39.88 -23.29 -23.08
CA ILE A 171 -39.22 -23.32 -21.77
C ILE A 171 -40.22 -22.94 -20.68
N THR A 172 -39.97 -23.40 -19.47
CA THR A 172 -40.81 -23.11 -18.32
C THR A 172 -40.40 -21.82 -17.57
N ASP A 173 -41.36 -21.29 -16.81
CA ASP A 173 -41.12 -20.15 -15.96
C ASP A 173 -40.75 -20.65 -14.57
N TRP A 174 -40.35 -19.75 -13.68
CA TRP A 174 -39.97 -20.20 -12.34
C TRP A 174 -40.87 -21.32 -11.75
N VAL A 175 -42.17 -21.09 -11.55
CA VAL A 175 -43.03 -22.13 -10.89
C VAL A 175 -43.19 -23.43 -11.64
N TYR A 176 -43.26 -23.37 -12.96
CA TYR A 176 -43.41 -24.59 -13.72
C TYR A 176 -42.13 -25.39 -13.69
N GLU A 177 -41.00 -24.69 -13.70
CA GLU A 177 -39.72 -25.37 -13.64
C GLU A 177 -39.58 -26.13 -12.32
N GLU A 178 -39.96 -25.46 -11.23
CA GLU A 178 -39.65 -25.98 -9.90
C GLU A 178 -40.70 -26.98 -9.47
N GLU A 179 -41.97 -26.64 -9.69
CA GLU A 179 -43.08 -27.35 -9.05
C GLU A 179 -43.84 -28.34 -9.91
N VAL A 180 -43.82 -28.15 -11.23
CA VAL A 180 -44.63 -28.99 -12.13
C VAL A 180 -43.80 -29.99 -12.95
N PHE A 181 -42.90 -29.48 -13.77
CA PHE A 181 -42.15 -30.32 -14.72
C PHE A 181 -40.77 -30.74 -14.25
N SER A 182 -40.30 -30.12 -13.16
CA SER A 182 -38.95 -30.33 -12.67
C SER A 182 -37.93 -30.31 -13.82
N ALA A 183 -38.09 -29.33 -14.70
CA ALA A 183 -37.26 -29.16 -15.88
C ALA A 183 -37.50 -27.78 -16.46
N TYR A 184 -36.51 -27.29 -17.20
CA TYR A 184 -36.58 -26.04 -17.92
C TYR A 184 -37.35 -26.26 -19.22
N SER A 185 -37.07 -27.40 -19.85
CA SER A 185 -37.69 -27.79 -21.12
C SER A 185 -39.19 -27.84 -21.09
N ALA A 186 -39.81 -27.31 -22.13
CA ALA A 186 -41.24 -27.54 -22.35
C ALA A 186 -41.46 -27.83 -23.84
N LEU A 187 -40.65 -28.76 -24.35
CA LEU A 187 -40.71 -29.21 -25.72
C LEU A 187 -40.78 -30.72 -25.71
N TRP A 188 -41.75 -31.25 -26.44
CA TRP A 188 -41.94 -32.69 -26.52
C TRP A 188 -42.00 -33.16 -27.98
N TRP A 189 -40.92 -33.79 -28.42
CA TRP A 189 -40.82 -34.39 -29.74
C TRP A 189 -41.72 -35.63 -29.80
N SER A 190 -42.37 -35.86 -30.95
CA SER A 190 -43.07 -37.12 -31.18
C SER A 190 -42.02 -38.24 -31.33
N PRO A 191 -42.43 -39.52 -31.12
CA PRO A 191 -41.44 -40.62 -31.12
C PRO A 191 -40.48 -40.70 -32.30
N ASN A 192 -40.94 -40.34 -33.51
CA ASN A 192 -40.08 -40.37 -34.71
C ASN A 192 -39.65 -38.98 -35.22
N GLY A 193 -39.88 -37.96 -34.38
CA GLY A 193 -39.44 -36.60 -34.66
C GLY A 193 -40.23 -35.76 -35.66
N THR A 194 -41.38 -36.25 -36.10
CA THR A 194 -42.21 -35.50 -37.06
C THR A 194 -42.77 -34.22 -36.43
N PHE A 195 -43.41 -34.37 -35.27
CA PHE A 195 -44.09 -33.29 -34.59
C PHE A 195 -43.28 -32.77 -33.43
N LEU A 196 -43.29 -31.45 -33.27
CA LEU A 196 -42.73 -30.84 -32.08
C LEU A 196 -43.87 -30.24 -31.28
N ALA A 197 -44.10 -30.80 -30.10
CA ALA A 197 -45.13 -30.30 -29.20
C ALA A 197 -44.47 -29.34 -28.24
N TYR A 198 -45.19 -28.29 -27.86
CA TYR A 198 -44.65 -27.33 -26.91
C TYR A 198 -45.71 -26.55 -26.12
N ALA A 199 -45.29 -26.11 -24.94
CA ALA A 199 -46.13 -25.30 -24.08
C ALA A 199 -45.68 -23.84 -24.14
N GLN A 200 -46.63 -22.94 -23.93
CA GLN A 200 -46.35 -21.52 -23.85
C GLN A 200 -46.88 -20.98 -22.53
N PHE A 201 -46.00 -20.33 -21.76
CA PHE A 201 -46.37 -19.72 -20.48
C PHE A 201 -46.43 -18.20 -20.57
N ASN A 202 -47.46 -17.64 -19.95
CA ASN A 202 -47.70 -16.20 -19.92
C ASN A 202 -47.67 -15.71 -18.48
N ASP A 203 -46.66 -14.89 -18.14
CA ASP A 203 -46.49 -14.43 -16.76
C ASP A 203 -46.86 -12.95 -16.54
N THR A 204 -47.66 -12.40 -17.45
CA THR A 204 -47.92 -10.96 -17.49
C THR A 204 -48.35 -10.33 -16.16
N GLU A 205 -49.24 -10.98 -15.44
CA GLU A 205 -49.73 -10.40 -14.19
C GLU A 205 -49.26 -11.14 -12.91
N VAL A 206 -48.32 -12.05 -13.09
CA VAL A 206 -47.66 -12.73 -11.98
C VAL A 206 -46.77 -11.68 -11.27
N PRO A 207 -47.00 -11.46 -9.95
CA PRO A 207 -46.17 -10.47 -9.27
C PRO A 207 -44.73 -10.96 -9.24
N LEU A 208 -43.80 -10.05 -8.99
CA LEU A 208 -42.38 -10.39 -8.95
C LEU A 208 -41.81 -10.36 -7.53
N ILE A 209 -41.06 -11.42 -7.21
CA ILE A 209 -40.16 -11.39 -6.05
C ILE A 209 -38.90 -10.61 -6.42
N GLU A 210 -38.54 -9.70 -5.54
CA GLU A 210 -37.37 -8.86 -5.72
C GLU A 210 -36.44 -9.05 -4.54
N TYR A 211 -35.14 -9.15 -4.80
CA TYR A 211 -34.14 -9.20 -3.74
C TYR A 211 -32.83 -8.68 -4.28
N SER A 212 -31.88 -8.40 -3.37
CA SER A 212 -30.60 -7.82 -3.72
C SER A 212 -29.58 -8.89 -4.09
N PHE A 213 -28.76 -8.57 -5.08
CA PHE A 213 -27.62 -9.40 -5.41
C PHE A 213 -26.34 -8.56 -5.30
N TYR A 214 -25.41 -8.98 -4.44
CA TYR A 214 -24.29 -8.09 -4.14
C TYR A 214 -23.14 -8.22 -5.12
N SER A 215 -22.99 -9.42 -5.68
CA SER A 215 -22.00 -9.78 -6.67
C SER A 215 -20.60 -9.65 -6.08
N ASP A 216 -19.59 -9.60 -6.96
CA ASP A 216 -18.22 -9.38 -6.52
C ASP A 216 -18.12 -7.98 -5.93
N GLU A 217 -17.12 -7.77 -5.07
CA GLU A 217 -16.93 -6.49 -4.41
C GLU A 217 -16.67 -5.32 -5.36
N SER A 218 -16.19 -5.62 -6.57
CA SER A 218 -16.08 -4.62 -7.64
C SER A 218 -17.43 -3.94 -8.00
N LEU A 219 -18.54 -4.60 -7.75
CA LEU A 219 -19.86 -4.01 -8.09
C LEU A 219 -20.26 -2.91 -7.10
N GLN A 220 -20.20 -1.66 -7.55
CA GLN A 220 -20.46 -0.51 -6.67
C GLN A 220 -21.86 -0.48 -6.05
N TYR A 221 -22.90 -0.72 -6.86
CA TYR A 221 -24.29 -0.69 -6.41
C TYR A 221 -24.91 -2.06 -6.56
N PRO A 222 -25.49 -2.60 -5.48
CA PRO A 222 -26.14 -3.91 -5.59
C PRO A 222 -27.17 -3.93 -6.73
N LYS A 223 -27.39 -5.11 -7.28
CA LYS A 223 -28.38 -5.32 -8.32
C LYS A 223 -29.68 -5.79 -7.66
N THR A 224 -30.82 -5.48 -8.25
CA THR A 224 -32.06 -6.07 -7.83
C THR A 224 -32.46 -7.18 -8.82
N VAL A 225 -32.47 -8.43 -8.33
CA VAL A 225 -33.03 -9.53 -9.09
C VAL A 225 -34.55 -9.47 -8.92
N ARG A 226 -35.26 -9.47 -10.06
CA ARG A 226 -36.74 -9.53 -10.09
C ARG A 226 -37.21 -10.79 -10.84
N VAL A 227 -38.02 -11.63 -10.17
CA VAL A 227 -38.48 -12.91 -10.75
C VAL A 227 -40.00 -13.08 -10.66
N PRO A 228 -40.67 -13.35 -11.79
CA PRO A 228 -42.11 -13.59 -11.67
C PRO A 228 -42.32 -14.85 -10.88
N TYR A 229 -42.97 -14.70 -9.73
CA TYR A 229 -43.08 -15.77 -8.76
C TYR A 229 -44.40 -15.60 -8.08
N PRO A 230 -45.36 -16.53 -8.32
CA PRO A 230 -46.65 -16.46 -7.64
C PRO A 230 -46.57 -17.10 -6.25
N LYS A 231 -46.82 -16.30 -5.23
CA LYS A 231 -46.89 -16.79 -3.87
C LYS A 231 -48.34 -17.27 -3.64
N ALA A 232 -48.58 -18.01 -2.55
CA ALA A 232 -49.91 -18.56 -2.26
C ALA A 232 -51.05 -17.60 -2.52
N GLY A 233 -52.05 -18.05 -3.29
CA GLY A 233 -53.20 -17.22 -3.64
C GLY A 233 -53.01 -16.06 -4.62
N ALA A 234 -51.80 -15.84 -5.15
CA ALA A 234 -51.55 -14.75 -6.12
C ALA A 234 -51.92 -15.14 -7.55
N VAL A 235 -51.92 -14.19 -8.49
CA VAL A 235 -52.22 -14.56 -9.89
C VAL A 235 -51.14 -15.42 -10.55
N ASN A 236 -51.59 -16.53 -11.14
CA ASN A 236 -50.73 -17.56 -11.69
C ASN A 236 -50.39 -17.32 -13.16
N PRO A 237 -49.26 -17.90 -13.62
CA PRO A 237 -49.01 -18.03 -15.06
C PRO A 237 -50.14 -18.80 -15.75
N THR A 238 -50.47 -18.39 -16.97
CA THR A 238 -51.41 -19.15 -17.80
C THR A 238 -50.63 -19.92 -18.85
N VAL A 239 -51.24 -20.99 -19.36
CA VAL A 239 -50.58 -21.94 -20.22
C VAL A 239 -51.38 -22.22 -21.49
N LYS A 240 -50.68 -22.25 -22.62
CA LYS A 240 -51.25 -22.73 -23.87
C LYS A 240 -50.39 -23.89 -24.35
N PHE A 241 -50.96 -24.72 -25.23
CA PHE A 241 -50.27 -25.88 -25.76
C PHE A 241 -50.41 -25.96 -27.29
N PHE A 242 -49.28 -26.23 -27.96
CA PHE A 242 -49.22 -26.27 -29.42
C PHE A 242 -48.46 -27.48 -29.93
N VAL A 243 -48.72 -27.81 -31.20
CA VAL A 243 -47.97 -28.82 -31.96
C VAL A 243 -47.66 -28.25 -33.35
N VAL A 244 -46.40 -28.37 -33.76
CA VAL A 244 -46.00 -27.96 -35.10
C VAL A 244 -45.45 -29.17 -35.89
N ASN A 245 -45.72 -29.19 -37.19
CA ASN A 245 -45.15 -30.19 -38.09
C ASN A 245 -43.77 -29.76 -38.59
N THR A 246 -42.72 -30.46 -38.15
CA THR A 246 -41.35 -30.16 -38.55
C THR A 246 -40.99 -30.77 -39.92
N ASP A 247 -41.80 -31.71 -40.40
CA ASP A 247 -41.60 -32.33 -41.72
C ASP A 247 -42.18 -31.50 -42.87
N SER A 248 -42.76 -30.35 -42.55
CA SER A 248 -43.31 -29.47 -43.57
C SER A 248 -43.03 -27.98 -43.31
N LEU A 249 -41.90 -27.71 -42.65
CA LEU A 249 -41.42 -26.35 -42.40
C LEU A 249 -41.04 -25.62 -43.69
N SER A 250 -41.30 -24.31 -43.74
CA SER A 250 -40.97 -23.51 -44.92
C SER A 250 -39.91 -22.46 -44.65
N SER A 251 -39.07 -22.23 -45.67
CA SER A 251 -38.02 -21.22 -45.66
C SER A 251 -38.58 -19.85 -46.02
N VAL A 252 -39.75 -19.83 -46.66
CA VAL A 252 -40.36 -18.59 -47.16
C VAL A 252 -41.63 -18.16 -46.41
N THR A 253 -42.28 -19.09 -45.71
CA THR A 253 -43.43 -18.76 -44.85
C THR A 253 -43.22 -19.22 -43.40
N ASN A 254 -43.90 -18.55 -42.47
CA ASN A 254 -43.87 -18.88 -41.05
C ASN A 254 -44.50 -20.25 -40.75
N ALA A 255 -44.05 -20.90 -39.67
CA ALA A 255 -44.57 -22.21 -39.25
C ALA A 255 -45.97 -22.11 -38.64
N THR A 256 -46.85 -23.05 -38.99
CA THR A 256 -48.19 -23.12 -38.38
C THR A 256 -48.16 -24.00 -37.12
N SER A 257 -48.52 -23.40 -35.99
CA SER A 257 -48.61 -24.13 -34.73
C SER A 257 -50.08 -24.35 -34.41
N ILE A 258 -50.46 -25.62 -34.31
CA ILE A 258 -51.84 -26.01 -34.02
C ILE A 258 -52.01 -26.10 -32.50
N GLN A 259 -52.89 -25.27 -31.96
CA GLN A 259 -53.17 -25.25 -30.52
C GLN A 259 -54.07 -26.41 -30.14
N ILE A 260 -53.75 -27.05 -29.03
CA ILE A 260 -54.66 -27.97 -28.35
C ILE A 260 -55.14 -27.26 -27.09
N THR A 261 -56.44 -26.99 -27.01
CA THR A 261 -57.01 -26.30 -25.86
C THR A 261 -57.35 -27.30 -24.73
N ALA A 262 -57.12 -26.89 -23.49
CA ALA A 262 -57.51 -27.64 -22.29
C ALA A 262 -59.00 -28.05 -22.36
N PRO A 263 -59.39 -29.15 -21.67
CA PRO A 263 -60.79 -29.58 -21.64
C PRO A 263 -61.73 -28.51 -21.07
N ALA A 264 -63.02 -28.61 -21.40
CA ALA A 264 -64.05 -27.72 -20.87
C ALA A 264 -64.02 -27.67 -19.34
N SER A 265 -63.68 -28.80 -18.73
CA SER A 265 -63.63 -28.97 -17.27
C SER A 265 -62.49 -28.23 -16.58
N MET A 266 -61.50 -27.79 -17.37
CA MET A 266 -60.36 -27.04 -16.89
C MET A 266 -60.47 -25.55 -17.18
N LEU A 267 -61.07 -25.22 -18.32
CA LEU A 267 -61.19 -23.85 -18.81
C LEU A 267 -62.12 -22.98 -17.96
N ILE A 268 -62.86 -23.62 -17.05
CA ILE A 268 -63.79 -22.91 -16.14
C ILE A 268 -63.08 -22.01 -15.11
N GLY A 269 -61.85 -22.34 -14.74
CA GLY A 269 -61.05 -21.52 -13.83
C GLY A 269 -59.56 -21.70 -14.05
N ASP A 270 -58.75 -21.22 -13.10
CA ASP A 270 -57.31 -21.45 -13.14
C ASP A 270 -57.02 -22.94 -13.17
N HIS A 271 -55.96 -23.32 -13.89
CA HIS A 271 -55.57 -24.71 -14.07
C HIS A 271 -54.11 -24.79 -14.44
N TYR A 272 -53.58 -26.01 -14.51
CA TYR A 272 -52.21 -26.24 -14.92
C TYR A 272 -52.15 -27.32 -16.00
N LEU A 273 -51.15 -27.24 -16.87
CA LEU A 273 -50.76 -28.37 -17.68
C LEU A 273 -49.78 -29.14 -16.82
N CYS A 274 -50.03 -30.43 -16.57
CA CYS A 274 -49.15 -31.16 -15.63
C CYS A 274 -48.36 -32.33 -16.21
N ASP A 275 -48.75 -32.81 -17.39
CA ASP A 275 -48.04 -33.94 -18.01
C ASP A 275 -48.19 -33.93 -19.54
N VAL A 276 -47.10 -34.21 -20.24
CA VAL A 276 -47.12 -34.44 -21.69
C VAL A 276 -46.42 -35.77 -22.03
N THR A 277 -47.21 -36.71 -22.55
CA THR A 277 -46.69 -38.02 -22.92
C THR A 277 -47.21 -38.41 -24.30
N TRP A 278 -46.27 -38.69 -25.21
CA TRP A 278 -46.61 -39.19 -26.53
C TRP A 278 -47.05 -40.67 -26.48
N ALA A 279 -48.19 -40.96 -27.09
CA ALA A 279 -48.70 -42.32 -27.14
C ALA A 279 -48.20 -43.07 -28.40
N THR A 280 -48.33 -42.41 -29.55
CA THR A 280 -47.90 -42.95 -30.84
C THR A 280 -47.36 -41.77 -31.66
N GLN A 281 -47.17 -42.01 -32.96
CA GLN A 281 -46.70 -40.98 -33.89
C GLN A 281 -47.73 -39.86 -34.09
N GLU A 282 -48.99 -40.18 -33.85
CA GLU A 282 -50.12 -39.29 -34.14
C GLU A 282 -51.09 -39.15 -32.97
N ARG A 283 -50.64 -39.56 -31.78
CA ARG A 283 -51.45 -39.49 -30.56
C ARG A 283 -50.62 -39.01 -29.36
N ILE A 284 -51.09 -37.94 -28.73
CA ILE A 284 -50.44 -37.35 -27.56
C ILE A 284 -51.40 -37.28 -26.36
N SER A 285 -50.90 -37.63 -25.17
CA SER A 285 -51.72 -37.45 -23.96
C SER A 285 -51.29 -36.22 -23.14
N LEU A 286 -52.27 -35.46 -22.69
CA LEU A 286 -52.05 -34.27 -21.88
C LEU A 286 -52.85 -34.45 -20.60
N GLN A 287 -52.20 -34.22 -19.47
CA GLN A 287 -52.93 -34.14 -18.21
C GLN A 287 -53.01 -32.68 -17.74
N TRP A 288 -54.21 -32.29 -17.32
CA TRP A 288 -54.45 -30.98 -16.78
C TRP A 288 -54.94 -31.11 -15.33
N LEU A 289 -54.52 -30.15 -14.50
CA LEU A 289 -54.85 -30.12 -13.08
C LEU A 289 -55.52 -28.81 -12.76
N ARG A 290 -56.65 -28.85 -12.05
CA ARG A 290 -57.27 -27.60 -11.57
C ARG A 290 -56.35 -26.94 -10.53
N ARG A 291 -56.52 -25.63 -10.33
CA ARG A 291 -55.73 -24.91 -9.32
C ARG A 291 -55.98 -25.48 -7.90
N ILE A 292 -57.23 -25.85 -7.64
CA ILE A 292 -57.57 -26.71 -6.51
C ILE A 292 -57.22 -28.12 -6.93
N GLN A 293 -56.10 -28.60 -6.41
CA GLN A 293 -55.41 -29.72 -7.00
C GLN A 293 -55.93 -31.10 -6.65
N ASN A 294 -57.25 -31.23 -6.52
CA ASN A 294 -57.90 -32.52 -6.27
C ASN A 294 -58.72 -33.05 -7.45
N TYR A 295 -58.49 -32.51 -8.64
CA TYR A 295 -59.21 -32.89 -9.85
C TYR A 295 -58.32 -32.69 -11.08
N SER A 296 -58.01 -33.79 -11.77
CA SER A 296 -57.19 -33.72 -12.97
C SER A 296 -57.85 -34.47 -14.10
N VAL A 297 -57.46 -34.14 -15.34
CA VAL A 297 -58.07 -34.73 -16.52
C VAL A 297 -57.01 -35.07 -17.58
N MET A 298 -56.95 -36.34 -17.97
CA MET A 298 -56.12 -36.72 -19.10
C MET A 298 -56.89 -36.64 -20.41
N ASP A 299 -56.45 -35.76 -21.31
CA ASP A 299 -56.91 -35.72 -22.70
C ASP A 299 -55.97 -36.55 -23.58
N ILE A 300 -56.57 -37.29 -24.52
CA ILE A 300 -55.83 -38.07 -25.51
C ILE A 300 -56.23 -37.54 -26.89
N CYS A 301 -55.25 -37.03 -27.64
CA CYS A 301 -55.49 -36.27 -28.86
C CYS A 301 -54.83 -36.88 -30.09
N ASP A 302 -55.61 -37.06 -31.16
CA ASP A 302 -55.14 -37.66 -32.40
C ASP A 302 -55.00 -36.66 -33.53
N TYR A 303 -53.96 -36.85 -34.34
CA TYR A 303 -53.75 -36.04 -35.54
C TYR A 303 -54.74 -36.43 -36.65
N ASP A 304 -55.40 -35.43 -37.22
CA ASP A 304 -56.32 -35.63 -38.36
C ASP A 304 -55.63 -35.21 -39.67
N GLU A 305 -55.19 -36.20 -40.44
CA GLU A 305 -54.47 -36.00 -41.71
C GLU A 305 -55.15 -35.07 -42.74
N SER A 306 -56.48 -35.10 -42.81
CA SER A 306 -57.23 -34.26 -43.74
C SER A 306 -57.46 -32.85 -43.18
N SER A 307 -57.50 -32.73 -41.86
CA SER A 307 -57.70 -31.45 -41.18
C SER A 307 -56.41 -30.67 -41.03
N GLY A 308 -55.33 -31.40 -40.74
CA GLY A 308 -54.06 -30.80 -40.36
C GLY A 308 -54.11 -30.36 -38.91
N ARG A 309 -55.05 -30.94 -38.15
CA ARG A 309 -55.32 -30.55 -36.77
C ARG A 309 -55.33 -31.73 -35.79
N TRP A 310 -55.48 -31.41 -34.51
CA TRP A 310 -55.51 -32.38 -33.41
C TRP A 310 -56.82 -32.33 -32.62
N ASN A 311 -57.50 -33.48 -32.56
CA ASN A 311 -58.79 -33.58 -31.86
C ASN A 311 -58.72 -34.51 -30.66
N CYS A 312 -59.17 -34.02 -29.51
CA CYS A 312 -59.26 -34.83 -28.29
C CYS A 312 -60.72 -35.09 -27.97
N LEU A 313 -61.14 -36.34 -28.18
CA LEU A 313 -62.52 -36.77 -27.94
C LEU A 313 -62.87 -36.69 -26.45
N VAL A 314 -64.03 -36.10 -26.14
CA VAL A 314 -64.55 -36.04 -24.77
C VAL A 314 -64.79 -37.45 -24.23
N ALA A 315 -65.10 -38.37 -25.14
CA ALA A 315 -65.27 -39.78 -24.81
C ALA A 315 -63.97 -40.45 -24.36
N ARG A 316 -62.83 -39.83 -24.67
CA ARG A 316 -61.52 -40.43 -24.39
C ARG A 316 -60.80 -39.80 -23.19
N GLN A 317 -61.44 -38.83 -22.55
CA GLN A 317 -60.92 -38.23 -21.34
C GLN A 317 -60.90 -39.21 -20.18
N HIS A 318 -59.94 -39.01 -19.28
CA HIS A 318 -59.79 -39.83 -18.10
C HIS A 318 -59.60 -38.93 -16.90
N ILE A 319 -60.51 -39.06 -15.94
CA ILE A 319 -60.54 -38.21 -14.76
C ILE A 319 -59.81 -38.89 -13.61
N GLU A 320 -58.95 -38.12 -12.95
CA GLU A 320 -58.28 -38.58 -11.74
C GLU A 320 -58.53 -37.53 -10.64
N MET A 321 -59.07 -37.98 -9.51
CA MET A 321 -59.45 -37.08 -8.42
C MET A 321 -59.20 -37.71 -7.04
N SER A 322 -59.33 -36.88 -6.00
CA SER A 322 -59.13 -37.30 -4.62
C SER A 322 -60.15 -36.65 -3.68
N THR A 323 -60.76 -37.46 -2.80
CA THR A 323 -61.65 -36.96 -1.74
C THR A 323 -60.88 -36.49 -0.51
N THR A 324 -59.74 -37.14 -0.27
CA THR A 324 -59.03 -37.02 1.00
C THR A 324 -57.77 -36.18 0.91
N GLY A 325 -57.40 -35.78 -0.30
CA GLY A 325 -56.19 -35.01 -0.49
C GLY A 325 -56.09 -34.40 -1.86
N TRP A 326 -54.85 -34.17 -2.28
CA TRP A 326 -54.50 -33.72 -3.61
C TRP A 326 -54.35 -34.96 -4.52
N VAL A 327 -54.17 -34.77 -5.82
CA VAL A 327 -53.95 -35.92 -6.70
C VAL A 327 -52.46 -36.11 -7.04
N GLY A 328 -52.02 -37.36 -6.99
CA GLY A 328 -50.64 -37.74 -7.26
C GLY A 328 -49.80 -37.57 -6.01
N ARG A 329 -48.57 -38.10 -6.02
CA ARG A 329 -47.66 -37.90 -4.91
C ARG A 329 -47.34 -36.40 -4.82
N PHE A 330 -46.70 -35.88 -5.87
CA PHE A 330 -46.52 -34.45 -6.06
C PHE A 330 -47.32 -33.89 -7.26
N ARG A 331 -47.74 -34.77 -8.16
CA ARG A 331 -48.57 -34.44 -9.33
C ARG A 331 -49.13 -35.74 -9.88
N PRO A 332 -50.21 -35.69 -10.69
CA PRO A 332 -50.65 -36.91 -11.35
C PRO A 332 -49.50 -37.68 -12.02
N SER A 333 -49.59 -38.99 -11.94
CA SER A 333 -48.56 -39.84 -12.49
C SER A 333 -48.58 -39.82 -14.00
N GLU A 334 -47.47 -40.22 -14.62
CA GLU A 334 -47.39 -40.32 -16.07
C GLU A 334 -47.91 -41.67 -16.62
N PRO A 335 -48.60 -41.64 -17.80
CA PRO A 335 -49.02 -42.86 -18.48
C PRO A 335 -47.89 -43.56 -19.25
N HIS A 336 -47.98 -44.89 -19.33
CA HIS A 336 -47.09 -45.70 -20.14
C HIS A 336 -47.93 -46.48 -21.11
N PHE A 337 -47.96 -46.03 -22.36
CA PHE A 337 -48.82 -46.63 -23.36
C PHE A 337 -48.21 -47.90 -23.91
N THR A 338 -49.07 -48.83 -24.32
CA THR A 338 -48.64 -49.99 -25.09
C THR A 338 -48.26 -49.51 -26.50
N LEU A 339 -47.48 -50.31 -27.21
CA LEU A 339 -46.95 -49.93 -28.52
C LEU A 339 -47.99 -49.34 -29.50
N ASP A 340 -49.22 -49.87 -29.48
CA ASP A 340 -50.26 -49.37 -30.39
C ASP A 340 -51.04 -48.14 -29.85
N GLY A 341 -50.75 -47.78 -28.60
CA GLY A 341 -51.31 -46.59 -27.97
C GLY A 341 -52.80 -46.66 -27.64
N ASN A 342 -53.36 -47.87 -27.63
CA ASN A 342 -54.79 -48.05 -27.39
C ASN A 342 -55.13 -48.34 -25.92
N SER A 343 -54.09 -48.59 -25.13
CA SER A 343 -54.22 -48.84 -23.72
C SER A 343 -52.99 -48.27 -23.03
N PHE A 344 -53.09 -48.07 -21.72
CA PHE A 344 -51.95 -47.59 -20.94
C PHE A 344 -51.95 -48.04 -19.48
N TYR A 345 -50.77 -48.00 -18.89
CA TYR A 345 -50.58 -48.26 -17.46
C TYR A 345 -50.24 -46.97 -16.75
N LYS A 346 -50.70 -46.86 -15.50
CA LYS A 346 -50.55 -45.64 -14.72
C LYS A 346 -50.74 -45.92 -13.24
N ILE A 347 -49.86 -45.37 -12.42
CA ILE A 347 -49.96 -45.46 -10.97
C ILE A 347 -51.06 -44.53 -10.44
N ILE A 348 -52.00 -45.10 -9.69
CA ILE A 348 -53.07 -44.35 -9.01
C ILE A 348 -53.34 -45.02 -7.66
N SER A 349 -53.85 -44.26 -6.68
CA SER A 349 -54.19 -44.89 -5.40
C SER A 349 -55.50 -45.66 -5.51
N ASN A 350 -55.48 -46.88 -4.98
CA ASN A 350 -56.65 -47.72 -5.03
C ASN A 350 -57.73 -47.32 -4.00
N GLU A 351 -58.69 -48.22 -3.82
CA GLU A 351 -59.78 -48.07 -2.85
C GLU A 351 -59.28 -47.93 -1.41
N GLU A 352 -58.19 -48.64 -1.11
CA GLU A 352 -57.55 -48.62 0.21
C GLU A 352 -56.50 -47.49 0.34
N GLY A 353 -56.36 -46.65 -0.68
CA GLY A 353 -55.41 -45.53 -0.64
C GLY A 353 -53.94 -45.88 -0.87
N TYR A 354 -53.69 -47.09 -1.38
CA TYR A 354 -52.34 -47.50 -1.77
C TYR A 354 -52.18 -47.33 -3.28
N ARG A 355 -51.00 -46.83 -3.66
CA ARG A 355 -50.72 -46.50 -5.05
C ARG A 355 -50.21 -47.72 -5.81
N HIS A 356 -50.99 -48.10 -6.82
CA HIS A 356 -50.72 -49.30 -7.60
C HIS A 356 -50.92 -49.05 -9.09
N ILE A 357 -50.51 -50.01 -9.91
CA ILE A 357 -50.60 -49.87 -11.36
C ILE A 357 -52.00 -50.23 -11.83
N CYS A 358 -52.66 -49.28 -12.49
CA CYS A 358 -53.95 -49.50 -13.12
C CYS A 358 -53.75 -49.59 -14.62
N TYR A 359 -54.53 -50.47 -15.25
CA TYR A 359 -54.53 -50.68 -16.68
C TYR A 359 -55.80 -50.04 -17.25
N PHE A 360 -55.62 -49.10 -18.18
CA PHE A 360 -56.72 -48.37 -18.76
C PHE A 360 -56.88 -48.76 -20.21
N GLN A 361 -58.10 -48.63 -20.71
CA GLN A 361 -58.37 -48.68 -22.13
C GLN A 361 -58.65 -47.25 -22.55
N ILE A 362 -58.10 -46.84 -23.68
CA ILE A 362 -58.26 -45.47 -24.18
C ILE A 362 -59.71 -44.99 -24.21
N ASP A 363 -60.63 -45.90 -24.52
CA ASP A 363 -62.06 -45.63 -24.62
C ASP A 363 -62.84 -45.82 -23.31
N LYS A 364 -62.26 -46.54 -22.36
CA LYS A 364 -63.02 -47.04 -21.20
C LYS A 364 -62.63 -46.36 -19.88
N LYS A 365 -63.63 -45.75 -19.24
CA LYS A 365 -63.52 -45.00 -17.99
C LYS A 365 -62.95 -45.83 -16.84
N ASP A 366 -63.28 -47.11 -16.83
CA ASP A 366 -62.85 -48.03 -15.76
C ASP A 366 -61.50 -48.63 -16.06
N CYS A 367 -60.60 -48.57 -15.09
CA CYS A 367 -59.35 -49.32 -15.18
C CYS A 367 -59.40 -50.51 -14.24
N THR A 368 -58.48 -51.44 -14.45
CA THR A 368 -58.39 -52.60 -13.58
C THR A 368 -56.99 -52.64 -12.96
N PHE A 369 -56.94 -52.84 -11.65
CA PHE A 369 -55.68 -52.86 -10.92
C PHE A 369 -54.96 -54.17 -11.15
N ILE A 370 -53.66 -54.06 -11.40
CA ILE A 370 -52.86 -55.23 -11.77
C ILE A 370 -51.85 -55.56 -10.67
N THR A 371 -51.65 -54.58 -9.78
CA THR A 371 -50.97 -54.81 -8.50
C THR A 371 -51.90 -54.44 -7.32
N LYS A 372 -51.68 -55.08 -6.17
CA LYS A 372 -52.50 -54.82 -4.97
C LYS A 372 -51.71 -55.02 -3.68
N GLY A 373 -52.19 -54.45 -2.57
CA GLY A 373 -51.58 -54.72 -1.26
C GLY A 373 -51.24 -53.49 -0.41
N THR A 374 -50.75 -53.75 0.81
CA THR A 374 -50.39 -52.66 1.74
C THR A 374 -48.92 -52.28 1.55
N TRP A 375 -48.60 -51.86 0.33
CA TRP A 375 -47.30 -51.35 -0.10
C TRP A 375 -47.58 -50.54 -1.35
N GLU A 376 -46.56 -49.92 -1.93
CA GLU A 376 -46.78 -49.01 -3.06
C GLU A 376 -45.80 -49.19 -4.19
N VAL A 377 -46.32 -49.06 -5.40
CA VAL A 377 -45.48 -48.94 -6.59
C VAL A 377 -44.88 -47.52 -6.65
N ILE A 378 -43.55 -47.46 -6.81
CA ILE A 378 -42.82 -46.20 -6.81
C ILE A 378 -42.85 -45.63 -8.24
N GLY A 379 -42.56 -46.48 -9.22
CA GLY A 379 -42.51 -46.06 -10.61
C GLY A 379 -42.56 -47.24 -11.56
N ILE A 380 -43.24 -47.03 -12.69
CA ILE A 380 -43.19 -47.95 -13.82
C ILE A 380 -41.90 -47.63 -14.57
N GLU A 381 -41.01 -48.62 -14.67
CA GLU A 381 -39.69 -48.44 -15.29
C GLU A 381 -39.59 -48.75 -16.79
N ALA A 382 -40.31 -49.77 -17.24
CA ALA A 382 -40.29 -50.17 -18.64
C ALA A 382 -41.48 -51.06 -19.00
N LEU A 383 -41.97 -50.93 -20.23
CA LEU A 383 -43.08 -51.72 -20.71
C LEU A 383 -42.75 -52.38 -22.06
N THR A 384 -42.92 -53.69 -22.13
CA THR A 384 -42.77 -54.42 -23.39
C THR A 384 -44.11 -55.04 -23.83
N SER A 385 -44.06 -55.98 -24.76
CA SER A 385 -45.25 -56.72 -25.18
C SER A 385 -45.60 -57.78 -24.14
N ASP A 386 -44.56 -58.29 -23.47
CA ASP A 386 -44.66 -59.40 -22.52
C ASP A 386 -44.71 -58.99 -21.05
N TYR A 387 -43.91 -57.98 -20.68
CA TYR A 387 -43.75 -57.58 -19.28
C TYR A 387 -43.86 -56.08 -19.04
N LEU A 388 -44.36 -55.74 -17.84
CA LEU A 388 -44.23 -54.40 -17.30
C LEU A 388 -43.23 -54.51 -16.16
N TYR A 389 -42.30 -53.57 -16.11
CA TYR A 389 -41.27 -53.54 -15.10
C TYR A 389 -41.55 -52.38 -14.17
N TYR A 390 -41.49 -52.63 -12.87
CA TYR A 390 -41.76 -51.58 -11.88
C TYR A 390 -40.89 -51.67 -10.63
N ILE A 391 -40.72 -50.54 -9.94
CA ILE A 391 -40.04 -50.48 -8.64
C ILE A 391 -41.12 -50.38 -7.57
N SER A 392 -40.93 -51.07 -6.46
CA SER A 392 -41.84 -50.96 -5.32
C SER A 392 -41.12 -51.20 -4.00
N ASN A 393 -41.79 -50.84 -2.91
CA ASN A 393 -41.30 -51.13 -1.56
C ASN A 393 -41.94 -52.36 -0.89
N GLU A 394 -42.35 -53.34 -1.70
CA GLU A 394 -43.02 -54.56 -1.20
C GLU A 394 -42.16 -55.49 -0.36
N TYR A 395 -40.92 -55.69 -0.77
CA TYR A 395 -40.09 -56.71 -0.15
C TYR A 395 -40.01 -56.49 1.36
N LYS A 396 -40.46 -57.50 2.10
CA LYS A 396 -40.41 -57.54 3.56
C LYS A 396 -41.23 -56.45 4.29
N GLY A 397 -42.20 -55.86 3.59
CA GLY A 397 -43.05 -54.80 4.15
C GLY A 397 -42.29 -53.55 4.58
N MET A 398 -41.14 -53.30 3.97
CA MET A 398 -40.31 -52.15 4.31
C MET A 398 -40.48 -50.95 3.35
N PRO A 399 -41.24 -49.92 3.78
CA PRO A 399 -41.58 -48.85 2.86
C PRO A 399 -40.35 -48.10 2.36
N GLY A 400 -39.23 -48.30 3.06
CA GLY A 400 -37.98 -47.61 2.75
C GLY A 400 -36.98 -48.45 1.96
N GLY A 401 -37.43 -49.61 1.46
CA GLY A 401 -36.64 -50.45 0.57
C GLY A 401 -37.17 -50.34 -0.85
N ARG A 402 -36.32 -50.63 -1.83
CA ARG A 402 -36.68 -50.48 -3.24
C ARG A 402 -36.19 -51.67 -4.05
N ASN A 403 -37.11 -52.33 -4.75
CA ASN A 403 -36.75 -53.47 -5.60
C ASN A 403 -37.45 -53.44 -6.96
N LEU A 404 -36.77 -53.99 -7.97
CA LEU A 404 -37.30 -54.12 -9.32
C LEU A 404 -38.09 -55.41 -9.47
N TYR A 405 -39.35 -55.27 -9.90
CA TYR A 405 -40.22 -56.42 -10.17
C TYR A 405 -40.64 -56.42 -11.63
N LYS A 406 -40.99 -57.59 -12.15
CA LYS A 406 -41.61 -57.68 -13.46
C LYS A 406 -42.90 -58.49 -13.38
N ILE A 407 -43.96 -57.92 -13.94
CA ILE A 407 -45.26 -58.54 -13.93
C ILE A 407 -45.58 -59.08 -15.34
N GLN A 408 -45.91 -60.36 -15.42
CA GLN A 408 -46.25 -60.97 -16.69
C GLN A 408 -47.61 -60.47 -17.15
N LEU A 409 -47.62 -59.77 -18.28
CA LEU A 409 -48.82 -59.08 -18.76
C LEU A 409 -50.00 -60.00 -19.07
N SER A 410 -49.72 -61.21 -19.55
CA SER A 410 -50.78 -62.18 -19.91
C SER A 410 -51.43 -62.87 -18.70
N ASP A 411 -50.82 -62.69 -17.53
CA ASP A 411 -51.31 -63.20 -16.24
C ASP A 411 -50.64 -62.45 -15.06
N TYR A 412 -51.40 -61.54 -14.43
CA TYR A 412 -50.89 -60.61 -13.41
C TYR A 412 -50.38 -61.26 -12.12
N THR A 413 -50.68 -62.53 -11.91
CA THR A 413 -50.24 -63.22 -10.70
C THR A 413 -48.79 -63.67 -10.82
N LYS A 414 -48.28 -63.73 -12.06
CA LYS A 414 -46.85 -63.99 -12.29
C LYS A 414 -46.03 -62.70 -12.16
N VAL A 415 -45.69 -62.35 -10.92
CA VAL A 415 -44.78 -61.24 -10.62
C VAL A 415 -43.43 -61.81 -10.13
N THR A 416 -42.33 -61.39 -10.75
CA THR A 416 -41.00 -61.83 -10.34
C THR A 416 -40.21 -60.67 -9.75
N CYS A 417 -39.58 -60.88 -8.59
CA CYS A 417 -38.67 -59.89 -8.06
C CYS A 417 -37.28 -60.12 -8.63
N LEU A 418 -36.76 -59.11 -9.32
CA LEU A 418 -35.53 -59.21 -10.08
C LEU A 418 -34.30 -58.73 -9.33
N SER A 419 -34.50 -58.11 -8.17
CA SER A 419 -33.38 -57.58 -7.39
C SER A 419 -33.38 -58.04 -5.92
N CYS A 420 -34.50 -58.57 -5.46
CA CYS A 420 -34.71 -58.94 -4.04
C CYS A 420 -33.62 -59.84 -3.46
N GLU A 421 -33.14 -60.77 -4.29
CA GLU A 421 -32.34 -61.88 -3.79
C GLU A 421 -30.87 -61.85 -4.23
N LEU A 422 -30.50 -60.81 -4.97
CA LEU A 422 -29.17 -60.72 -5.58
C LEU A 422 -28.05 -60.62 -4.55
N ASN A 423 -28.15 -59.64 -3.66
CA ASN A 423 -27.31 -59.55 -2.47
C ASN A 423 -28.15 -58.97 -1.35
N PRO A 424 -29.00 -59.81 -0.71
CA PRO A 424 -30.02 -59.35 0.23
C PRO A 424 -29.47 -58.60 1.44
N GLU A 425 -28.20 -58.88 1.76
CA GLU A 425 -27.52 -58.33 2.93
C GLU A 425 -27.09 -56.88 2.67
N ARG A 426 -26.40 -56.66 1.54
CA ARG A 426 -25.86 -55.34 1.25
C ARG A 426 -26.78 -54.49 0.37
N CYS A 427 -27.84 -55.11 -0.17
CA CYS A 427 -28.62 -54.46 -1.22
C CYS A 427 -30.14 -54.57 -1.06
N GLN A 428 -30.75 -53.43 -0.73
CA GLN A 428 -32.18 -53.36 -0.43
C GLN A 428 -32.80 -52.10 -1.01
N TYR A 429 -32.01 -51.33 -1.76
CA TYR A 429 -32.52 -50.10 -2.36
C TYR A 429 -31.99 -49.98 -3.80
N TYR A 430 -32.86 -50.25 -4.77
CA TYR A 430 -32.45 -50.31 -6.16
C TYR A 430 -33.22 -49.34 -7.04
N SER A 431 -32.50 -48.79 -8.02
CA SER A 431 -33.11 -48.19 -9.20
C SER A 431 -32.55 -48.88 -10.43
N VAL A 432 -33.14 -48.61 -11.59
CA VAL A 432 -32.83 -49.39 -12.79
C VAL A 432 -32.68 -48.51 -14.03
N SER A 433 -31.82 -48.93 -14.96
CA SER A 433 -31.71 -48.27 -16.27
C SER A 433 -31.69 -49.31 -17.39
N PHE A 434 -32.80 -49.39 -18.13
CA PHE A 434 -32.96 -50.31 -19.27
C PHE A 434 -32.46 -49.70 -20.57
N SER A 435 -31.94 -50.55 -21.45
CA SER A 435 -31.58 -50.15 -22.82
C SER A 435 -32.81 -49.75 -23.63
N LYS A 436 -32.55 -49.21 -24.83
CA LYS A 436 -33.58 -48.64 -25.72
C LYS A 436 -34.89 -49.43 -25.78
N GLU A 437 -34.76 -50.75 -25.92
CA GLU A 437 -35.91 -51.65 -26.02
C GLU A 437 -35.91 -52.67 -24.89
N ALA A 438 -35.42 -52.24 -23.73
CA ALA A 438 -35.37 -53.06 -22.52
C ALA A 438 -34.67 -54.42 -22.69
N LYS A 439 -33.66 -54.51 -23.56
CA LYS A 439 -32.96 -55.79 -23.75
C LYS A 439 -32.01 -56.08 -22.60
N TYR A 440 -31.34 -55.04 -22.12
CA TYR A 440 -30.47 -55.14 -20.96
C TYR A 440 -30.92 -54.14 -19.92
N TYR A 441 -30.59 -54.37 -18.66
CA TYR A 441 -30.80 -53.36 -17.64
C TYR A 441 -29.65 -53.33 -16.66
N GLN A 442 -29.25 -52.10 -16.28
CA GLN A 442 -28.29 -51.91 -15.22
C GLN A 442 -29.06 -51.72 -13.92
N LEU A 443 -28.67 -52.47 -12.90
CA LEU A 443 -29.17 -52.26 -11.56
C LEU A 443 -28.23 -51.39 -10.72
N ARG A 444 -28.78 -50.37 -10.06
CA ARG A 444 -28.02 -49.62 -9.05
C ARG A 444 -28.62 -49.84 -7.67
N CYS A 445 -27.82 -50.46 -6.80
CA CYS A 445 -28.16 -50.61 -5.40
C CYS A 445 -27.42 -49.56 -4.56
N SER A 446 -28.20 -48.81 -3.77
CA SER A 446 -27.71 -47.65 -2.99
C SER A 446 -27.54 -47.94 -1.50
N GLY A 447 -27.74 -49.19 -1.11
CA GLY A 447 -27.49 -49.61 0.26
C GLY A 447 -28.39 -50.74 0.72
N PRO A 448 -28.27 -51.16 1.99
CA PRO A 448 -27.49 -50.57 3.11
C PRO A 448 -25.96 -50.68 3.01
N GLY A 449 -25.45 -51.56 2.16
CA GLY A 449 -24.02 -51.63 1.95
C GLY A 449 -23.56 -50.58 0.96
N LEU A 450 -22.27 -50.58 0.65
CA LEU A 450 -21.74 -49.71 -0.40
C LEU A 450 -22.46 -49.96 -1.73
N PRO A 451 -22.75 -48.89 -2.50
CA PRO A 451 -23.44 -49.02 -3.79
C PRO A 451 -22.82 -50.05 -4.73
N LEU A 452 -23.69 -50.81 -5.40
CA LEU A 452 -23.29 -51.88 -6.31
C LEU A 452 -23.98 -51.71 -7.66
N TYR A 453 -23.19 -51.65 -8.74
CA TYR A 453 -23.68 -51.49 -10.10
C TYR A 453 -23.46 -52.75 -10.91
N THR A 454 -24.54 -53.31 -11.46
CA THR A 454 -24.50 -54.57 -12.18
C THR A 454 -25.27 -54.50 -13.49
N LEU A 455 -24.87 -55.32 -14.47
CA LEU A 455 -25.54 -55.42 -15.78
C LEU A 455 -26.20 -56.79 -15.94
N HIS A 456 -27.46 -56.77 -16.41
CA HIS A 456 -28.25 -57.99 -16.62
C HIS A 456 -28.90 -57.97 -18.00
N SER A 457 -29.23 -59.17 -18.51
CA SER A 457 -30.04 -59.30 -19.72
C SER A 457 -31.48 -59.63 -19.34
N SER A 458 -32.43 -58.98 -20.01
CA SER A 458 -33.84 -59.18 -19.74
C SER A 458 -34.35 -60.60 -20.09
N VAL A 459 -33.74 -61.20 -21.12
CA VAL A 459 -34.11 -62.55 -21.60
C VAL A 459 -34.40 -63.53 -20.47
N ASN A 460 -33.42 -63.71 -19.58
CA ASN A 460 -33.56 -64.64 -18.45
C ASN A 460 -33.16 -64.02 -17.11
N ASP A 461 -32.96 -62.70 -17.13
CA ASP A 461 -32.56 -61.91 -15.97
C ASP A 461 -31.26 -62.39 -15.33
N LYS A 462 -30.35 -62.92 -16.14
CA LYS A 462 -29.05 -63.35 -15.65
C LYS A 462 -28.12 -62.14 -15.50
N GLY A 463 -27.25 -62.20 -14.48
CA GLY A 463 -26.25 -61.16 -14.28
C GLY A 463 -25.10 -61.38 -15.21
N LEU A 464 -24.87 -60.41 -16.10
CA LEU A 464 -23.72 -60.46 -17.03
C LEU A 464 -22.41 -60.15 -16.30
N ARG A 465 -22.37 -59.02 -15.59
CA ARG A 465 -21.16 -58.59 -14.87
C ARG A 465 -21.40 -57.53 -13.79
N VAL A 466 -20.44 -57.46 -12.87
CA VAL A 466 -20.34 -56.36 -11.92
C VAL A 466 -19.66 -55.19 -12.64
N LEU A 467 -20.31 -54.03 -12.61
CA LEU A 467 -19.76 -52.82 -13.22
C LEU A 467 -18.89 -52.02 -12.25
N GLU A 468 -19.42 -51.80 -11.04
CA GLU A 468 -18.66 -51.15 -9.97
C GLU A 468 -19.09 -51.70 -8.62
N ASP A 469 -18.10 -52.16 -7.83
CA ASP A 469 -18.37 -52.76 -6.53
C ASP A 469 -17.90 -51.91 -5.34
N ASN A 470 -17.28 -50.77 -5.63
CA ASN A 470 -16.81 -49.85 -4.60
C ASN A 470 -15.80 -50.45 -3.61
N SER A 471 -14.99 -51.38 -4.12
CA SER A 471 -13.95 -52.07 -3.35
C SER A 471 -12.79 -51.17 -2.99
N ALA A 472 -12.48 -50.21 -3.87
CA ALA A 472 -11.47 -49.18 -3.57
C ALA A 472 -11.92 -48.37 -2.34
N LEU A 473 -13.21 -48.09 -2.27
CA LEU A 473 -13.76 -47.43 -1.08
C LEU A 473 -13.76 -48.36 0.12
N ASP A 474 -14.12 -49.63 -0.09
CA ASP A 474 -14.21 -50.63 0.98
C ASP A 474 -12.90 -50.84 1.72
N LYS A 475 -11.80 -50.86 0.98
CA LYS A 475 -10.48 -51.03 1.55
C LYS A 475 -10.10 -49.81 2.38
N MET A 476 -10.44 -48.62 1.90
CA MET A 476 -10.21 -47.38 2.62
C MET A 476 -10.99 -47.31 3.93
N LEU A 477 -12.23 -47.76 3.91
CA LEU A 477 -13.10 -47.71 5.09
C LEU A 477 -12.68 -48.66 6.22
N GLN A 478 -12.01 -49.77 5.87
CA GLN A 478 -11.58 -50.79 6.86
C GLN A 478 -10.99 -50.21 8.15
N ASN A 479 -10.09 -49.24 7.99
CA ASN A 479 -9.34 -48.70 9.12
C ASN A 479 -9.96 -47.45 9.75
N VAL A 480 -11.16 -47.08 9.29
CA VAL A 480 -11.90 -45.97 9.88
C VAL A 480 -12.98 -46.50 10.83
N GLN A 481 -13.10 -45.89 12.01
CA GLN A 481 -14.21 -46.19 12.93
C GLN A 481 -15.51 -45.61 12.36
N MET A 482 -16.22 -46.42 11.58
CA MET A 482 -17.46 -45.98 10.93
C MET A 482 -18.70 -46.19 11.82
N PRO A 483 -19.70 -45.29 11.68
CA PRO A 483 -20.98 -45.45 12.35
C PRO A 483 -21.81 -46.57 11.69
N SER A 484 -22.77 -47.13 12.42
CA SER A 484 -23.76 -48.03 11.80
C SER A 484 -25.13 -47.33 11.63
N LYS A 485 -26.04 -47.99 10.91
CA LYS A 485 -27.41 -47.50 10.73
C LYS A 485 -28.42 -48.55 11.17
N LYS A 486 -29.25 -48.20 12.15
CA LYS A 486 -30.42 -49.01 12.47
C LYS A 486 -31.66 -48.40 11.77
N LEU A 487 -32.41 -49.25 11.06
CA LEU A 487 -33.71 -48.89 10.49
C LEU A 487 -34.77 -49.79 11.13
N ASP A 488 -35.76 -49.18 11.77
CA ASP A 488 -36.83 -49.94 12.46
C ASP A 488 -38.10 -49.10 12.50
N PHE A 489 -39.13 -49.60 13.19
CA PHE A 489 -40.40 -48.88 13.33
C PHE A 489 -40.86 -48.83 14.79
N ILE A 490 -41.59 -47.78 15.13
CA ILE A 490 -42.33 -47.69 16.37
C ILE A 490 -43.84 -47.79 16.07
N ILE A 491 -44.64 -48.00 17.11
CA ILE A 491 -46.09 -48.14 16.97
C ILE A 491 -46.81 -46.97 17.66
N LEU A 492 -47.48 -46.13 16.86
CA LEU A 492 -48.36 -45.07 17.38
C LEU A 492 -49.79 -45.33 16.92
N ASN A 493 -50.72 -45.33 17.87
CA ASN A 493 -52.14 -45.59 17.57
C ASN A 493 -52.31 -46.77 16.61
N GLU A 494 -51.61 -47.87 16.92
CA GLU A 494 -51.65 -49.12 16.14
C GLU A 494 -51.16 -48.99 14.70
N THR A 495 -50.32 -48.00 14.41
CA THR A 495 -49.74 -47.82 13.09
C THR A 495 -48.21 -47.82 13.21
N LYS A 496 -47.52 -48.44 12.25
CA LYS A 496 -46.06 -48.39 12.17
C LYS A 496 -45.59 -47.05 11.68
N PHE A 497 -44.58 -46.52 12.35
CA PHE A 497 -43.85 -45.38 11.84
C PHE A 497 -42.37 -45.66 11.88
N TRP A 498 -41.74 -45.51 10.71
CA TRP A 498 -40.35 -45.89 10.54
C TRP A 498 -39.41 -44.79 10.94
N TYR A 499 -38.29 -45.19 11.54
CA TYR A 499 -37.23 -44.28 11.92
C TYR A 499 -35.90 -44.93 11.54
N GLN A 500 -34.87 -44.12 11.39
CA GLN A 500 -33.50 -44.62 11.23
C GLN A 500 -32.58 -43.88 12.19
N MET A 501 -31.52 -44.56 12.61
CA MET A 501 -30.54 -43.94 13.48
C MET A 501 -29.16 -44.15 12.93
N ILE A 502 -28.36 -43.09 12.89
CA ILE A 502 -26.94 -43.23 12.59
C ILE A 502 -26.24 -43.36 13.94
N LEU A 503 -25.73 -44.55 14.21
CA LEU A 503 -25.18 -44.88 15.53
C LEU A 503 -23.67 -44.77 15.55
N PRO A 504 -23.10 -44.11 16.57
CA PRO A 504 -21.65 -44.02 16.71
C PRO A 504 -20.97 -45.39 16.76
N PRO A 505 -19.70 -45.48 16.30
CA PRO A 505 -18.89 -46.70 16.39
C PRO A 505 -18.87 -47.27 17.81
N HIS A 506 -18.82 -48.61 17.89
CA HIS A 506 -18.83 -49.37 19.15
C HIS A 506 -19.96 -48.93 20.06
N PHE A 507 -21.15 -48.86 19.46
CA PHE A 507 -22.33 -48.39 20.14
C PHE A 507 -22.65 -49.29 21.35
N ASP A 508 -22.64 -48.66 22.53
CA ASP A 508 -22.96 -49.33 23.78
C ASP A 508 -24.30 -48.85 24.32
N LYS A 509 -25.27 -49.76 24.33
CA LYS A 509 -26.63 -49.54 24.86
C LYS A 509 -26.67 -49.02 26.29
N SER A 510 -25.61 -49.28 27.06
CA SER A 510 -25.52 -48.88 28.49
C SER A 510 -25.14 -47.42 28.68
N LYS A 511 -24.72 -46.77 27.59
CA LYS A 511 -24.29 -45.38 27.62
C LYS A 511 -25.46 -44.48 27.33
N LYS A 512 -25.29 -43.20 27.63
CA LYS A 512 -26.23 -42.17 27.25
C LYS A 512 -25.55 -41.27 26.21
N TYR A 513 -26.07 -41.28 24.99
CA TYR A 513 -25.51 -40.47 23.91
C TYR A 513 -26.40 -39.25 23.65
N PRO A 514 -25.78 -38.12 23.22
CA PRO A 514 -26.61 -37.01 22.74
C PRO A 514 -27.29 -37.42 21.43
N LEU A 515 -28.46 -36.86 21.18
CA LEU A 515 -29.18 -37.20 19.98
C LEU A 515 -29.51 -35.94 19.20
N LEU A 516 -29.31 -36.03 17.89
CA LEU A 516 -29.73 -35.00 16.93
C LEU A 516 -30.83 -35.58 16.06
N LEU A 517 -31.98 -34.90 16.02
CA LEU A 517 -33.07 -35.28 15.14
C LEU A 517 -32.94 -34.53 13.80
N ASP A 518 -32.66 -35.30 12.76
CA ASP A 518 -32.53 -34.81 11.39
C ASP A 518 -33.91 -34.88 10.74
N VAL A 519 -34.49 -33.71 10.51
CA VAL A 519 -35.86 -33.66 10.07
C VAL A 519 -35.98 -33.06 8.68
N TYR A 520 -36.89 -33.65 7.91
CA TYR A 520 -37.43 -33.01 6.74
C TYR A 520 -38.96 -32.89 6.89
N ALA A 521 -39.65 -34.03 6.76
CA ALA A 521 -41.04 -34.23 7.13
C ALA A 521 -42.09 -33.53 6.28
N GLY A 522 -41.69 -33.06 5.09
CA GLY A 522 -42.63 -32.53 4.11
C GLY A 522 -43.54 -33.63 3.59
N PRO A 523 -44.66 -33.24 2.97
CA PRO A 523 -45.61 -34.20 2.41
C PRO A 523 -44.99 -35.15 1.38
N CYS A 524 -45.32 -36.44 1.51
CA CYS A 524 -44.72 -37.51 0.74
C CYS A 524 -43.19 -37.68 0.95
N SER A 525 -42.67 -37.22 2.07
CA SER A 525 -41.26 -37.40 2.37
C SER A 525 -40.93 -38.79 2.92
N GLN A 526 -39.66 -39.14 2.83
CA GLN A 526 -39.16 -40.37 3.40
C GLN A 526 -37.73 -40.12 3.82
N LYS A 527 -37.52 -40.11 5.13
CA LYS A 527 -36.20 -39.89 5.69
C LYS A 527 -35.65 -41.15 6.37
N ALA A 528 -36.47 -42.20 6.41
CA ALA A 528 -36.02 -43.46 6.94
C ALA A 528 -35.93 -44.42 5.78
N ASP A 529 -34.72 -44.87 5.45
CA ASP A 529 -34.52 -45.74 4.29
C ASP A 529 -33.22 -46.55 4.35
N THR A 530 -33.06 -47.47 3.39
CA THR A 530 -31.93 -48.39 3.39
C THR A 530 -30.69 -47.85 2.66
N VAL A 531 -30.70 -46.57 2.31
CA VAL A 531 -29.60 -45.98 1.54
C VAL A 531 -28.35 -45.72 2.39
N PHE A 532 -27.19 -46.11 1.85
CA PHE A 532 -25.89 -45.79 2.44
C PHE A 532 -25.49 -44.37 2.04
N ARG A 533 -25.11 -43.56 3.03
CA ARG A 533 -24.71 -42.19 2.79
C ARG A 533 -23.46 -41.84 3.56
N LEU A 534 -22.65 -40.95 2.97
CA LEU A 534 -21.53 -40.30 3.65
C LEU A 534 -21.86 -38.82 3.69
N ASN A 535 -22.16 -38.32 4.88
CA ASN A 535 -22.67 -36.98 5.02
C ASN A 535 -22.29 -36.38 6.35
N TRP A 536 -22.91 -35.26 6.70
CA TRP A 536 -22.62 -34.55 7.93
C TRP A 536 -22.86 -35.44 9.12
N ALA A 537 -23.98 -36.19 9.06
CA ALA A 537 -24.40 -37.16 10.07
C ALA A 537 -23.38 -38.27 10.28
N THR A 538 -22.70 -38.67 9.20
CA THR A 538 -21.62 -39.65 9.31
C THR A 538 -20.48 -39.15 10.22
N TYR A 539 -20.10 -37.89 10.05
CA TYR A 539 -19.07 -37.23 10.89
C TYR A 539 -19.53 -37.11 12.35
N LEU A 540 -20.78 -36.70 12.52
CA LEU A 540 -21.32 -36.43 13.84
C LEU A 540 -21.37 -37.68 14.68
N ALA A 541 -21.77 -38.79 14.08
CA ALA A 541 -21.78 -40.08 14.76
C ALA A 541 -20.36 -40.63 14.97
N SER A 542 -19.54 -40.57 13.93
CA SER A 542 -18.22 -41.19 13.96
C SER A 542 -17.24 -40.43 14.85
N THR A 543 -17.19 -39.10 14.69
CA THR A 543 -16.24 -38.28 15.44
C THR A 543 -16.80 -37.76 16.76
N GLU A 544 -18.03 -37.25 16.74
CA GLU A 544 -18.60 -36.61 17.94
C GLU A 544 -19.45 -37.53 18.83
N ASN A 545 -19.61 -38.78 18.43
CA ASN A 545 -20.44 -39.78 19.13
C ASN A 545 -21.87 -39.32 19.42
N ILE A 546 -22.46 -38.59 18.49
CA ILE A 546 -23.85 -38.17 18.55
C ILE A 546 -24.67 -39.20 17.76
N ILE A 547 -25.86 -39.56 18.27
CA ILE A 547 -26.79 -40.34 17.45
C ILE A 547 -27.58 -39.38 16.56
N VAL A 548 -27.62 -39.68 15.26
CA VAL A 548 -28.41 -38.88 14.32
C VAL A 548 -29.62 -39.68 13.85
N ALA A 549 -30.81 -39.19 14.22
CA ALA A 549 -32.06 -39.91 13.96
C ALA A 549 -33.00 -39.17 13.00
N SER A 550 -33.80 -39.94 12.25
CA SER A 550 -34.86 -39.42 11.38
C SER A 550 -36.09 -40.29 11.53
N PHE A 551 -37.25 -39.65 11.40
CA PHE A 551 -38.52 -40.26 11.65
C PHE A 551 -39.46 -39.82 10.55
N ASP A 552 -40.25 -40.77 10.03
CA ASP A 552 -41.27 -40.47 9.04
C ASP A 552 -42.63 -40.70 9.68
N GLY A 553 -43.24 -39.61 10.14
CA GLY A 553 -44.54 -39.65 10.79
C GLY A 553 -45.67 -39.38 9.81
N ARG A 554 -46.75 -38.77 10.29
CA ARG A 554 -47.88 -38.48 9.43
C ARG A 554 -47.49 -37.48 8.34
N GLY A 555 -48.07 -37.64 7.15
CA GLY A 555 -47.68 -36.83 5.99
C GLY A 555 -46.59 -37.46 5.14
N SER A 556 -45.84 -38.41 5.73
CA SER A 556 -44.75 -39.04 4.99
C SER A 556 -45.31 -39.95 3.88
N GLY A 557 -44.47 -40.32 2.92
CA GLY A 557 -44.93 -41.03 1.73
C GLY A 557 -44.61 -42.52 1.62
N TYR A 558 -45.12 -43.13 0.54
CA TYR A 558 -44.89 -44.55 0.18
C TYR A 558 -45.53 -45.58 1.15
N GLN A 559 -46.56 -45.14 1.88
CA GLN A 559 -47.23 -45.96 2.89
C GLN A 559 -48.76 -45.81 2.82
N GLY A 560 -49.25 -45.24 1.72
CA GLY A 560 -50.69 -45.09 1.52
C GLY A 560 -51.23 -43.74 1.92
N ASP A 561 -52.43 -43.42 1.43
CA ASP A 561 -52.97 -42.06 1.56
C ASP A 561 -53.35 -41.68 2.97
N LYS A 562 -53.73 -42.67 3.77
CA LYS A 562 -54.21 -42.39 5.11
C LYS A 562 -53.09 -41.74 5.91
N ILE A 563 -51.85 -42.19 5.68
CA ILE A 563 -50.68 -41.54 6.28
C ILE A 563 -50.30 -40.24 5.60
N MET A 564 -50.13 -40.29 4.27
CA MET A 564 -49.74 -39.14 3.47
C MET A 564 -50.75 -38.00 3.55
N HIS A 565 -52.03 -38.30 3.44
CA HIS A 565 -53.06 -37.25 3.47
C HIS A 565 -53.42 -36.73 4.89
N ALA A 566 -52.80 -37.31 5.90
CA ALA A 566 -53.03 -36.90 7.29
C ALA A 566 -52.83 -35.39 7.48
N ILE A 567 -51.97 -34.79 6.68
CA ILE A 567 -51.74 -33.36 6.82
C ILE A 567 -52.45 -32.49 5.78
N ASN A 568 -53.38 -33.07 5.02
CA ASN A 568 -54.11 -32.30 4.05
C ASN A 568 -54.76 -31.09 4.69
N ARG A 569 -54.43 -29.92 4.12
CA ARG A 569 -54.99 -28.62 4.52
C ARG A 569 -54.48 -28.14 5.87
N ARG A 570 -53.44 -28.81 6.38
CA ARG A 570 -53.08 -28.68 7.78
C ARG A 570 -51.57 -28.88 7.97
N LEU A 571 -50.78 -28.17 7.17
CA LEU A 571 -49.34 -28.21 7.29
C LEU A 571 -48.94 -27.52 8.60
N GLY A 572 -47.88 -28.02 9.21
CA GLY A 572 -47.43 -27.48 10.49
C GLY A 572 -48.18 -28.03 11.69
N THR A 573 -48.85 -29.18 11.53
CA THR A 573 -49.59 -29.83 12.65
C THR A 573 -49.06 -31.24 12.94
N PHE A 574 -49.70 -32.27 12.40
CA PHE A 574 -49.33 -33.67 12.69
C PHE A 574 -47.87 -34.05 12.42
N GLU A 575 -47.30 -33.57 11.32
CA GLU A 575 -45.92 -33.89 10.96
C GLU A 575 -44.92 -33.26 11.94
N VAL A 576 -45.26 -32.09 12.48
CA VAL A 576 -44.56 -31.45 13.61
C VAL A 576 -44.69 -32.27 14.93
N GLU A 577 -45.93 -32.59 15.31
CA GLU A 577 -46.21 -33.31 16.55
C GLU A 577 -45.56 -34.68 16.57
N ASP A 578 -45.49 -35.34 15.42
CA ASP A 578 -44.95 -36.69 15.35
C ASP A 578 -43.43 -36.72 15.52
N GLN A 579 -42.73 -35.65 15.12
CA GLN A 579 -41.29 -35.52 15.37
C GLN A 579 -40.99 -35.45 16.87
N ILE A 580 -41.84 -34.73 17.60
CA ILE A 580 -41.66 -34.54 19.04
C ILE A 580 -41.95 -35.85 19.76
N GLU A 581 -43.01 -36.52 19.32
CA GLU A 581 -43.40 -37.79 19.89
C GLU A 581 -42.32 -38.86 19.63
N ALA A 582 -41.76 -38.87 18.42
CA ALA A 582 -40.66 -39.77 18.10
C ALA A 582 -39.45 -39.54 19.02
N ALA A 583 -39.12 -38.27 19.29
CA ALA A 583 -38.05 -37.93 20.23
C ALA A 583 -38.36 -38.40 21.66
N ARG A 584 -39.62 -38.27 22.07
CA ARG A 584 -40.06 -38.83 23.34
C ARG A 584 -39.83 -40.34 23.40
N GLN A 585 -40.12 -41.02 22.30
CA GLN A 585 -39.91 -42.46 22.18
C GLN A 585 -38.43 -42.84 22.20
N PHE A 586 -37.61 -42.09 21.45
CA PHE A 586 -36.16 -42.34 21.42
C PHE A 586 -35.52 -42.16 22.80
N SER A 587 -36.04 -41.21 23.58
CA SER A 587 -35.50 -40.94 24.90
C SER A 587 -35.88 -42.00 25.94
N LYS A 588 -36.94 -42.76 25.65
CA LYS A 588 -37.31 -43.91 26.45
C LYS A 588 -36.66 -45.20 25.94
N MET A 589 -35.71 -45.07 25.00
CA MET A 589 -34.97 -46.22 24.49
C MET A 589 -33.73 -46.54 25.31
N GLY A 590 -33.36 -45.64 26.22
CA GLY A 590 -32.39 -45.96 27.28
C GLY A 590 -30.99 -45.41 27.07
N PHE A 591 -30.57 -45.35 25.81
CA PHE A 591 -29.21 -44.95 25.46
C PHE A 591 -29.10 -43.48 25.06
N VAL A 592 -30.15 -42.70 25.35
CA VAL A 592 -30.23 -41.29 24.99
C VAL A 592 -30.21 -40.41 26.24
N ASP A 593 -29.34 -39.39 26.20
CA ASP A 593 -29.25 -38.37 27.24
C ASP A 593 -30.35 -37.33 26.96
N ASN A 594 -31.39 -37.38 27.80
CA ASN A 594 -32.55 -36.48 27.74
C ASN A 594 -32.18 -35.00 27.84
N LYS A 595 -31.01 -34.74 28.42
CA LYS A 595 -30.54 -33.38 28.61
C LYS A 595 -29.90 -32.81 27.35
N ARG A 596 -29.64 -33.67 26.38
CA ARG A 596 -28.95 -33.27 25.14
C ARG A 596 -29.62 -33.85 23.89
N ILE A 597 -30.81 -33.34 23.60
CA ILE A 597 -31.58 -33.67 22.41
C ILE A 597 -31.73 -32.41 21.54
N ALA A 598 -31.28 -32.51 20.28
CA ALA A 598 -31.39 -31.41 19.32
C ALA A 598 -32.15 -31.80 18.05
N ILE A 599 -32.43 -30.80 17.22
CA ILE A 599 -33.22 -30.97 16.02
C ILE A 599 -32.72 -30.01 14.96
N TRP A 600 -32.63 -30.48 13.72
CA TRP A 600 -32.23 -29.61 12.64
C TRP A 600 -32.90 -30.04 11.36
N GLY A 601 -32.95 -29.12 10.41
CA GLY A 601 -33.60 -29.37 9.14
C GLY A 601 -33.36 -28.23 8.17
N TRP A 602 -33.50 -28.55 6.90
CA TRP A 602 -33.26 -27.62 5.81
C TRP A 602 -34.57 -27.45 5.06
N SER A 603 -34.98 -26.18 4.90
CA SER A 603 -36.14 -25.82 4.06
C SER A 603 -37.48 -26.22 4.71
N TYR A 604 -38.18 -27.24 4.19
CA TYR A 604 -39.32 -27.79 4.95
C TYR A 604 -38.84 -28.31 6.31
N GLY A 605 -37.67 -28.94 6.32
CA GLY A 605 -37.02 -29.36 7.56
C GLY A 605 -36.77 -28.18 8.48
N GLY A 606 -36.43 -27.03 7.89
CA GLY A 606 -36.19 -25.79 8.64
C GLY A 606 -37.46 -25.27 9.28
N TYR A 607 -38.56 -25.38 8.55
CA TYR A 607 -39.87 -25.05 9.04
C TYR A 607 -40.28 -25.91 10.24
N VAL A 608 -40.12 -27.23 10.11
CA VAL A 608 -40.57 -28.17 11.12
C VAL A 608 -39.72 -28.06 12.38
N THR A 609 -38.40 -27.94 12.19
CA THR A 609 -37.46 -27.64 13.27
C THR A 609 -37.94 -26.43 14.09
N SER A 610 -38.24 -25.35 13.38
CA SER A 610 -38.63 -24.08 13.99
C SER A 610 -39.95 -24.22 14.74
N MET A 611 -40.86 -24.98 14.13
CA MET A 611 -42.16 -25.26 14.70
C MET A 611 -42.06 -26.13 15.95
N VAL A 612 -41.14 -27.09 15.92
CA VAL A 612 -40.87 -27.95 17.07
C VAL A 612 -40.27 -27.16 18.24
N LEU A 613 -39.25 -26.37 17.94
CA LEU A 613 -38.61 -25.50 18.94
C LEU A 613 -39.51 -24.41 19.52
N GLY A 614 -40.52 -23.98 18.76
CA GLY A 614 -41.50 -23.00 19.25
C GLY A 614 -42.74 -23.63 19.87
N SER A 615 -42.75 -24.96 19.99
CA SER A 615 -43.90 -25.68 20.55
C SER A 615 -44.01 -25.64 22.08
N GLY A 616 -42.90 -25.40 22.75
CA GLY A 616 -42.87 -25.37 24.21
C GLY A 616 -42.93 -26.76 24.82
N SER A 617 -42.41 -27.75 24.11
CA SER A 617 -42.54 -29.14 24.50
C SER A 617 -41.53 -29.52 25.58
N GLY A 618 -40.43 -28.78 25.63
CA GLY A 618 -39.35 -29.05 26.59
C GLY A 618 -38.40 -30.18 26.19
N VAL A 619 -38.68 -30.85 25.07
CA VAL A 619 -37.88 -32.01 24.65
C VAL A 619 -36.49 -31.62 24.13
N PHE A 620 -36.42 -30.50 23.41
CA PHE A 620 -35.21 -30.11 22.68
C PHE A 620 -34.46 -28.94 23.33
N LYS A 621 -33.14 -29.11 23.47
CA LYS A 621 -32.29 -28.09 24.05
C LYS A 621 -32.01 -27.01 23.02
N CYS A 622 -31.88 -27.42 21.77
CA CYS A 622 -31.39 -26.55 20.70
C CYS A 622 -31.79 -27.09 19.32
N GLY A 623 -31.54 -26.27 18.29
CA GLY A 623 -31.88 -26.67 16.94
C GLY A 623 -31.38 -25.68 15.92
N ILE A 624 -31.26 -26.15 14.68
CA ILE A 624 -30.83 -25.34 13.54
C ILE A 624 -31.85 -25.42 12.41
N ALA A 625 -32.33 -24.26 11.97
CA ALA A 625 -33.17 -24.19 10.80
C ALA A 625 -32.38 -23.49 9.71
N VAL A 626 -32.25 -24.18 8.57
CA VAL A 626 -31.54 -23.65 7.41
C VAL A 626 -32.58 -23.40 6.32
N ALA A 627 -32.58 -22.18 5.78
CA ALA A 627 -33.46 -21.74 4.71
C ALA A 627 -34.92 -22.13 4.96
N PRO A 628 -35.43 -21.85 6.18
CA PRO A 628 -36.74 -22.33 6.57
C PRO A 628 -37.90 -21.57 5.90
N VAL A 629 -38.97 -22.28 5.56
CA VAL A 629 -40.27 -21.65 5.30
C VAL A 629 -40.76 -21.13 6.66
N SER A 630 -41.34 -19.92 6.71
CA SER A 630 -41.86 -19.39 7.99
C SER A 630 -43.39 -19.22 8.06
N ARG A 631 -44.00 -18.93 6.91
CA ARG A 631 -45.44 -18.96 6.79
C ARG A 631 -45.79 -19.26 5.33
N TRP A 632 -46.95 -19.87 5.15
CA TRP A 632 -47.25 -20.49 3.88
C TRP A 632 -47.60 -19.54 2.73
N GLU A 633 -48.08 -18.32 3.06
CA GLU A 633 -48.34 -17.27 2.06
C GLU A 633 -47.08 -16.73 1.36
N TYR A 634 -45.91 -17.01 1.94
CA TYR A 634 -44.64 -16.56 1.41
C TYR A 634 -44.09 -17.53 0.35
N TYR A 635 -44.63 -18.74 0.34
CA TYR A 635 -44.17 -19.75 -0.57
C TYR A 635 -45.05 -19.83 -1.82
N ASP A 636 -44.57 -20.49 -2.86
CA ASP A 636 -45.24 -20.42 -4.16
C ASP A 636 -46.62 -21.09 -4.21
N SER A 637 -47.41 -20.74 -5.21
CA SER A 637 -48.81 -21.16 -5.29
C SER A 637 -48.99 -22.65 -5.54
N VAL A 638 -48.25 -23.23 -6.48
CA VAL A 638 -48.58 -24.62 -6.88
C VAL A 638 -48.21 -25.65 -5.80
N TYR A 639 -47.09 -25.44 -5.11
CA TYR A 639 -46.73 -26.33 -4.04
C TYR A 639 -47.63 -26.08 -2.83
N THR A 640 -47.71 -24.82 -2.40
CA THR A 640 -48.44 -24.49 -1.21
C THR A 640 -49.92 -24.85 -1.31
N GLU A 641 -50.56 -24.48 -2.42
CA GLU A 641 -52.01 -24.66 -2.53
C GLU A 641 -52.43 -26.11 -2.66
N ARG A 642 -51.53 -26.93 -3.18
CA ARG A 642 -51.70 -28.38 -3.23
C ARG A 642 -52.11 -28.96 -1.87
N TYR A 643 -51.46 -28.46 -0.81
CA TYR A 643 -51.63 -28.99 0.54
C TYR A 643 -52.47 -28.10 1.42
N MET A 644 -52.50 -26.81 1.11
CA MET A 644 -53.10 -25.82 1.98
C MET A 644 -54.39 -25.20 1.45
N GLY A 645 -54.67 -25.37 0.16
CA GLY A 645 -55.72 -24.61 -0.48
C GLY A 645 -55.36 -23.14 -0.55
N LEU A 646 -56.39 -22.30 -0.59
CA LEU A 646 -56.22 -20.85 -0.69
C LEU A 646 -56.23 -20.14 0.68
N PRO A 647 -55.44 -19.05 0.81
CA PRO A 647 -55.41 -18.24 2.04
C PRO A 647 -56.54 -17.21 2.12
N THR A 648 -57.78 -17.65 1.99
CA THR A 648 -58.94 -16.77 1.97
C THR A 648 -59.94 -17.17 3.04
N PRO A 649 -60.70 -16.19 3.59
CA PRO A 649 -61.67 -16.50 4.63
C PRO A 649 -62.61 -17.63 4.23
N GLU A 650 -62.96 -17.72 2.94
CA GLU A 650 -63.90 -18.73 2.46
C GLU A 650 -63.26 -20.12 2.24
N ASP A 651 -61.93 -20.20 2.37
CA ASP A 651 -61.23 -21.47 2.22
C ASP A 651 -60.44 -21.84 3.49
N ASN A 652 -59.13 -21.55 3.51
CA ASN A 652 -58.22 -22.09 4.52
C ASN A 652 -57.35 -21.04 5.22
N LEU A 653 -57.79 -19.78 5.20
CA LEU A 653 -57.02 -18.68 5.80
C LEU A 653 -56.63 -18.88 7.27
N ASP A 654 -57.56 -19.37 8.09
CA ASP A 654 -57.31 -19.55 9.53
C ASP A 654 -56.14 -20.48 9.81
N HIS A 655 -56.01 -21.54 9.04
CA HIS A 655 -54.85 -22.38 9.23
C HIS A 655 -53.55 -21.77 8.65
N TYR A 656 -53.64 -20.99 7.57
CA TYR A 656 -52.47 -20.27 7.09
C TYR A 656 -51.90 -19.36 8.19
N ARG A 657 -52.81 -18.67 8.87
CA ARG A 657 -52.49 -17.70 9.93
C ARG A 657 -51.98 -18.39 11.17
N ASN A 658 -52.44 -19.61 11.39
CA ASN A 658 -52.16 -20.32 12.60
C ASN A 658 -50.94 -21.22 12.54
N SER A 659 -50.31 -21.34 11.37
CA SER A 659 -49.24 -22.30 11.16
C SER A 659 -47.90 -21.62 10.87
N THR A 660 -47.77 -20.39 11.33
CA THR A 660 -46.56 -19.60 11.14
C THR A 660 -45.56 -19.88 12.27
N VAL A 661 -44.26 -19.81 11.98
CA VAL A 661 -43.26 -19.90 13.04
C VAL A 661 -43.22 -18.61 13.87
N MET A 662 -43.43 -17.46 13.23
CA MET A 662 -43.53 -16.19 13.97
C MET A 662 -44.49 -16.24 15.15
N SER A 663 -45.65 -16.88 14.96
CA SER A 663 -46.66 -17.02 16.05
C SER A 663 -46.14 -17.74 17.31
N ARG A 664 -45.05 -18.50 17.17
CA ARG A 664 -44.47 -19.31 18.24
C ARG A 664 -43.24 -18.67 18.91
N ALA A 665 -42.88 -17.47 18.49
CA ALA A 665 -41.67 -16.77 18.94
C ALA A 665 -41.42 -16.83 20.44
N GLU A 666 -42.48 -16.58 21.21
CA GLU A 666 -42.35 -16.46 22.65
C GLU A 666 -41.77 -17.75 23.27
N ASN A 667 -42.11 -18.92 22.71
CA ASN A 667 -41.59 -20.19 23.20
C ASN A 667 -40.13 -20.51 22.85
N PHE A 668 -39.50 -19.67 22.03
CA PHE A 668 -38.07 -19.80 21.74
C PHE A 668 -37.16 -19.34 22.90
N LYS A 669 -37.75 -18.72 23.94
CA LYS A 669 -37.02 -18.46 25.19
C LYS A 669 -36.51 -19.76 25.83
N GLN A 670 -37.19 -20.87 25.56
CA GLN A 670 -36.85 -22.14 26.20
C GLN A 670 -35.72 -22.91 25.50
N VAL A 671 -35.27 -22.42 24.33
CA VAL A 671 -34.35 -23.15 23.45
C VAL A 671 -33.20 -22.30 22.89
N GLU A 672 -32.13 -22.97 22.45
CA GLU A 672 -31.05 -22.34 21.65
C GLU A 672 -31.27 -22.59 20.16
N TYR A 673 -31.36 -21.50 19.39
CA TYR A 673 -31.71 -21.53 17.97
C TYR A 673 -30.60 -20.95 17.12
N LEU A 674 -30.23 -21.70 16.08
CA LEU A 674 -29.49 -21.12 14.97
C LEU A 674 -30.37 -21.01 13.71
N LEU A 675 -30.47 -19.80 13.17
CA LEU A 675 -31.18 -19.51 11.94
C LEU A 675 -30.21 -19.17 10.81
N ILE A 676 -30.31 -19.91 9.71
CA ILE A 676 -29.41 -19.73 8.57
C ILE A 676 -30.14 -19.59 7.26
N HIS A 677 -29.73 -18.63 6.43
CA HIS A 677 -30.40 -18.43 5.15
C HIS A 677 -29.51 -17.77 4.11
N GLY A 678 -29.64 -18.20 2.85
CA GLY A 678 -28.98 -17.53 1.72
C GLY A 678 -29.75 -16.32 1.22
N THR A 679 -29.03 -15.22 0.99
CA THR A 679 -29.67 -13.95 0.63
C THR A 679 -30.23 -13.91 -0.79
N ALA A 680 -29.75 -14.81 -1.64
CA ALA A 680 -30.20 -14.87 -3.03
C ALA A 680 -30.95 -16.17 -3.27
N ASP A 681 -31.68 -16.62 -2.25
CA ASP A 681 -32.61 -17.75 -2.30
C ASP A 681 -33.87 -17.35 -3.06
N ASP A 682 -34.01 -17.90 -4.26
CA ASP A 682 -35.12 -17.61 -5.15
C ASP A 682 -36.30 -18.49 -4.85
N ASN A 683 -36.06 -19.50 -4.02
CA ASN A 683 -37.02 -20.57 -3.78
C ASN A 683 -37.80 -20.31 -2.48
N VAL A 684 -37.12 -20.49 -1.36
CA VAL A 684 -37.61 -19.95 -0.12
C VAL A 684 -36.91 -18.62 0.18
N HIS A 685 -37.67 -17.54 -0.04
CA HIS A 685 -37.06 -16.23 -0.07
C HIS A 685 -36.48 -15.84 1.27
N PHE A 686 -35.39 -15.07 1.24
CA PHE A 686 -34.74 -14.60 2.46
C PHE A 686 -35.77 -13.95 3.39
N GLN A 687 -36.78 -13.31 2.82
CA GLN A 687 -37.97 -12.81 3.52
C GLN A 687 -38.45 -13.73 4.66
N GLN A 688 -38.46 -15.04 4.42
CA GLN A 688 -38.94 -16.02 5.39
C GLN A 688 -38.15 -16.01 6.69
N SER A 689 -36.82 -15.98 6.61
CA SER A 689 -35.98 -15.85 7.80
C SER A 689 -36.02 -14.47 8.44
N ALA A 690 -36.08 -13.45 7.59
CA ALA A 690 -36.12 -12.06 8.03
C ALA A 690 -37.35 -11.81 8.91
N GLN A 691 -38.45 -12.50 8.62
CA GLN A 691 -39.64 -12.41 9.45
C GLN A 691 -39.52 -13.22 10.76
N ILE A 692 -38.80 -14.34 10.74
CA ILE A 692 -38.55 -15.13 11.97
C ILE A 692 -37.70 -14.30 12.92
N SER A 693 -36.61 -13.74 12.40
CA SER A 693 -35.66 -13.02 13.23
C SER A 693 -36.32 -11.78 13.83
N LYS A 694 -37.15 -11.08 13.04
CA LYS A 694 -37.81 -9.89 13.50
C LYS A 694 -38.75 -10.20 14.67
N ALA A 695 -39.46 -11.33 14.55
CA ALA A 695 -40.43 -11.74 15.58
C ALA A 695 -39.74 -12.21 16.86
N LEU A 696 -38.59 -12.86 16.72
CA LEU A 696 -37.81 -13.25 17.89
C LEU A 696 -37.28 -12.00 18.60
N VAL A 697 -36.84 -11.02 17.83
CA VAL A 697 -36.41 -9.74 18.36
C VAL A 697 -37.53 -8.99 19.09
N ASP A 698 -38.71 -8.98 18.49
CA ASP A 698 -39.93 -8.39 19.07
C ASP A 698 -40.40 -8.97 20.40
N VAL A 699 -40.07 -10.23 20.68
CA VAL A 699 -40.43 -10.82 21.99
C VAL A 699 -39.24 -10.96 22.95
N GLY A 700 -38.07 -10.48 22.53
CA GLY A 700 -36.86 -10.52 23.35
C GLY A 700 -36.14 -11.84 23.47
N VAL A 701 -36.19 -12.68 22.43
CA VAL A 701 -35.38 -13.92 22.47
C VAL A 701 -34.03 -13.77 21.79
N ASP A 702 -33.00 -14.30 22.45
CA ASP A 702 -31.66 -14.30 21.90
C ASP A 702 -31.47 -15.57 21.06
N PHE A 703 -30.81 -15.42 19.92
CA PHE A 703 -30.61 -16.56 19.05
C PHE A 703 -29.37 -16.27 18.22
N GLN A 704 -28.98 -17.27 17.45
CA GLN A 704 -27.79 -17.17 16.60
C GLN A 704 -28.28 -17.13 15.15
N ALA A 705 -27.54 -16.43 14.33
CA ALA A 705 -27.93 -16.24 12.95
C ALA A 705 -26.70 -16.25 12.05
N MET A 706 -26.97 -16.54 10.78
CA MET A 706 -25.98 -16.46 9.72
C MET A 706 -26.75 -16.29 8.42
N TRP A 707 -26.47 -15.18 7.73
CA TRP A 707 -26.91 -14.98 6.34
C TRP A 707 -25.73 -15.45 5.47
N TYR A 708 -26.01 -15.96 4.28
CA TYR A 708 -24.93 -16.28 3.33
C TYR A 708 -25.10 -15.41 2.11
N THR A 709 -24.21 -14.44 1.94
CA THR A 709 -24.31 -13.46 0.85
C THR A 709 -24.31 -14.17 -0.50
N ASP A 710 -25.36 -13.94 -1.28
CA ASP A 710 -25.42 -14.32 -2.70
C ASP A 710 -25.60 -15.84 -2.89
N GLU A 711 -25.78 -16.57 -1.79
CA GLU A 711 -26.07 -17.98 -1.84
C GLU A 711 -27.56 -18.18 -2.03
N ASP A 712 -27.94 -19.24 -2.74
CA ASP A 712 -29.34 -19.57 -2.98
C ASP A 712 -29.80 -20.68 -2.04
N HIS A 713 -30.90 -21.36 -2.39
CA HIS A 713 -31.47 -22.39 -1.52
C HIS A 713 -30.48 -23.51 -1.19
N GLY A 714 -29.61 -23.82 -2.14
CA GLY A 714 -28.67 -24.92 -1.95
C GLY A 714 -27.60 -24.56 -0.95
N ILE A 715 -27.27 -23.26 -0.81
CA ILE A 715 -26.06 -22.80 -0.11
C ILE A 715 -24.90 -23.73 -0.50
N ALA A 716 -24.60 -23.78 -1.80
CA ALA A 716 -23.84 -24.87 -2.41
C ALA A 716 -22.47 -24.54 -3.01
N SER A 717 -22.03 -23.29 -2.95
CA SER A 717 -20.66 -22.94 -3.31
C SER A 717 -19.70 -23.78 -2.51
N SER A 718 -18.57 -24.13 -3.09
CA SER A 718 -17.57 -24.88 -2.35
C SER A 718 -17.33 -24.20 -0.99
N THR A 719 -17.09 -22.89 -1.01
CA THR A 719 -16.67 -22.20 0.22
C THR A 719 -17.82 -22.04 1.22
N ALA A 720 -19.02 -21.71 0.70
CA ALA A 720 -20.21 -21.57 1.52
C ALA A 720 -20.63 -22.90 2.13
N HIS A 721 -20.58 -23.95 1.31
CA HIS A 721 -20.84 -25.31 1.78
C HIS A 721 -19.96 -25.67 2.96
N GLN A 722 -18.66 -25.41 2.83
CA GLN A 722 -17.76 -25.74 3.92
C GLN A 722 -18.03 -24.85 5.11
N HIS A 723 -18.35 -23.59 4.85
CA HIS A 723 -18.52 -22.61 5.92
C HIS A 723 -19.77 -22.92 6.76
N ILE A 724 -20.87 -23.27 6.11
CA ILE A 724 -22.11 -23.54 6.87
C ILE A 724 -22.02 -24.76 7.80
N TYR A 725 -21.41 -25.84 7.30
CA TYR A 725 -21.27 -27.07 8.06
C TYR A 725 -20.29 -26.97 9.21
N THR A 726 -19.22 -26.21 9.00
CA THR A 726 -18.30 -25.84 10.05
C THR A 726 -19.00 -25.02 11.14
N HIS A 727 -19.85 -24.09 10.72
CA HIS A 727 -20.57 -23.22 11.66
C HIS A 727 -21.58 -24.00 12.49
N MET A 728 -22.41 -24.82 11.82
CA MET A 728 -23.32 -25.76 12.48
C MET A 728 -22.64 -26.77 13.41
N SER A 729 -21.44 -27.25 13.06
CA SER A 729 -20.74 -28.24 13.90
C SER A 729 -20.34 -27.62 15.23
N HIS A 730 -19.73 -26.43 15.18
CA HIS A 730 -19.42 -25.64 16.36
C HIS A 730 -20.66 -25.43 17.23
N PHE A 731 -21.79 -25.12 16.59
CA PHE A 731 -23.03 -24.89 17.31
C PHE A 731 -23.52 -26.14 18.05
N ILE A 732 -23.57 -27.26 17.34
CA ILE A 732 -24.04 -28.52 17.90
C ILE A 732 -23.09 -29.01 19.03
N LYS A 733 -21.78 -28.90 18.77
CA LYS A 733 -20.78 -29.26 19.77
C LYS A 733 -20.89 -28.40 21.04
N GLN A 734 -21.10 -27.09 20.89
CA GLN A 734 -21.31 -26.24 22.07
C GLN A 734 -22.58 -26.64 22.82
N CYS A 735 -23.66 -26.90 22.09
CA CYS A 735 -24.95 -27.33 22.68
C CYS A 735 -24.78 -28.57 23.54
N PHE A 736 -23.95 -29.50 23.05
CA PHE A 736 -23.76 -30.81 23.66
C PHE A 736 -22.56 -30.87 24.63
N SER A 737 -21.92 -29.72 24.88
CA SER A 737 -20.74 -29.62 25.76
C SER A 737 -19.56 -30.45 25.26
N LEU A 738 -19.33 -30.42 23.95
CA LEU A 738 -18.31 -31.25 23.31
C LEU A 738 -17.09 -30.43 22.85
N PRO A 739 -15.91 -30.69 23.45
CA PRO A 739 -14.70 -29.87 23.24
C PRO A 739 -14.22 -29.84 21.78
N TYR B 1 -40.69 -26.69 -4.51
CA TYR B 1 -40.23 -27.84 -3.68
C TYR B 1 -39.30 -27.27 -2.59
N PRO B 2 -39.79 -27.18 -1.33
CA PRO B 2 -38.96 -26.56 -0.33
C PRO B 2 -37.95 -27.58 0.15
N SER B 3 -36.87 -27.72 -0.60
CA SER B 3 -35.96 -28.82 -0.39
C SER B 3 -34.63 -28.47 -1.04
N LYS B 4 -33.55 -28.58 -0.25
CA LYS B 4 -32.18 -28.32 -0.74
C LYS B 4 -31.86 -29.26 -1.90
N HIS C 9 -23.78 -3.67 55.77
CA HIS C 9 -23.61 -2.50 56.70
C HIS C 9 -23.78 -1.18 55.94
N HIS C 10 -24.86 -1.12 55.16
CA HIS C 10 -25.14 0.01 54.25
C HIS C 10 -24.05 0.25 53.20
N HIS C 11 -23.21 -0.76 52.98
CA HIS C 11 -22.19 -0.72 51.96
C HIS C 11 -22.83 -0.95 50.59
N SER C 12 -22.29 -0.31 49.57
CA SER C 12 -22.88 -0.36 48.23
C SER C 12 -22.65 -1.72 47.58
N ARG C 13 -23.71 -2.50 47.43
CA ARG C 13 -23.62 -3.84 46.83
C ARG C 13 -24.31 -3.96 45.46
N LYS C 14 -25.04 -2.92 45.06
CA LYS C 14 -25.64 -2.84 43.74
C LYS C 14 -24.59 -2.51 42.69
N THR C 15 -24.81 -3.02 41.48
CA THR C 15 -24.05 -2.57 40.31
C THR C 15 -25.04 -2.05 39.28
N TYR C 16 -24.52 -1.35 38.27
CA TYR C 16 -25.34 -0.88 37.15
C TYR C 16 -25.40 -2.02 36.14
N THR C 17 -26.54 -2.69 36.08
CA THR C 17 -26.71 -3.93 35.31
C THR C 17 -27.16 -3.69 33.87
N LEU C 18 -27.20 -4.76 33.07
CA LEU C 18 -27.71 -4.70 31.69
C LEU C 18 -29.22 -4.38 31.62
N THR C 19 -30.01 -4.89 32.56
CA THR C 19 -31.42 -4.48 32.65
C THR C 19 -31.56 -2.99 33.01
N ASP C 20 -30.64 -2.46 33.84
CA ASP C 20 -30.65 -1.03 34.18
C ASP C 20 -30.47 -0.18 32.94
N TYR C 21 -29.46 -0.50 32.14
CA TYR C 21 -29.26 0.17 30.86
C TYR C 21 -30.46 0.04 29.92
N LEU C 22 -31.02 -1.15 29.81
CA LEU C 22 -32.08 -1.39 28.83
C LEU C 22 -33.47 -0.94 29.25
N LYS C 23 -33.78 -1.05 30.54
CA LYS C 23 -35.07 -0.58 31.04
C LYS C 23 -35.01 0.85 31.56
N ASN C 24 -33.84 1.47 31.46
CA ASN C 24 -33.67 2.87 31.87
C ASN C 24 -34.00 3.12 33.33
N THR C 25 -33.49 2.24 34.20
CA THR C 25 -33.68 2.36 35.62
C THR C 25 -33.16 3.70 36.15
N TYR C 26 -31.99 4.13 35.64
CA TYR C 26 -31.33 5.36 36.08
C TYR C 26 -31.39 6.43 35.00
N ARG C 27 -32.34 7.34 35.17
CA ARG C 27 -32.68 8.31 34.15
C ARG C 27 -32.06 9.68 34.42
N LEU C 28 -31.21 10.14 33.49
CA LEU C 28 -30.72 11.52 33.44
C LEU C 28 -31.85 12.51 33.13
N LYS C 29 -32.11 13.41 34.07
CA LYS C 29 -33.09 14.45 33.85
C LYS C 29 -32.49 15.58 33.03
N LEU C 30 -33.26 16.04 32.06
CA LEU C 30 -32.88 17.15 31.20
C LEU C 30 -33.69 18.37 31.58
N TYR C 31 -33.38 19.50 30.95
CA TYR C 31 -34.20 20.70 31.05
C TYR C 31 -34.17 21.36 29.68
N SER C 32 -35.11 20.96 28.84
CA SER C 32 -35.14 21.44 27.47
C SER C 32 -36.15 22.58 27.37
N LEU C 33 -35.64 23.78 27.13
CA LEU C 33 -36.47 24.95 27.04
C LEU C 33 -36.45 25.48 25.60
N ARG C 34 -37.47 26.27 25.27
CA ARG C 34 -37.48 26.99 24.01
C ARG C 34 -37.68 28.48 24.29
N TRP C 35 -36.66 29.27 24.03
CA TRP C 35 -36.77 30.74 24.08
C TRP C 35 -37.81 31.23 23.06
N ILE C 36 -38.73 32.07 23.53
CA ILE C 36 -39.75 32.68 22.67
C ILE C 36 -39.56 34.20 22.57
N SER C 37 -38.90 34.75 23.58
CA SER C 37 -38.51 36.16 23.57
C SER C 37 -37.11 36.29 24.17
N ASP C 38 -36.75 37.53 24.51
CA ASP C 38 -35.48 37.79 25.17
C ASP C 38 -35.59 37.66 26.69
N HIS C 39 -36.78 37.31 27.19
CA HIS C 39 -37.10 37.32 28.63
C HIS C 39 -37.85 36.07 29.06
N GLU C 40 -38.42 35.36 28.10
CA GLU C 40 -39.29 34.22 28.38
C GLU C 40 -38.93 33.00 27.58
N TYR C 41 -39.20 31.83 28.17
CA TYR C 41 -39.03 30.57 27.48
C TYR C 41 -40.20 29.61 27.75
N LEU C 42 -40.31 28.59 26.91
CA LEU C 42 -41.34 27.58 27.06
C LEU C 42 -40.74 26.28 27.55
N TYR C 43 -41.50 25.58 28.40
CA TYR C 43 -41.04 24.34 29.02
C TYR C 43 -42.21 23.40 29.32
N LYS C 44 -42.02 22.11 29.08
CA LYS C 44 -43.10 21.13 29.33
C LYS C 44 -42.99 20.37 30.64
N GLN C 45 -44.12 20.31 31.34
CA GLN C 45 -44.19 19.83 32.71
C GLN C 45 -45.48 19.02 32.85
N GLU C 46 -45.34 17.69 32.87
CA GLU C 46 -46.49 16.79 32.80
C GLU C 46 -47.33 17.10 31.55
N ASN C 47 -46.65 17.18 30.41
CA ASN C 47 -47.27 17.44 29.11
C ASN C 47 -47.89 18.82 28.91
N ASN C 48 -48.10 19.54 30.02
CA ASN C 48 -48.47 20.96 29.97
C ASN C 48 -47.32 21.78 29.42
N ILE C 49 -47.64 22.80 28.63
CA ILE C 49 -46.64 23.78 28.21
C ILE C 49 -46.70 24.98 29.15
N LEU C 50 -45.58 25.26 29.78
CA LEU C 50 -45.46 26.42 30.66
C LEU C 50 -44.60 27.49 30.03
N VAL C 51 -44.94 28.74 30.31
CA VAL C 51 -44.15 29.91 29.90
C VAL C 51 -43.40 30.42 31.12
N PHE C 52 -42.12 30.73 30.94
CA PHE C 52 -41.28 31.11 32.07
C PHE C 52 -40.69 32.49 31.94
N ASN C 53 -40.83 33.28 32.98
CA ASN C 53 -40.14 34.55 33.09
C ASN C 53 -38.72 34.26 33.59
N ALA C 54 -37.75 34.42 32.70
CA ALA C 54 -36.35 34.09 33.01
C ALA C 54 -35.81 34.92 34.16
N GLU C 55 -36.21 36.19 34.20
CA GLU C 55 -35.78 37.13 35.22
C GLU C 55 -36.18 36.73 36.65
N TYR C 56 -37.47 36.51 36.88
CA TYR C 56 -37.98 36.22 38.21
C TYR C 56 -38.13 34.73 38.50
N GLY C 57 -38.34 33.94 37.44
CA GLY C 57 -38.46 32.49 37.57
C GLY C 57 -39.87 32.01 37.80
N ASN C 58 -40.84 32.92 37.75
CA ASN C 58 -42.24 32.55 37.87
C ASN C 58 -42.75 32.00 36.54
N SER C 59 -43.55 30.93 36.62
CA SER C 59 -44.20 30.37 35.45
C SER C 59 -45.71 30.43 35.54
N SER C 60 -46.35 30.27 34.39
CA SER C 60 -47.79 30.09 34.29
C SER C 60 -48.08 29.15 33.13
N VAL C 61 -49.31 28.65 33.07
CA VAL C 61 -49.67 27.67 32.06
C VAL C 61 -49.88 28.35 30.70
N PHE C 62 -48.96 28.12 29.78
CA PHE C 62 -49.11 28.60 28.41
C PHE C 62 -50.18 27.78 27.67
N LEU C 63 -50.11 26.46 27.86
CA LEU C 63 -51.02 25.56 27.18
C LEU C 63 -51.24 24.33 28.05
N GLU C 64 -52.48 24.12 28.47
CA GLU C 64 -52.85 22.91 29.21
C GLU C 64 -52.81 21.71 28.29
N ASN C 65 -52.29 20.60 28.82
CA ASN C 65 -52.24 19.31 28.09
C ASN C 65 -53.58 18.87 27.47
N SER C 66 -54.66 19.44 27.99
CA SER C 66 -56.02 19.05 27.63
C SER C 66 -56.63 19.92 26.51
N THR C 67 -55.83 20.79 25.91
CA THR C 67 -56.32 21.66 24.83
C THR C 67 -56.67 20.84 23.59
N PHE C 68 -55.94 19.74 23.37
CA PHE C 68 -56.11 18.93 22.16
C PHE C 68 -56.44 17.45 22.42
N ASP C 69 -57.08 17.19 23.57
CA ASP C 69 -57.60 15.86 23.84
C ASP C 69 -58.76 15.58 22.86
N GLU C 70 -59.56 16.62 22.61
CA GLU C 70 -60.69 16.58 21.68
C GLU C 70 -60.27 16.79 20.21
N PHE C 71 -59.00 16.53 19.93
CA PHE C 71 -58.45 16.71 18.60
C PHE C 71 -58.61 15.47 17.71
N GLY C 72 -58.67 14.30 18.34
CA GLY C 72 -58.87 13.05 17.60
C GLY C 72 -57.58 12.45 17.10
N HIS C 73 -56.49 13.20 17.25
CA HIS C 73 -55.15 12.73 16.88
C HIS C 73 -54.17 12.93 18.01
N SER C 74 -53.08 12.17 17.96
CA SER C 74 -52.02 12.28 18.94
C SER C 74 -50.89 13.19 18.42
N ILE C 75 -50.66 14.28 19.14
CA ILE C 75 -49.66 15.31 18.77
C ILE C 75 -48.22 14.85 18.97
N ASN C 76 -47.43 14.86 17.89
CA ASN C 76 -46.00 14.53 17.99
C ASN C 76 -45.19 15.68 18.58
N ASP C 77 -45.44 16.89 18.08
CA ASP C 77 -44.68 18.05 18.49
C ASP C 77 -45.49 19.28 18.16
N TYR C 78 -45.02 20.45 18.60
CA TYR C 78 -45.67 21.71 18.32
C TYR C 78 -44.66 22.79 17.91
N SER C 79 -45.17 23.89 17.34
CA SER C 79 -44.35 25.06 17.02
C SER C 79 -45.20 26.32 17.22
N ILE C 80 -44.77 27.19 18.11
CA ILE C 80 -45.50 28.44 18.35
C ILE C 80 -44.95 29.55 17.44
N SER C 81 -45.85 30.31 16.82
CA SER C 81 -45.43 31.35 15.89
C SER C 81 -44.69 32.43 16.65
N PRO C 82 -43.63 33.02 16.04
CA PRO C 82 -42.82 34.07 16.65
C PRO C 82 -43.60 35.15 17.36
N ASP C 83 -44.81 35.44 16.89
CA ASP C 83 -45.62 36.52 17.46
C ASP C 83 -46.58 36.00 18.52
N GLY C 84 -46.37 34.76 18.94
CA GLY C 84 -47.19 34.09 19.96
C GLY C 84 -48.68 34.00 19.68
N GLN C 85 -49.10 34.30 18.45
CA GLN C 85 -50.53 34.31 18.09
C GLN C 85 -51.07 32.95 17.66
N PHE C 86 -50.21 32.11 17.07
CA PHE C 86 -50.64 30.82 16.52
C PHE C 86 -49.75 29.70 17.00
N ILE C 87 -50.32 28.50 17.09
CA ILE C 87 -49.54 27.29 17.34
C ILE C 87 -49.77 26.25 16.25
N LEU C 88 -48.66 25.66 15.84
CA LEU C 88 -48.62 24.65 14.81
C LEU C 88 -48.55 23.29 15.48
N LEU C 89 -49.49 22.40 15.13
CA LEU C 89 -49.57 21.07 15.72
C LEU C 89 -49.24 20.00 14.70
N GLU C 90 -48.22 19.21 15.03
CA GLU C 90 -47.64 18.17 14.20
C GLU C 90 -48.10 16.79 14.68
N TYR C 91 -48.67 16.02 13.78
CA TYR C 91 -49.13 14.65 14.08
C TYR C 91 -48.92 13.78 12.84
N ASN C 92 -49.32 12.50 12.91
CA ASN C 92 -49.05 11.52 11.84
C ASN C 92 -47.60 11.55 11.39
N TYR C 93 -46.70 11.82 12.34
CA TYR C 93 -45.25 11.80 12.15
C TYR C 93 -44.81 10.46 11.59
N VAL C 94 -44.06 10.48 10.49
CA VAL C 94 -43.47 9.29 9.88
C VAL C 94 -42.01 9.62 9.53
N LYS C 95 -41.07 9.05 10.27
CA LYS C 95 -39.62 9.24 10.06
C LYS C 95 -39.16 8.79 8.69
N GLN C 96 -38.27 9.55 8.05
CA GLN C 96 -37.63 9.14 6.82
C GLN C 96 -36.19 8.86 7.17
N TRP C 97 -35.30 9.83 6.94
CA TRP C 97 -33.89 9.60 7.20
C TRP C 97 -33.47 10.13 8.58
N ARG C 98 -32.24 10.60 8.72
CA ARG C 98 -31.77 11.07 10.02
C ARG C 98 -32.54 12.32 10.42
N HIS C 99 -32.86 13.17 9.46
CA HIS C 99 -33.55 14.43 9.75
C HIS C 99 -34.94 14.56 9.12
N SER C 100 -35.13 13.91 7.99
CA SER C 100 -36.40 14.00 7.27
C SER C 100 -37.53 13.16 7.86
N TYR C 101 -38.74 13.65 7.65
CA TYR C 101 -39.96 12.97 8.05
C TYR C 101 -41.15 13.66 7.41
N THR C 102 -42.30 13.01 7.38
CA THR C 102 -43.54 13.65 6.98
C THR C 102 -44.53 13.69 8.13
N ALA C 103 -45.52 14.57 8.03
CA ALA C 103 -46.48 14.76 9.10
C ALA C 103 -47.70 15.49 8.59
N SER C 104 -48.78 15.38 9.36
CA SER C 104 -49.96 16.21 9.16
C SER C 104 -49.80 17.42 10.07
N TYR C 105 -50.51 18.49 9.75
CA TYR C 105 -50.36 19.74 10.49
C TYR C 105 -51.67 20.43 10.62
N ASP C 106 -51.92 20.93 11.81
CA ASP C 106 -53.06 21.77 12.08
C ASP C 106 -52.53 23.01 12.76
N ILE C 107 -53.25 24.12 12.58
CA ILE C 107 -52.89 25.40 13.16
C ILE C 107 -53.99 25.80 14.13
N TYR C 108 -53.58 26.22 15.32
CA TYR C 108 -54.49 26.63 16.35
C TYR C 108 -54.30 28.11 16.64
N ASP C 109 -55.38 28.87 16.46
CA ASP C 109 -55.43 30.28 16.78
C ASP C 109 -55.41 30.43 18.30
N LEU C 110 -54.35 31.02 18.86
CA LEU C 110 -54.22 31.15 20.31
C LEU C 110 -55.11 32.25 20.89
N ASN C 111 -55.55 33.17 20.02
CA ASN C 111 -56.34 34.34 20.41
C ASN C 111 -57.84 34.15 20.27
N LYS C 112 -58.25 33.11 19.55
CA LYS C 112 -59.65 32.78 19.38
C LYS C 112 -59.94 31.40 19.97
N ARG C 113 -58.86 30.73 20.39
CA ARG C 113 -58.92 29.40 20.98
C ARG C 113 -59.71 28.40 20.13
N GLN C 114 -59.30 28.24 18.87
CA GLN C 114 -60.06 27.42 17.91
C GLN C 114 -59.19 26.95 16.76
N LEU C 115 -59.25 25.64 16.48
CA LEU C 115 -58.53 25.05 15.34
C LEU C 115 -58.98 25.67 14.02
N ILE C 116 -58.01 26.10 13.23
CA ILE C 116 -58.26 26.56 11.87
C ILE C 116 -58.63 25.36 10.98
N THR C 117 -59.81 25.42 10.36
CA THR C 117 -60.31 24.32 9.51
C THR C 117 -60.46 24.73 8.05
N GLU C 118 -60.11 25.98 7.74
CA GLU C 118 -60.13 26.50 6.38
C GLU C 118 -58.71 26.47 5.82
N GLU C 119 -58.57 26.06 4.55
CA GLU C 119 -57.26 25.97 3.86
C GLU C 119 -56.17 25.35 4.75
N ARG C 120 -56.36 24.09 5.12
CA ARG C 120 -55.42 23.40 5.99
C ARG C 120 -54.17 22.99 5.24
N ILE C 121 -53.06 22.94 5.96
CA ILE C 121 -51.79 22.40 5.45
C ILE C 121 -52.04 20.95 5.07
N PRO C 122 -51.60 20.52 3.87
CA PRO C 122 -51.98 19.16 3.42
C PRO C 122 -51.30 18.05 4.24
N ASN C 123 -51.81 16.83 4.12
CA ASN C 123 -51.17 15.68 4.73
C ASN C 123 -49.90 15.36 3.93
N ASN C 124 -48.98 14.62 4.53
CA ASN C 124 -47.74 14.20 3.86
C ASN C 124 -46.82 15.37 3.56
N THR C 125 -46.88 16.37 4.43
CA THR C 125 -46.05 17.56 4.28
C THR C 125 -44.66 17.21 4.78
N GLN C 126 -43.68 17.70 4.02
CA GLN C 126 -42.29 17.31 4.20
C GLN C 126 -41.52 18.25 5.12
N TRP C 127 -41.95 19.50 5.20
CA TRP C 127 -41.32 20.48 6.09
C TRP C 127 -42.22 21.69 6.19
N VAL C 128 -42.29 22.28 7.39
CA VAL C 128 -43.08 23.48 7.66
C VAL C 128 -42.25 24.42 8.53
N THR C 129 -42.36 25.73 8.26
CA THR C 129 -41.58 26.71 9.00
C THR C 129 -42.24 28.09 9.00
N TRP C 130 -42.38 28.64 10.20
CA TRP C 130 -42.78 30.02 10.40
C TRP C 130 -41.67 30.95 9.90
N SER C 131 -42.06 32.13 9.44
CA SER C 131 -41.13 33.25 9.28
C SER C 131 -40.47 33.57 10.63
N PRO C 132 -39.26 34.18 10.63
CA PRO C 132 -38.59 34.57 11.88
C PRO C 132 -39.39 35.56 12.77
N VAL C 133 -40.20 36.42 12.15
CA VAL C 133 -41.12 37.30 12.86
C VAL C 133 -42.54 37.16 12.29
N GLY C 134 -43.56 37.53 13.07
CA GLY C 134 -44.94 37.39 12.64
C GLY C 134 -45.37 35.93 12.56
N HIS C 135 -46.24 35.61 11.60
CA HIS C 135 -46.82 34.26 11.45
C HIS C 135 -47.07 33.86 9.99
N LYS C 136 -46.14 34.22 9.10
CA LYS C 136 -46.14 33.67 7.76
C LYS C 136 -45.66 32.24 7.86
N LEU C 137 -46.08 31.43 6.91
CA LEU C 137 -45.79 30.01 6.91
C LEU C 137 -45.17 29.64 5.58
N ALA C 138 -44.13 28.80 5.61
CA ALA C 138 -43.65 28.13 4.41
C ALA C 138 -43.67 26.63 4.64
N TYR C 139 -44.21 25.89 3.67
CA TYR C 139 -44.18 24.42 3.73
C TYR C 139 -43.89 23.78 2.37
N VAL C 140 -43.36 22.56 2.42
CA VAL C 140 -43.06 21.78 1.22
C VAL C 140 -43.96 20.58 1.20
N TRP C 141 -44.59 20.36 0.06
CA TRP C 141 -45.52 19.26 -0.11
C TRP C 141 -45.35 18.78 -1.55
N ASN C 142 -45.06 17.50 -1.72
CA ASN C 142 -44.77 16.88 -3.02
C ASN C 142 -43.59 17.54 -3.74
N ASN C 143 -42.59 17.96 -2.96
CA ASN C 143 -41.33 18.52 -3.47
C ASN C 143 -41.46 19.94 -4.04
N ASP C 144 -42.56 20.62 -3.68
CA ASP C 144 -42.84 22.01 -4.08
C ASP C 144 -43.09 22.94 -2.89
N ILE C 145 -42.64 24.19 -2.99
CA ILE C 145 -42.77 25.20 -1.92
C ILE C 145 -44.10 25.98 -2.00
N TYR C 146 -44.66 26.27 -0.82
CA TYR C 146 -45.95 26.95 -0.67
C TYR C 146 -45.87 27.97 0.47
N VAL C 147 -46.49 29.13 0.25
CA VAL C 147 -46.52 30.19 1.26
C VAL C 147 -47.93 30.54 1.70
N LYS C 148 -48.14 30.57 3.02
CA LYS C 148 -49.34 31.19 3.60
C LYS C 148 -48.98 32.47 4.34
N ILE C 149 -49.55 33.59 3.90
CA ILE C 149 -49.36 34.87 4.55
C ILE C 149 -50.14 34.91 5.87
N GLU C 150 -51.37 34.39 5.83
CA GLU C 150 -52.16 34.12 7.05
C GLU C 150 -52.57 32.64 7.06
N PRO C 151 -52.70 32.06 8.27
CA PRO C 151 -52.96 30.62 8.47
C PRO C 151 -54.31 30.07 7.96
N ASN C 152 -55.31 30.94 7.81
CA ASN C 152 -56.62 30.53 7.33
C ASN C 152 -56.89 30.92 5.87
N LEU C 153 -55.87 31.50 5.22
CA LEU C 153 -55.99 31.93 3.82
C LEU C 153 -55.38 30.88 2.88
N PRO C 154 -55.81 30.89 1.60
CA PRO C 154 -55.21 30.00 0.62
C PRO C 154 -53.69 30.12 0.56
N SER C 155 -53.04 29.03 0.15
CA SER C 155 -51.59 29.00 -0.07
C SER C 155 -51.24 29.59 -1.42
N TYR C 156 -50.04 30.16 -1.50
CA TYR C 156 -49.44 30.56 -2.78
C TYR C 156 -48.40 29.51 -3.14
N ARG C 157 -48.59 28.84 -4.28
CA ARG C 157 -47.61 27.89 -4.77
C ARG C 157 -46.39 28.62 -5.36
N ILE C 158 -45.20 28.33 -4.82
CA ILE C 158 -43.97 28.99 -5.24
C ILE C 158 -43.31 28.24 -6.40
N THR C 159 -43.23 26.91 -6.30
CA THR C 159 -42.56 26.11 -7.32
C THR C 159 -43.54 25.11 -7.93
N TRP C 160 -43.29 24.74 -9.19
CA TRP C 160 -44.19 23.87 -9.95
C TRP C 160 -43.44 22.70 -10.59
N THR C 161 -42.16 22.57 -10.25
CA THR C 161 -41.22 21.67 -10.91
C THR C 161 -40.91 20.40 -10.10
N GLY C 162 -41.35 20.40 -8.83
CA GLY C 162 -41.04 19.34 -7.88
C GLY C 162 -41.55 17.97 -8.31
N LYS C 163 -40.71 16.96 -8.17
CA LYS C 163 -40.99 15.64 -8.69
C LYS C 163 -40.23 14.64 -7.84
N GLU C 164 -40.97 13.67 -7.29
CA GLU C 164 -40.44 12.69 -6.33
C GLU C 164 -39.14 12.02 -6.82
N ASP C 165 -38.09 12.09 -5.98
CA ASP C 165 -36.77 11.50 -6.27
C ASP C 165 -35.96 12.18 -7.39
N ILE C 166 -36.51 13.23 -8.00
CA ILE C 166 -35.85 13.91 -9.11
C ILE C 166 -35.59 15.38 -8.82
N ILE C 167 -36.66 16.13 -8.58
CA ILE C 167 -36.56 17.57 -8.30
C ILE C 167 -37.10 17.94 -6.92
N TYR C 168 -36.21 18.51 -6.11
CA TYR C 168 -36.49 18.89 -4.74
C TYR C 168 -36.39 20.40 -4.57
N ASN C 169 -37.50 21.04 -4.21
CA ASN C 169 -37.52 22.48 -3.94
C ASN C 169 -37.74 22.70 -2.46
N GLY C 170 -36.80 23.37 -1.80
CA GLY C 170 -36.96 23.68 -0.37
C GLY C 170 -36.68 22.53 0.61
N ILE C 171 -36.49 21.33 0.06
CA ILE C 171 -36.02 20.18 0.85
C ILE C 171 -34.76 19.61 0.18
N THR C 172 -33.92 18.95 0.96
CA THR C 172 -32.69 18.31 0.46
C THR C 172 -32.92 16.88 -0.04
N ASP C 173 -31.97 16.36 -0.82
CA ASP C 173 -32.00 14.92 -1.15
C ASP C 173 -31.29 14.13 -0.05
N TRP C 174 -31.02 12.84 -0.29
CA TRP C 174 -30.29 12.06 0.71
C TRP C 174 -28.93 12.63 1.13
N VAL C 175 -28.02 12.90 0.19
CA VAL C 175 -26.64 13.33 0.57
C VAL C 175 -26.59 14.69 1.22
N TYR C 176 -27.37 15.62 0.67
CA TYR C 176 -27.43 16.97 1.19
C TYR C 176 -28.02 16.93 2.58
N GLU C 177 -29.08 16.13 2.77
CA GLU C 177 -29.67 15.99 4.08
C GLU C 177 -28.62 15.52 5.09
N GLU C 178 -27.88 14.46 4.73
CA GLU C 178 -27.01 13.78 5.69
C GLU C 178 -25.62 14.39 5.87
N GLU C 179 -25.00 14.81 4.77
CA GLU C 179 -23.58 15.19 4.76
C GLU C 179 -23.34 16.69 4.62
N VAL C 180 -24.28 17.40 4.01
CA VAL C 180 -24.09 18.82 3.76
C VAL C 180 -24.84 19.67 4.79
N PHE C 181 -26.17 19.62 4.76
CA PHE C 181 -26.97 20.51 5.63
C PHE C 181 -27.35 19.94 7.01
N SER C 182 -27.11 18.64 7.24
CA SER C 182 -27.54 17.99 8.48
C SER C 182 -28.95 18.42 8.84
N ALA C 183 -29.81 18.44 7.81
CA ALA C 183 -31.20 18.85 7.90
C ALA C 183 -31.95 18.52 6.62
N TYR C 184 -33.24 18.27 6.75
CA TYR C 184 -34.14 18.10 5.60
C TYR C 184 -34.50 19.43 4.94
N SER C 185 -34.58 20.48 5.75
CA SER C 185 -34.93 21.81 5.25
C SER C 185 -33.88 22.42 4.31
N ALA C 186 -34.36 23.02 3.22
CA ALA C 186 -33.54 23.85 2.35
C ALA C 186 -34.29 25.15 2.02
N LEU C 187 -34.74 25.82 3.09
CA LEU C 187 -35.50 27.07 3.02
C LEU C 187 -34.97 28.02 4.07
N TRP C 188 -34.67 29.27 3.67
CA TRP C 188 -34.16 30.28 4.62
C TRP C 188 -34.90 31.63 4.49
N TRP C 189 -35.87 31.85 5.38
CA TRP C 189 -36.60 33.14 5.48
C TRP C 189 -35.61 34.23 5.87
N SER C 190 -35.77 35.43 5.30
CA SER C 190 -34.93 36.58 5.67
C SER C 190 -35.31 37.01 7.09
N PRO C 191 -34.42 37.78 7.78
CA PRO C 191 -34.67 38.06 9.20
C PRO C 191 -36.07 38.58 9.56
N ASN C 192 -36.69 39.41 8.71
CA ASN C 192 -38.06 39.88 8.96
C ASN C 192 -39.15 39.25 8.09
N GLY C 193 -38.79 38.17 7.41
CA GLY C 193 -39.70 37.39 6.58
C GLY C 193 -40.16 38.00 5.26
N THR C 194 -39.50 39.09 4.83
CA THR C 194 -39.77 39.62 3.49
C THR C 194 -39.48 38.56 2.43
N PHE C 195 -38.27 38.02 2.49
CA PHE C 195 -37.73 37.10 1.47
C PHE C 195 -37.73 35.66 1.93
N LEU C 196 -38.02 34.75 1.00
CA LEU C 196 -37.85 33.31 1.26
C LEU C 196 -36.81 32.79 0.30
N ALA C 197 -35.62 32.47 0.83
CA ALA C 197 -34.55 31.88 0.03
C ALA C 197 -34.68 30.37 0.04
N TYR C 198 -34.45 29.73 -1.12
CA TYR C 198 -34.44 28.28 -1.19
C TYR C 198 -33.43 27.67 -2.16
N ALA C 199 -33.04 26.44 -1.88
CA ALA C 199 -32.23 25.64 -2.79
C ALA C 199 -33.12 24.68 -3.55
N GLN C 200 -32.74 24.39 -4.79
CA GLN C 200 -33.41 23.35 -5.57
C GLN C 200 -32.41 22.28 -5.93
N PHE C 201 -32.76 21.02 -5.69
CA PHE C 201 -31.90 19.89 -6.01
C PHE C 201 -32.43 19.08 -7.19
N ASN C 202 -31.51 18.65 -8.02
CA ASN C 202 -31.83 17.85 -9.19
C ASN C 202 -31.01 16.55 -9.16
N ASP C 203 -31.70 15.43 -9.06
CA ASP C 203 -31.06 14.11 -8.94
C ASP C 203 -31.29 13.22 -10.16
N THR C 204 -31.55 13.84 -11.31
CA THR C 204 -32.00 13.10 -12.52
C THR C 204 -31.21 11.82 -12.85
N GLU C 205 -29.88 11.93 -12.83
CA GLU C 205 -29.01 10.83 -13.18
C GLU C 205 -28.19 10.34 -11.99
N VAL C 206 -28.61 10.71 -10.78
CA VAL C 206 -28.06 10.12 -9.57
C VAL C 206 -28.54 8.65 -9.51
N PRO C 207 -27.59 7.70 -9.36
CA PRO C 207 -28.00 6.30 -9.23
C PRO C 207 -28.66 6.00 -7.89
N LEU C 208 -29.42 4.91 -7.87
CA LEU C 208 -30.21 4.52 -6.73
C LEU C 208 -29.60 3.35 -5.99
N ILE C 209 -29.55 3.45 -4.66
CA ILE C 209 -29.33 2.28 -3.84
C ILE C 209 -30.69 1.57 -3.67
N GLU C 210 -30.70 0.26 -3.88
CA GLU C 210 -31.89 -0.52 -3.80
C GLU C 210 -31.71 -1.59 -2.73
N TYR C 211 -32.73 -1.78 -1.90
CA TYR C 211 -32.76 -2.85 -0.91
C TYR C 211 -34.16 -3.30 -0.55
N SER C 212 -34.27 -4.52 -0.03
CA SER C 212 -35.53 -5.07 0.40
C SER C 212 -35.95 -4.50 1.75
N PHE C 213 -37.26 -4.26 1.84
CA PHE C 213 -37.93 -3.89 3.06
C PHE C 213 -39.06 -4.87 3.29
N TYR C 214 -39.00 -5.60 4.40
CA TYR C 214 -39.85 -6.75 4.60
C TYR C 214 -41.22 -6.37 5.20
N SER C 215 -41.22 -5.36 6.08
CA SER C 215 -42.44 -4.81 6.67
C SER C 215 -43.09 -5.78 7.66
N ASP C 216 -44.34 -5.52 8.02
CA ASP C 216 -45.12 -6.42 8.85
C ASP C 216 -45.21 -7.76 8.13
N GLU C 217 -45.38 -8.84 8.89
CA GLU C 217 -45.46 -10.16 8.29
C GLU C 217 -46.66 -10.37 7.36
N SER C 218 -47.68 -9.53 7.48
CA SER C 218 -48.82 -9.53 6.56
C SER C 218 -48.43 -9.13 5.12
N LEU C 219 -47.33 -8.40 4.95
CA LEU C 219 -46.86 -8.10 3.59
C LEU C 219 -46.32 -9.36 2.85
N GLN C 220 -47.06 -9.79 1.83
CA GLN C 220 -46.77 -11.03 1.09
C GLN C 220 -45.47 -11.00 0.26
N TYR C 221 -45.24 -9.92 -0.49
CA TYR C 221 -43.99 -9.70 -1.23
C TYR C 221 -43.20 -8.56 -0.61
N PRO C 222 -41.87 -8.74 -0.44
CA PRO C 222 -41.09 -7.63 0.09
C PRO C 222 -41.09 -6.44 -0.86
N LYS C 223 -40.90 -5.26 -0.29
CA LYS C 223 -40.87 -4.02 -1.06
C LYS C 223 -39.41 -3.69 -1.35
N THR C 224 -39.13 -3.18 -2.53
CA THR C 224 -37.81 -2.62 -2.83
C THR C 224 -37.82 -1.09 -2.62
N VAL C 225 -36.96 -0.64 -1.71
CA VAL C 225 -36.75 0.79 -1.46
C VAL C 225 -35.71 1.27 -2.45
N ARG C 226 -35.97 2.39 -3.12
CA ARG C 226 -35.00 2.94 -4.08
C ARG C 226 -34.71 4.39 -3.72
N VAL C 227 -33.43 4.68 -3.42
CA VAL C 227 -33.04 6.03 -2.98
C VAL C 227 -31.90 6.60 -3.81
N PRO C 228 -32.12 7.79 -4.45
CA PRO C 228 -31.01 8.50 -5.11
C PRO C 228 -29.87 8.74 -4.12
N TYR C 229 -28.73 8.10 -4.36
CA TYR C 229 -27.62 8.01 -3.41
C TYR C 229 -26.34 7.89 -4.21
N PRO C 230 -25.48 8.92 -4.18
CA PRO C 230 -24.28 8.86 -4.99
C PRO C 230 -23.15 8.24 -4.20
N LYS C 231 -22.68 7.08 -4.64
CA LYS C 231 -21.53 6.46 -4.00
C LYS C 231 -20.28 7.19 -4.50
N ALA C 232 -19.15 7.00 -3.82
CA ALA C 232 -17.92 7.70 -4.17
C ALA C 232 -17.70 7.68 -5.68
N GLY C 233 -17.45 8.85 -6.26
CA GLY C 233 -17.09 8.95 -7.68
C GLY C 233 -18.26 8.97 -8.64
N ALA C 234 -19.47 8.69 -8.12
CA ALA C 234 -20.69 8.62 -8.92
C ALA C 234 -21.21 10.01 -9.28
N VAL C 235 -22.18 10.08 -10.20
CA VAL C 235 -22.73 11.38 -10.51
C VAL C 235 -23.58 11.94 -9.36
N ASN C 236 -23.36 13.23 -9.10
CA ASN C 236 -23.85 13.91 -7.94
C ASN C 236 -25.10 14.71 -8.30
N PRO C 237 -25.94 15.04 -7.31
CA PRO C 237 -26.98 16.04 -7.51
C PRO C 237 -26.45 17.43 -7.91
N THR C 238 -27.21 18.12 -8.73
CA THR C 238 -26.95 19.52 -9.04
C THR C 238 -27.88 20.40 -8.19
N VAL C 239 -27.47 21.65 -7.97
CA VAL C 239 -28.13 22.59 -7.07
C VAL C 239 -28.28 23.96 -7.73
N LYS C 240 -29.45 24.58 -7.53
CA LYS C 240 -29.68 25.98 -7.89
C LYS C 240 -30.21 26.70 -6.66
N PHE C 241 -30.02 28.00 -6.60
CA PHE C 241 -30.42 28.79 -5.45
C PHE C 241 -31.27 29.97 -5.88
N PHE C 242 -32.41 30.15 -5.20
CA PHE C 242 -33.36 31.22 -5.54
C PHE C 242 -33.75 32.04 -4.31
N VAL C 243 -34.13 33.30 -4.54
CA VAL C 243 -34.81 34.10 -3.52
C VAL C 243 -36.15 34.62 -4.07
N VAL C 244 -37.21 34.48 -3.26
CA VAL C 244 -38.53 35.01 -3.61
C VAL C 244 -38.99 36.09 -2.62
N ASN C 245 -39.54 37.18 -3.14
CA ASN C 245 -40.22 38.18 -2.31
C ASN C 245 -41.64 37.68 -2.01
N THR C 246 -41.92 37.42 -0.73
CA THR C 246 -43.25 36.94 -0.32
C THR C 246 -44.24 38.08 -0.14
N ASP C 247 -43.71 39.29 0.06
CA ASP C 247 -44.50 40.50 0.30
C ASP C 247 -45.15 41.00 -0.98
N SER C 248 -44.64 40.55 -2.12
CA SER C 248 -45.19 40.88 -3.42
C SER C 248 -45.81 39.67 -4.10
N LEU C 249 -46.38 38.76 -3.29
CA LEU C 249 -47.15 37.62 -3.79
C LEU C 249 -48.52 38.06 -4.29
N SER C 250 -49.07 37.33 -5.26
CA SER C 250 -50.41 37.64 -5.80
C SER C 250 -51.22 36.40 -6.16
N SER C 251 -52.53 36.51 -6.03
CA SER C 251 -53.46 35.43 -6.34
C SER C 251 -53.61 35.20 -7.84
N VAL C 252 -53.21 36.18 -8.64
CA VAL C 252 -53.41 36.15 -10.09
C VAL C 252 -52.17 35.83 -10.94
N THR C 253 -50.98 36.08 -10.40
CA THR C 253 -49.74 35.74 -11.09
C THR C 253 -48.89 34.74 -10.31
N ASN C 254 -48.21 33.86 -11.03
CA ASN C 254 -47.22 32.95 -10.45
C ASN C 254 -46.05 33.72 -9.87
N ALA C 255 -45.43 33.16 -8.84
CA ALA C 255 -44.35 33.81 -8.11
C ALA C 255 -43.02 33.84 -8.89
N THR C 256 -42.28 34.94 -8.72
CA THR C 256 -41.00 35.11 -9.38
C THR C 256 -39.86 34.76 -8.43
N SER C 257 -39.16 33.69 -8.76
CA SER C 257 -38.00 33.29 -7.99
C SER C 257 -36.77 33.88 -8.65
N ILE C 258 -36.01 34.65 -7.89
CA ILE C 258 -34.81 35.28 -8.43
C ILE C 258 -33.64 34.35 -8.18
N GLN C 259 -33.12 33.76 -9.26
CA GLN C 259 -31.98 32.88 -9.13
C GLN C 259 -30.70 33.66 -8.80
N ILE C 260 -29.92 33.10 -7.89
CA ILE C 260 -28.58 33.54 -7.60
C ILE C 260 -27.66 32.42 -8.08
N THR C 261 -26.73 32.74 -8.98
CA THR C 261 -25.81 31.72 -9.52
C THR C 261 -24.53 31.58 -8.68
N ALA C 262 -23.93 30.40 -8.75
CA ALA C 262 -22.63 30.15 -8.12
C ALA C 262 -21.53 30.96 -8.81
N PRO C 263 -20.47 31.31 -8.07
CA PRO C 263 -19.36 31.99 -8.73
C PRO C 263 -18.90 31.19 -9.95
N ALA C 264 -18.30 31.88 -10.93
CA ALA C 264 -17.72 31.25 -12.11
C ALA C 264 -16.70 30.17 -11.73
N SER C 265 -16.00 30.39 -10.62
CA SER C 265 -14.96 29.48 -10.14
C SER C 265 -15.52 28.14 -9.62
N MET C 266 -16.83 28.08 -9.40
CA MET C 266 -17.52 26.87 -8.98
C MET C 266 -18.23 26.19 -10.15
N LEU C 267 -18.81 27.02 -11.02
CA LEU C 267 -19.57 26.58 -12.20
C LEU C 267 -18.74 25.84 -13.27
N ILE C 268 -17.42 25.86 -13.12
CA ILE C 268 -16.51 25.15 -14.02
C ILE C 268 -16.55 23.62 -13.86
N GLY C 269 -16.92 23.14 -12.67
CA GLY C 269 -16.98 21.70 -12.42
C GLY C 269 -18.13 21.34 -11.53
N ASP C 270 -18.08 20.14 -10.95
CA ASP C 270 -19.02 19.73 -9.91
C ASP C 270 -18.74 20.55 -8.65
N HIS C 271 -19.80 21.01 -8.01
CA HIS C 271 -19.65 21.83 -6.80
C HIS C 271 -20.75 21.49 -5.79
N TYR C 272 -20.71 22.12 -4.62
CA TYR C 272 -21.78 22.02 -3.62
C TYR C 272 -22.22 23.40 -3.13
N LEU C 273 -23.49 23.51 -2.72
CA LEU C 273 -23.95 24.62 -1.88
C LEU C 273 -23.78 24.17 -0.44
N CYS C 274 -22.85 24.77 0.31
CA CYS C 274 -22.55 24.25 1.65
C CYS C 274 -23.05 25.13 2.82
N ASP C 275 -23.42 26.38 2.54
CA ASP C 275 -23.89 27.29 3.59
C ASP C 275 -24.76 28.41 3.06
N VAL C 276 -25.88 28.65 3.76
CA VAL C 276 -26.72 29.81 3.51
C VAL C 276 -26.87 30.56 4.84
N THR C 277 -26.41 31.80 4.88
CA THR C 277 -26.55 32.66 6.06
C THR C 277 -27.01 34.08 5.69
N TRP C 278 -28.24 34.42 6.04
CA TRP C 278 -28.71 35.82 5.94
C TRP C 278 -27.91 36.79 6.81
N ALA C 279 -27.53 37.91 6.20
CA ALA C 279 -26.76 38.94 6.89
C ALA C 279 -27.63 40.09 7.37
N THR C 280 -28.58 40.51 6.54
CA THR C 280 -29.50 41.60 6.86
C THR C 280 -30.84 41.35 6.18
N GLN C 281 -31.75 42.31 6.29
CA GLN C 281 -33.02 42.28 5.56
C GLN C 281 -32.81 42.10 4.05
N GLU C 282 -31.69 42.61 3.53
CA GLU C 282 -31.43 42.64 2.09
C GLU C 282 -30.05 42.14 1.66
N ARG C 283 -29.38 41.38 2.54
CA ARG C 283 -28.04 40.86 2.26
C ARG C 283 -27.94 39.41 2.71
N ILE C 284 -27.73 38.52 1.75
CA ILE C 284 -27.57 37.11 2.02
C ILE C 284 -26.17 36.68 1.65
N SER C 285 -25.53 35.90 2.53
CA SER C 285 -24.28 35.25 2.21
C SER C 285 -24.45 33.77 1.85
N LEU C 286 -23.72 33.34 0.83
CA LEU C 286 -23.70 31.95 0.37
C LEU C 286 -22.27 31.41 0.41
N GLN C 287 -22.07 30.20 0.90
CA GLN C 287 -20.80 29.54 0.67
C GLN C 287 -21.01 28.38 -0.30
N TRP C 288 -20.02 28.18 -1.16
CA TRP C 288 -20.04 27.14 -2.16
C TRP C 288 -18.77 26.32 -2.03
N LEU C 289 -18.84 25.04 -2.38
CA LEU C 289 -17.71 24.15 -2.25
C LEU C 289 -17.52 23.34 -3.53
N ARG C 290 -16.29 23.27 -4.03
CA ARG C 290 -15.99 22.41 -5.19
C ARG C 290 -16.04 20.94 -4.80
N ARG C 291 -16.26 20.07 -5.78
CA ARG C 291 -16.34 18.63 -5.47
C ARG C 291 -15.06 18.09 -4.83
N ILE C 292 -13.90 18.55 -5.30
CA ILE C 292 -12.66 18.42 -4.51
C ILE C 292 -12.75 19.47 -3.41
N GLN C 293 -12.92 19.00 -2.17
CA GLN C 293 -13.42 19.86 -1.10
C GLN C 293 -12.32 20.64 -0.38
N ASN C 294 -11.34 21.11 -1.14
CA ASN C 294 -10.26 21.92 -0.56
C ASN C 294 -10.30 23.40 -1.00
N TYR C 295 -11.39 23.79 -1.65
CA TYR C 295 -11.57 25.16 -2.12
C TYR C 295 -13.03 25.56 -2.02
N SER C 296 -13.32 26.62 -1.26
CA SER C 296 -14.67 27.16 -1.12
C SER C 296 -14.73 28.67 -1.36
N VAL C 297 -15.88 29.15 -1.84
CA VAL C 297 -16.08 30.57 -2.06
C VAL C 297 -17.36 31.05 -1.38
N MET C 298 -17.21 32.07 -0.54
CA MET C 298 -18.36 32.77 0.05
C MET C 298 -18.74 33.99 -0.78
N ASP C 299 -19.96 33.97 -1.30
CA ASP C 299 -20.53 35.12 -1.98
C ASP C 299 -21.39 35.89 -1.00
N ILE C 300 -21.28 37.22 -1.06
CA ILE C 300 -22.15 38.11 -0.31
C ILE C 300 -23.00 38.92 -1.29
N CYS C 301 -24.32 38.76 -1.20
CA CYS C 301 -25.24 39.26 -2.24
C CYS C 301 -26.27 40.25 -1.69
N ASP C 302 -26.42 41.37 -2.39
CA ASP C 302 -27.36 42.41 -1.98
C ASP C 302 -28.54 42.51 -2.90
N TYR C 303 -29.70 42.81 -2.31
CA TYR C 303 -30.92 43.05 -3.06
C TYR C 303 -30.81 44.40 -3.71
N ASP C 304 -31.04 44.44 -5.02
CA ASP C 304 -31.07 45.68 -5.74
C ASP C 304 -32.50 46.19 -5.76
N GLU C 305 -32.68 47.36 -5.15
CA GLU C 305 -33.97 48.03 -5.00
C GLU C 305 -34.83 48.10 -6.26
N SER C 306 -34.26 48.65 -7.33
CA SER C 306 -35.03 48.95 -8.55
C SER C 306 -35.17 47.78 -9.53
N SER C 307 -34.24 46.81 -9.47
CA SER C 307 -34.30 45.60 -10.30
C SER C 307 -35.32 44.64 -9.75
N GLY C 308 -35.25 44.42 -8.43
CA GLY C 308 -35.90 43.30 -7.79
C GLY C 308 -34.97 42.10 -7.84
N ARG C 309 -33.68 42.36 -8.01
CA ARG C 309 -32.71 41.28 -8.17
C ARG C 309 -31.61 41.27 -7.13
N TRP C 310 -30.88 40.17 -7.12
CA TRP C 310 -29.81 39.97 -6.18
C TRP C 310 -28.51 39.95 -6.95
N ASN C 311 -27.55 40.74 -6.48
CA ASN C 311 -26.27 40.90 -7.14
C ASN C 311 -25.16 40.60 -6.13
N CYS C 312 -24.20 39.76 -6.54
CA CYS C 312 -23.08 39.41 -5.67
C CYS C 312 -21.78 39.99 -6.22
N LEU C 313 -21.30 41.05 -5.60
CA LEU C 313 -20.09 41.71 -6.06
C LEU C 313 -18.86 40.85 -5.80
N VAL C 314 -18.04 40.69 -6.83
CA VAL C 314 -16.78 39.94 -6.73
C VAL C 314 -15.85 40.49 -5.66
N ALA C 315 -15.94 41.79 -5.41
CA ALA C 315 -15.17 42.44 -4.35
C ALA C 315 -15.51 41.89 -2.97
N ARG C 316 -16.72 41.35 -2.82
CA ARG C 316 -17.17 40.83 -1.53
C ARG C 316 -17.11 39.30 -1.46
N GLN C 317 -16.37 38.70 -2.40
CA GLN C 317 -16.12 37.26 -2.37
C GLN C 317 -15.06 36.93 -1.33
N HIS C 318 -15.26 35.82 -0.63
CA HIS C 318 -14.27 35.34 0.32
C HIS C 318 -13.89 33.91 0.05
N ILE C 319 -12.59 33.69 -0.13
CA ILE C 319 -12.06 32.38 -0.45
C ILE C 319 -11.48 31.72 0.78
N GLU C 320 -11.84 30.45 0.97
CA GLU C 320 -11.27 29.65 2.02
C GLU C 320 -10.81 28.36 1.35
N MET C 321 -9.57 27.97 1.62
CA MET C 321 -9.01 26.75 1.06
C MET C 321 -7.99 26.13 2.03
N SER C 322 -7.54 24.93 1.69
CA SER C 322 -6.59 24.22 2.54
C SER C 322 -5.53 23.54 1.68
N THR C 323 -4.32 23.45 2.23
CA THR C 323 -3.21 22.74 1.59
C THR C 323 -2.95 21.36 2.19
N THR C 324 -3.46 21.15 3.40
CA THR C 324 -3.18 19.92 4.16
C THR C 324 -4.35 18.93 4.20
N GLY C 325 -5.52 19.36 3.74
CA GLY C 325 -6.70 18.53 3.74
C GLY C 325 -7.88 19.25 3.15
N TRP C 326 -9.05 18.98 3.73
CA TRP C 326 -10.32 19.58 3.33
C TRP C 326 -10.55 20.90 4.07
N VAL C 327 -11.56 21.68 3.65
CA VAL C 327 -11.93 22.92 4.37
C VAL C 327 -12.99 22.71 5.46
N GLY C 328 -12.76 23.33 6.61
CA GLY C 328 -13.62 23.17 7.80
C GLY C 328 -13.52 21.79 8.39
N ARG C 329 -14.05 21.61 9.60
CA ARG C 329 -14.07 20.30 10.29
C ARG C 329 -14.83 19.23 9.49
N PHE C 330 -16.02 19.57 9.01
CA PHE C 330 -16.81 18.71 8.13
C PHE C 330 -17.28 19.49 6.91
N ARG C 331 -17.34 20.81 7.06
CA ARG C 331 -17.75 21.74 6.01
C ARG C 331 -17.24 23.11 6.43
N PRO C 332 -17.20 24.07 5.50
CA PRO C 332 -16.88 25.45 5.88
C PRO C 332 -17.79 25.99 7.00
N SER C 333 -17.18 26.71 7.94
CA SER C 333 -17.87 27.32 9.08
C SER C 333 -18.93 28.35 8.65
N GLU C 334 -19.93 28.57 9.49
CA GLU C 334 -20.92 29.60 9.24
C GLU C 334 -20.38 30.95 9.73
N PRO C 335 -20.76 32.06 9.04
CA PRO C 335 -20.43 33.41 9.48
C PRO C 335 -21.47 33.98 10.45
N HIS C 336 -21.01 34.89 11.30
CA HIS C 336 -21.87 35.57 12.26
C HIS C 336 -21.71 37.05 12.00
N PHE C 337 -22.73 37.63 11.40
CA PHE C 337 -22.69 39.02 10.97
C PHE C 337 -23.03 39.96 12.10
N THR C 338 -22.34 41.09 12.14
CA THR C 338 -22.69 42.18 13.01
C THR C 338 -24.00 42.81 12.50
N LEU C 339 -24.68 43.53 13.39
CA LEU C 339 -25.99 44.11 13.08
C LEU C 339 -26.06 44.85 11.72
N ASP C 340 -25.04 45.65 11.41
CA ASP C 340 -25.01 46.38 10.12
C ASP C 340 -24.68 45.50 8.91
N GLY C 341 -24.18 44.29 9.15
CA GLY C 341 -23.92 43.31 8.09
C GLY C 341 -22.75 43.67 7.19
N ASN C 342 -21.87 44.54 7.69
CA ASN C 342 -20.70 45.00 6.95
C ASN C 342 -19.46 44.26 7.42
N SER C 343 -19.68 43.33 8.34
CA SER C 343 -18.61 42.64 9.03
C SER C 343 -19.11 41.29 9.51
N PHE C 344 -18.19 40.34 9.66
CA PHE C 344 -18.54 39.03 10.20
C PHE C 344 -17.41 38.30 10.91
N TYR C 345 -17.80 37.41 11.81
CA TYR C 345 -16.87 36.52 12.51
C TYR C 345 -17.09 35.10 12.02
N LYS C 346 -16.01 34.33 11.99
CA LYS C 346 -16.04 32.99 11.42
C LYS C 346 -14.89 32.20 12.00
N ILE C 347 -15.11 30.90 12.19
CA ILE C 347 -14.05 29.98 12.58
C ILE C 347 -13.31 29.50 11.35
N ILE C 348 -12.02 29.81 11.30
CA ILE C 348 -11.10 29.24 10.32
C ILE C 348 -9.78 28.80 11.01
N SER C 349 -9.07 27.86 10.39
CA SER C 349 -7.79 27.38 10.93
C SER C 349 -6.66 28.37 10.71
N ASN C 350 -5.93 28.68 11.77
CA ASN C 350 -4.89 29.71 11.71
C ASN C 350 -3.61 29.19 11.06
N GLU C 351 -2.63 30.07 10.91
CA GLU C 351 -1.37 29.75 10.24
C GLU C 351 -0.73 28.45 10.78
N GLU C 352 -1.06 28.12 12.03
CA GLU C 352 -0.48 26.95 12.70
C GLU C 352 -1.41 25.73 12.77
N GLY C 353 -2.52 25.75 12.02
CA GLY C 353 -3.43 24.61 11.98
C GLY C 353 -4.50 24.58 13.05
N TYR C 354 -4.57 25.62 13.88
CA TYR C 354 -5.59 25.69 14.93
C TYR C 354 -6.75 26.58 14.53
N ARG C 355 -7.96 26.13 14.86
CA ARG C 355 -9.19 26.78 14.42
C ARG C 355 -9.61 27.86 15.41
N HIS C 356 -9.61 29.09 14.92
CA HIS C 356 -9.88 30.26 15.74
C HIS C 356 -10.85 31.23 15.05
N ILE C 357 -11.34 32.21 15.81
CA ILE C 357 -12.31 33.16 15.27
C ILE C 357 -11.59 34.27 14.50
N CYS C 358 -11.82 34.30 13.19
CA CYS C 358 -11.30 35.36 12.36
C CYS C 358 -12.37 36.42 12.12
N TYR C 359 -11.94 37.68 12.20
CA TYR C 359 -12.83 38.80 12.00
C TYR C 359 -12.61 39.41 10.61
N PHE C 360 -13.66 39.40 9.81
CA PHE C 360 -13.63 39.84 8.42
C PHE C 360 -14.43 41.12 8.21
N GLN C 361 -13.91 42.01 7.37
CA GLN C 361 -14.74 43.06 6.78
C GLN C 361 -15.24 42.54 5.46
N ILE C 362 -16.42 43.00 5.07
CA ILE C 362 -17.14 42.47 3.90
C ILE C 362 -16.37 42.72 2.59
N ASP C 363 -15.60 43.82 2.61
CA ASP C 363 -14.88 44.37 1.46
C ASP C 363 -13.39 44.00 1.43
N LYS C 364 -12.93 43.24 2.44
CA LYS C 364 -11.51 42.94 2.61
C LYS C 364 -11.15 41.44 2.65
N LYS C 365 -10.11 41.09 1.89
CA LYS C 365 -9.58 39.72 1.74
C LYS C 365 -8.99 39.16 3.05
N ASP C 366 -8.13 39.94 3.70
CA ASP C 366 -7.49 39.54 4.93
C ASP C 366 -8.47 39.63 6.09
N CYS C 367 -8.27 38.78 7.10
CA CYS C 367 -9.02 38.87 8.33
C CYS C 367 -8.04 38.94 9.49
N THR C 368 -8.52 39.39 10.65
CA THR C 368 -7.66 39.33 11.84
C THR C 368 -8.19 38.32 12.86
N PHE C 369 -7.28 37.50 13.37
CA PHE C 369 -7.61 36.54 14.40
C PHE C 369 -7.80 37.22 15.74
N ILE C 370 -8.92 36.94 16.37
CA ILE C 370 -9.28 37.53 17.66
C ILE C 370 -8.96 36.59 18.83
N THR C 371 -8.85 35.30 18.52
CA THR C 371 -8.37 34.28 19.45
C THR C 371 -7.18 33.55 18.81
N LYS C 372 -6.29 33.02 19.65
CA LYS C 372 -5.19 32.19 19.20
C LYS C 372 -4.71 31.30 20.33
N GLY C 373 -3.85 30.34 20.00
CA GLY C 373 -3.29 29.44 20.98
C GLY C 373 -3.36 28.01 20.48
N THR C 374 -2.72 27.11 21.22
CA THR C 374 -2.71 25.69 20.90
C THR C 374 -3.94 25.02 21.53
N TRP C 375 -5.10 25.51 21.13
CA TRP C 375 -6.40 25.00 21.52
C TRP C 375 -7.32 25.47 20.39
N GLU C 376 -8.60 25.13 20.44
CA GLU C 376 -9.50 25.46 19.34
C GLU C 376 -10.85 25.98 19.77
N VAL C 377 -11.45 26.82 18.93
CA VAL C 377 -12.80 27.33 19.11
C VAL C 377 -13.77 26.32 18.51
N ILE C 378 -14.69 25.79 19.32
CA ILE C 378 -15.68 24.83 18.86
C ILE C 378 -16.78 25.51 18.03
N GLY C 379 -17.36 26.58 18.58
CA GLY C 379 -18.49 27.25 17.93
C GLY C 379 -18.66 28.68 18.42
N ILE C 380 -19.19 29.53 17.54
CA ILE C 380 -19.61 30.88 17.94
C ILE C 380 -21.09 30.83 18.32
N GLU C 381 -21.38 31.15 19.56
CA GLU C 381 -22.72 30.95 20.13
C GLU C 381 -23.68 32.16 20.04
N ALA C 382 -23.13 33.36 20.13
CA ALA C 382 -23.91 34.59 20.06
C ALA C 382 -22.99 35.78 19.90
N LEU C 383 -23.52 36.83 19.28
CA LEU C 383 -22.78 38.05 19.04
C LEU C 383 -23.69 39.23 19.35
N THR C 384 -23.27 40.07 20.30
CA THR C 384 -23.92 41.34 20.55
C THR C 384 -23.01 42.44 20.00
N SER C 385 -23.30 43.71 20.31
CA SER C 385 -22.49 44.82 19.81
C SER C 385 -21.25 45.10 20.65
N ASP C 386 -21.12 44.40 21.78
CA ASP C 386 -19.98 44.57 22.70
C ASP C 386 -19.19 43.27 22.86
N TYR C 387 -19.91 42.15 22.82
CA TYR C 387 -19.30 40.84 23.13
C TYR C 387 -19.63 39.76 22.12
N LEU C 388 -18.66 38.86 21.93
CA LEU C 388 -18.85 37.62 21.20
C LEU C 388 -18.71 36.44 22.16
N TYR C 389 -19.72 35.57 22.13
CA TYR C 389 -19.78 34.40 22.99
C TYR C 389 -19.40 33.16 22.19
N TYR C 390 -18.49 32.36 22.75
CA TYR C 390 -18.00 31.17 22.04
C TYR C 390 -17.64 30.04 22.99
N ILE C 391 -17.68 28.80 22.49
CA ILE C 391 -17.26 27.62 23.24
C ILE C 391 -15.91 27.20 22.69
N SER C 392 -15.00 26.81 23.58
CA SER C 392 -13.67 26.32 23.18
C SER C 392 -13.17 25.28 24.17
N ASN C 393 -12.03 24.65 23.86
CA ASN C 393 -11.39 23.67 24.75
C ASN C 393 -10.10 24.20 25.42
N GLU C 394 -9.96 25.52 25.48
CA GLU C 394 -8.79 26.15 26.07
C GLU C 394 -8.50 25.76 27.52
N TYR C 395 -9.52 25.70 28.36
CA TYR C 395 -9.31 25.51 29.80
C TYR C 395 -8.40 24.33 30.13
N LYS C 396 -7.38 24.59 30.94
CA LYS C 396 -6.45 23.56 31.41
C LYS C 396 -5.81 22.74 30.28
N GLY C 397 -5.85 23.28 29.06
CA GLY C 397 -5.32 22.58 27.89
C GLY C 397 -5.85 21.16 27.74
N MET C 398 -7.17 21.00 27.89
CA MET C 398 -7.85 19.70 27.78
C MET C 398 -8.79 19.73 26.57
N PRO C 399 -8.38 19.09 25.46
CA PRO C 399 -9.15 19.11 24.23
C PRO C 399 -10.56 18.54 24.40
N GLY C 400 -10.76 17.72 25.43
CA GLY C 400 -12.05 17.06 25.66
C GLY C 400 -12.97 17.79 26.61
N GLY C 401 -12.53 18.96 27.10
CA GLY C 401 -13.38 19.84 27.89
C GLY C 401 -13.98 20.92 27.00
N ARG C 402 -15.00 21.62 27.51
CA ARG C 402 -15.69 22.69 26.77
C ARG C 402 -16.22 23.74 27.75
N ASN C 403 -15.88 25.00 27.51
CA ASN C 403 -16.36 26.08 28.34
C ASN C 403 -16.80 27.26 27.51
N LEU C 404 -17.75 28.03 28.03
CA LEU C 404 -18.25 29.26 27.40
C LEU C 404 -17.42 30.44 27.84
N TYR C 405 -16.88 31.16 26.85
CA TYR C 405 -16.11 32.37 27.07
C TYR C 405 -16.81 33.51 26.37
N LYS C 406 -16.58 34.73 26.84
CA LYS C 406 -16.92 35.95 26.08
C LYS C 406 -15.73 36.89 25.86
N ILE C 407 -15.65 37.43 24.65
CA ILE C 407 -14.56 38.32 24.26
C ILE C 407 -15.08 39.72 23.90
N GLN C 408 -14.43 40.74 24.45
CA GLN C 408 -14.77 42.12 24.18
C GLN C 408 -14.31 42.53 22.78
N LEU C 409 -15.28 42.85 21.92
CA LEU C 409 -15.03 43.23 20.52
C LEU C 409 -14.11 44.43 20.33
N SER C 410 -14.05 45.30 21.33
CA SER C 410 -13.16 46.47 21.27
C SER C 410 -11.81 46.21 21.92
N ASP C 411 -11.63 45.04 22.52
CA ASP C 411 -10.37 44.72 23.19
C ASP C 411 -10.21 43.22 23.31
N TYR C 412 -9.45 42.63 22.40
CA TYR C 412 -9.35 41.18 22.28
C TYR C 412 -8.59 40.52 23.43
N THR C 413 -7.93 41.35 24.24
CA THR C 413 -7.23 40.90 25.44
C THR C 413 -8.19 40.71 26.61
N LYS C 414 -9.35 41.35 26.54
CA LYS C 414 -10.39 41.19 27.56
C LYS C 414 -11.24 39.96 27.26
N VAL C 415 -10.73 38.79 27.68
CA VAL C 415 -11.40 37.50 27.48
C VAL C 415 -11.75 36.87 28.82
N THR C 416 -13.04 36.61 29.04
CA THR C 416 -13.55 36.01 30.28
C THR C 416 -14.14 34.62 30.02
N CYS C 417 -13.78 33.65 30.86
CA CYS C 417 -14.47 32.36 30.89
C CYS C 417 -15.66 32.45 31.82
N LEU C 418 -16.85 32.22 31.27
CA LEU C 418 -18.10 32.32 32.00
C LEU C 418 -18.49 31.02 32.72
N SER C 419 -17.91 29.90 32.31
CA SER C 419 -18.26 28.62 32.92
C SER C 419 -17.17 27.92 33.74
N CYS C 420 -15.90 28.17 33.40
CA CYS C 420 -14.76 27.43 33.97
C CYS C 420 -14.86 27.13 35.46
N GLU C 421 -15.25 28.13 36.24
CA GLU C 421 -15.15 28.07 37.70
C GLU C 421 -16.51 27.93 38.40
N LEU C 422 -17.58 27.81 37.62
CA LEU C 422 -18.91 27.64 38.20
C LEU C 422 -18.94 26.46 39.15
N ASN C 423 -18.53 25.29 38.65
CA ASN C 423 -18.35 24.07 39.43
C ASN C 423 -17.14 23.31 38.87
N PRO C 424 -15.93 23.65 39.32
CA PRO C 424 -14.74 23.03 38.68
C PRO C 424 -14.71 21.49 38.69
N GLU C 425 -15.13 20.89 39.81
CA GLU C 425 -15.03 19.45 40.03
C GLU C 425 -16.07 18.66 39.24
N ARG C 426 -17.26 19.23 39.15
CA ARG C 426 -18.42 18.53 38.61
C ARG C 426 -18.67 18.85 37.12
N CYS C 427 -18.10 19.96 36.64
CA CYS C 427 -18.49 20.54 35.34
C CYS C 427 -17.32 21.02 34.48
N GLN C 428 -17.11 20.34 33.35
CA GLN C 428 -16.00 20.66 32.44
C GLN C 428 -16.43 20.56 30.97
N TYR C 429 -17.73 20.34 30.77
CA TYR C 429 -18.25 20.18 29.43
C TYR C 429 -19.56 20.92 29.36
N TYR C 430 -19.51 22.08 28.73
CA TYR C 430 -20.65 22.99 28.67
C TYR C 430 -21.15 23.16 27.26
N SER C 431 -22.46 23.32 27.13
CA SER C 431 -23.09 23.91 25.97
C SER C 431 -23.99 25.03 26.50
N VAL C 432 -24.50 25.87 25.61
CA VAL C 432 -25.24 27.05 26.06
C VAL C 432 -26.49 27.37 25.22
N SER C 433 -27.52 27.91 25.86
CA SER C 433 -28.65 28.44 25.11
C SER C 433 -29.04 29.88 25.52
N PHE C 434 -28.75 30.83 24.64
CA PHE C 434 -29.07 32.26 24.81
C PHE C 434 -30.50 32.61 24.42
N SER C 435 -31.07 33.63 25.06
CA SER C 435 -32.35 34.17 24.63
C SER C 435 -32.22 34.97 23.32
N LYS C 436 -33.34 35.51 22.82
CA LYS C 436 -33.37 36.18 21.50
C LYS C 436 -32.34 37.29 21.22
N GLU C 437 -32.09 38.15 22.21
CA GLU C 437 -31.04 39.16 22.08
C GLU C 437 -29.90 38.92 23.09
N ALA C 438 -29.70 37.65 23.45
CA ALA C 438 -28.68 37.21 24.41
C ALA C 438 -28.71 37.88 25.80
N LYS C 439 -29.90 38.25 26.30
CA LYS C 439 -30.02 38.81 27.65
C LYS C 439 -29.84 37.74 28.74
N TYR C 440 -30.24 36.52 28.43
CA TYR C 440 -30.05 35.40 29.35
C TYR C 440 -29.44 34.25 28.59
N TYR C 441 -28.84 33.34 29.33
CA TYR C 441 -28.40 32.05 28.79
C TYR C 441 -28.64 30.91 29.78
N GLN C 442 -29.05 29.78 29.24
CA GLN C 442 -29.09 28.54 29.98
C GLN C 442 -27.74 27.90 29.73
N LEU C 443 -27.07 27.47 30.79
CA LEU C 443 -25.88 26.64 30.65
C LEU C 443 -26.23 25.17 30.90
N ARG C 444 -25.68 24.30 30.06
CA ARG C 444 -25.81 22.87 30.29
C ARG C 444 -24.47 22.18 30.48
N CYS C 445 -24.26 21.71 31.70
CA CYS C 445 -23.07 20.97 32.07
C CYS C 445 -23.33 19.46 31.90
N SER C 446 -22.50 18.78 31.12
CA SER C 446 -22.72 17.39 30.70
C SER C 446 -21.83 16.36 31.39
N GLY C 447 -21.02 16.83 32.33
CA GLY C 447 -20.02 16.00 32.97
C GLY C 447 -18.80 16.83 33.34
N PRO C 448 -17.85 16.25 34.11
CA PRO C 448 -17.76 14.81 34.41
C PRO C 448 -18.75 14.29 35.45
N GLY C 449 -19.28 15.17 36.30
CA GLY C 449 -20.30 14.77 37.27
C GLY C 449 -21.67 14.69 36.59
N LEU C 450 -22.72 14.58 37.39
CA LEU C 450 -24.10 14.56 36.88
C LEU C 450 -24.45 15.84 36.13
N PRO C 451 -25.10 15.71 34.95
CA PRO C 451 -25.55 16.90 34.21
C PRO C 451 -26.28 17.94 35.06
N LEU C 452 -25.98 19.22 34.82
CA LEU C 452 -26.53 20.31 35.62
C LEU C 452 -26.94 21.47 34.71
N TYR C 453 -28.15 21.97 34.94
CA TYR C 453 -28.74 23.01 34.12
C TYR C 453 -28.96 24.25 34.98
N THR C 454 -28.43 25.38 34.51
CA THR C 454 -28.50 26.64 35.25
C THR C 454 -28.86 27.82 34.34
N LEU C 455 -29.51 28.84 34.91
CA LEU C 455 -29.89 30.05 34.14
C LEU C 455 -29.07 31.25 34.59
N HIS C 456 -28.71 32.10 33.62
CA HIS C 456 -27.80 33.21 33.86
C HIS C 456 -28.21 34.45 33.08
N SER C 457 -28.08 35.63 33.72
CA SER C 457 -28.21 36.90 33.02
C SER C 457 -26.84 37.38 32.53
N SER C 458 -26.77 37.79 31.27
CA SER C 458 -25.51 38.14 30.64
C SER C 458 -25.00 39.53 31.02
N VAL C 459 -25.87 40.38 31.57
CA VAL C 459 -25.48 41.75 31.96
C VAL C 459 -24.23 41.73 32.86
N ASN C 460 -24.26 40.95 33.93
CA ASN C 460 -23.08 40.80 34.78
C ASN C 460 -22.72 39.35 35.08
N ASP C 461 -23.16 38.46 34.21
CA ASP C 461 -22.88 37.02 34.28
C ASP C 461 -23.11 36.43 35.68
N LYS C 462 -24.28 36.73 36.24
CA LYS C 462 -24.65 36.18 37.53
C LYS C 462 -25.57 34.97 37.36
N GLY C 463 -25.50 34.04 38.30
CA GLY C 463 -26.41 32.92 38.34
C GLY C 463 -27.77 33.34 38.88
N LEU C 464 -28.82 32.96 38.18
CA LEU C 464 -30.18 33.20 38.65
C LEU C 464 -30.65 32.01 39.48
N ARG C 465 -30.55 30.80 38.91
CA ARG C 465 -31.06 29.62 39.58
C ARG C 465 -30.63 28.33 38.89
N VAL C 466 -30.66 27.25 39.69
CA VAL C 466 -30.54 25.88 39.22
C VAL C 466 -31.90 25.49 38.63
N LEU C 467 -31.88 25.10 37.37
CA LEU C 467 -33.07 24.62 36.69
C LEU C 467 -33.25 23.11 36.95
N GLU C 468 -32.17 22.35 36.85
CA GLU C 468 -32.19 20.90 37.10
C GLU C 468 -30.81 20.43 37.57
N ASP C 469 -30.77 19.78 38.73
CA ASP C 469 -29.50 19.33 39.34
C ASP C 469 -29.33 17.81 39.41
N ASN C 470 -30.26 17.07 38.80
CA ASN C 470 -30.28 15.60 38.80
C ASN C 470 -30.14 14.99 40.18
N SER C 471 -30.79 15.62 41.17
CA SER C 471 -30.66 15.18 42.55
C SER C 471 -31.48 13.91 42.81
N ALA C 472 -32.55 13.72 42.04
CA ALA C 472 -33.27 12.44 42.08
C ALA C 472 -32.36 11.26 41.71
N LEU C 473 -31.57 11.39 40.64
CA LEU C 473 -30.59 10.37 40.25
C LEU C 473 -29.42 10.23 41.23
N ASP C 474 -28.91 11.35 41.71
CA ASP C 474 -27.88 11.34 42.74
C ASP C 474 -28.31 10.45 43.91
N LYS C 475 -29.53 10.66 44.40
CA LYS C 475 -30.12 9.84 45.45
C LYS C 475 -30.09 8.34 45.12
N MET C 476 -30.48 7.97 43.90
CA MET C 476 -30.56 6.57 43.49
C MET C 476 -29.19 5.87 43.44
N LEU C 477 -28.16 6.62 43.09
CA LEU C 477 -26.82 6.05 42.88
C LEU C 477 -26.00 5.90 44.15
N GLN C 478 -26.58 6.28 45.28
CA GLN C 478 -25.87 6.30 46.58
C GLN C 478 -25.23 4.96 46.98
N ASN C 479 -25.98 3.87 46.85
CA ASN C 479 -25.47 2.51 47.10
C ASN C 479 -25.30 1.67 45.82
N VAL C 480 -25.09 2.34 44.68
CA VAL C 480 -24.72 1.66 43.44
C VAL C 480 -23.22 1.75 43.21
N GLN C 481 -22.57 0.61 42.98
CA GLN C 481 -21.16 0.57 42.64
C GLN C 481 -20.94 1.03 41.19
N MET C 482 -20.84 2.34 41.04
CA MET C 482 -20.63 2.95 39.73
C MET C 482 -19.14 2.97 39.38
N PRO C 483 -18.81 2.94 38.08
CA PRO C 483 -17.45 3.12 37.59
C PRO C 483 -16.99 4.56 37.67
N SER C 484 -15.71 4.79 37.39
CA SER C 484 -15.16 6.14 37.23
C SER C 484 -14.57 6.33 35.83
N LYS C 485 -14.27 7.57 35.47
CA LYS C 485 -13.52 7.81 34.25
C LYS C 485 -12.16 8.39 34.58
N LYS C 486 -11.14 7.81 33.97
CA LYS C 486 -9.81 8.38 34.00
C LYS C 486 -9.59 9.02 32.63
N LEU C 487 -9.21 10.29 32.63
CA LEU C 487 -8.98 11.07 31.42
C LEU C 487 -7.54 11.56 31.47
N ASP C 488 -6.75 11.20 30.47
CA ASP C 488 -5.33 11.51 30.47
C ASP C 488 -4.77 11.36 29.07
N PHE C 489 -3.45 11.51 28.95
CA PHE C 489 -2.78 11.40 27.67
C PHE C 489 -1.58 10.47 27.74
N ILE C 490 -1.13 10.06 26.55
CA ILE C 490 0.15 9.40 26.38
C ILE C 490 0.91 10.21 25.34
N ILE C 491 2.25 10.14 25.37
CA ILE C 491 3.09 10.98 24.52
C ILE C 491 3.75 10.12 23.42
N LEU C 492 2.99 9.85 22.37
CA LEU C 492 3.49 9.11 21.21
C LEU C 492 4.18 10.01 20.18
N ASN C 493 5.36 9.62 19.71
CA ASN C 493 6.13 10.40 18.75
C ASN C 493 6.22 11.86 19.21
N GLU C 494 6.60 12.01 20.47
CA GLU C 494 6.45 13.26 21.26
C GLU C 494 5.30 14.18 20.82
N THR C 495 4.09 13.63 20.88
CA THR C 495 2.82 14.36 20.69
C THR C 495 1.82 13.80 21.72
N LYS C 496 1.06 14.68 22.36
CA LYS C 496 0.05 14.27 23.32
C LYS C 496 -1.14 13.62 22.63
N PHE C 497 -1.53 12.44 23.10
CA PHE C 497 -2.74 11.77 22.61
C PHE C 497 -3.59 11.33 23.78
N TRP C 498 -4.86 11.72 23.73
CA TRP C 498 -5.75 11.58 24.86
C TRP C 498 -6.55 10.29 24.76
N TYR C 499 -6.82 9.72 25.91
CA TYR C 499 -7.62 8.53 26.03
C TYR C 499 -8.46 8.71 27.29
N GLN C 500 -9.54 7.94 27.37
CA GLN C 500 -10.30 7.83 28.59
C GLN C 500 -10.46 6.36 28.94
N MET C 501 -10.68 6.09 30.22
CA MET C 501 -10.96 4.73 30.67
C MET C 501 -12.16 4.70 31.57
N ILE C 502 -13.13 3.85 31.24
CA ILE C 502 -14.23 3.60 32.15
C ILE C 502 -13.79 2.44 33.04
N LEU C 503 -13.54 2.75 34.31
CA LEU C 503 -12.88 1.84 35.24
C LEU C 503 -13.87 1.25 36.23
N PRO C 504 -13.82 -0.08 36.41
CA PRO C 504 -14.74 -0.77 37.32
C PRO C 504 -14.60 -0.22 38.75
N PRO C 505 -15.69 -0.27 39.55
CA PRO C 505 -15.64 0.22 40.93
C PRO C 505 -14.53 -0.49 41.72
N HIS C 506 -14.04 0.14 42.80
CA HIS C 506 -12.94 -0.41 43.62
C HIS C 506 -11.76 -0.85 42.76
N PHE C 507 -11.41 0.00 41.78
CA PHE C 507 -10.37 -0.30 40.81
C PHE C 507 -9.00 -0.45 41.48
N ASP C 508 -8.39 -1.61 41.26
CA ASP C 508 -7.10 -1.97 41.83
C ASP C 508 -6.12 -2.10 40.68
N LYS C 509 -5.15 -1.19 40.62
CA LYS C 509 -4.13 -1.19 39.56
C LYS C 509 -3.10 -2.33 39.69
N SER C 510 -3.24 -3.13 40.75
CA SER C 510 -2.38 -4.29 40.90
C SER C 510 -3.04 -5.49 40.25
N LYS C 511 -4.35 -5.42 40.04
CA LYS C 511 -5.10 -6.49 39.37
C LYS C 511 -5.00 -6.36 37.86
N LYS C 512 -5.40 -7.41 37.14
CA LYS C 512 -5.47 -7.38 35.68
C LYS C 512 -6.91 -7.52 35.18
N TYR C 513 -7.40 -6.46 34.52
CA TYR C 513 -8.77 -6.44 33.99
C TYR C 513 -8.81 -6.77 32.49
N PRO C 514 -9.91 -7.40 32.03
CA PRO C 514 -10.10 -7.45 30.59
C PRO C 514 -10.31 -6.02 30.07
N LEU C 515 -9.95 -5.77 28.81
CA LEU C 515 -10.11 -4.43 28.26
C LEU C 515 -10.90 -4.47 26.96
N LEU C 516 -11.91 -3.61 26.89
CA LEU C 516 -12.62 -3.33 25.64
C LEU C 516 -12.21 -1.96 25.10
N LEU C 517 -11.69 -1.93 23.88
CA LEU C 517 -11.44 -0.70 23.19
C LEU C 517 -12.73 -0.33 22.46
N ASP C 518 -13.38 0.72 22.96
CA ASP C 518 -14.53 1.28 22.31
C ASP C 518 -13.95 2.30 21.33
N VAL C 519 -14.17 2.05 20.03
CA VAL C 519 -13.56 2.87 19.01
C VAL C 519 -14.55 3.58 18.12
N TYR C 520 -14.23 4.81 17.74
CA TYR C 520 -14.83 5.43 16.56
C TYR C 520 -13.74 5.79 15.52
N ALA C 521 -12.94 6.81 15.83
CA ALA C 521 -11.72 7.16 15.06
C ALA C 521 -11.91 7.80 13.69
N GLY C 522 -13.15 8.20 13.38
CA GLY C 522 -13.42 8.97 12.16
C GLY C 522 -12.69 10.30 12.19
N PRO C 523 -12.58 10.97 11.02
CA PRO C 523 -11.95 12.28 10.92
C PRO C 523 -12.67 13.36 11.71
N CYS C 524 -11.91 13.99 12.62
CA CYS C 524 -12.39 15.01 13.55
C CYS C 524 -13.18 14.40 14.70
N SER C 525 -12.96 13.12 14.99
CA SER C 525 -13.68 12.50 16.10
C SER C 525 -13.03 12.83 17.43
N GLN C 526 -13.81 12.62 18.49
CA GLN C 526 -13.33 12.74 19.85
C GLN C 526 -14.09 11.77 20.70
N LYS C 527 -13.40 10.71 21.13
CA LYS C 527 -13.94 9.69 21.99
C LYS C 527 -13.43 9.79 23.42
N ALA C 528 -12.48 10.70 23.66
CA ALA C 528 -12.02 10.98 25.03
C ALA C 528 -12.46 12.39 25.42
N ASP C 529 -13.38 12.47 26.38
CA ASP C 529 -13.89 13.76 26.84
C ASP C 529 -14.31 13.73 28.31
N THR C 530 -14.91 14.82 28.76
CA THR C 530 -15.32 14.93 30.15
C THR C 530 -16.81 14.67 30.39
N VAL C 531 -17.52 14.17 29.36
CA VAL C 531 -18.96 13.92 29.45
C VAL C 531 -19.32 12.69 30.31
N PHE C 532 -20.28 12.85 31.22
CA PHE C 532 -20.82 11.75 32.01
C PHE C 532 -21.85 10.96 31.21
N ARG C 533 -21.70 9.64 31.20
CA ARG C 533 -22.60 8.77 30.42
C ARG C 533 -23.18 7.59 31.18
N LEU C 534 -24.43 7.30 30.89
CA LEU C 534 -25.03 6.07 31.35
C LEU C 534 -25.31 5.25 30.11
N ASN C 535 -24.38 4.33 29.81
CA ASN C 535 -24.44 3.51 28.60
C ASN C 535 -23.96 2.07 28.83
N TRP C 536 -23.65 1.38 27.73
CA TRP C 536 -23.27 -0.04 27.75
C TRP C 536 -21.95 -0.25 28.48
N ALA C 537 -21.01 0.67 28.25
CA ALA C 537 -19.72 0.69 28.94
C ALA C 537 -19.90 0.77 30.45
N THR C 538 -20.85 1.60 30.90
CA THR C 538 -21.20 1.71 32.33
C THR C 538 -21.50 0.33 32.92
N TYR C 539 -22.34 -0.44 32.25
CA TYR C 539 -22.68 -1.80 32.67
C TYR C 539 -21.46 -2.73 32.66
N LEU C 540 -20.67 -2.68 31.59
CA LEU C 540 -19.51 -3.58 31.45
C LEU C 540 -18.46 -3.37 32.53
N ALA C 541 -18.21 -2.11 32.88
CA ALA C 541 -17.31 -1.77 33.99
C ALA C 541 -17.96 -2.08 35.35
N SER C 542 -19.16 -1.54 35.55
CA SER C 542 -19.87 -1.68 36.82
C SER C 542 -20.16 -3.12 37.16
N THR C 543 -20.77 -3.85 36.24
CA THR C 543 -21.22 -5.22 36.52
C THR C 543 -20.20 -6.28 36.14
N GLU C 544 -19.55 -6.12 34.99
CA GLU C 544 -18.69 -7.18 34.47
C GLU C 544 -17.20 -6.98 34.74
N ASN C 545 -16.87 -5.89 35.45
CA ASN C 545 -15.48 -5.51 35.78
C ASN C 545 -14.53 -5.50 34.56
N ILE C 546 -15.04 -5.00 33.44
CA ILE C 546 -14.23 -4.77 32.25
C ILE C 546 -13.87 -3.29 32.16
N ILE C 547 -12.60 -2.99 31.89
CA ILE C 547 -12.22 -1.62 31.54
C ILE C 547 -12.65 -1.33 30.11
N VAL C 548 -13.40 -0.24 29.93
CA VAL C 548 -13.76 0.21 28.58
C VAL C 548 -12.98 1.48 28.26
N ALA C 549 -12.09 1.40 27.26
CA ALA C 549 -11.16 2.47 26.93
C ALA C 549 -11.40 3.04 25.53
N SER C 550 -11.03 4.30 25.33
CA SER C 550 -11.16 4.97 24.03
C SER C 550 -9.96 5.85 23.77
N PHE C 551 -9.67 6.08 22.50
CA PHE C 551 -8.44 6.74 22.15
C PHE C 551 -8.57 7.57 20.91
N ASP C 552 -8.19 8.84 21.05
CA ASP C 552 -8.15 9.82 19.99
C ASP C 552 -6.70 9.91 19.48
N GLY C 553 -6.46 9.27 18.33
CA GLY C 553 -5.15 9.31 17.66
C GLY C 553 -5.15 10.22 16.45
N ARG C 554 -4.22 9.97 15.53
CA ARG C 554 -4.11 10.80 14.33
C ARG C 554 -5.43 10.80 13.57
N GLY C 555 -5.90 11.98 13.21
CA GLY C 555 -7.18 12.13 12.49
C GLY C 555 -8.26 12.65 13.40
N SER C 556 -8.02 12.58 14.71
CA SER C 556 -8.99 13.02 15.69
C SER C 556 -9.09 14.57 15.68
N GLY C 557 -10.17 15.11 16.21
CA GLY C 557 -10.46 16.52 16.03
C GLY C 557 -10.15 17.36 17.25
N TYR C 558 -10.30 18.68 17.08
CA TYR C 558 -10.24 19.65 18.17
C TYR C 558 -8.85 19.88 18.77
N GLN C 559 -7.81 19.45 18.04
CA GLN C 559 -6.42 19.59 18.50
C GLN C 559 -5.48 20.06 17.40
N GLY C 560 -6.03 20.69 16.38
CA GLY C 560 -5.21 21.25 15.31
C GLY C 560 -5.22 20.36 14.08
N ASP C 561 -4.88 20.97 12.94
CA ASP C 561 -4.91 20.32 11.63
C ASP C 561 -3.79 19.31 11.40
N LYS C 562 -2.72 19.39 12.21
CA LYS C 562 -1.59 18.48 12.03
C LYS C 562 -1.97 17.10 12.52
N ILE C 563 -2.80 17.05 13.57
CA ILE C 563 -3.44 15.82 14.02
C ILE C 563 -4.59 15.42 13.10
N MET C 564 -5.51 16.35 12.83
CA MET C 564 -6.73 16.05 12.06
C MET C 564 -6.47 15.68 10.60
N HIS C 565 -5.56 16.40 9.94
CA HIS C 565 -5.30 16.17 8.53
C HIS C 565 -4.32 15.01 8.26
N ALA C 566 -3.77 14.42 9.32
CA ALA C 566 -2.82 13.31 9.23
C ALA C 566 -3.32 12.17 8.35
N ILE C 567 -4.62 11.89 8.40
CA ILE C 567 -5.22 10.82 7.60
C ILE C 567 -5.79 11.25 6.24
N ASN C 568 -5.53 12.51 5.85
CA ASN C 568 -6.03 13.03 4.58
C ASN C 568 -5.59 12.13 3.42
N ARG C 569 -6.55 11.81 2.55
CA ARG C 569 -6.34 10.96 1.37
C ARG C 569 -6.00 9.51 1.69
N ARG C 570 -6.11 9.16 2.98
CA ARG C 570 -5.50 7.94 3.51
C ARG C 570 -6.33 7.38 4.66
N LEU C 571 -7.63 7.20 4.44
CA LEU C 571 -8.48 6.52 5.44
C LEU C 571 -8.07 5.04 5.58
N GLY C 572 -8.20 4.51 6.78
CA GLY C 572 -7.86 3.13 7.08
C GLY C 572 -6.40 2.87 7.41
N THR C 573 -5.65 3.92 7.72
CA THR C 573 -4.20 3.81 7.97
C THR C 573 -3.81 4.20 9.39
N PHE C 574 -3.40 5.45 9.59
CA PHE C 574 -2.81 5.89 10.87
C PHE C 574 -3.78 5.81 12.03
N GLU C 575 -5.04 6.08 11.73
CA GLU C 575 -6.14 6.04 12.67
C GLU C 575 -6.38 4.62 13.19
N VAL C 576 -6.34 3.65 12.26
CA VAL C 576 -6.37 2.23 12.57
C VAL C 576 -5.10 1.82 13.33
N GLU C 577 -3.95 2.30 12.86
CA GLU C 577 -2.66 1.96 13.46
C GLU C 577 -2.50 2.52 14.87
N ASP C 578 -3.16 3.66 15.13
CA ASP C 578 -3.07 4.29 16.45
C ASP C 578 -3.90 3.63 17.54
N GLN C 579 -4.99 2.97 17.15
CA GLN C 579 -5.81 2.20 18.09
C GLN C 579 -5.05 0.97 18.58
N ILE C 580 -4.36 0.30 17.66
CA ILE C 580 -3.49 -0.82 17.98
C ILE C 580 -2.40 -0.42 18.97
N GLU C 581 -1.70 0.68 18.68
CA GLU C 581 -0.66 1.17 19.59
C GLU C 581 -1.24 1.63 20.93
N ALA C 582 -2.38 2.33 20.89
CA ALA C 582 -3.13 2.62 22.12
C ALA C 582 -3.26 1.37 23.00
N ALA C 583 -3.81 0.28 22.44
CA ALA C 583 -3.93 -1.01 23.14
C ALA C 583 -2.61 -1.54 23.69
N ARG C 584 -1.55 -1.48 22.88
CA ARG C 584 -0.18 -1.83 23.33
C ARG C 584 0.25 -1.02 24.55
N GLN C 585 0.01 0.29 24.54
CA GLN C 585 0.37 1.20 25.64
C GLN C 585 -0.39 0.90 26.92
N PHE C 586 -1.68 0.58 26.76
CA PHE C 586 -2.55 0.26 27.89
C PHE C 586 -2.11 -1.02 28.63
N SER C 587 -1.63 -2.00 27.87
CA SER C 587 -1.09 -3.24 28.45
C SER C 587 0.09 -2.92 29.35
N LYS C 588 1.00 -2.09 28.84
CA LYS C 588 2.23 -1.73 29.53
C LYS C 588 2.01 -0.77 30.70
N MET C 589 0.77 -0.36 30.92
CA MET C 589 0.36 0.38 32.11
C MET C 589 0.22 -0.56 33.31
N GLY C 590 0.00 -1.85 33.02
CA GLY C 590 0.24 -2.91 34.00
C GLY C 590 -0.97 -3.46 34.75
N PHE C 591 -2.16 -2.95 34.43
CA PHE C 591 -3.40 -3.43 35.02
C PHE C 591 -4.33 -4.07 33.97
N VAL C 592 -3.74 -4.41 32.82
CA VAL C 592 -4.50 -5.02 31.72
C VAL C 592 -4.05 -6.46 31.47
N ASP C 593 -5.02 -7.37 31.45
CA ASP C 593 -4.83 -8.76 31.05
C ASP C 593 -4.64 -8.80 29.53
N ASN C 594 -3.41 -9.08 29.11
CA ASN C 594 -3.01 -9.17 27.69
C ASN C 594 -3.80 -10.16 26.84
N LYS C 595 -4.34 -11.20 27.46
CA LYS C 595 -5.02 -12.29 26.77
C LYS C 595 -6.48 -11.95 26.48
N ARG C 596 -6.94 -10.87 27.12
CA ARG C 596 -8.34 -10.47 27.07
C ARG C 596 -8.48 -8.97 26.73
N ILE C 597 -8.18 -8.65 25.47
CA ILE C 597 -8.40 -7.32 24.91
C ILE C 597 -9.34 -7.46 23.70
N ALA C 598 -10.51 -6.83 23.81
CA ALA C 598 -11.46 -6.78 22.73
C ALA C 598 -11.53 -5.37 22.16
N ILE C 599 -12.21 -5.23 21.03
CA ILE C 599 -12.33 -3.96 20.35
C ILE C 599 -13.72 -3.92 19.73
N TRP C 600 -14.39 -2.78 19.79
CA TRP C 600 -15.69 -2.67 19.12
C TRP C 600 -16.01 -1.26 18.69
N GLY C 601 -16.83 -1.15 17.65
CA GLY C 601 -17.34 0.14 17.19
C GLY C 601 -18.54 0.01 16.27
N TRP C 602 -19.14 1.15 15.96
CA TRP C 602 -20.32 1.24 15.15
C TRP C 602 -19.96 2.14 13.97
N SER C 603 -20.27 1.67 12.76
CA SER C 603 -20.15 2.51 11.56
C SER C 603 -18.68 2.77 11.20
N TYR C 604 -18.19 4.03 11.26
CA TYR C 604 -16.75 4.27 11.10
C TYR C 604 -16.03 3.42 12.14
N GLY C 605 -16.63 3.33 13.35
CA GLY C 605 -16.11 2.48 14.43
C GLY C 605 -16.08 1.00 14.08
N GLY C 606 -17.04 0.55 13.28
CA GLY C 606 -17.09 -0.82 12.79
C GLY C 606 -16.02 -1.06 11.74
N TYR C 607 -15.78 -0.05 10.90
CA TYR C 607 -14.69 -0.05 9.93
C TYR C 607 -13.33 -0.25 10.59
N VAL C 608 -13.01 0.62 11.55
CA VAL C 608 -11.74 0.55 12.30
C VAL C 608 -11.60 -0.76 13.11
N THR C 609 -12.66 -1.16 13.80
CA THR C 609 -12.72 -2.46 14.46
C THR C 609 -12.32 -3.58 13.50
N SER C 610 -12.95 -3.61 12.31
CA SER C 610 -12.68 -4.62 11.28
C SER C 610 -11.27 -4.53 10.67
N MET C 611 -10.78 -3.31 10.51
CA MET C 611 -9.44 -3.12 9.97
C MET C 611 -8.39 -3.52 10.99
N VAL C 612 -8.64 -3.22 12.26
CA VAL C 612 -7.78 -3.64 13.36
C VAL C 612 -7.72 -5.18 13.52
N LEU C 613 -8.88 -5.83 13.51
CA LEU C 613 -8.96 -7.28 13.64
C LEU C 613 -8.36 -8.06 12.46
N GLY C 614 -8.25 -7.41 11.31
CA GLY C 614 -7.62 -8.02 10.14
C GLY C 614 -6.22 -7.51 9.89
N SER C 615 -5.62 -6.88 10.91
CA SER C 615 -4.28 -6.31 10.78
C SER C 615 -3.18 -7.35 10.98
N GLY C 616 -3.51 -8.42 11.69
CA GLY C 616 -2.54 -9.43 12.09
C GLY C 616 -1.66 -9.02 13.26
N SER C 617 -2.12 -8.05 14.06
CA SER C 617 -1.35 -7.49 15.17
C SER C 617 -1.20 -8.45 16.36
N GLY C 618 -2.12 -9.38 16.51
CA GLY C 618 -2.09 -10.32 17.61
C GLY C 618 -2.51 -9.74 18.95
N VAL C 619 -2.81 -8.44 18.99
CA VAL C 619 -3.15 -7.76 20.24
C VAL C 619 -4.57 -8.09 20.69
N PHE C 620 -5.49 -8.19 19.73
CA PHE C 620 -6.91 -8.36 20.05
C PHE C 620 -7.40 -9.79 19.87
N LYS C 621 -8.15 -10.26 20.86
CA LYS C 621 -8.70 -11.61 20.89
C LYS C 621 -9.99 -11.67 20.08
N CYS C 622 -10.79 -10.62 20.18
CA CYS C 622 -12.09 -10.59 19.54
C CYS C 622 -12.55 -9.16 19.31
N GLY C 623 -13.68 -9.01 18.64
CA GLY C 623 -14.24 -7.71 18.41
C GLY C 623 -15.57 -7.76 17.71
N ILE C 624 -16.32 -6.68 17.89
CA ILE C 624 -17.64 -6.50 17.28
C ILE C 624 -17.69 -5.29 16.35
N ALA C 625 -18.10 -5.53 15.10
CA ALA C 625 -18.35 -4.47 14.13
C ALA C 625 -19.87 -4.32 13.93
N VAL C 626 -20.38 -3.13 14.21
CA VAL C 626 -21.82 -2.89 14.02
C VAL C 626 -21.96 -1.92 12.87
N ALA C 627 -22.79 -2.28 11.90
CA ALA C 627 -23.01 -1.45 10.71
C ALA C 627 -21.74 -0.85 10.09
N PRO C 628 -20.72 -1.69 9.87
CA PRO C 628 -19.46 -1.12 9.42
C PRO C 628 -19.42 -0.69 7.95
N VAL C 629 -18.60 0.33 7.67
CA VAL C 629 -18.08 0.55 6.33
C VAL C 629 -17.08 -0.58 6.05
N SER C 630 -17.07 -1.10 4.82
CA SER C 630 -16.10 -2.14 4.42
C SER C 630 -15.17 -1.70 3.28
N ARG C 631 -15.68 -0.91 2.36
CA ARG C 631 -14.85 -0.22 1.38
C ARG C 631 -15.49 1.10 1.01
N TRP C 632 -14.65 2.10 0.82
CA TRP C 632 -15.07 3.49 0.69
C TRP C 632 -15.83 3.84 -0.58
N GLU C 633 -15.73 2.99 -1.59
CA GLU C 633 -16.49 3.14 -2.83
C GLU C 633 -17.97 2.83 -2.64
N TYR C 634 -18.30 2.17 -1.52
CA TYR C 634 -19.68 1.88 -1.16
C TYR C 634 -20.34 3.05 -0.42
N TYR C 635 -19.52 3.97 0.10
CA TYR C 635 -20.09 5.10 0.85
C TYR C 635 -20.40 6.32 -0.06
N ASP C 636 -21.12 7.30 0.47
CA ASP C 636 -21.55 8.43 -0.35
C ASP C 636 -20.41 9.37 -0.78
N SER C 637 -20.61 10.05 -1.90
CA SER C 637 -19.60 10.91 -2.49
C SER C 637 -19.11 12.05 -1.59
N VAL C 638 -20.03 12.78 -0.95
CA VAL C 638 -19.58 13.99 -0.25
C VAL C 638 -18.73 13.75 1.01
N TYR C 639 -19.10 12.75 1.81
CA TYR C 639 -18.27 12.34 2.94
C TYR C 639 -16.95 11.73 2.46
N THR C 640 -17.00 10.75 1.57
CA THR C 640 -15.81 10.00 1.18
C THR C 640 -14.78 10.82 0.42
N GLU C 641 -15.23 11.57 -0.58
CA GLU C 641 -14.33 12.35 -1.42
C GLU C 641 -13.72 13.52 -0.66
N ARG C 642 -14.40 13.95 0.41
CA ARG C 642 -13.84 14.96 1.31
C ARG C 642 -12.49 14.51 1.83
N TYR C 643 -12.39 13.23 2.21
CA TYR C 643 -11.19 12.67 2.83
C TYR C 643 -10.35 11.83 1.89
N MET C 644 -10.95 11.32 0.80
CA MET C 644 -10.30 10.29 -0.03
C MET C 644 -10.06 10.67 -1.51
N GLY C 645 -10.63 11.79 -1.95
CA GLY C 645 -10.64 12.16 -3.36
C GLY C 645 -11.49 11.25 -4.22
N LEU C 646 -11.23 11.28 -5.52
CA LEU C 646 -11.94 10.43 -6.47
C LEU C 646 -11.27 9.05 -6.63
N PRO C 647 -12.08 7.97 -6.71
CA PRO C 647 -11.54 6.61 -6.90
C PRO C 647 -11.18 6.30 -8.36
N THR C 648 -10.24 7.06 -8.91
CA THR C 648 -9.82 6.91 -10.31
C THR C 648 -8.31 6.73 -10.31
N PRO C 649 -7.76 6.03 -11.32
CA PRO C 649 -6.31 5.86 -11.52
C PRO C 649 -5.46 7.14 -11.33
N GLU C 650 -5.96 8.28 -11.80
CA GLU C 650 -5.22 9.55 -11.76
C GLU C 650 -5.45 10.38 -10.50
N ASP C 651 -6.29 9.87 -9.59
CA ASP C 651 -6.46 10.48 -8.28
C ASP C 651 -6.04 9.48 -7.18
N ASN C 652 -6.99 8.73 -6.62
CA ASN C 652 -6.71 7.95 -5.42
C ASN C 652 -7.19 6.49 -5.41
N LEU C 653 -7.44 5.91 -6.58
CA LEU C 653 -7.93 4.53 -6.65
C LEU C 653 -7.09 3.54 -5.84
N ASP C 654 -5.77 3.64 -5.95
CA ASP C 654 -4.85 2.74 -5.25
C ASP C 654 -5.17 2.62 -3.77
N HIS C 655 -5.42 3.76 -3.10
CA HIS C 655 -5.73 3.68 -1.67
C HIS C 655 -7.17 3.33 -1.36
N TYR C 656 -8.10 3.69 -2.24
CA TYR C 656 -9.46 3.14 -2.19
C TYR C 656 -9.39 1.61 -2.20
N ARG C 657 -8.59 1.05 -3.11
CA ARG C 657 -8.50 -0.40 -3.30
C ARG C 657 -7.65 -1.05 -2.20
N ASN C 658 -6.84 -0.24 -1.54
CA ASN C 658 -5.94 -0.68 -0.50
C ASN C 658 -6.53 -0.71 0.91
N SER C 659 -7.67 -0.06 1.10
CA SER C 659 -8.22 0.15 2.45
C SER C 659 -9.55 -0.56 2.72
N THR C 660 -9.83 -1.60 1.96
CA THR C 660 -11.01 -2.45 2.20
C THR C 660 -10.80 -3.41 3.39
N VAL C 661 -11.89 -3.76 4.05
CA VAL C 661 -11.88 -4.79 5.08
C VAL C 661 -11.70 -6.16 4.39
N MET C 662 -12.32 -6.33 3.21
CA MET C 662 -12.26 -7.60 2.47
C MET C 662 -10.84 -8.12 2.28
N SER C 663 -9.92 -7.25 1.89
CA SER C 663 -8.54 -7.68 1.54
C SER C 663 -7.79 -8.30 2.72
N ARG C 664 -8.29 -8.05 3.94
CA ARG C 664 -7.65 -8.51 5.16
C ARG C 664 -8.36 -9.72 5.76
N ALA C 665 -9.22 -10.37 4.98
CA ALA C 665 -10.03 -11.49 5.46
C ALA C 665 -9.20 -12.67 6.01
N GLU C 666 -8.14 -13.05 5.30
CA GLU C 666 -7.26 -14.13 5.77
C GLU C 666 -6.81 -13.96 7.22
N ASN C 667 -6.43 -12.74 7.59
CA ASN C 667 -6.01 -12.40 8.95
C ASN C 667 -7.06 -12.55 10.04
N PHE C 668 -8.33 -12.64 9.67
CA PHE C 668 -9.40 -12.86 10.65
C PHE C 668 -9.39 -14.25 11.31
N LYS C 669 -8.59 -15.16 10.75
CA LYS C 669 -8.36 -16.49 11.34
C LYS C 669 -7.80 -16.45 12.77
N GLN C 670 -7.22 -15.31 13.13
CA GLN C 670 -6.60 -15.12 14.43
C GLN C 670 -7.54 -14.61 15.55
N VAL C 671 -8.76 -14.21 15.19
CA VAL C 671 -9.67 -13.57 16.16
C VAL C 671 -11.11 -14.13 16.13
N GLU C 672 -11.86 -13.82 17.20
CA GLU C 672 -13.30 -14.00 17.21
C GLU C 672 -14.02 -12.72 16.73
N TYR C 673 -14.93 -12.86 15.77
CA TYR C 673 -15.54 -11.71 15.12
C TYR C 673 -17.05 -11.78 15.09
N LEU C 674 -17.70 -10.71 15.57
CA LEU C 674 -19.15 -10.51 15.46
C LEU C 674 -19.47 -9.35 14.52
N LEU C 675 -20.17 -9.66 13.43
CA LEU C 675 -20.57 -8.71 12.40
C LEU C 675 -22.07 -8.50 12.47
N ILE C 676 -22.50 -7.25 12.71
CA ILE C 676 -23.93 -6.88 12.85
C ILE C 676 -24.32 -5.75 11.89
N HIS C 677 -25.48 -5.88 11.23
CA HIS C 677 -25.94 -4.86 10.29
C HIS C 677 -27.45 -4.94 10.11
N GLY C 678 -28.10 -3.77 10.04
CA GLY C 678 -29.53 -3.68 9.79
C GLY C 678 -29.80 -3.78 8.30
N THR C 679 -30.81 -4.55 7.91
CA THR C 679 -31.10 -4.79 6.50
C THR C 679 -31.62 -3.55 5.74
N ALA C 680 -32.19 -2.61 6.50
CA ALA C 680 -32.74 -1.38 5.91
C ALA C 680 -31.85 -0.16 6.19
N ASP C 681 -30.54 -0.36 6.26
CA ASP C 681 -29.60 0.72 6.52
C ASP C 681 -29.41 1.50 5.22
N ASP C 682 -29.85 2.76 5.25
CA ASP C 682 -29.91 3.61 4.08
C ASP C 682 -28.65 4.47 3.93
N ASN C 683 -27.78 4.38 4.96
CA ASN C 683 -26.61 5.23 5.15
C ASN C 683 -25.36 4.43 4.83
N VAL C 684 -24.99 3.51 5.72
CA VAL C 684 -24.03 2.50 5.32
C VAL C 684 -24.78 1.22 5.02
N HIS C 685 -24.82 0.92 3.73
CA HIS C 685 -25.72 -0.10 3.21
C HIS C 685 -25.33 -1.49 3.67
N PHE C 686 -26.34 -2.31 3.93
CA PHE C 686 -26.15 -3.72 4.29
C PHE C 686 -25.11 -4.39 3.38
N GLN C 687 -25.13 -4.00 2.10
CA GLN C 687 -24.15 -4.34 1.09
C GLN C 687 -22.74 -4.41 1.64
N GLN C 688 -22.41 -3.49 2.53
CA GLN C 688 -21.06 -3.36 3.06
C GLN C 688 -20.69 -4.53 3.96
N SER C 689 -21.65 -4.93 4.78
CA SER C 689 -21.57 -6.08 5.66
C SER C 689 -21.58 -7.38 4.86
N ALA C 690 -22.49 -7.47 3.90
CA ALA C 690 -22.63 -8.61 3.02
C ALA C 690 -21.31 -8.96 2.29
N GLN C 691 -20.49 -7.94 2.05
CA GLN C 691 -19.26 -8.09 1.33
C GLN C 691 -18.14 -8.59 2.25
N ILE C 692 -18.14 -8.13 3.49
CA ILE C 692 -17.26 -8.68 4.53
C ILE C 692 -17.55 -10.16 4.70
N SER C 693 -18.83 -10.52 4.92
CA SER C 693 -19.22 -11.92 5.18
C SER C 693 -18.80 -12.86 4.04
N LYS C 694 -19.01 -12.44 2.80
CA LYS C 694 -18.63 -13.23 1.63
C LYS C 694 -17.09 -13.45 1.54
N ALA C 695 -16.34 -12.47 2.02
CA ALA C 695 -14.89 -12.48 1.99
C ALA C 695 -14.34 -13.45 3.04
N LEU C 696 -14.93 -13.45 4.23
CA LEU C 696 -14.57 -14.39 5.29
C LEU C 696 -14.97 -15.81 4.96
N VAL C 697 -16.12 -15.98 4.30
CA VAL C 697 -16.53 -17.29 3.82
C VAL C 697 -15.53 -17.81 2.77
N ASP C 698 -15.13 -16.94 1.85
CA ASP C 698 -14.24 -17.28 0.74
C ASP C 698 -12.85 -17.71 1.16
N VAL C 699 -12.37 -17.23 2.32
CA VAL C 699 -11.08 -17.70 2.90
C VAL C 699 -11.23 -18.76 4.02
N GLY C 700 -12.48 -19.17 4.28
CA GLY C 700 -12.78 -20.17 5.29
C GLY C 700 -12.61 -19.74 6.74
N VAL C 701 -13.04 -18.53 7.10
CA VAL C 701 -12.99 -18.16 8.53
C VAL C 701 -14.38 -18.17 9.16
N ASP C 702 -14.46 -18.83 10.31
CA ASP C 702 -15.66 -18.81 11.11
C ASP C 702 -15.78 -17.47 11.83
N PHE C 703 -16.99 -16.93 11.85
CA PHE C 703 -17.28 -15.71 12.60
C PHE C 703 -18.72 -15.80 13.04
N GLN C 704 -19.13 -14.85 13.87
CA GLN C 704 -20.53 -14.68 14.30
C GLN C 704 -21.19 -13.53 13.56
N ALA C 705 -22.45 -13.71 13.20
CA ALA C 705 -23.22 -12.71 12.47
C ALA C 705 -24.60 -12.48 13.10
N MET C 706 -25.20 -11.35 12.77
CA MET C 706 -26.57 -11.02 13.14
C MET C 706 -27.03 -9.89 12.21
N TRP C 707 -27.97 -10.19 11.31
CA TRP C 707 -28.69 -9.14 10.57
C TRP C 707 -29.83 -8.67 11.48
N TYR C 708 -30.28 -7.42 11.32
CA TYR C 708 -31.50 -6.94 11.98
C TYR C 708 -32.55 -6.51 10.96
N THR C 709 -33.54 -7.35 10.75
CA THR C 709 -34.55 -7.11 9.73
C THR C 709 -35.20 -5.73 9.90
N ASP C 710 -35.03 -4.88 8.87
CA ASP C 710 -35.77 -3.62 8.70
C ASP C 710 -35.24 -2.51 9.59
N GLU C 711 -34.12 -2.77 10.25
CA GLU C 711 -33.50 -1.75 11.08
C GLU C 711 -32.57 -0.91 10.22
N ASP C 712 -32.37 0.34 10.59
CA ASP C 712 -31.47 1.22 9.86
C ASP C 712 -30.14 1.40 10.59
N HIS C 713 -29.44 2.48 10.28
CA HIS C 713 -28.07 2.70 10.79
C HIS C 713 -28.02 2.77 12.30
N GLY C 714 -29.14 3.16 12.91
CA GLY C 714 -29.22 3.29 14.34
C GLY C 714 -29.63 2.06 15.11
N ILE C 715 -30.16 1.04 14.42
CA ILE C 715 -30.70 -0.16 15.07
C ILE C 715 -31.36 0.25 16.40
N ALA C 716 -32.31 1.17 16.27
CA ALA C 716 -32.76 2.02 17.37
C ALA C 716 -34.16 1.76 17.85
N SER C 717 -34.91 0.90 17.16
CA SER C 717 -36.25 0.55 17.64
C SER C 717 -36.09 -0.10 19.00
N SER C 718 -37.06 0.12 19.87
CA SER C 718 -36.98 -0.34 21.25
C SER C 718 -36.52 -1.82 21.39
N THR C 719 -37.19 -2.74 20.69
CA THR C 719 -36.87 -4.16 20.83
C THR C 719 -35.53 -4.54 20.21
N ALA C 720 -35.14 -3.88 19.12
CA ALA C 720 -33.90 -4.17 18.41
C ALA C 720 -32.72 -3.72 19.19
N HIS C 721 -32.82 -2.52 19.76
CA HIS C 721 -31.79 -1.95 20.60
C HIS C 721 -31.47 -2.85 21.78
N GLN C 722 -32.52 -3.37 22.41
CA GLN C 722 -32.39 -4.32 23.52
C GLN C 722 -31.75 -5.65 23.12
N HIS C 723 -32.07 -6.11 21.92
CA HIS C 723 -31.59 -7.39 21.39
C HIS C 723 -30.10 -7.34 21.01
N ILE C 724 -29.69 -6.27 20.34
CA ILE C 724 -28.30 -6.11 19.94
C ILE C 724 -27.33 -5.96 21.12
N TYR C 725 -27.69 -5.14 22.11
CA TYR C 725 -26.86 -5.04 23.32
C TYR C 725 -26.82 -6.33 24.15
N THR C 726 -27.99 -6.95 24.33
CA THR C 726 -28.08 -8.29 24.93
C THR C 726 -27.13 -9.26 24.20
N HIS C 727 -27.21 -9.30 22.87
CA HIS C 727 -26.41 -10.18 22.05
C HIS C 727 -24.89 -9.90 22.15
N MET C 728 -24.51 -8.61 22.08
CA MET C 728 -23.12 -8.21 22.24
C MET C 728 -22.54 -8.52 23.62
N SER C 729 -23.35 -8.34 24.66
CA SER C 729 -22.96 -8.69 26.02
C SER C 729 -22.57 -10.17 26.13
N HIS C 730 -23.38 -11.06 25.55
CA HIS C 730 -23.07 -12.50 25.49
C HIS C 730 -21.75 -12.80 24.81
N PHE C 731 -21.53 -12.17 23.65
CA PHE C 731 -20.29 -12.35 22.89
C PHE C 731 -19.06 -11.87 23.63
N ILE C 732 -19.16 -10.73 24.31
CA ILE C 732 -18.03 -10.17 25.06
C ILE C 732 -17.74 -11.00 26.28
N LYS C 733 -18.79 -11.40 27.00
CA LYS C 733 -18.64 -12.25 28.18
C LYS C 733 -18.00 -13.60 27.86
N GLN C 734 -18.40 -14.21 26.75
CA GLN C 734 -17.85 -15.49 26.35
C GLN C 734 -16.38 -15.35 25.92
N CYS C 735 -16.05 -14.31 25.14
CA CYS C 735 -14.66 -14.05 24.71
C CYS C 735 -13.74 -13.81 25.91
N PHE C 736 -14.28 -13.23 26.98
CA PHE C 736 -13.54 -12.89 28.18
C PHE C 736 -13.70 -13.93 29.29
N SER C 737 -14.37 -15.04 28.96
CA SER C 737 -14.61 -16.14 29.90
C SER C 737 -15.26 -15.64 31.19
N LEU C 738 -16.33 -14.84 31.04
CA LEU C 738 -17.08 -14.30 32.17
C LEU C 738 -18.38 -15.08 32.37
N PRO C 739 -18.61 -15.60 33.60
CA PRO C 739 -19.72 -16.54 33.89
C PRO C 739 -21.11 -15.94 33.65
N TYR D 1 -22.43 10.79 7.12
CA TYR D 1 -21.78 10.65 8.45
C TYR D 1 -21.99 9.21 8.89
N PRO D 2 -20.94 8.36 8.78
CA PRO D 2 -21.06 6.97 9.16
C PRO D 2 -20.91 6.88 10.67
N SER D 3 -22.01 7.18 11.35
CA SER D 3 -22.04 7.33 12.80
C SER D 3 -23.45 7.04 13.27
N LYS D 4 -23.56 6.14 14.26
CA LYS D 4 -24.84 5.76 14.87
C LYS D 4 -25.72 6.99 15.09
N PRO D 5 -26.92 6.99 14.45
CA PRO D 5 -27.97 7.98 14.69
C PRO D 5 -28.40 8.10 16.17
N ASP D 6 -28.04 9.23 16.78
CA ASP D 6 -28.50 9.68 18.12
C ASP D 6 -27.32 9.98 19.07
N ARG E 13 -10.14 -31.67 -4.87
CA ARG E 13 -10.53 -33.09 -5.17
C ARG E 13 -9.60 -33.76 -6.21
N LYS E 14 -8.65 -32.99 -6.77
CA LYS E 14 -7.70 -33.52 -7.74
C LYS E 14 -6.34 -33.77 -7.09
N THR E 15 -5.55 -34.64 -7.69
CA THR E 15 -4.15 -34.79 -7.27
C THR E 15 -3.21 -34.10 -8.26
N TYR E 16 -1.98 -33.85 -7.84
CA TYR E 16 -0.95 -33.40 -8.76
C TYR E 16 -0.45 -34.61 -9.57
N THR E 17 -0.80 -34.62 -10.86
CA THR E 17 -0.62 -35.77 -11.74
C THR E 17 0.73 -35.69 -12.45
N LEU E 18 1.12 -36.78 -13.13
CA LEU E 18 2.32 -36.75 -13.97
C LEU E 18 2.15 -35.74 -15.10
N THR E 19 0.94 -35.67 -15.66
CA THR E 19 0.65 -34.79 -16.80
C THR E 19 0.78 -33.32 -16.37
N ASP E 20 0.33 -33.00 -15.16
CA ASP E 20 0.59 -31.69 -14.57
C ASP E 20 2.08 -31.40 -14.53
N TYR E 21 2.86 -32.33 -13.99
CA TYR E 21 4.32 -32.18 -14.01
C TYR E 21 4.83 -31.95 -15.43
N LEU E 22 4.54 -32.88 -16.33
CA LEU E 22 5.07 -32.89 -17.69
C LEU E 22 4.60 -31.76 -18.61
N LYS E 23 3.37 -31.28 -18.39
CA LYS E 23 2.84 -30.20 -19.22
C LYS E 23 2.94 -28.86 -18.51
N ASN E 24 3.62 -28.84 -17.35
CA ASN E 24 3.85 -27.58 -16.62
C ASN E 24 2.54 -26.81 -16.36
N THR E 25 1.53 -27.53 -15.87
CA THR E 25 0.18 -26.99 -15.62
C THR E 25 0.13 -25.94 -14.49
N TYR E 26 0.87 -26.20 -13.41
CA TYR E 26 0.93 -25.28 -12.28
C TYR E 26 2.27 -24.56 -12.27
N ARG E 27 2.38 -23.51 -13.09
CA ARG E 27 3.63 -22.79 -13.29
C ARG E 27 3.99 -21.91 -12.10
N LEU E 28 5.27 -21.91 -11.75
CA LEU E 28 5.84 -20.90 -10.87
C LEU E 28 6.03 -19.61 -11.65
N LYS E 29 5.32 -18.56 -11.22
CA LYS E 29 5.56 -17.23 -11.74
C LYS E 29 6.87 -16.68 -11.17
N LEU E 30 7.62 -15.96 -12.01
CA LEU E 30 8.92 -15.41 -11.63
C LEU E 30 8.86 -13.88 -11.54
N TYR E 31 10.03 -13.27 -11.40
CA TYR E 31 10.21 -11.82 -11.54
C TYR E 31 11.68 -11.53 -11.84
N SER E 32 12.08 -11.79 -13.08
CA SER E 32 13.48 -11.63 -13.49
C SER E 32 13.77 -10.21 -13.96
N LEU E 33 14.72 -9.55 -13.29
CA LEU E 33 15.11 -8.17 -13.61
C LEU E 33 16.60 -8.00 -13.92
N ARG E 34 16.93 -6.88 -14.55
CA ARG E 34 18.32 -6.51 -14.78
C ARG E 34 18.58 -5.08 -14.29
N TRP E 35 19.50 -4.93 -13.35
CA TRP E 35 19.90 -3.62 -12.85
C TRP E 35 20.77 -2.92 -13.90
N ILE E 36 20.38 -1.69 -14.26
CA ILE E 36 21.10 -0.90 -15.27
C ILE E 36 21.85 0.28 -14.65
N SER E 37 21.30 0.81 -13.56
CA SER E 37 21.96 1.82 -12.75
C SER E 37 21.79 1.46 -11.27
N ASP E 38 21.83 2.45 -10.40
CA ASP E 38 21.69 2.23 -8.96
C ASP E 38 20.26 2.50 -8.49
N HIS E 39 19.41 2.97 -9.41
CA HIS E 39 18.02 3.31 -9.10
C HIS E 39 17.02 2.59 -10.00
N GLU E 40 17.52 2.03 -11.10
CA GLU E 40 16.65 1.50 -12.16
C GLU E 40 16.96 0.07 -12.57
N TYR E 41 15.91 -0.67 -12.93
CA TYR E 41 16.03 -2.00 -13.49
C TYR E 41 15.14 -2.21 -14.74
N LEU E 42 15.53 -3.17 -15.57
CA LEU E 42 14.73 -3.54 -16.75
C LEU E 42 13.96 -4.84 -16.54
N TYR E 43 12.75 -4.89 -17.09
CA TYR E 43 11.81 -5.99 -16.85
C TYR E 43 10.99 -6.31 -18.12
N LYS E 44 10.60 -7.57 -18.28
CA LYS E 44 9.72 -8.00 -19.37
C LYS E 44 8.31 -8.25 -18.87
N GLN E 45 7.38 -7.35 -19.21
CA GLN E 45 5.99 -7.46 -18.77
C GLN E 45 5.14 -8.37 -19.67
N GLU E 46 4.75 -7.85 -20.82
CA GLU E 46 4.03 -8.64 -21.82
C GLU E 46 4.74 -8.50 -23.17
N ASN E 47 5.88 -9.19 -23.29
CA ASN E 47 6.83 -9.05 -24.40
C ASN E 47 7.44 -7.65 -24.52
N ASN E 48 6.76 -6.65 -23.95
CA ASN E 48 7.29 -5.30 -23.80
C ASN E 48 8.48 -5.32 -22.84
N ILE E 49 9.46 -4.45 -23.10
CA ILE E 49 10.53 -4.20 -22.13
C ILE E 49 10.24 -2.87 -21.43
N LEU E 50 10.09 -2.94 -20.10
CA LEU E 50 9.78 -1.79 -19.28
C LEU E 50 10.98 -1.40 -18.41
N VAL E 51 11.12 -0.10 -18.13
CA VAL E 51 12.12 0.37 -17.15
C VAL E 51 11.40 0.84 -15.89
N PHE E 52 11.88 0.39 -14.74
CA PHE E 52 11.24 0.66 -13.46
C PHE E 52 12.08 1.57 -12.56
N ASN E 53 11.39 2.28 -11.67
CA ASN E 53 12.03 3.05 -10.62
C ASN E 53 11.90 2.27 -9.32
N ALA E 54 13.03 2.02 -8.67
CA ALA E 54 13.08 1.23 -7.44
C ALA E 54 12.39 1.92 -6.27
N GLU E 55 12.50 3.25 -6.20
CA GLU E 55 11.92 4.05 -5.12
C GLU E 55 10.39 4.03 -5.12
N TYR E 56 9.79 4.17 -6.30
CA TYR E 56 8.35 4.36 -6.42
C TYR E 56 7.60 3.27 -7.20
N GLY E 57 8.13 2.89 -8.37
CA GLY E 57 7.45 1.94 -9.27
C GLY E 57 7.11 2.56 -10.62
N ASN E 58 7.46 3.84 -10.78
CA ASN E 58 7.38 4.57 -12.05
C ASN E 58 7.89 3.70 -13.22
N SER E 59 6.96 3.14 -13.98
CA SER E 59 7.32 2.33 -15.15
C SER E 59 6.84 2.96 -16.46
N SER E 60 7.80 3.34 -17.29
CA SER E 60 7.55 3.77 -18.66
C SER E 60 8.15 2.73 -19.61
N VAL E 61 7.44 2.45 -20.71
CA VAL E 61 7.87 1.43 -21.67
C VAL E 61 9.23 1.78 -22.30
N PHE E 62 10.25 1.00 -21.98
CA PHE E 62 11.61 1.22 -22.47
C PHE E 62 11.75 0.80 -23.94
N LEU E 63 11.11 -0.31 -24.29
CA LEU E 63 11.15 -0.85 -25.64
C LEU E 63 9.87 -1.63 -25.90
N GLU E 64 9.17 -1.26 -26.99
CA GLU E 64 7.85 -1.79 -27.30
C GLU E 64 7.91 -3.20 -27.90
N ASN E 65 6.87 -4.00 -27.65
CA ASN E 65 6.78 -5.39 -28.10
C ASN E 65 6.57 -5.55 -29.61
N SER E 66 6.08 -4.49 -30.25
CA SER E 66 5.82 -4.49 -31.68
C SER E 66 6.93 -3.78 -32.48
N THR E 67 8.17 -3.94 -32.02
CA THR E 67 9.32 -3.23 -32.63
C THR E 67 10.10 -4.09 -33.63
N PHE E 68 10.14 -5.40 -33.39
CA PHE E 68 10.99 -6.29 -34.18
C PHE E 68 10.25 -7.42 -34.91
N ASP E 69 8.98 -7.18 -35.22
CA ASP E 69 8.21 -8.08 -36.09
C ASP E 69 8.52 -7.82 -37.57
N GLU E 70 9.25 -6.74 -37.83
CA GLU E 70 9.82 -6.46 -39.15
C GLU E 70 11.32 -6.75 -39.18
N PHE E 71 11.74 -7.77 -38.42
CA PHE E 71 13.15 -8.16 -38.31
C PHE E 71 13.46 -9.39 -39.16
N GLY E 72 12.48 -10.29 -39.27
CA GLY E 72 12.63 -11.50 -40.10
C GLY E 72 13.24 -12.68 -39.37
N HIS E 73 13.97 -12.39 -38.30
CA HIS E 73 14.56 -13.42 -37.43
C HIS E 73 13.90 -13.39 -36.05
N SER E 74 13.79 -14.56 -35.44
CA SER E 74 13.23 -14.69 -34.09
C SER E 74 14.31 -14.38 -33.04
N ILE E 75 14.10 -13.31 -32.27
CA ILE E 75 15.05 -12.89 -31.25
C ILE E 75 15.04 -13.88 -30.07
N ASN E 76 16.23 -14.26 -29.63
CA ASN E 76 16.40 -15.23 -28.56
C ASN E 76 16.64 -14.55 -27.21
N ASP E 77 17.58 -13.60 -27.19
CA ASP E 77 17.87 -12.81 -26.00
C ASP E 77 18.34 -11.43 -26.42
N TYR E 78 18.31 -10.47 -25.48
CA TYR E 78 18.79 -9.12 -25.73
C TYR E 78 19.83 -8.72 -24.69
N SER E 79 20.77 -7.85 -25.09
CA SER E 79 21.74 -7.29 -24.16
C SER E 79 21.93 -5.80 -24.42
N ILE E 80 21.59 -5.00 -23.42
CA ILE E 80 21.69 -3.53 -23.52
C ILE E 80 23.03 -3.06 -22.99
N SER E 81 23.69 -2.20 -23.77
CA SER E 81 24.98 -1.64 -23.39
C SER E 81 24.86 -0.80 -22.11
N PRO E 82 25.90 -0.83 -21.25
CA PRO E 82 25.91 -0.13 -19.96
C PRO E 82 25.46 1.34 -19.97
N ASP E 83 25.93 2.13 -20.94
CA ASP E 83 25.54 3.54 -21.04
C ASP E 83 24.12 3.71 -21.61
N GLY E 84 23.54 2.61 -22.12
CA GLY E 84 22.15 2.57 -22.54
C GLY E 84 21.86 3.22 -23.87
N GLN E 85 22.87 3.27 -24.75
CA GLN E 85 22.72 3.87 -26.08
C GLN E 85 22.41 2.82 -27.14
N PHE E 86 22.81 1.58 -26.88
CA PHE E 86 22.71 0.50 -27.86
C PHE E 86 22.16 -0.79 -27.28
N ILE E 87 21.54 -1.59 -28.13
CA ILE E 87 21.04 -2.90 -27.75
C ILE E 87 21.57 -3.97 -28.69
N LEU E 88 22.20 -4.98 -28.12
CA LEU E 88 22.64 -6.16 -28.85
C LEU E 88 21.47 -7.14 -28.95
N LEU E 89 21.33 -7.79 -30.11
CA LEU E 89 20.22 -8.72 -30.34
C LEU E 89 20.74 -10.07 -30.76
N GLU E 90 20.32 -11.10 -30.04
CA GLU E 90 20.80 -12.46 -30.24
C GLU E 90 19.76 -13.30 -30.98
N TYR E 91 20.19 -13.85 -32.10
CA TYR E 91 19.35 -14.75 -32.90
C TYR E 91 20.19 -15.90 -33.46
N ASN E 92 19.52 -16.89 -34.04
CA ASN E 92 20.17 -18.13 -34.49
C ASN E 92 20.99 -18.76 -33.37
N TYR E 93 20.35 -18.91 -32.21
CA TYR E 93 20.97 -19.60 -31.07
C TYR E 93 21.09 -21.09 -31.39
N VAL E 94 22.32 -21.59 -31.36
CA VAL E 94 22.58 -23.03 -31.45
C VAL E 94 23.43 -23.46 -30.25
N LYS E 95 22.82 -24.24 -29.36
CA LYS E 95 23.44 -24.70 -28.12
C LYS E 95 24.61 -25.66 -28.37
N GLN E 96 25.69 -25.47 -27.60
CA GLN E 96 26.78 -26.43 -27.57
C GLN E 96 26.71 -27.22 -26.26
N TRP E 97 27.58 -26.92 -25.29
CA TRP E 97 27.58 -27.66 -24.02
C TRP E 97 26.69 -27.02 -22.96
N ARG E 98 27.12 -26.97 -21.70
CA ARG E 98 26.25 -26.50 -20.61
C ARG E 98 26.02 -24.99 -20.66
N HIS E 99 27.06 -24.25 -21.01
CA HIS E 99 27.02 -22.79 -21.05
C HIS E 99 27.25 -22.30 -22.47
N SER E 100 28.16 -22.96 -23.19
CA SER E 100 28.54 -22.60 -24.55
C SER E 100 27.43 -22.68 -25.59
N TYR E 101 27.55 -21.80 -26.59
CA TYR E 101 26.72 -21.83 -27.79
C TYR E 101 27.33 -20.85 -28.80
N THR E 102 26.84 -20.90 -30.03
CA THR E 102 27.12 -19.86 -31.01
C THR E 102 25.81 -19.20 -31.40
N ALA E 103 25.87 -17.92 -31.75
CA ALA E 103 24.71 -17.18 -32.24
C ALA E 103 25.08 -16.13 -33.29
N SER E 104 24.05 -15.51 -33.87
CA SER E 104 24.22 -14.34 -34.71
C SER E 104 23.75 -13.12 -33.91
N TYR E 105 24.33 -11.96 -34.21
CA TYR E 105 24.13 -10.76 -33.41
C TYR E 105 24.00 -9.49 -34.26
N ASP E 106 22.92 -8.75 -34.04
CA ASP E 106 22.74 -7.44 -34.66
C ASP E 106 22.56 -6.35 -33.60
N ILE E 107 23.38 -5.30 -33.71
CA ILE E 107 23.29 -4.15 -32.80
C ILE E 107 22.27 -3.12 -33.32
N TYR E 108 21.48 -2.58 -32.38
CA TYR E 108 20.46 -1.58 -32.69
C TYR E 108 20.74 -0.30 -31.91
N ASP E 109 20.69 0.83 -32.62
CA ASP E 109 20.86 2.15 -32.01
C ASP E 109 19.56 2.59 -31.34
N LEU E 110 19.57 2.75 -30.03
CA LEU E 110 18.39 3.18 -29.28
C LEU E 110 18.07 4.63 -29.62
N ASN E 111 19.12 5.46 -29.69
CA ASN E 111 18.99 6.89 -29.97
C ASN E 111 18.50 7.19 -31.40
N LYS E 112 19.20 6.67 -32.40
CA LYS E 112 18.84 6.85 -33.81
C LYS E 112 17.58 6.07 -34.19
N ARG E 113 17.34 4.98 -33.46
CA ARG E 113 16.25 4.03 -33.76
C ARG E 113 16.51 3.25 -35.05
N GLN E 114 17.69 2.64 -35.15
CA GLN E 114 18.09 1.91 -36.36
C GLN E 114 19.01 0.72 -36.08
N LEU E 115 18.81 -0.35 -36.86
CA LEU E 115 19.74 -1.48 -36.90
C LEU E 115 21.00 -1.03 -37.63
N ILE E 116 22.16 -1.46 -37.15
CA ILE E 116 23.43 -1.12 -37.81
C ILE E 116 23.79 -2.19 -38.83
N THR E 117 23.93 -1.76 -40.09
CA THR E 117 24.22 -2.67 -41.20
C THR E 117 25.68 -2.64 -41.66
N GLU E 118 26.47 -1.77 -41.03
CA GLU E 118 27.90 -1.64 -41.33
C GLU E 118 28.78 -2.38 -40.33
N GLU E 119 29.86 -2.99 -40.82
CA GLU E 119 30.86 -3.69 -40.01
C GLU E 119 30.25 -4.56 -38.91
N ARG E 120 29.52 -5.58 -39.34
CA ARG E 120 28.66 -6.35 -38.44
C ARG E 120 29.36 -7.52 -37.75
N ILE E 121 28.86 -7.86 -36.57
CA ILE E 121 29.27 -9.07 -35.84
C ILE E 121 28.91 -10.28 -36.70
N PRO E 122 29.92 -11.09 -37.07
CA PRO E 122 29.75 -12.20 -38.03
C PRO E 122 28.78 -13.27 -37.55
N ASN E 123 28.36 -14.12 -38.48
CA ASN E 123 27.61 -15.33 -38.14
C ASN E 123 28.47 -16.26 -37.30
N ASN E 124 27.81 -17.08 -36.47
CA ASN E 124 28.47 -18.10 -35.64
C ASN E 124 29.49 -17.54 -34.62
N THR E 125 29.14 -16.40 -34.03
CA THR E 125 29.96 -15.80 -32.98
C THR E 125 29.86 -16.63 -31.70
N GLN E 126 31.03 -17.02 -31.17
CA GLN E 126 31.11 -17.88 -30.00
C GLN E 126 30.69 -17.21 -28.68
N TRP E 127 31.23 -16.01 -28.42
CA TRP E 127 30.84 -15.20 -27.26
C TRP E 127 30.93 -13.72 -27.59
N VAL E 128 30.03 -12.92 -27.02
CA VAL E 128 30.09 -11.46 -27.17
C VAL E 128 29.67 -10.76 -25.88
N THR E 129 30.47 -9.78 -25.46
CA THR E 129 30.18 -8.98 -24.27
C THR E 129 30.48 -7.48 -24.42
N TRP E 130 29.61 -6.66 -23.84
CA TRP E 130 29.88 -5.24 -23.66
C TRP E 130 30.98 -5.02 -22.62
N SER E 131 31.61 -3.85 -22.66
CA SER E 131 32.47 -3.42 -21.57
C SER E 131 31.57 -3.03 -20.40
N PRO E 132 32.10 -3.01 -19.16
CA PRO E 132 31.32 -2.62 -17.98
C PRO E 132 30.70 -1.22 -18.04
N VAL E 133 31.39 -0.29 -18.70
CA VAL E 133 30.86 1.06 -18.97
C VAL E 133 30.91 1.37 -20.47
N GLY E 134 30.04 2.28 -20.91
CA GLY E 134 29.99 2.68 -22.32
C GLY E 134 29.38 1.62 -23.22
N HIS E 135 29.99 1.41 -24.38
CA HIS E 135 29.49 0.48 -25.40
C HIS E 135 30.59 -0.11 -26.29
N LYS E 136 31.76 -0.35 -25.70
CA LYS E 136 32.83 -1.09 -26.37
C LYS E 136 32.42 -2.56 -26.49
N LEU E 137 32.93 -3.24 -27.50
CA LEU E 137 32.51 -4.62 -27.75
C LEU E 137 33.68 -5.58 -27.93
N ALA E 138 33.64 -6.68 -27.17
CA ALA E 138 34.56 -7.78 -27.39
C ALA E 138 33.77 -8.98 -27.85
N TYR E 139 34.34 -9.74 -28.78
CA TYR E 139 33.69 -10.94 -29.26
C TYR E 139 34.69 -11.99 -29.73
N VAL E 140 34.23 -13.24 -29.73
CA VAL E 140 35.04 -14.37 -30.16
C VAL E 140 34.41 -15.01 -31.39
N TRP E 141 35.24 -15.27 -32.40
CA TRP E 141 34.79 -15.82 -33.67
C TRP E 141 35.96 -16.60 -34.25
N ASN E 142 35.73 -17.89 -34.48
CA ASN E 142 36.78 -18.82 -34.90
C ASN E 142 37.93 -18.93 -33.88
N ASN E 143 37.56 -18.97 -32.60
CA ASN E 143 38.52 -19.09 -31.49
C ASN E 143 39.52 -17.95 -31.39
N ASP E 144 39.15 -16.78 -31.92
CA ASP E 144 39.97 -15.57 -31.84
C ASP E 144 39.17 -14.38 -31.29
N ILE E 145 39.88 -13.44 -30.66
CA ILE E 145 39.24 -12.26 -30.05
C ILE E 145 39.26 -11.05 -30.97
N TYR E 146 38.13 -10.38 -31.05
CA TYR E 146 38.00 -9.12 -31.74
C TYR E 146 37.43 -8.09 -30.77
N VAL E 147 38.00 -6.88 -30.81
CA VAL E 147 37.46 -5.74 -30.07
C VAL E 147 36.91 -4.71 -31.05
N LYS E 148 35.68 -4.26 -30.82
CA LYS E 148 35.03 -3.27 -31.67
C LYS E 148 34.71 -2.01 -30.86
N ILE E 149 35.58 -1.00 -30.97
CA ILE E 149 35.52 0.23 -30.16
C ILE E 149 34.18 0.95 -30.31
N GLU E 150 33.67 1.00 -31.53
CA GLU E 150 32.35 1.54 -31.80
C GLU E 150 31.55 0.52 -32.61
N PRO E 151 30.22 0.45 -32.37
CA PRO E 151 29.31 -0.51 -33.03
C PRO E 151 29.33 -0.50 -34.56
N ASN E 152 29.54 0.68 -35.16
CA ASN E 152 29.57 0.85 -36.62
C ASN E 152 30.97 0.69 -37.23
N LEU E 153 31.99 0.75 -36.37
CA LEU E 153 33.38 0.77 -36.76
C LEU E 153 33.90 -0.66 -37.04
N PRO E 154 35.04 -0.79 -37.77
CA PRO E 154 35.70 -2.10 -37.91
C PRO E 154 36.16 -2.72 -36.57
N SER E 155 36.29 -4.04 -36.55
CA SER E 155 36.82 -4.78 -35.40
C SER E 155 38.33 -4.90 -35.49
N TYR E 156 38.99 -4.90 -34.33
CA TYR E 156 40.43 -5.08 -34.26
C TYR E 156 40.74 -6.51 -33.83
N ARG E 157 41.46 -7.25 -34.68
CA ARG E 157 41.80 -8.64 -34.40
C ARG E 157 42.89 -8.75 -33.33
N ILE E 158 42.47 -9.13 -32.13
CA ILE E 158 43.35 -9.22 -30.96
C ILE E 158 44.23 -10.46 -31.01
N THR E 159 43.66 -11.59 -31.42
CA THR E 159 44.44 -12.82 -31.60
C THR E 159 44.35 -13.36 -33.02
N TRP E 160 45.38 -14.10 -33.40
CA TRP E 160 45.56 -14.58 -34.76
C TRP E 160 45.90 -16.07 -34.78
N THR E 161 45.65 -16.76 -33.66
CA THR E 161 46.14 -18.12 -33.44
C THR E 161 45.06 -19.16 -33.19
N GLY E 162 43.80 -18.73 -33.18
CA GLY E 162 42.66 -19.62 -32.98
C GLY E 162 42.65 -20.79 -33.95
N LYS E 163 42.29 -21.97 -33.47
CA LYS E 163 42.25 -23.17 -34.29
C LYS E 163 41.28 -24.16 -33.68
N GLU E 164 40.22 -24.46 -34.40
CA GLU E 164 39.16 -25.35 -33.90
C GLU E 164 39.71 -26.60 -33.19
N ASP E 165 39.20 -26.83 -31.98
CA ASP E 165 39.58 -27.97 -31.11
C ASP E 165 41.02 -27.95 -30.59
N ILE E 166 41.76 -26.87 -30.85
CA ILE E 166 43.19 -26.84 -30.49
C ILE E 166 43.59 -25.58 -29.72
N ILE E 167 43.28 -24.41 -30.27
CA ILE E 167 43.58 -23.12 -29.60
C ILE E 167 42.29 -22.34 -29.36
N TYR E 168 42.09 -21.92 -28.11
CA TYR E 168 40.90 -21.17 -27.74
C TYR E 168 41.36 -19.88 -27.14
N ASN E 169 41.07 -18.77 -27.81
CA ASN E 169 41.37 -17.44 -27.28
C ASN E 169 40.08 -16.76 -26.85
N GLY E 170 39.96 -16.53 -25.54
CA GLY E 170 38.84 -15.80 -24.96
C GLY E 170 37.61 -16.65 -24.73
N ILE E 171 37.75 -17.96 -24.97
CA ILE E 171 36.70 -18.95 -24.68
C ILE E 171 37.33 -20.19 -24.06
N THR E 172 36.56 -20.91 -23.27
CA THR E 172 37.07 -22.11 -22.62
C THR E 172 36.92 -23.33 -23.52
N ASP E 173 37.71 -24.37 -23.26
CA ASP E 173 37.49 -25.68 -23.86
C ASP E 173 36.52 -26.49 -22.97
N TRP E 174 36.23 -27.73 -23.36
CA TRP E 174 35.22 -28.52 -22.68
C TRP E 174 35.35 -28.55 -21.14
N VAL E 175 36.52 -28.91 -20.63
CA VAL E 175 36.71 -29.02 -19.17
C VAL E 175 36.70 -27.69 -18.42
N TYR E 176 37.29 -26.66 -18.99
CA TYR E 176 37.32 -25.35 -18.34
C TYR E 176 35.96 -24.73 -18.29
N GLU E 177 35.14 -25.01 -19.30
CA GLU E 177 33.75 -24.56 -19.34
C GLU E 177 32.91 -25.24 -18.27
N GLU E 178 32.95 -26.58 -18.26
CA GLU E 178 32.16 -27.38 -17.33
C GLU E 178 32.66 -27.37 -15.88
N GLU E 179 33.98 -27.47 -15.70
CA GLU E 179 34.54 -27.77 -14.38
C GLU E 179 35.19 -26.60 -13.65
N VAL E 180 35.73 -25.63 -14.40
CA VAL E 180 36.53 -24.58 -13.80
C VAL E 180 35.77 -23.25 -13.73
N PHE E 181 35.32 -22.75 -14.88
CA PHE E 181 34.71 -21.43 -14.93
C PHE E 181 33.21 -21.45 -14.98
N SER E 182 32.62 -22.63 -15.20
CA SER E 182 31.19 -22.73 -15.40
C SER E 182 30.69 -21.63 -16.35
N ALA E 183 31.42 -21.44 -17.46
CA ALA E 183 31.05 -20.48 -18.51
C ALA E 183 31.94 -20.72 -19.71
N TYR E 184 31.42 -20.41 -20.90
CA TYR E 184 32.18 -20.43 -22.14
C TYR E 184 33.13 -19.22 -22.22
N SER E 185 32.71 -18.13 -21.56
CA SER E 185 33.44 -16.87 -21.52
C SER E 185 34.81 -17.00 -20.86
N ALA E 186 35.85 -16.55 -21.56
CA ALA E 186 37.18 -16.40 -20.96
C ALA E 186 37.75 -14.99 -21.22
N LEU E 187 36.88 -13.99 -21.10
CA LEU E 187 37.19 -12.58 -21.33
C LEU E 187 36.73 -11.74 -20.14
N TRP E 188 37.64 -10.93 -19.60
CA TRP E 188 37.35 -10.10 -18.42
C TRP E 188 37.78 -8.66 -18.63
N TRP E 189 36.79 -7.77 -18.79
CA TRP E 189 37.05 -6.33 -18.97
C TRP E 189 37.51 -5.74 -17.64
N SER E 190 38.37 -4.72 -17.70
CA SER E 190 38.68 -3.91 -16.52
C SER E 190 37.44 -3.08 -16.18
N PRO E 191 37.32 -2.64 -14.90
CA PRO E 191 36.12 -1.91 -14.47
C PRO E 191 35.75 -0.71 -15.37
N ASN E 192 36.73 0.10 -15.77
CA ASN E 192 36.47 1.19 -16.74
C ASN E 192 36.72 0.84 -18.23
N GLY E 193 36.78 -0.46 -18.53
CA GLY E 193 36.87 -0.96 -19.89
C GLY E 193 38.10 -0.62 -20.71
N THR E 194 39.14 -0.13 -20.04
CA THR E 194 40.40 0.19 -20.71
C THR E 194 41.09 -1.09 -21.19
N PHE E 195 41.14 -2.08 -20.31
CA PHE E 195 41.82 -3.34 -20.61
C PHE E 195 40.85 -4.48 -20.82
N LEU E 196 41.21 -5.34 -21.77
CA LEU E 196 40.54 -6.61 -21.92
C LEU E 196 41.53 -7.69 -21.50
N ALA E 197 41.18 -8.43 -20.45
CA ALA E 197 41.96 -9.57 -20.01
C ALA E 197 41.41 -10.82 -20.68
N TYR E 198 42.28 -11.76 -21.02
CA TYR E 198 41.84 -13.00 -21.65
C TYR E 198 42.74 -14.22 -21.39
N ALA E 199 42.13 -15.40 -21.48
CA ALA E 199 42.83 -16.67 -21.39
C ALA E 199 42.91 -17.35 -22.75
N GLN E 200 43.99 -18.10 -22.95
CA GLN E 200 44.16 -18.96 -24.12
C GLN E 200 44.39 -20.41 -23.67
N PHE E 201 43.60 -21.32 -24.23
CA PHE E 201 43.71 -22.74 -23.95
C PHE E 201 44.34 -23.51 -25.10
N ASN E 202 45.27 -24.39 -24.74
CA ASN E 202 45.93 -25.25 -25.70
C ASN E 202 45.57 -26.72 -25.46
N ASP E 203 44.75 -27.25 -26.37
CA ASP E 203 44.24 -28.62 -26.25
C ASP E 203 44.98 -29.62 -27.13
N THR E 204 46.22 -29.31 -27.54
CA THR E 204 46.94 -30.10 -28.55
C THR E 204 47.02 -31.61 -28.28
N GLU E 205 47.53 -31.99 -27.11
CA GLU E 205 47.70 -33.41 -26.77
C GLU E 205 46.54 -34.02 -25.97
N VAL E 206 45.49 -33.23 -25.77
CA VAL E 206 44.29 -33.68 -25.04
C VAL E 206 43.53 -34.71 -25.90
N PRO E 207 43.35 -35.95 -25.38
CA PRO E 207 42.65 -36.95 -26.19
C PRO E 207 41.19 -36.58 -26.47
N LEU E 208 40.63 -37.15 -27.52
CA LEU E 208 39.25 -36.88 -27.88
C LEU E 208 38.32 -38.02 -27.49
N ILE E 209 37.18 -37.66 -26.90
CA ILE E 209 36.09 -38.59 -26.75
C ILE E 209 35.33 -38.60 -28.08
N GLU E 210 34.97 -39.79 -28.52
CA GLU E 210 34.28 -39.95 -29.79
C GLU E 210 33.02 -40.75 -29.56
N TYR E 211 31.91 -40.27 -30.10
CA TYR E 211 30.64 -40.95 -30.01
C TYR E 211 29.79 -40.62 -31.23
N SER E 212 28.87 -41.52 -31.60
CA SER E 212 28.01 -41.31 -32.76
C SER E 212 26.94 -40.27 -32.51
N PHE E 213 26.62 -39.48 -33.55
CA PHE E 213 25.45 -38.64 -33.60
C PHE E 213 24.63 -39.01 -34.82
N TYR E 214 23.38 -39.40 -34.58
CA TYR E 214 22.52 -40.03 -35.58
C TYR E 214 21.76 -39.01 -36.40
N SER E 215 21.39 -37.92 -35.73
CA SER E 215 20.69 -36.77 -36.31
C SER E 215 19.29 -37.11 -36.81
N ASP E 216 18.78 -36.33 -37.77
CA ASP E 216 17.47 -36.54 -38.39
C ASP E 216 17.53 -37.79 -39.24
N GLU E 217 16.39 -38.44 -39.47
CA GLU E 217 16.43 -39.70 -40.23
C GLU E 217 16.98 -39.57 -41.65
N SER E 218 16.97 -38.34 -42.17
CA SER E 218 17.53 -38.03 -43.50
C SER E 218 19.04 -38.27 -43.61
N LEU E 219 19.74 -38.31 -42.48
CA LEU E 219 21.18 -38.56 -42.47
C LEU E 219 21.51 -40.05 -42.66
N GLN E 220 22.12 -40.36 -43.79
CA GLN E 220 22.33 -41.75 -44.21
C GLN E 220 23.42 -42.43 -43.39
N TYR E 221 24.45 -41.67 -43.05
CA TYR E 221 25.58 -42.15 -42.29
C TYR E 221 25.64 -41.36 -40.99
N PRO E 222 25.68 -42.05 -39.83
CA PRO E 222 25.86 -41.34 -38.57
C PRO E 222 27.13 -40.49 -38.59
N LYS E 223 27.09 -39.39 -37.83
CA LYS E 223 28.20 -38.46 -37.66
C LYS E 223 28.91 -38.79 -36.36
N THR E 224 30.24 -38.86 -36.38
CA THR E 224 31.03 -39.08 -35.18
C THR E 224 31.44 -37.72 -34.57
N VAL E 225 30.97 -37.44 -33.36
CA VAL E 225 31.35 -36.22 -32.64
C VAL E 225 32.67 -36.45 -31.91
N ARG E 226 33.58 -35.50 -32.03
CA ARG E 226 34.93 -35.60 -31.47
C ARG E 226 35.25 -34.33 -30.68
N VAL E 227 35.46 -34.48 -29.37
CA VAL E 227 35.63 -33.36 -28.43
C VAL E 227 36.88 -33.65 -27.62
N PRO E 228 37.84 -32.69 -27.52
CA PRO E 228 38.95 -32.89 -26.60
C PRO E 228 38.44 -32.91 -25.16
N TYR E 229 38.73 -33.98 -24.45
CA TYR E 229 38.15 -34.21 -23.15
C TYR E 229 39.17 -35.02 -22.37
N PRO E 230 39.80 -34.41 -21.34
CA PRO E 230 40.73 -35.19 -20.57
C PRO E 230 39.98 -36.05 -19.55
N LYS E 231 40.14 -37.36 -19.62
CA LYS E 231 39.61 -38.26 -18.61
C LYS E 231 40.67 -38.33 -17.53
N ALA E 232 40.33 -38.89 -16.37
CA ALA E 232 41.24 -38.84 -15.22
C ALA E 232 42.61 -39.37 -15.60
N GLY E 233 43.64 -38.61 -15.24
CA GLY E 233 45.01 -38.99 -15.50
C GLY E 233 45.53 -38.68 -16.89
N ALA E 234 44.65 -38.38 -17.84
CA ALA E 234 45.08 -38.04 -19.22
C ALA E 234 45.82 -36.69 -19.26
N VAL E 235 46.45 -36.35 -20.39
CA VAL E 235 47.07 -35.02 -20.48
C VAL E 235 45.99 -33.93 -20.58
N ASN E 236 46.21 -32.86 -19.83
CA ASN E 236 45.27 -31.75 -19.66
C ASN E 236 45.57 -30.64 -20.66
N PRO E 237 44.57 -29.76 -20.94
CA PRO E 237 44.92 -28.55 -21.67
C PRO E 237 45.91 -27.69 -20.89
N THR E 238 46.73 -26.93 -21.60
CA THR E 238 47.60 -25.94 -20.96
C THR E 238 46.95 -24.56 -21.09
N VAL E 239 47.39 -23.61 -20.26
CA VAL E 239 46.76 -22.29 -20.18
C VAL E 239 47.81 -21.16 -20.13
N LYS E 240 47.51 -20.06 -20.82
CA LYS E 240 48.30 -18.84 -20.77
C LYS E 240 47.34 -17.68 -20.57
N PHE E 241 47.83 -16.59 -19.96
CA PHE E 241 46.99 -15.44 -19.64
C PHE E 241 47.57 -14.12 -20.16
N PHE E 242 46.70 -13.27 -20.72
CA PHE E 242 47.11 -12.00 -21.34
C PHE E 242 46.20 -10.83 -20.95
N VAL E 243 46.70 -9.62 -21.20
CA VAL E 243 45.91 -8.38 -21.08
C VAL E 243 46.24 -7.46 -22.27
N VAL E 244 45.21 -7.02 -22.98
CA VAL E 244 45.37 -6.07 -24.06
C VAL E 244 44.85 -4.69 -23.63
N ASN E 245 45.45 -3.65 -24.20
CA ASN E 245 45.07 -2.27 -23.97
C ASN E 245 44.16 -1.82 -25.11
N THR E 246 42.86 -1.70 -24.84
CA THR E 246 41.88 -1.40 -25.90
C THR E 246 41.71 0.10 -26.20
N ASP E 247 42.23 0.96 -25.33
CA ASP E 247 42.19 2.42 -25.56
C ASP E 247 43.24 2.85 -26.60
N SER E 248 44.26 2.01 -26.77
CA SER E 248 45.36 2.29 -27.68
C SER E 248 45.48 1.25 -28.79
N LEU E 249 44.33 0.87 -29.36
CA LEU E 249 44.29 -0.12 -30.46
C LEU E 249 44.64 0.49 -31.82
N SER E 250 45.48 -0.21 -32.57
CA SER E 250 45.98 0.29 -33.84
C SER E 250 45.35 -0.40 -35.05
N SER E 251 44.96 0.40 -36.04
CA SER E 251 44.45 -0.11 -37.32
C SER E 251 45.58 -0.41 -38.32
N VAL E 252 46.77 0.13 -38.06
CA VAL E 252 47.93 -0.08 -38.94
C VAL E 252 48.84 -1.25 -38.53
N THR E 253 48.78 -1.63 -37.25
CA THR E 253 49.64 -2.70 -36.72
C THR E 253 48.87 -3.60 -35.76
N ASN E 254 49.26 -4.88 -35.72
CA ASN E 254 48.65 -5.88 -34.82
C ASN E 254 48.86 -5.52 -33.35
N ALA E 255 47.82 -5.78 -32.54
CA ALA E 255 47.82 -5.40 -31.11
C ALA E 255 48.77 -6.25 -30.25
N THR E 256 49.40 -5.60 -29.28
CA THR E 256 50.27 -6.28 -28.31
C THR E 256 49.43 -6.86 -27.16
N SER E 257 49.71 -8.10 -26.82
CA SER E 257 49.13 -8.73 -25.66
C SER E 257 50.23 -9.01 -24.64
N ILE E 258 50.02 -8.57 -23.40
CA ILE E 258 51.00 -8.76 -22.34
C ILE E 258 50.68 -10.04 -21.58
N GLN E 259 51.54 -11.05 -21.72
CA GLN E 259 51.36 -12.29 -21.00
C GLN E 259 51.70 -12.13 -19.52
N ILE E 260 50.77 -12.53 -18.66
CA ILE E 260 51.04 -12.65 -17.24
C ILE E 260 51.23 -14.13 -16.96
N THR E 261 52.44 -14.48 -16.52
CA THR E 261 52.77 -15.88 -16.28
C THR E 261 52.33 -16.34 -14.89
N ALA E 262 51.99 -17.62 -14.80
CA ALA E 262 51.73 -18.30 -13.54
C ALA E 262 52.98 -18.26 -12.67
N PRO E 263 52.81 -18.24 -11.32
CA PRO E 263 53.99 -18.16 -10.45
C PRO E 263 54.84 -19.43 -10.51
N ALA E 264 56.05 -19.36 -9.97
CA ALA E 264 57.00 -20.47 -10.00
C ALA E 264 56.37 -21.77 -9.51
N SER E 265 55.77 -21.72 -8.33
CA SER E 265 55.18 -22.88 -7.66
C SER E 265 54.08 -23.57 -8.47
N MET E 266 53.65 -22.91 -9.56
CA MET E 266 52.66 -23.48 -10.46
C MET E 266 53.28 -24.09 -11.73
N LEU E 267 54.40 -23.53 -12.18
CA LEU E 267 55.06 -24.00 -13.42
C LEU E 267 55.91 -25.25 -13.22
N ILE E 268 56.09 -25.68 -11.98
CA ILE E 268 56.81 -26.92 -11.67
C ILE E 268 56.08 -28.16 -12.19
N GLY E 269 54.80 -27.99 -12.54
CA GLY E 269 53.97 -29.09 -13.08
C GLY E 269 52.65 -28.63 -13.70
N ASP E 270 51.71 -29.56 -13.81
CA ASP E 270 50.38 -29.25 -14.34
C ASP E 270 49.58 -28.37 -13.36
N HIS E 271 48.81 -27.44 -13.90
CA HIS E 271 48.11 -26.45 -13.08
C HIS E 271 46.97 -25.84 -13.88
N TYR E 272 46.11 -25.10 -13.20
CA TYR E 272 44.95 -24.47 -13.82
C TYR E 272 44.86 -23.01 -13.41
N LEU E 273 44.43 -22.18 -14.34
CA LEU E 273 43.94 -20.87 -13.97
C LEU E 273 42.51 -21.09 -13.49
N CYS E 274 42.21 -20.66 -12.27
CA CYS E 274 40.88 -20.96 -11.69
C CYS E 274 40.03 -19.75 -11.32
N ASP E 275 40.64 -18.57 -11.21
CA ASP E 275 39.89 -17.32 -10.93
C ASP E 275 40.55 -16.12 -11.57
N VAL E 276 39.71 -15.18 -11.99
CA VAL E 276 40.15 -13.89 -12.49
C VAL E 276 39.19 -12.82 -11.96
N THR E 277 39.74 -11.87 -11.20
CA THR E 277 38.96 -10.78 -10.64
C THR E 277 39.74 -9.48 -10.76
N TRP E 278 39.13 -8.50 -11.40
CA TRP E 278 39.70 -7.15 -11.44
C TRP E 278 39.45 -6.47 -10.10
N ALA E 279 40.52 -5.90 -9.54
CA ALA E 279 40.47 -5.21 -8.26
C ALA E 279 40.28 -3.70 -8.43
N THR E 280 41.06 -3.10 -9.33
CA THR E 280 40.96 -1.68 -9.69
C THR E 280 41.16 -1.53 -11.21
N GLN E 281 41.44 -0.30 -11.65
CA GLN E 281 41.65 0.02 -13.07
C GLN E 281 42.96 -0.54 -13.59
N GLU E 282 43.89 -0.79 -12.67
CA GLU E 282 45.26 -1.13 -12.99
C GLU E 282 45.78 -2.26 -12.12
N ARG E 283 44.85 -3.05 -11.56
CA ARG E 283 45.21 -4.19 -10.72
C ARG E 283 44.30 -5.38 -10.95
N ILE E 284 44.89 -6.51 -11.30
CA ILE E 284 44.15 -7.75 -11.52
C ILE E 284 44.58 -8.86 -10.54
N SER E 285 43.61 -9.64 -10.05
CA SER E 285 43.92 -10.81 -9.24
C SER E 285 43.65 -12.13 -9.99
N LEU E 286 44.66 -13.00 -9.99
CA LEU E 286 44.55 -14.32 -10.62
C LEU E 286 44.80 -15.43 -9.60
N GLN E 287 43.96 -16.45 -9.64
CA GLN E 287 44.18 -17.64 -8.83
C GLN E 287 44.53 -18.83 -9.70
N TRP E 288 45.57 -19.55 -9.26
CA TRP E 288 46.07 -20.70 -9.95
C TRP E 288 45.97 -21.87 -8.98
N LEU E 289 45.86 -23.09 -9.52
CA LEU E 289 45.62 -24.29 -8.75
C LEU E 289 46.50 -25.40 -9.31
N ARG E 290 47.19 -26.13 -8.44
CA ARG E 290 48.01 -27.27 -8.88
C ARG E 290 47.06 -28.34 -9.44
N ARG E 291 47.58 -29.22 -10.32
CA ARG E 291 46.77 -30.34 -10.80
C ARG E 291 46.32 -31.23 -9.63
N ILE E 292 47.18 -31.38 -8.62
CA ILE E 292 46.74 -31.85 -7.30
C ILE E 292 46.05 -30.65 -6.63
N GLN E 293 44.74 -30.77 -6.41
CA GLN E 293 43.93 -29.59 -6.12
C GLN E 293 43.80 -29.25 -4.63
N ASN E 294 44.89 -29.42 -3.88
CA ASN E 294 44.96 -29.01 -2.48
C ASN E 294 45.97 -27.86 -2.20
N TYR E 295 46.43 -27.20 -3.25
CA TYR E 295 47.35 -26.06 -3.13
C TYR E 295 47.09 -25.02 -4.23
N SER E 296 46.58 -23.85 -3.84
CA SER E 296 46.34 -22.77 -4.81
C SER E 296 47.04 -21.45 -4.44
N VAL E 297 47.21 -20.60 -5.43
CA VAL E 297 47.98 -19.36 -5.28
C VAL E 297 47.28 -18.20 -5.98
N MET E 298 47.14 -17.09 -5.26
CA MET E 298 46.61 -15.85 -5.82
C MET E 298 47.74 -14.83 -6.08
N ASP E 299 47.86 -14.43 -7.35
CA ASP E 299 48.78 -13.37 -7.76
C ASP E 299 48.03 -12.05 -7.88
N ILE E 300 48.63 -10.99 -7.37
CA ILE E 300 48.08 -9.64 -7.52
C ILE E 300 49.04 -8.83 -8.37
N CYS E 301 48.53 -8.27 -9.46
CA CYS E 301 49.37 -7.72 -10.53
C CYS E 301 48.99 -6.31 -10.94
N ASP E 302 49.96 -5.40 -10.87
CA ASP E 302 49.77 -3.99 -11.16
C ASP E 302 50.26 -3.61 -12.56
N TYR E 303 49.47 -2.79 -13.26
CA TYR E 303 49.93 -2.18 -14.49
C TYR E 303 51.01 -1.12 -14.19
N ASP E 304 52.15 -1.27 -14.86
CA ASP E 304 53.30 -0.38 -14.71
C ASP E 304 53.44 0.53 -15.93
N GLU E 305 53.26 1.82 -15.71
CA GLU E 305 53.18 2.83 -16.78
C GLU E 305 54.42 2.96 -17.68
N SER E 306 55.61 2.80 -17.10
CA SER E 306 56.86 2.95 -17.84
C SER E 306 57.17 1.76 -18.76
N SER E 307 57.09 0.54 -18.25
CA SER E 307 57.32 -0.68 -19.04
C SER E 307 56.17 -1.03 -20.00
N GLY E 308 54.95 -0.71 -19.59
CA GLY E 308 53.75 -1.17 -20.30
C GLY E 308 53.43 -2.62 -19.96
N ARG E 309 54.12 -3.13 -18.96
CA ARG E 309 53.97 -4.51 -18.51
C ARG E 309 53.05 -4.62 -17.30
N TRP E 310 52.81 -5.86 -16.89
CA TRP E 310 52.02 -6.17 -15.70
C TRP E 310 52.89 -6.97 -14.74
N ASN E 311 53.14 -6.41 -13.56
CA ASN E 311 54.01 -7.04 -12.58
C ASN E 311 53.23 -7.56 -11.36
N CYS E 312 53.60 -8.75 -10.91
CA CYS E 312 53.00 -9.37 -9.74
C CYS E 312 54.08 -9.63 -8.70
N LEU E 313 54.05 -8.89 -7.58
CA LEU E 313 55.09 -9.02 -6.55
C LEU E 313 54.92 -10.27 -5.68
N VAL E 314 56.03 -10.97 -5.44
CA VAL E 314 56.07 -12.21 -4.65
C VAL E 314 55.48 -12.02 -3.25
N ALA E 315 55.73 -10.85 -2.67
CA ALA E 315 55.20 -10.49 -1.35
C ALA E 315 53.72 -10.11 -1.42
N ARG E 316 53.17 -10.04 -2.63
CA ARG E 316 51.72 -9.88 -2.79
C ARG E 316 50.99 -11.19 -3.15
N GLN E 317 51.72 -12.31 -3.02
CA GLN E 317 51.15 -13.63 -3.27
C GLN E 317 50.45 -14.15 -2.03
N HIS E 318 49.39 -14.93 -2.26
CA HIS E 318 48.64 -15.57 -1.18
C HIS E 318 48.45 -17.04 -1.47
N ILE E 319 48.92 -17.88 -0.54
CA ILE E 319 48.69 -19.31 -0.60
C ILE E 319 47.39 -19.64 0.13
N GLU E 320 46.57 -20.46 -0.53
CA GLU E 320 45.40 -21.07 0.10
C GLU E 320 45.50 -22.56 -0.17
N MET E 321 45.78 -23.33 0.88
CA MET E 321 45.93 -24.78 0.79
C MET E 321 44.96 -25.51 1.71
N SER E 322 44.83 -26.82 1.50
CA SER E 322 44.03 -27.68 2.36
C SER E 322 44.83 -28.92 2.75
N THR E 323 44.71 -29.32 3.99
CA THR E 323 45.40 -30.50 4.44
C THR E 323 44.48 -31.75 4.44
N THR E 324 43.18 -31.53 4.65
CA THR E 324 42.20 -32.61 4.80
C THR E 324 41.49 -33.01 3.49
N GLY E 325 41.66 -32.19 2.45
CA GLY E 325 40.97 -32.41 1.20
C GLY E 325 41.40 -31.40 0.17
N TRP E 326 40.47 -31.00 -0.69
CA TRP E 326 40.78 -30.07 -1.77
C TRP E 326 40.55 -28.62 -1.30
N VAL E 327 40.78 -27.65 -2.18
CA VAL E 327 40.58 -26.24 -1.81
C VAL E 327 39.30 -25.67 -2.42
N GLY E 328 38.46 -25.09 -1.56
CA GLY E 328 37.20 -24.49 -1.95
C GLY E 328 36.09 -25.53 -1.95
N ARG E 329 34.86 -25.08 -2.18
CA ARG E 329 33.75 -26.00 -2.30
C ARG E 329 33.91 -26.83 -3.58
N PHE E 330 34.16 -26.14 -4.68
CA PHE E 330 34.46 -26.76 -5.98
C PHE E 330 35.70 -26.13 -6.59
N ARG E 331 36.06 -24.95 -6.10
CA ARG E 331 37.23 -24.18 -6.53
C ARG E 331 37.49 -23.10 -5.47
N PRO E 332 38.74 -22.62 -5.38
CA PRO E 332 39.02 -21.44 -4.55
C PRO E 332 37.97 -20.35 -4.73
N SER E 333 37.57 -19.73 -3.62
CA SER E 333 36.53 -18.71 -3.68
C SER E 333 37.08 -17.44 -4.32
N GLU E 334 36.19 -16.60 -4.83
CA GLU E 334 36.59 -15.34 -5.43
C GLU E 334 36.83 -14.26 -4.35
N PRO E 335 37.75 -13.33 -4.62
CA PRO E 335 37.93 -12.21 -3.67
C PRO E 335 36.97 -11.06 -3.94
N HIS E 336 36.66 -10.30 -2.89
CA HIS E 336 35.93 -9.05 -3.05
C HIS E 336 36.79 -7.92 -2.52
N PHE E 337 37.33 -7.14 -3.46
CA PHE E 337 38.23 -6.04 -3.15
C PHE E 337 37.48 -4.82 -2.72
N THR E 338 38.06 -4.08 -1.79
CA THR E 338 37.56 -2.76 -1.44
C THR E 338 37.89 -1.81 -2.58
N LEU E 339 37.09 -0.74 -2.69
CA LEU E 339 37.23 0.28 -3.72
C LEU E 339 38.70 0.54 -4.09
N ASP E 340 39.51 0.87 -3.09
CA ASP E 340 40.92 1.22 -3.31
C ASP E 340 41.79 0.05 -3.77
N GLY E 341 41.33 -1.18 -3.56
CA GLY E 341 42.01 -2.39 -4.04
C GLY E 341 43.21 -2.86 -3.24
N ASN E 342 43.38 -2.33 -2.04
CA ASN E 342 44.51 -2.68 -1.16
C ASN E 342 44.21 -3.82 -0.20
N SER E 343 42.94 -4.21 -0.13
CA SER E 343 42.50 -5.30 0.73
C SER E 343 41.32 -6.01 0.07
N PHE E 344 41.02 -7.21 0.57
CA PHE E 344 39.89 -7.99 0.05
C PHE E 344 39.27 -8.93 1.06
N TYR E 345 38.06 -9.37 0.74
CA TYR E 345 37.31 -10.35 1.51
C TYR E 345 37.19 -11.66 0.71
N LYS E 346 37.34 -12.77 1.43
CA LYS E 346 37.32 -14.09 0.82
C LYS E 346 36.79 -15.12 1.81
N ILE E 347 35.83 -15.92 1.38
CA ILE E 347 35.33 -17.05 2.17
C ILE E 347 36.37 -18.15 2.10
N ILE E 348 36.84 -18.58 3.26
CA ILE E 348 37.80 -19.66 3.36
C ILE E 348 37.44 -20.51 4.59
N SER E 349 37.90 -21.76 4.64
CA SER E 349 37.70 -22.58 5.84
C SER E 349 38.52 -22.08 7.00
N ASN E 350 37.86 -21.92 8.16
CA ASN E 350 38.58 -21.57 9.38
C ASN E 350 39.30 -22.79 9.92
N GLU E 351 39.88 -22.65 11.11
CA GLU E 351 40.61 -23.72 11.77
C GLU E 351 39.68 -24.86 12.20
N GLU E 352 38.38 -24.56 12.35
CA GLU E 352 37.34 -25.54 12.72
C GLU E 352 36.79 -26.28 11.49
N GLY E 353 37.29 -25.92 10.30
CA GLY E 353 36.81 -26.49 9.04
C GLY E 353 35.49 -25.89 8.58
N TYR E 354 35.10 -24.75 9.14
CA TYR E 354 33.89 -24.04 8.68
C TYR E 354 34.24 -22.83 7.80
N ARG E 355 33.44 -22.61 6.75
CA ARG E 355 33.74 -21.55 5.77
C ARG E 355 33.17 -20.19 6.17
N HIS E 356 34.06 -19.22 6.35
CA HIS E 356 33.73 -17.87 6.85
C HIS E 356 34.51 -16.75 6.16
N ILE E 357 34.01 -15.52 6.28
CA ILE E 357 34.64 -14.37 5.64
C ILE E 357 35.94 -13.96 6.35
N CYS E 358 37.03 -13.99 5.59
CA CYS E 358 38.33 -13.56 6.07
C CYS E 358 38.73 -12.29 5.32
N TYR E 359 39.45 -11.41 6.02
CA TYR E 359 39.87 -10.14 5.48
C TYR E 359 41.38 -10.12 5.32
N PHE E 360 41.83 -9.93 4.07
CA PHE E 360 43.25 -9.87 3.75
C PHE E 360 43.62 -8.44 3.37
N GLN E 361 44.84 -8.04 3.70
CA GLN E 361 45.46 -6.87 3.09
C GLN E 361 46.45 -7.41 2.07
N ILE E 362 46.50 -6.82 0.89
CA ILE E 362 47.26 -7.40 -0.24
C ILE E 362 48.74 -7.66 0.08
N ASP E 363 49.30 -6.82 0.96
CA ASP E 363 50.70 -6.89 1.36
C ASP E 363 50.96 -7.88 2.50
N LYS E 364 49.89 -8.40 3.10
CA LYS E 364 49.98 -9.20 4.34
C LYS E 364 49.64 -10.68 4.19
N LYS E 365 50.46 -11.53 4.80
CA LYS E 365 50.29 -12.99 4.77
C LYS E 365 49.07 -13.50 5.57
N ASP E 366 48.81 -12.87 6.71
CA ASP E 366 47.74 -13.32 7.61
C ASP E 366 46.40 -12.66 7.30
N CYS E 367 45.32 -13.40 7.52
CA CYS E 367 43.98 -12.83 7.43
C CYS E 367 43.27 -12.88 8.79
N THR E 368 42.26 -12.03 8.95
CA THR E 368 41.45 -12.04 10.16
C THR E 368 39.99 -12.35 9.82
N PHE E 369 39.41 -13.34 10.52
CA PHE E 369 38.02 -13.73 10.29
C PHE E 369 37.05 -12.74 10.91
N ILE E 370 36.03 -12.35 10.14
CA ILE E 370 35.02 -11.41 10.61
C ILE E 370 33.63 -12.05 10.76
N THR E 371 33.55 -13.36 10.47
CA THR E 371 32.43 -14.21 10.89
C THR E 371 32.98 -15.52 11.48
N LYS E 372 32.15 -16.21 12.27
CA LYS E 372 32.54 -17.50 12.87
C LYS E 372 31.34 -18.31 13.36
N GLY E 373 31.59 -19.56 13.72
CA GLY E 373 30.53 -20.43 14.24
C GLY E 373 30.35 -21.70 13.44
N THR E 374 29.51 -22.59 13.97
CA THR E 374 29.20 -23.88 13.32
C THR E 374 28.01 -23.71 12.36
N TRP E 375 28.31 -22.97 11.30
CA TRP E 375 27.42 -22.76 10.15
C TRP E 375 28.35 -22.21 9.11
N GLU E 376 27.85 -21.98 7.91
CA GLU E 376 28.76 -21.50 6.86
C GLU E 376 28.26 -20.30 6.10
N VAL E 377 29.20 -19.44 5.71
CA VAL E 377 28.91 -18.38 4.75
C VAL E 377 28.82 -18.98 3.35
N ILE E 378 27.68 -18.78 2.68
CA ILE E 378 27.44 -19.30 1.34
C ILE E 378 28.11 -18.43 0.28
N GLY E 379 27.75 -17.15 0.23
CA GLY E 379 28.40 -16.21 -0.69
C GLY E 379 28.39 -14.80 -0.15
N ILE E 380 29.40 -14.03 -0.56
CA ILE E 380 29.46 -12.58 -0.36
C ILE E 380 28.72 -11.94 -1.54
N GLU E 381 27.75 -11.08 -1.23
CA GLU E 381 26.85 -10.53 -2.25
C GLU E 381 27.15 -9.09 -2.64
N ALA E 382 27.42 -8.24 -1.65
CA ALA E 382 27.75 -6.84 -1.93
C ALA E 382 28.71 -6.27 -0.89
N LEU E 383 29.66 -5.46 -1.35
CA LEU E 383 30.57 -4.74 -0.48
C LEU E 383 30.49 -3.25 -0.75
N THR E 384 30.25 -2.47 0.31
CA THR E 384 30.24 -1.01 0.21
C THR E 384 31.39 -0.44 1.04
N SER E 385 31.33 0.86 1.38
CA SER E 385 32.33 1.45 2.27
C SER E 385 31.99 1.17 3.74
N ASP E 386 30.70 0.90 3.99
CA ASP E 386 30.19 0.71 5.34
C ASP E 386 29.61 -0.67 5.67
N TYR E 387 29.24 -1.47 4.67
CA TYR E 387 28.65 -2.79 4.88
C TYR E 387 29.13 -3.88 3.93
N LEU E 388 29.25 -5.10 4.47
CA LEU E 388 29.41 -6.30 3.66
C LEU E 388 28.13 -7.12 3.79
N TYR E 389 27.55 -7.46 2.64
CA TYR E 389 26.36 -8.31 2.58
C TYR E 389 26.73 -9.74 2.17
N TYR E 390 26.10 -10.71 2.83
CA TYR E 390 26.41 -12.12 2.60
C TYR E 390 25.22 -13.04 2.89
N ILE E 391 25.22 -14.20 2.23
CA ILE E 391 24.23 -15.25 2.44
C ILE E 391 24.84 -16.34 3.33
N SER E 392 24.10 -16.78 4.34
CA SER E 392 24.53 -17.93 5.16
C SER E 392 23.38 -18.84 5.61
N ASN E 393 23.76 -19.95 6.23
CA ASN E 393 22.79 -20.90 6.79
C ASN E 393 22.69 -20.89 8.33
N GLU E 394 23.22 -19.84 8.94
CA GLU E 394 23.23 -19.65 10.41
C GLU E 394 21.87 -19.75 11.10
N TYR E 395 20.86 -19.15 10.49
CA TYR E 395 19.55 -19.03 11.15
C TYR E 395 18.98 -20.38 11.59
N LYS E 396 18.70 -20.47 12.90
CA LYS E 396 18.12 -21.67 13.52
C LYS E 396 18.96 -22.95 13.36
N GLY E 397 20.25 -22.76 13.07
CA GLY E 397 21.17 -23.87 12.81
C GLY E 397 20.80 -24.80 11.66
N MET E 398 20.10 -24.28 10.66
CA MET E 398 19.57 -25.11 9.58
C MET E 398 20.42 -25.03 8.31
N PRO E 399 21.26 -26.05 8.06
CA PRO E 399 22.21 -25.91 6.94
C PRO E 399 21.51 -25.79 5.58
N GLY E 400 20.21 -26.09 5.54
CA GLY E 400 19.44 -26.07 4.32
C GLY E 400 18.59 -24.82 4.12
N GLY E 401 18.80 -23.84 4.99
CA GLY E 401 18.18 -22.54 4.86
C GLY E 401 19.21 -21.48 4.44
N ARG E 402 18.72 -20.38 3.86
CA ARG E 402 19.57 -19.28 3.39
C ARG E 402 18.96 -17.96 3.82
N ASN E 403 19.79 -17.06 4.37
CA ASN E 403 19.35 -15.71 4.73
C ASN E 403 20.41 -14.65 4.41
N LEU E 404 19.97 -13.40 4.27
CA LEU E 404 20.86 -12.29 3.96
C LEU E 404 21.27 -11.58 5.24
N TYR E 405 22.56 -11.41 5.43
CA TYR E 405 23.08 -10.69 6.57
C TYR E 405 23.93 -9.54 6.07
N LYS E 406 24.05 -8.50 6.89
CA LYS E 406 25.01 -7.44 6.62
C LYS E 406 25.95 -7.20 7.80
N ILE E 407 27.25 -7.11 7.50
CA ILE E 407 28.27 -6.81 8.49
C ILE E 407 28.59 -5.32 8.49
N GLN E 408 28.29 -4.64 9.60
CA GLN E 408 28.73 -3.25 9.84
C GLN E 408 30.26 -3.24 9.86
N LEU E 409 30.86 -2.50 8.93
CA LEU E 409 32.30 -2.57 8.72
C LEU E 409 33.15 -1.79 9.74
N SER E 410 32.53 -0.82 10.42
CA SER E 410 33.21 -0.16 11.54
C SER E 410 33.28 -1.04 12.80
N ASP E 411 32.45 -2.08 12.87
CA ASP E 411 32.47 -3.04 13.98
C ASP E 411 31.81 -4.33 13.52
N TYR E 412 32.64 -5.30 13.13
CA TYR E 412 32.16 -6.50 12.46
C TYR E 412 31.33 -7.44 13.36
N THR E 413 31.37 -7.20 14.67
CA THR E 413 30.53 -7.95 15.60
C THR E 413 29.05 -7.55 15.48
N LYS E 414 28.80 -6.42 14.85
CA LYS E 414 27.43 -5.95 14.64
C LYS E 414 26.88 -6.41 13.29
N VAL E 415 26.08 -7.47 13.36
CA VAL E 415 25.50 -8.10 12.17
C VAL E 415 23.98 -8.10 12.28
N THR E 416 23.33 -7.73 11.18
CA THR E 416 21.87 -7.77 11.10
C THR E 416 21.43 -8.80 10.06
N CYS E 417 20.40 -9.58 10.40
CA CYS E 417 19.77 -10.45 9.41
C CYS E 417 18.66 -9.70 8.68
N LEU E 418 18.82 -9.57 7.37
CA LEU E 418 17.89 -8.80 6.56
C LEU E 418 16.66 -9.59 6.10
N SER E 419 16.75 -10.92 6.08
CA SER E 419 15.65 -11.75 5.57
C SER E 419 15.00 -12.71 6.60
N CYS E 420 15.71 -12.97 7.69
CA CYS E 420 15.27 -13.91 8.72
C CYS E 420 13.78 -13.87 9.12
N GLU E 421 13.23 -12.66 9.31
CA GLU E 421 11.90 -12.48 9.91
C GLU E 421 10.79 -12.00 8.99
N LEU E 422 11.12 -11.71 7.73
CA LEU E 422 10.15 -11.16 6.79
C LEU E 422 8.86 -12.00 6.67
N ASN E 423 9.01 -13.28 6.32
CA ASN E 423 7.95 -14.28 6.48
C ASN E 423 8.62 -15.57 6.93
N PRO E 424 8.65 -15.83 8.25
CA PRO E 424 9.48 -16.93 8.77
C PRO E 424 8.85 -18.30 8.51
N GLU E 425 7.55 -18.30 8.24
CA GLU E 425 6.79 -19.51 7.99
C GLU E 425 6.89 -19.90 6.52
N ARG E 426 6.70 -18.94 5.62
CA ARG E 426 6.76 -19.23 4.17
C ARG E 426 8.15 -19.04 3.53
N CYS E 427 9.01 -18.25 4.16
CA CYS E 427 10.27 -17.86 3.53
C CYS E 427 11.53 -18.13 4.37
N GLN E 428 12.28 -19.16 4.00
CA GLN E 428 13.54 -19.49 4.69
C GLN E 428 14.70 -19.76 3.72
N TYR E 429 14.49 -19.47 2.44
CA TYR E 429 15.53 -19.69 1.42
C TYR E 429 15.61 -18.49 0.50
N TYR E 430 16.64 -17.67 0.69
CA TYR E 430 16.79 -16.44 -0.04
C TYR E 430 18.03 -16.37 -0.92
N SER E 431 17.84 -15.82 -2.12
CA SER E 431 18.94 -15.20 -2.84
C SER E 431 18.64 -13.69 -2.93
N VAL E 432 19.67 -12.91 -3.20
CA VAL E 432 19.54 -11.47 -3.30
C VAL E 432 20.19 -10.92 -4.57
N SER E 433 19.58 -9.88 -5.13
CA SER E 433 20.15 -9.12 -6.24
C SER E 433 20.27 -7.64 -5.85
N PHE E 434 21.48 -7.10 -5.95
CA PHE E 434 21.75 -5.70 -5.57
C PHE E 434 21.84 -4.76 -6.77
N SER E 435 21.37 -3.52 -6.58
CA SER E 435 21.58 -2.47 -7.57
C SER E 435 23.06 -2.12 -7.69
N LYS E 436 23.39 -1.24 -8.63
CA LYS E 436 24.76 -0.95 -9.03
C LYS E 436 25.69 -0.60 -7.86
N GLU E 437 25.20 0.21 -6.93
CA GLU E 437 25.97 0.61 -5.74
C GLU E 437 25.37 0.03 -4.46
N ALA E 438 24.56 -1.03 -4.60
CA ALA E 438 23.84 -1.68 -3.50
C ALA E 438 22.90 -0.72 -2.73
N LYS E 439 22.32 0.24 -3.45
CA LYS E 439 21.36 1.16 -2.86
C LYS E 439 20.02 0.46 -2.67
N TYR E 440 19.72 -0.49 -3.55
CA TYR E 440 18.46 -1.22 -3.56
C TYR E 440 18.71 -2.72 -3.73
N TYR E 441 17.83 -3.54 -3.16
CA TYR E 441 17.95 -4.99 -3.33
C TYR E 441 16.62 -5.72 -3.49
N GLN E 442 16.61 -6.67 -4.42
CA GLN E 442 15.53 -7.63 -4.57
C GLN E 442 15.83 -8.88 -3.74
N LEU E 443 14.86 -9.33 -2.96
CA LEU E 443 14.96 -10.60 -2.27
C LEU E 443 14.08 -11.64 -2.94
N ARG E 444 14.63 -12.83 -3.17
CA ARG E 444 13.89 -13.96 -3.73
C ARG E 444 13.88 -15.12 -2.74
N CYS E 445 12.73 -15.44 -2.16
CA CYS E 445 12.62 -16.65 -1.36
C CYS E 445 12.01 -17.82 -2.18
N SER E 446 12.63 -18.99 -2.06
CA SER E 446 12.27 -20.17 -2.86
C SER E 446 11.47 -21.20 -2.10
N GLY E 447 11.36 -20.99 -0.78
CA GLY E 447 10.59 -21.87 0.07
C GLY E 447 10.82 -21.53 1.53
N PRO E 448 10.19 -22.30 2.45
CA PRO E 448 9.37 -23.47 2.18
C PRO E 448 8.02 -23.20 1.50
N GLY E 449 7.49 -21.99 1.61
CA GLY E 449 6.23 -21.62 0.95
C GLY E 449 6.43 -21.36 -0.53
N LEU E 450 5.41 -20.82 -1.19
CA LEU E 450 5.55 -20.42 -2.61
C LEU E 450 6.59 -19.29 -2.74
N PRO E 451 7.33 -19.25 -3.87
CA PRO E 451 8.29 -18.15 -4.07
C PRO E 451 7.68 -16.75 -3.87
N LEU E 452 8.49 -15.84 -3.34
CA LEU E 452 8.08 -14.45 -3.07
C LEU E 452 9.22 -13.52 -3.46
N TYR E 453 8.94 -12.57 -4.35
CA TYR E 453 9.94 -11.59 -4.76
C TYR E 453 9.57 -10.25 -4.17
N THR E 454 10.52 -9.62 -3.48
CA THR E 454 10.28 -8.33 -2.83
C THR E 454 11.41 -7.35 -3.15
N LEU E 455 11.09 -6.05 -3.08
CA LEU E 455 12.06 -4.97 -3.36
C LEU E 455 12.30 -4.09 -2.12
N HIS E 456 13.54 -3.70 -1.89
CA HIS E 456 13.95 -3.03 -0.64
C HIS E 456 14.97 -1.93 -0.86
N SER E 457 14.98 -0.93 0.04
CA SER E 457 16.03 0.09 0.07
C SER E 457 17.07 -0.25 1.14
N SER E 458 18.35 -0.13 0.79
CA SER E 458 19.47 -0.44 1.69
C SER E 458 19.68 0.57 2.82
N VAL E 459 19.30 1.84 2.58
CA VAL E 459 19.56 2.92 3.55
C VAL E 459 19.07 2.57 4.96
N ASN E 460 17.85 2.01 5.02
CA ASN E 460 17.28 1.60 6.30
C ASN E 460 16.67 0.20 6.29
N ASP E 461 16.88 -0.51 5.19
CA ASP E 461 16.38 -1.88 5.01
C ASP E 461 14.87 -2.01 5.23
N LYS E 462 14.12 -1.04 4.70
CA LYS E 462 12.66 -1.16 4.69
C LYS E 462 12.14 -1.75 3.37
N GLY E 463 10.99 -2.42 3.46
CA GLY E 463 10.38 -3.07 2.31
C GLY E 463 9.62 -2.09 1.43
N LEU E 464 10.08 -1.94 0.19
CA LEU E 464 9.43 -1.05 -0.77
C LEU E 464 8.10 -1.65 -1.30
N ARG E 465 8.18 -2.77 -2.02
CA ARG E 465 6.96 -3.52 -2.39
C ARG E 465 7.19 -5.01 -2.68
N VAL E 466 6.07 -5.72 -2.80
CA VAL E 466 6.02 -7.11 -3.26
C VAL E 466 5.95 -7.11 -4.79
N LEU E 467 6.90 -7.79 -5.42
CA LEU E 467 6.94 -7.88 -6.87
C LEU E 467 6.11 -9.06 -7.38
N GLU E 468 6.30 -10.23 -6.76
CA GLU E 468 5.54 -11.42 -7.13
C GLU E 468 5.25 -12.28 -5.88
N ASP E 469 3.97 -12.46 -5.57
CA ASP E 469 3.57 -13.29 -4.44
C ASP E 469 3.05 -14.69 -4.83
N ASN E 470 2.97 -14.94 -6.13
CA ASN E 470 2.48 -16.23 -6.68
C ASN E 470 1.04 -16.58 -6.27
N SER E 471 0.21 -15.54 -6.14
CA SER E 471 -1.17 -15.70 -5.67
C SER E 471 -2.07 -16.41 -6.69
N ALA E 472 -1.70 -16.35 -7.98
CA ALA E 472 -2.40 -17.12 -9.00
C ALA E 472 -2.14 -18.62 -8.80
N LEU E 473 -0.89 -18.96 -8.51
CA LEU E 473 -0.51 -20.34 -8.19
C LEU E 473 -1.18 -20.86 -6.91
N ASP E 474 -1.23 -20.03 -5.89
CA ASP E 474 -1.84 -20.38 -4.60
C ASP E 474 -3.33 -20.65 -4.74
N LYS E 475 -3.96 -19.92 -5.66
CA LYS E 475 -5.38 -20.05 -5.94
C LYS E 475 -5.64 -21.46 -6.45
N MET E 476 -4.79 -21.92 -7.37
CA MET E 476 -4.94 -23.21 -8.01
C MET E 476 -4.67 -24.39 -7.06
N LEU E 477 -3.57 -24.33 -6.31
CA LEU E 477 -3.17 -25.44 -5.43
C LEU E 477 -4.01 -25.67 -4.17
N GLN E 478 -4.99 -24.80 -3.94
CA GLN E 478 -5.82 -24.86 -2.73
C GLN E 478 -6.77 -26.07 -2.70
N ASN E 479 -7.24 -26.48 -3.87
CA ASN E 479 -8.13 -27.64 -3.98
C ASN E 479 -7.45 -28.87 -4.61
N VAL E 480 -6.21 -28.67 -5.04
CA VAL E 480 -5.32 -29.79 -5.38
C VAL E 480 -4.81 -30.38 -4.08
N GLN E 481 -4.97 -31.69 -3.91
CA GLN E 481 -4.38 -32.39 -2.78
C GLN E 481 -2.89 -32.40 -3.00
N MET E 482 -2.17 -31.65 -2.16
CA MET E 482 -0.73 -31.50 -2.29
C MET E 482 0.03 -32.29 -1.21
N PRO E 483 1.27 -32.74 -1.54
CA PRO E 483 2.15 -33.34 -0.55
C PRO E 483 2.66 -32.33 0.46
N SER E 484 3.30 -32.81 1.52
CA SER E 484 3.95 -31.93 2.48
C SER E 484 5.41 -32.29 2.54
N LYS E 485 6.25 -31.31 2.85
CA LYS E 485 7.66 -31.58 3.08
C LYS E 485 7.93 -31.54 4.56
N LYS E 486 8.68 -32.54 5.03
CA LYS E 486 9.24 -32.52 6.36
C LYS E 486 10.74 -32.42 6.17
N LEU E 487 11.38 -31.50 6.89
CA LEU E 487 12.81 -31.31 6.87
C LEU E 487 13.30 -31.54 8.30
N ASP E 488 14.14 -32.55 8.50
CA ASP E 488 14.59 -32.91 9.84
C ASP E 488 15.95 -33.60 9.79
N PHE E 489 16.41 -34.09 10.93
CA PHE E 489 17.70 -34.75 11.02
C PHE E 489 17.62 -36.06 11.82
N ILE E 490 18.49 -37.00 11.45
CA ILE E 490 18.77 -38.22 12.23
C ILE E 490 20.19 -38.10 12.77
N ILE E 491 20.55 -38.88 13.79
CA ILE E 491 21.82 -38.67 14.53
C ILE E 491 22.81 -39.86 14.51
N LEU E 492 23.52 -40.02 13.39
CA LEU E 492 24.58 -41.04 13.20
C LEU E 492 25.91 -40.65 13.84
N ASN E 493 26.42 -41.49 14.74
CA ASN E 493 27.70 -41.23 15.42
C ASN E 493 27.81 -39.85 16.06
N GLU E 494 26.83 -39.48 16.87
CA GLU E 494 26.80 -38.18 17.58
C GLU E 494 26.65 -36.99 16.64
N THR E 495 26.72 -37.25 15.33
CA THR E 495 26.63 -36.20 14.32
C THR E 495 25.22 -36.14 13.74
N LYS E 496 24.71 -34.91 13.63
CA LYS E 496 23.45 -34.60 12.97
C LYS E 496 23.64 -34.72 11.46
N PHE E 497 22.71 -35.41 10.80
CA PHE E 497 22.64 -35.41 9.35
C PHE E 497 21.19 -35.15 8.93
N TRP E 498 21.02 -34.29 7.95
CA TRP E 498 19.69 -33.82 7.55
C TRP E 498 19.06 -34.62 6.43
N TYR E 499 17.73 -34.68 6.44
CA TYR E 499 16.99 -35.34 5.40
C TYR E 499 15.68 -34.58 5.18
N GLN E 500 15.08 -34.77 4.00
CA GLN E 500 13.72 -34.30 3.76
C GLN E 500 12.85 -35.45 3.24
N MET E 501 11.57 -35.44 3.61
CA MET E 501 10.60 -36.37 3.08
C MET E 501 9.43 -35.65 2.42
N ILE E 502 9.21 -35.94 1.14
CA ILE E 502 7.98 -35.47 0.48
C ILE E 502 6.88 -36.46 0.81
N LEU E 503 5.94 -36.02 1.64
CA LEU E 503 4.92 -36.90 2.21
C LEU E 503 3.58 -36.76 1.48
N PRO E 504 2.95 -37.89 1.12
CA PRO E 504 1.65 -37.85 0.46
C PRO E 504 0.59 -37.12 1.29
N PRO E 505 -0.42 -36.51 0.62
CA PRO E 505 -1.58 -35.94 1.31
C PRO E 505 -2.15 -36.91 2.32
N HIS E 506 -2.77 -36.37 3.38
CA HIS E 506 -3.42 -37.17 4.43
C HIS E 506 -2.48 -38.21 5.06
N PHE E 507 -1.20 -37.88 5.09
CA PHE E 507 -0.17 -38.76 5.62
C PHE E 507 -0.59 -39.33 6.98
N ASP E 508 -0.53 -40.65 7.09
CA ASP E 508 -0.87 -41.36 8.30
C ASP E 508 0.31 -42.20 8.78
N LYS E 509 0.89 -41.79 9.91
CA LYS E 509 1.98 -42.52 10.56
C LYS E 509 1.63 -43.98 10.97
N SER E 510 0.35 -44.32 10.94
CA SER E 510 -0.12 -45.69 11.19
C SER E 510 -0.13 -46.54 9.91
N LYS E 511 0.19 -45.93 8.79
CA LYS E 511 0.26 -46.64 7.50
C LYS E 511 1.69 -46.96 7.11
N LYS E 512 1.83 -47.95 6.24
CA LYS E 512 3.11 -48.29 5.67
C LYS E 512 3.12 -47.86 4.21
N TYR E 513 3.91 -46.82 3.93
CA TYR E 513 4.04 -46.29 2.58
C TYR E 513 5.30 -46.85 1.92
N PRO E 514 5.23 -47.09 0.60
CA PRO E 514 6.43 -47.32 -0.20
C PRO E 514 7.36 -46.10 -0.12
N LEU E 515 8.66 -46.33 -0.09
CA LEU E 515 9.59 -45.22 -0.05
C LEU E 515 10.48 -45.22 -1.28
N LEU E 516 10.59 -44.06 -1.91
CA LEU E 516 11.61 -43.82 -2.92
C LEU E 516 12.70 -42.89 -2.36
N LEU E 517 13.93 -43.37 -2.39
CA LEU E 517 15.06 -42.53 -2.00
C LEU E 517 15.64 -41.81 -3.22
N ASP E 518 15.48 -40.49 -3.22
CA ASP E 518 15.99 -39.57 -4.26
C ASP E 518 17.40 -39.10 -3.85
N VAL E 519 18.42 -39.54 -4.59
CA VAL E 519 19.79 -39.38 -4.15
C VAL E 519 20.68 -38.66 -5.17
N TYR E 520 21.57 -37.80 -4.65
CA TYR E 520 22.63 -37.23 -5.44
C TYR E 520 23.94 -37.60 -4.76
N ALA E 521 24.20 -37.03 -3.58
CA ALA E 521 25.29 -37.46 -2.70
C ALA E 521 26.73 -37.20 -3.18
N GLY E 522 26.89 -36.37 -4.21
CA GLY E 522 28.21 -35.89 -4.66
C GLY E 522 28.90 -35.01 -3.60
N PRO E 523 30.21 -34.75 -3.76
CA PRO E 523 30.96 -33.86 -2.85
C PRO E 523 30.38 -32.43 -2.79
N CYS E 524 30.15 -31.95 -1.56
CA CYS E 524 29.55 -30.64 -1.28
C CYS E 524 28.10 -30.51 -1.74
N SER E 525 27.40 -31.62 -1.88
CA SER E 525 26.01 -31.58 -2.32
C SER E 525 25.03 -31.31 -1.19
N GLN E 526 23.85 -30.81 -1.54
CA GLN E 526 22.79 -30.63 -0.58
C GLN E 526 21.45 -30.93 -1.19
N LYS E 527 20.86 -32.05 -0.78
CA LYS E 527 19.56 -32.48 -1.27
C LYS E 527 18.45 -32.35 -0.25
N ALA E 528 18.79 -31.94 0.98
CA ALA E 528 17.77 -31.63 1.99
C ALA E 528 17.79 -30.13 2.33
N ASP E 529 16.75 -29.42 1.89
CA ASP E 529 16.66 -27.98 2.11
C ASP E 529 15.24 -27.50 2.31
N THR E 530 15.07 -26.17 2.35
CA THR E 530 13.77 -25.52 2.51
C THR E 530 13.17 -25.00 1.21
N VAL E 531 13.79 -25.29 0.07
CA VAL E 531 13.26 -24.89 -1.24
C VAL E 531 11.95 -25.60 -1.56
N PHE E 532 11.00 -24.86 -2.14
CA PHE E 532 9.74 -25.42 -2.62
C PHE E 532 9.84 -25.82 -4.11
N ARG E 533 9.48 -27.06 -4.43
CA ARG E 533 9.58 -27.56 -5.81
C ARG E 533 8.31 -28.24 -6.30
N LEU E 534 8.07 -28.10 -7.59
CA LEU E 534 7.07 -28.90 -8.28
C LEU E 534 7.82 -29.77 -9.28
N ASN E 535 7.97 -31.04 -8.89
CA ASN E 535 8.78 -31.96 -9.67
C ASN E 535 8.14 -33.35 -9.76
N TRP E 536 8.88 -34.33 -10.27
CA TRP E 536 8.39 -35.69 -10.39
C TRP E 536 7.95 -36.23 -9.02
N ALA E 537 8.75 -35.92 -8.00
CA ALA E 537 8.47 -36.29 -6.60
C ALA E 537 7.12 -35.78 -6.05
N THR E 538 6.69 -34.62 -6.55
CA THR E 538 5.41 -34.04 -6.19
C THR E 538 4.28 -34.94 -6.67
N TYR E 539 4.42 -35.44 -7.89
CA TYR E 539 3.46 -36.37 -8.46
C TYR E 539 3.46 -37.69 -7.72
N LEU E 540 4.64 -38.20 -7.37
CA LEU E 540 4.75 -39.50 -6.70
C LEU E 540 4.03 -39.47 -5.35
N ALA E 541 4.33 -38.47 -4.54
CA ALA E 541 3.65 -38.27 -3.26
C ALA E 541 2.15 -37.94 -3.41
N SER E 542 1.83 -36.97 -4.26
CA SER E 542 0.43 -36.55 -4.44
C SER E 542 -0.50 -37.62 -5.01
N THR E 543 -0.11 -38.19 -6.16
CA THR E 543 -0.96 -39.14 -6.91
C THR E 543 -0.73 -40.58 -6.47
N GLU E 544 0.54 -40.97 -6.36
CA GLU E 544 0.89 -42.38 -6.19
C GLU E 544 1.01 -42.82 -4.74
N ASN E 545 0.98 -41.86 -3.82
CA ASN E 545 1.19 -42.08 -2.38
C ASN E 545 2.53 -42.75 -2.04
N ILE E 546 3.58 -42.22 -2.62
CA ILE E 546 4.94 -42.63 -2.35
C ILE E 546 5.60 -41.55 -1.49
N ILE E 547 6.33 -41.96 -0.45
CA ILE E 547 7.22 -41.05 0.27
C ILE E 547 8.50 -40.92 -0.52
N VAL E 548 8.89 -39.69 -0.83
CA VAL E 548 10.15 -39.46 -1.51
C VAL E 548 11.09 -38.75 -0.57
N ALA E 549 12.12 -39.46 -0.12
CA ALA E 549 13.10 -38.94 0.82
C ALA E 549 14.43 -38.62 0.14
N SER E 550 15.14 -37.65 0.72
CA SER E 550 16.52 -37.34 0.35
C SER E 550 17.35 -37.16 1.61
N PHE E 551 18.64 -37.46 1.51
CA PHE E 551 19.48 -37.46 2.70
C PHE E 551 20.88 -36.94 2.39
N ASP E 552 21.36 -36.07 3.26
CA ASP E 552 22.71 -35.53 3.15
C ASP E 552 23.57 -36.18 4.21
N GLY E 553 24.40 -37.12 3.80
CA GLY E 553 25.33 -37.80 4.70
C GLY E 553 26.73 -37.26 4.51
N ARG E 554 27.73 -38.14 4.62
CA ARG E 554 29.12 -37.70 4.53
C ARG E 554 29.48 -37.30 3.11
N GLY E 555 30.32 -36.28 3.00
CA GLY E 555 30.60 -35.64 1.72
C GLY E 555 29.66 -34.48 1.38
N SER E 556 28.54 -34.39 2.07
CA SER E 556 27.59 -33.31 1.81
C SER E 556 28.17 -31.95 2.27
N GLY E 557 27.64 -30.88 1.69
CA GLY E 557 28.21 -29.57 1.88
C GLY E 557 27.50 -28.69 2.90
N TYR E 558 28.12 -27.53 3.10
CA TYR E 558 27.58 -26.42 3.89
C TYR E 558 27.42 -26.69 5.40
N GLN E 559 28.15 -27.69 5.91
CA GLN E 559 28.10 -28.12 7.31
C GLN E 559 29.50 -28.30 7.90
N GLY E 560 30.51 -27.76 7.23
CA GLY E 560 31.91 -27.88 7.66
C GLY E 560 32.69 -28.96 6.91
N ASP E 561 34.01 -28.87 6.99
CA ASP E 561 34.90 -29.77 6.27
C ASP E 561 34.97 -31.19 6.85
N LYS E 562 34.58 -31.35 8.11
CA LYS E 562 34.67 -32.67 8.72
C LYS E 562 33.69 -33.62 8.01
N ILE E 563 32.47 -33.15 7.76
CA ILE E 563 31.49 -33.87 6.92
C ILE E 563 31.89 -33.89 5.42
N MET E 564 32.33 -32.75 4.88
CA MET E 564 32.58 -32.63 3.43
C MET E 564 33.82 -33.37 2.93
N HIS E 565 34.93 -33.27 3.66
CA HIS E 565 36.17 -33.97 3.29
C HIS E 565 36.24 -35.47 3.72
N ALA E 566 35.15 -35.98 4.32
CA ALA E 566 35.07 -37.39 4.75
C ALA E 566 35.24 -38.37 3.57
N ILE E 567 34.74 -37.99 2.40
CA ILE E 567 34.87 -38.81 1.19
C ILE E 567 36.13 -38.51 0.35
N ASN E 568 37.08 -37.75 0.90
CA ASN E 568 38.30 -37.37 0.16
C ASN E 568 39.11 -38.59 -0.21
N ARG E 569 39.42 -38.73 -1.51
CA ARG E 569 40.23 -39.82 -2.03
C ARG E 569 39.48 -41.13 -1.96
N ARG E 570 38.21 -41.03 -1.56
CA ARG E 570 37.43 -42.19 -1.22
C ARG E 570 35.95 -42.06 -1.65
N LEU E 571 35.72 -41.66 -2.90
CA LEU E 571 34.39 -41.62 -3.49
C LEU E 571 33.85 -43.03 -3.65
N GLY E 572 32.52 -43.15 -3.57
CA GLY E 572 31.86 -44.44 -3.61
C GLY E 572 31.99 -45.25 -2.32
N THR E 573 32.27 -44.57 -1.22
CA THR E 573 32.33 -45.24 0.08
C THR E 573 31.29 -44.68 1.05
N PHE E 574 31.68 -43.74 1.90
CA PHE E 574 30.84 -43.24 2.99
C PHE E 574 29.52 -42.62 2.54
N GLU E 575 29.53 -41.89 1.43
CA GLU E 575 28.29 -41.33 0.88
C GLU E 575 27.31 -42.42 0.41
N VAL E 576 27.87 -43.55 -0.07
CA VAL E 576 27.07 -44.71 -0.46
C VAL E 576 26.54 -45.38 0.82
N GLU E 577 27.43 -45.66 1.77
CA GLU E 577 27.05 -46.29 3.03
C GLU E 577 25.97 -45.52 3.76
N ASP E 578 26.13 -44.19 3.84
CA ASP E 578 25.19 -43.34 4.57
C ASP E 578 23.79 -43.36 3.95
N GLN E 579 23.70 -43.52 2.65
CA GLN E 579 22.39 -43.62 1.98
C GLN E 579 21.60 -44.85 2.41
N ILE E 580 22.30 -45.97 2.56
CA ILE E 580 21.72 -47.26 3.00
C ILE E 580 21.31 -47.20 4.46
N GLU E 581 22.17 -46.59 5.27
CA GLU E 581 21.89 -46.39 6.69
C GLU E 581 20.68 -45.47 6.92
N ALA E 582 20.60 -44.41 6.12
CA ALA E 582 19.46 -43.49 6.17
C ALA E 582 18.17 -44.25 5.92
N ALA E 583 18.24 -45.16 4.94
CA ALA E 583 17.10 -45.98 4.51
C ALA E 583 16.69 -46.96 5.60
N ARG E 584 17.68 -47.59 6.23
CA ARG E 584 17.43 -48.45 7.39
C ARG E 584 16.67 -47.68 8.49
N GLN E 585 17.15 -46.48 8.83
CA GLN E 585 16.49 -45.66 9.84
C GLN E 585 15.08 -45.20 9.44
N PHE E 586 14.86 -44.95 8.15
CA PHE E 586 13.53 -44.56 7.65
C PHE E 586 12.51 -45.68 7.80
N SER E 587 12.93 -46.92 7.56
CA SER E 587 12.05 -48.06 7.82
C SER E 587 11.94 -48.42 9.31
N LYS E 588 12.93 -48.02 10.10
CA LYS E 588 12.85 -48.08 11.56
C LYS E 588 11.78 -47.13 12.13
N MET E 589 11.42 -46.11 11.36
CA MET E 589 10.45 -45.11 11.80
C MET E 589 9.00 -45.65 11.89
N GLY E 590 8.73 -46.76 11.22
CA GLY E 590 7.44 -47.46 11.37
C GLY E 590 6.30 -47.05 10.45
N PHE E 591 6.54 -46.09 9.56
CA PHE E 591 5.53 -45.70 8.56
C PHE E 591 5.99 -46.00 7.12
N VAL E 592 7.05 -46.80 7.02
CA VAL E 592 7.59 -47.22 5.72
C VAL E 592 7.37 -48.71 5.52
N ASP E 593 6.87 -49.06 4.34
CA ASP E 593 6.75 -50.45 3.95
C ASP E 593 8.11 -50.99 3.50
N ASN E 594 8.77 -51.69 4.42
CA ASN E 594 10.02 -52.43 4.19
C ASN E 594 10.19 -53.15 2.85
N LYS E 595 9.09 -53.70 2.33
CA LYS E 595 9.14 -54.55 1.15
C LYS E 595 9.12 -53.74 -0.13
N ARG E 596 9.04 -52.42 0.01
CA ARG E 596 8.91 -51.50 -1.11
C ARG E 596 9.72 -50.23 -0.87
N ILE E 597 11.03 -50.40 -0.83
CA ILE E 597 11.97 -49.27 -0.81
C ILE E 597 12.79 -49.26 -2.10
N ALA E 598 12.70 -48.16 -2.85
CA ALA E 598 13.47 -47.95 -4.05
C ALA E 598 14.46 -46.80 -3.89
N ILE E 599 15.34 -46.66 -4.87
CA ILE E 599 16.36 -45.61 -4.90
C ILE E 599 16.53 -45.13 -6.35
N TRP E 600 16.68 -43.82 -6.54
CA TRP E 600 16.99 -43.30 -7.86
C TRP E 600 17.83 -42.01 -7.83
N GLY E 601 18.48 -41.72 -8.96
CA GLY E 601 19.24 -40.54 -9.11
C GLY E 601 19.92 -40.42 -10.45
N TRP E 602 20.43 -39.21 -10.68
CA TRP E 602 20.91 -38.78 -11.96
C TRP E 602 22.39 -38.44 -11.81
N SER E 603 23.20 -38.98 -12.71
CA SER E 603 24.63 -38.66 -12.84
C SER E 603 25.47 -39.19 -11.65
N TYR E 604 25.99 -38.31 -10.78
CA TYR E 604 26.60 -38.75 -9.51
C TYR E 604 25.59 -39.56 -8.69
N GLY E 605 24.32 -39.14 -8.74
CA GLY E 605 23.26 -39.89 -8.08
C GLY E 605 22.93 -41.22 -8.72
N GLY E 606 23.18 -41.38 -10.01
CA GLY E 606 23.02 -42.67 -10.69
C GLY E 606 24.16 -43.61 -10.36
N TYR E 607 25.34 -43.04 -10.11
CA TYR E 607 26.48 -43.76 -9.56
C TYR E 607 26.20 -44.35 -8.17
N VAL E 608 25.74 -43.51 -7.25
CA VAL E 608 25.38 -43.95 -5.89
C VAL E 608 24.23 -44.95 -5.90
N THR E 609 23.21 -44.68 -6.72
CA THR E 609 22.09 -45.59 -6.85
C THR E 609 22.63 -46.99 -7.18
N SER E 610 23.42 -47.07 -8.23
CA SER E 610 23.99 -48.32 -8.73
C SER E 610 24.86 -48.99 -7.68
N MET E 611 25.64 -48.17 -6.98
CA MET E 611 26.56 -48.66 -5.94
C MET E 611 25.78 -49.22 -4.78
N VAL E 612 24.63 -48.62 -4.48
CA VAL E 612 23.77 -49.08 -3.40
C VAL E 612 23.07 -50.37 -3.81
N LEU E 613 22.54 -50.40 -5.03
CA LEU E 613 21.89 -51.59 -5.57
C LEU E 613 22.80 -52.82 -5.68
N GLY E 614 24.09 -52.60 -5.91
CA GLY E 614 25.06 -53.70 -5.97
C GLY E 614 25.75 -53.98 -4.64
N SER E 615 25.26 -53.36 -3.58
CA SER E 615 25.90 -53.45 -2.25
C SER E 615 25.62 -54.74 -1.46
N GLY E 616 24.55 -55.44 -1.80
CA GLY E 616 24.11 -56.60 -1.04
C GLY E 616 23.40 -56.25 0.25
N SER E 617 23.08 -54.98 0.48
CA SER E 617 22.44 -54.53 1.73
C SER E 617 21.10 -55.19 2.01
N GLY E 618 20.32 -55.45 0.95
CA GLY E 618 18.97 -56.01 1.10
C GLY E 618 17.87 -55.03 1.45
N VAL E 619 18.22 -53.74 1.53
CA VAL E 619 17.25 -52.72 1.96
C VAL E 619 16.37 -52.30 0.79
N PHE E 620 16.94 -52.35 -0.39
CA PHE E 620 16.29 -51.80 -1.57
C PHE E 620 15.78 -52.89 -2.48
N LYS E 621 14.57 -52.69 -2.95
CA LYS E 621 13.92 -53.61 -3.84
C LYS E 621 14.39 -53.37 -5.28
N CYS E 622 14.50 -52.10 -5.64
CA CYS E 622 14.67 -51.72 -7.03
C CYS E 622 15.25 -50.31 -7.09
N GLY E 623 15.60 -49.86 -8.29
CA GLY E 623 16.13 -48.52 -8.48
C GLY E 623 16.42 -48.13 -9.92
N ILE E 624 16.47 -46.82 -10.18
CA ILE E 624 16.77 -46.25 -11.50
C ILE E 624 18.04 -45.39 -11.50
N ALA E 625 18.98 -45.68 -12.40
CA ALA E 625 20.19 -44.86 -12.56
C ALA E 625 20.17 -44.15 -13.90
N VAL E 626 20.13 -42.81 -13.86
CA VAL E 626 20.10 -42.03 -15.09
C VAL E 626 21.48 -41.40 -15.31
N ALA E 627 22.03 -41.61 -16.49
CA ALA E 627 23.32 -41.06 -16.88
C ALA E 627 24.37 -41.23 -15.78
N PRO E 628 24.51 -42.46 -15.24
CA PRO E 628 25.41 -42.70 -14.12
C PRO E 628 26.87 -42.70 -14.51
N VAL E 629 27.71 -42.26 -13.59
CA VAL E 629 29.13 -42.57 -13.63
C VAL E 629 29.20 -44.04 -13.20
N SER E 630 30.11 -44.79 -13.80
CA SER E 630 30.30 -46.21 -13.48
C SER E 630 31.71 -46.54 -12.97
N ARG E 631 32.71 -45.82 -13.47
CA ARG E 631 34.06 -45.89 -12.88
C ARG E 631 34.77 -44.57 -13.12
N TRP E 632 35.64 -44.18 -12.18
CA TRP E 632 36.12 -42.80 -12.16
C TRP E 632 37.11 -42.44 -13.27
N GLU E 633 37.82 -43.41 -13.83
CA GLU E 633 38.80 -43.16 -14.92
C GLU E 633 38.14 -42.65 -16.20
N TYR E 634 36.81 -42.80 -16.28
CA TYR E 634 36.05 -42.44 -17.49
C TYR E 634 35.60 -41.01 -17.38
N TYR E 635 35.62 -40.47 -16.15
CA TYR E 635 35.20 -39.09 -15.93
C TYR E 635 36.35 -38.10 -16.11
N ASP E 636 36.04 -36.81 -16.20
CA ASP E 636 37.04 -35.80 -16.53
C ASP E 636 38.05 -35.55 -15.40
N SER E 637 39.23 -35.08 -15.77
CA SER E 637 40.33 -34.92 -14.83
C SER E 637 40.07 -33.89 -13.74
N VAL E 638 39.54 -32.71 -14.10
CA VAL E 638 39.43 -31.64 -13.09
C VAL E 638 38.44 -31.95 -11.97
N TYR E 639 37.27 -32.48 -12.31
CA TYR E 639 36.33 -32.91 -11.30
C TYR E 639 36.84 -34.12 -10.54
N THR E 640 37.27 -35.15 -11.29
CA THR E 640 37.57 -36.45 -10.72
C THR E 640 38.78 -36.40 -9.79
N GLU E 641 39.84 -35.74 -10.24
CA GLU E 641 41.11 -35.73 -9.52
C GLU E 641 41.02 -34.85 -8.28
N ARG E 642 40.14 -33.86 -8.31
CA ARG E 642 39.87 -33.03 -7.14
C ARG E 642 39.57 -33.89 -5.91
N TYR E 643 38.87 -35.01 -6.13
CA TYR E 643 38.39 -35.86 -5.05
C TYR E 643 39.12 -37.18 -4.98
N MET E 644 39.68 -37.62 -6.10
CA MET E 644 40.24 -38.96 -6.22
C MET E 644 41.77 -39.02 -6.40
N GLY E 645 42.43 -37.87 -6.53
CA GLY E 645 43.83 -37.84 -6.97
C GLY E 645 44.01 -38.52 -8.31
N LEU E 646 45.10 -39.26 -8.47
CA LEU E 646 45.49 -39.83 -9.76
C LEU E 646 45.36 -41.36 -9.78
N PRO E 647 44.92 -41.93 -10.92
CA PRO E 647 44.80 -43.38 -11.05
C PRO E 647 46.14 -44.00 -11.41
N THR E 648 47.14 -43.80 -10.56
CA THR E 648 48.45 -44.38 -10.75
C THR E 648 48.77 -45.22 -9.52
N PRO E 649 49.60 -46.28 -9.67
CA PRO E 649 50.11 -47.05 -8.52
C PRO E 649 50.66 -46.22 -7.35
N GLU E 650 51.21 -45.05 -7.63
CA GLU E 650 51.86 -44.27 -6.56
C GLU E 650 50.96 -43.15 -6.01
N ASP E 651 49.72 -43.11 -6.48
CA ASP E 651 48.72 -42.25 -5.90
C ASP E 651 47.49 -43.10 -5.50
N ASN E 652 46.41 -43.08 -6.28
CA ASN E 652 45.13 -43.66 -5.83
C ASN E 652 44.51 -44.74 -6.74
N LEU E 653 45.34 -45.44 -7.53
CA LEU E 653 44.83 -46.47 -8.46
C LEU E 653 43.93 -47.51 -7.82
N ASP E 654 44.35 -48.07 -6.68
CA ASP E 654 43.58 -49.12 -6.00
C ASP E 654 42.12 -48.72 -5.72
N HIS E 655 41.90 -47.52 -5.19
CA HIS E 655 40.52 -47.09 -4.93
C HIS E 655 39.72 -46.74 -6.18
N TYR E 656 40.38 -46.21 -7.21
CA TYR E 656 39.76 -46.09 -8.54
C TYR E 656 39.20 -47.43 -8.99
N ARG E 657 39.97 -48.49 -8.74
CA ARG E 657 39.58 -49.83 -9.15
C ARG E 657 38.51 -50.46 -8.25
N ASN E 658 38.60 -50.21 -6.95
CA ASN E 658 37.58 -50.71 -6.03
C ASN E 658 36.25 -49.92 -6.04
N SER E 659 36.17 -48.81 -6.77
CA SER E 659 34.96 -47.96 -6.68
C SER E 659 34.08 -47.93 -7.93
N THR E 660 34.20 -48.96 -8.76
CA THR E 660 33.41 -49.10 -9.97
C THR E 660 32.07 -49.79 -9.68
N VAL E 661 31.03 -49.47 -10.45
CA VAL E 661 29.81 -50.30 -10.31
C VAL E 661 29.93 -51.67 -10.97
N MET E 662 30.77 -51.78 -12.01
CA MET E 662 30.97 -53.06 -12.72
C MET E 662 31.35 -54.20 -11.78
N SER E 663 32.21 -53.94 -10.80
CA SER E 663 32.68 -54.99 -9.88
C SER E 663 31.59 -55.54 -8.96
N ARG E 664 30.47 -54.84 -8.87
CA ARG E 664 29.36 -55.23 -7.99
C ARG E 664 28.22 -55.84 -8.78
N ALA E 665 28.50 -56.20 -10.04
CA ALA E 665 27.53 -56.71 -10.99
C ALA E 665 26.73 -57.90 -10.48
N GLU E 666 27.42 -58.81 -9.80
CA GLU E 666 26.82 -60.04 -9.31
C GLU E 666 25.66 -59.74 -8.35
N ASN E 667 25.82 -58.76 -7.47
CA ASN E 667 24.76 -58.42 -6.52
C ASN E 667 23.49 -57.82 -7.11
N PHE E 668 23.55 -57.39 -8.38
CA PHE E 668 22.34 -56.84 -9.03
C PHE E 668 21.27 -57.90 -9.30
N LYS E 669 21.64 -59.18 -9.12
CA LYS E 669 20.69 -60.30 -9.08
C LYS E 669 19.67 -60.13 -7.94
N GLN E 670 20.00 -59.27 -6.98
CA GLN E 670 19.19 -59.02 -5.78
C GLN E 670 18.15 -57.88 -5.93
N VAL E 671 18.19 -57.16 -7.05
CA VAL E 671 17.30 -56.00 -7.26
C VAL E 671 16.72 -55.98 -8.68
N GLU E 672 15.69 -55.15 -8.87
CA GLU E 672 15.26 -54.72 -10.21
C GLU E 672 15.93 -53.38 -10.54
N TYR E 673 16.62 -53.33 -11.67
CA TYR E 673 17.39 -52.17 -12.09
C TYR E 673 16.90 -51.60 -13.41
N LEU E 674 16.72 -50.28 -13.45
CA LEU E 674 16.47 -49.55 -14.70
C LEU E 674 17.70 -48.67 -14.95
N LEU E 675 18.38 -48.92 -16.07
CA LEU E 675 19.53 -48.12 -16.48
C LEU E 675 19.14 -47.27 -17.70
N ILE E 676 19.36 -45.95 -17.58
CA ILE E 676 19.00 -44.98 -18.63
C ILE E 676 20.18 -44.08 -18.98
N HIS E 677 20.41 -43.84 -20.27
CA HIS E 677 21.51 -42.96 -20.68
C HIS E 677 21.29 -42.36 -22.08
N GLY E 678 21.62 -41.08 -22.23
CA GLY E 678 21.58 -40.43 -23.54
C GLY E 678 22.81 -40.76 -24.35
N THR E 679 22.62 -41.13 -25.61
CA THR E 679 23.75 -41.53 -26.48
C THR E 679 24.71 -40.39 -26.92
N ALA E 680 24.26 -39.14 -26.84
CA ALA E 680 25.13 -37.98 -27.15
C ALA E 680 25.51 -37.22 -25.88
N ASP E 681 25.70 -37.96 -24.79
CA ASP E 681 26.10 -37.36 -23.53
C ASP E 681 27.61 -37.12 -23.57
N ASP E 682 27.97 -35.83 -23.50
CA ASP E 682 29.34 -35.33 -23.68
C ASP E 682 30.01 -35.18 -22.33
N ASN E 683 29.18 -35.15 -21.28
CA ASN E 683 29.62 -34.96 -19.92
C ASN E 683 29.97 -36.31 -19.30
N VAL E 684 28.94 -37.07 -18.95
CA VAL E 684 29.16 -38.46 -18.62
C VAL E 684 28.81 -39.34 -19.83
N HIS E 685 29.85 -39.90 -20.40
CA HIS E 685 29.76 -40.52 -21.72
C HIS E 685 28.92 -41.77 -21.68
N PHE E 686 28.14 -41.99 -22.74
CA PHE E 686 27.29 -43.19 -22.84
C PHE E 686 28.07 -44.46 -22.47
N GLN E 687 29.35 -44.48 -22.89
CA GLN E 687 30.39 -45.41 -22.43
C GLN E 687 30.21 -45.94 -21.01
N GLN E 688 29.96 -45.04 -20.08
CA GLN E 688 29.86 -45.40 -18.67
C GLN E 688 28.75 -46.41 -18.41
N SER E 689 27.56 -46.13 -18.93
CA SER E 689 26.44 -47.07 -18.84
C SER E 689 26.61 -48.28 -19.78
N ALA E 690 27.31 -48.11 -20.90
CA ALA E 690 27.62 -49.23 -21.82
C ALA E 690 28.43 -50.29 -21.11
N GLN E 691 29.35 -49.86 -20.26
CA GLN E 691 30.15 -50.78 -19.46
C GLN E 691 29.35 -51.41 -18.32
N ILE E 692 28.37 -50.68 -17.76
CA ILE E 692 27.53 -51.29 -16.74
C ILE E 692 26.71 -52.47 -17.34
N SER E 693 26.13 -52.24 -18.50
CA SER E 693 25.26 -53.22 -19.15
C SER E 693 26.03 -54.49 -19.52
N LYS E 694 27.18 -54.34 -20.13
CA LYS E 694 28.05 -55.44 -20.51
C LYS E 694 28.43 -56.30 -19.31
N ALA E 695 28.75 -55.66 -18.18
CA ALA E 695 29.12 -56.32 -16.92
C ALA E 695 27.95 -57.07 -16.31
N LEU E 696 26.73 -56.53 -16.40
CA LEU E 696 25.53 -57.24 -15.93
C LEU E 696 25.22 -58.44 -16.83
N VAL E 697 25.29 -58.24 -18.14
CA VAL E 697 25.13 -59.31 -19.13
C VAL E 697 26.11 -60.48 -18.87
N ASP E 698 27.35 -60.14 -18.50
CA ASP E 698 28.40 -61.12 -18.32
C ASP E 698 28.24 -62.02 -17.09
N VAL E 699 27.46 -61.59 -16.11
CA VAL E 699 27.17 -62.40 -14.94
C VAL E 699 25.72 -62.93 -14.96
N GLY E 700 25.00 -62.62 -16.03
CA GLY E 700 23.65 -63.12 -16.22
C GLY E 700 22.60 -62.43 -15.38
N VAL E 701 22.71 -61.11 -15.19
CA VAL E 701 21.60 -60.40 -14.51
C VAL E 701 20.61 -59.72 -15.48
N ASP E 702 19.33 -60.02 -15.31
CA ASP E 702 18.32 -59.28 -16.05
C ASP E 702 18.11 -57.88 -15.46
N PHE E 703 17.92 -56.90 -16.34
CA PHE E 703 17.66 -55.51 -15.94
C PHE E 703 16.89 -54.81 -17.08
N GLN E 704 16.42 -53.59 -16.81
CA GLN E 704 15.81 -52.79 -17.86
C GLN E 704 16.75 -51.72 -18.32
N ALA E 705 16.71 -51.43 -19.62
CA ALA E 705 17.53 -50.39 -20.22
C ALA E 705 16.70 -49.43 -21.07
N MET E 706 17.23 -48.25 -21.31
CA MET E 706 16.62 -47.29 -22.21
C MET E 706 17.73 -46.33 -22.59
N TRP E 707 18.14 -46.38 -23.86
CA TRP E 707 18.95 -45.32 -24.46
C TRP E 707 18.02 -44.23 -25.02
N TYR E 708 18.48 -42.98 -24.99
CA TYR E 708 17.80 -41.87 -25.66
C TYR E 708 18.67 -41.31 -26.75
N THR E 709 18.32 -41.65 -27.99
CA THR E 709 19.05 -41.23 -29.19
C THR E 709 19.28 -39.72 -29.25
N ASP E 710 20.57 -39.37 -29.27
CA ASP E 710 21.08 -38.00 -29.52
C ASP E 710 20.85 -37.05 -28.35
N GLU E 711 20.35 -37.57 -27.24
CA GLU E 711 20.17 -36.76 -26.04
C GLU E 711 21.48 -36.66 -25.31
N ASP E 712 21.67 -35.52 -24.62
CA ASP E 712 22.84 -35.34 -23.80
C ASP E 712 22.56 -35.59 -22.32
N HIS E 713 23.43 -35.05 -21.47
CA HIS E 713 23.38 -35.32 -20.04
C HIS E 713 22.05 -34.94 -19.39
N GLY E 714 21.39 -33.93 -19.93
CA GLY E 714 20.14 -33.47 -19.36
C GLY E 714 18.93 -34.22 -19.87
N ILE E 715 19.09 -35.05 -20.91
CA ILE E 715 17.94 -35.70 -21.55
C ILE E 715 16.71 -34.76 -21.44
N ALA E 716 16.86 -33.59 -22.07
CA ALA E 716 16.05 -32.42 -21.75
C ALA E 716 15.22 -31.89 -22.91
N SER E 717 15.31 -32.54 -24.07
CA SER E 717 14.37 -32.24 -25.13
C SER E 717 12.98 -32.38 -24.57
N SER E 718 12.07 -31.59 -25.10
CA SER E 718 10.68 -31.60 -24.68
C SER E 718 10.10 -33.02 -24.68
N THR E 719 10.33 -33.79 -25.74
CA THR E 719 9.72 -35.12 -25.89
C THR E 719 10.48 -36.19 -25.11
N ALA E 720 11.81 -36.15 -25.17
CA ALA E 720 12.66 -37.05 -24.38
C ALA E 720 12.39 -36.92 -22.88
N HIS E 721 12.27 -35.67 -22.42
CA HIS E 721 11.90 -35.35 -21.03
C HIS E 721 10.60 -36.02 -20.62
N GLN E 722 9.58 -35.89 -21.46
CA GLN E 722 8.28 -36.47 -21.17
C GLN E 722 8.33 -38.00 -21.19
N HIS E 723 9.19 -38.54 -22.06
CA HIS E 723 9.27 -39.98 -22.29
C HIS E 723 10.02 -40.66 -21.16
N ILE E 724 11.12 -40.07 -20.71
CA ILE E 724 11.89 -40.64 -19.60
C ILE E 724 11.07 -40.74 -18.32
N TYR E 725 10.41 -39.63 -17.93
CA TYR E 725 9.62 -39.60 -16.70
C TYR E 725 8.39 -40.47 -16.77
N THR E 726 7.83 -40.62 -17.97
CA THR E 726 6.75 -41.57 -18.18
C THR E 726 7.26 -42.98 -17.99
N HIS E 727 8.35 -43.31 -18.68
CA HIS E 727 9.02 -44.61 -18.53
C HIS E 727 9.38 -44.95 -17.07
N MET E 728 10.04 -44.02 -16.38
CA MET E 728 10.38 -44.16 -14.97
C MET E 728 9.16 -44.35 -14.10
N SER E 729 8.09 -43.64 -14.43
CA SER E 729 6.84 -43.70 -13.66
C SER E 729 6.27 -45.11 -13.72
N HIS E 730 6.18 -45.66 -14.93
CA HIS E 730 5.74 -47.05 -15.11
C HIS E 730 6.57 -48.00 -14.26
N PHE E 731 7.89 -47.88 -14.33
CA PHE E 731 8.82 -48.78 -13.63
C PHE E 731 8.65 -48.80 -12.11
N ILE E 732 8.57 -47.61 -11.51
CA ILE E 732 8.40 -47.46 -10.07
C ILE E 732 7.08 -48.03 -9.60
N LYS E 733 6.00 -47.69 -10.32
CA LYS E 733 4.66 -48.18 -10.02
C LYS E 733 4.62 -49.69 -10.02
N GLN E 734 5.29 -50.26 -11.03
CA GLN E 734 5.33 -51.69 -11.21
C GLN E 734 6.13 -52.34 -10.07
N CYS E 735 7.24 -51.70 -9.71
CA CYS E 735 8.10 -52.13 -8.60
C CYS E 735 7.33 -52.16 -7.29
N PHE E 736 6.37 -51.23 -7.15
CA PHE E 736 5.61 -51.04 -5.92
C PHE E 736 4.20 -51.64 -5.95
N SER E 737 3.91 -52.40 -7.01
CA SER E 737 2.60 -53.01 -7.26
C SER E 737 1.42 -52.02 -7.25
N LEU E 738 1.69 -50.80 -7.73
CA LEU E 738 0.68 -49.73 -7.81
C LEU E 738 -0.14 -49.79 -9.13
N PRO E 739 -1.45 -49.54 -9.04
CA PRO E 739 -2.32 -49.89 -10.19
C PRO E 739 -2.19 -48.95 -11.38
N TYR F 1 30.96 -31.42 -14.14
CA TYR F 1 30.22 -31.69 -12.92
C TYR F 1 29.11 -32.72 -13.26
N PRO F 2 29.12 -33.88 -12.57
CA PRO F 2 28.23 -34.95 -13.01
C PRO F 2 26.86 -34.76 -12.38
N SER F 3 26.02 -33.95 -13.03
CA SER F 3 24.72 -33.53 -12.49
C SER F 3 23.84 -32.96 -13.57
N LYS F 4 22.61 -33.48 -13.69
CA LYS F 4 21.61 -32.93 -14.63
C LYS F 4 21.36 -31.44 -14.35
N ARG G 13 17.80 25.41 34.03
CA ARG G 13 17.52 26.75 34.62
C ARG G 13 18.55 27.81 34.19
N LYS G 14 19.60 27.35 33.52
CA LYS G 14 20.68 28.22 33.09
C LYS G 14 20.35 28.88 31.75
N THR G 15 20.69 30.15 31.62
CA THR G 15 20.52 30.88 30.36
C THR G 15 21.87 31.41 29.88
N TYR G 16 21.87 31.97 28.68
CA TYR G 16 23.03 32.64 28.14
C TYR G 16 23.06 34.07 28.68
N THR G 17 23.99 34.34 29.59
CA THR G 17 24.06 35.63 30.28
C THR G 17 24.98 36.61 29.57
N LEU G 18 24.94 37.88 30.01
CA LEU G 18 25.82 38.91 29.46
C LEU G 18 27.30 38.59 29.68
N THR G 19 27.62 38.06 30.86
CA THR G 19 28.98 37.60 31.19
C THR G 19 29.42 36.44 30.29
N ASP G 20 28.50 35.54 29.94
CA ASP G 20 28.79 34.47 28.99
C ASP G 20 29.23 35.00 27.62
N TYR G 21 28.49 35.99 27.10
CA TYR G 21 28.88 36.70 25.87
C TYR G 21 30.22 37.43 26.02
N LEU G 22 30.38 38.16 27.11
CA LEU G 22 31.57 38.98 27.29
C LEU G 22 32.83 38.17 27.61
N LYS G 23 32.67 36.97 28.15
CA LYS G 23 33.82 36.14 28.54
C LYS G 23 34.08 34.88 27.69
N ASN G 24 33.37 34.74 26.57
CA ASN G 24 33.40 33.50 25.75
C ASN G 24 33.30 32.20 26.55
N THR G 25 32.28 32.08 27.40
CA THR G 25 32.07 30.85 28.12
C THR G 25 31.78 29.71 27.15
N TYR G 26 31.00 30.00 26.12
CA TYR G 26 30.61 29.02 25.10
C TYR G 26 31.24 29.35 23.77
N ARG G 27 32.41 28.76 23.54
CA ARG G 27 33.30 29.12 22.44
C ARG G 27 33.03 28.29 21.18
N LEU G 28 32.96 28.96 20.04
CA LEU G 28 32.92 28.28 18.74
C LEU G 28 34.34 27.85 18.37
N LYS G 29 34.55 26.55 18.32
CA LYS G 29 35.79 26.01 17.76
C LYS G 29 35.69 26.06 16.24
N LEU G 30 36.81 26.39 15.60
CA LEU G 30 36.91 26.38 14.15
C LEU G 30 38.00 25.41 13.66
N TYR G 31 38.29 25.43 12.36
CA TYR G 31 39.35 24.62 11.80
C TYR G 31 39.95 25.42 10.67
N SER G 32 40.80 26.38 11.03
CA SER G 32 41.50 27.17 10.03
C SER G 32 42.79 26.46 9.67
N LEU G 33 42.94 26.18 8.37
CA LEU G 33 44.10 25.47 7.86
C LEU G 33 44.84 26.25 6.78
N ARG G 34 46.15 26.01 6.69
CA ARG G 34 46.96 26.57 5.63
C ARG G 34 47.37 25.44 4.69
N TRP G 35 46.84 25.48 3.47
CA TRP G 35 47.21 24.51 2.45
C TRP G 35 48.62 24.80 1.92
N ILE G 36 49.59 24.08 2.48
CA ILE G 36 51.00 24.21 2.08
C ILE G 36 51.27 23.54 0.74
N SER G 37 50.62 22.39 0.51
CA SER G 37 50.66 21.72 -0.77
C SER G 37 49.27 21.23 -1.17
N ASP G 38 49.21 20.53 -2.30
CA ASP G 38 47.96 20.00 -2.83
C ASP G 38 47.53 18.75 -2.05
N HIS G 39 48.30 18.37 -1.04
CA HIS G 39 48.16 17.06 -0.37
C HIS G 39 48.27 17.16 1.15
N GLU G 40 48.73 18.31 1.62
CA GLU G 40 48.98 18.54 3.05
C GLU G 40 48.54 19.94 3.45
N TYR G 41 48.19 20.11 4.71
CA TYR G 41 47.90 21.42 5.26
C TYR G 41 48.53 21.63 6.63
N LEU G 42 48.27 22.77 7.25
CA LEU G 42 48.74 23.06 8.60
C LEU G 42 47.60 23.36 9.56
N TYR G 43 47.88 23.18 10.85
CA TYR G 43 46.90 23.31 11.91
C TYR G 43 47.64 23.19 13.24
N LYS G 44 47.04 23.68 14.32
CA LYS G 44 47.65 23.55 15.66
C LYS G 44 46.71 22.83 16.64
N GLN G 45 47.25 21.84 17.34
CA GLN G 45 46.43 21.10 18.31
C GLN G 45 46.36 21.84 19.66
N GLU G 46 47.20 21.42 20.61
CA GLU G 46 47.31 22.12 21.90
C GLU G 46 47.87 23.53 21.70
N ASN G 47 49.03 23.60 21.03
CA ASN G 47 49.60 24.87 20.59
C ASN G 47 50.58 24.68 19.43
N ASN G 48 51.35 23.59 19.49
CA ASN G 48 52.32 23.25 18.45
C ASN G 48 51.64 23.08 17.08
N ILE G 49 52.34 23.46 16.02
CA ILE G 49 51.82 23.32 14.66
C ILE G 49 52.16 21.96 14.02
N LEU G 50 51.13 21.30 13.49
CA LEU G 50 51.21 19.94 12.98
C LEU G 50 50.85 19.89 11.50
N VAL G 51 51.60 19.11 10.72
CA VAL G 51 51.30 18.92 9.30
C VAL G 51 50.41 17.69 9.07
N PHE G 52 49.28 17.91 8.40
CA PHE G 52 48.28 16.87 8.19
C PHE G 52 48.35 16.32 6.77
N ASN G 53 48.42 15.00 6.67
CA ASN G 53 48.27 14.31 5.40
C ASN G 53 46.78 14.31 5.03
N ALA G 54 46.43 14.93 3.92
CA ALA G 54 45.02 15.10 3.55
C ALA G 54 44.31 13.79 3.23
N GLU G 55 45.03 12.88 2.55
CA GLU G 55 44.48 11.59 2.16
C GLU G 55 44.24 10.68 3.37
N TYR G 56 45.26 10.53 4.21
CA TYR G 56 45.20 9.63 5.37
C TYR G 56 44.67 10.26 6.66
N GLY G 57 44.94 11.55 6.84
CA GLY G 57 44.50 12.27 8.04
C GLY G 57 45.45 12.16 9.22
N ASN G 58 46.63 11.58 9.00
CA ASN G 58 47.65 11.45 10.04
C ASN G 58 48.54 12.69 10.16
N SER G 59 49.04 12.92 11.37
CA SER G 59 49.85 14.09 11.67
C SER G 59 51.31 13.76 11.99
N SER G 60 52.18 14.71 11.70
CA SER G 60 53.58 14.64 12.10
C SER G 60 54.05 16.05 12.46
N VAL G 61 54.43 16.24 13.72
CA VAL G 61 54.78 17.57 14.25
C VAL G 61 55.88 18.24 13.40
N PHE G 62 55.55 19.40 12.83
CA PHE G 62 56.45 20.12 11.93
C PHE G 62 57.19 21.26 12.64
N LEU G 63 56.44 22.10 13.35
CA LEU G 63 57.03 23.09 14.27
C LEU G 63 56.49 22.90 15.68
N GLU G 64 57.20 23.46 16.66
CA GLU G 64 56.75 23.47 18.05
C GLU G 64 56.84 24.90 18.62
N ASN G 65 55.98 25.19 19.58
CA ASN G 65 56.03 26.47 20.29
C ASN G 65 57.31 26.63 21.14
N SER G 66 57.82 25.51 21.63
CA SER G 66 59.05 25.48 22.42
C SER G 66 60.34 25.55 21.57
N THR G 67 60.18 25.59 20.24
CA THR G 67 61.31 25.77 19.33
C THR G 67 61.96 27.14 19.53
N PHE G 68 61.14 28.13 19.89
CA PHE G 68 61.61 29.50 20.07
C PHE G 68 61.37 30.01 21.50
N ASP G 69 61.76 29.21 22.50
CA ASP G 69 61.65 29.64 23.90
C ASP G 69 62.74 30.66 24.29
N GLU G 70 63.90 30.56 23.63
CA GLU G 70 65.00 31.50 23.84
C GLU G 70 64.99 32.66 22.83
N PHE G 71 63.93 32.73 22.03
CA PHE G 71 63.70 33.85 21.11
C PHE G 71 63.60 35.16 21.88
N GLY G 72 62.93 35.11 23.03
CA GLY G 72 62.74 36.28 23.90
C GLY G 72 61.40 36.95 23.71
N HIS G 73 60.86 36.84 22.50
CA HIS G 73 59.67 37.58 22.08
C HIS G 73 58.46 36.67 21.93
N SER G 74 57.27 37.26 22.01
CA SER G 74 56.05 36.54 21.63
C SER G 74 55.84 36.67 20.12
N ILE G 75 55.43 35.58 19.48
CA ILE G 75 55.32 35.49 18.03
C ILE G 75 53.86 35.61 17.59
N ASN G 76 53.57 36.63 16.79
CA ASN G 76 52.20 36.98 16.42
C ASN G 76 51.63 36.10 15.29
N ASP G 77 52.47 35.78 14.31
CA ASP G 77 52.07 34.98 13.18
C ASP G 77 53.31 34.37 12.53
N TYR G 78 53.11 33.40 11.64
CA TYR G 78 54.19 32.83 10.85
C TYR G 78 53.80 32.74 9.38
N SER G 79 54.77 32.93 8.50
CA SER G 79 54.56 32.69 7.08
C SER G 79 55.58 31.67 6.56
N ILE G 80 55.11 30.70 5.78
CA ILE G 80 56.00 29.70 5.20
C ILE G 80 56.29 30.05 3.75
N SER G 81 57.58 30.04 3.40
CA SER G 81 57.99 30.17 2.00
C SER G 81 57.42 28.94 1.28
N PRO G 82 56.78 29.14 0.12
CA PRO G 82 56.13 28.03 -0.59
C PRO G 82 57.02 26.83 -0.94
N ASP G 83 58.30 26.86 -0.55
CA ASP G 83 59.22 25.76 -0.81
C ASP G 83 59.55 24.94 0.45
N GLY G 84 59.37 25.55 1.62
CA GLY G 84 59.54 24.86 2.90
C GLY G 84 60.81 25.15 3.67
N GLN G 85 61.85 25.61 2.97
CA GLN G 85 63.18 25.82 3.57
C GLN G 85 63.25 26.92 4.62
N PHE G 86 62.40 27.95 4.46
CA PHE G 86 62.41 29.09 5.38
C PHE G 86 61.02 29.38 5.94
N ILE G 87 60.99 29.87 7.18
CA ILE G 87 59.75 30.32 7.80
C ILE G 87 59.90 31.74 8.35
N LEU G 88 59.00 32.61 7.92
CA LEU G 88 58.92 34.00 8.37
C LEU G 88 58.24 34.09 9.74
N LEU G 89 58.97 34.61 10.73
CA LEU G 89 58.38 34.86 12.06
C LEU G 89 58.01 36.33 12.22
N GLU G 90 56.82 36.58 12.79
CA GLU G 90 56.27 37.93 12.90
C GLU G 90 55.95 38.29 14.35
N TYR G 91 56.59 39.35 14.85
CA TYR G 91 56.37 39.81 16.22
C TYR G 91 56.37 41.33 16.26
N ASN G 92 56.26 41.91 17.46
CA ASN G 92 56.18 43.37 17.63
C ASN G 92 55.07 44.02 16.77
N TYR G 93 53.97 43.30 16.63
CA TYR G 93 52.78 43.75 15.91
C TYR G 93 52.23 45.02 16.55
N VAL G 94 51.85 45.99 15.72
CA VAL G 94 51.24 47.24 16.15
C VAL G 94 50.17 47.62 15.13
N LYS G 95 48.90 47.47 15.51
CA LYS G 95 47.79 47.73 14.57
C LYS G 95 47.77 49.18 14.11
N GLN G 96 47.46 49.41 12.84
CA GLN G 96 47.09 50.74 12.38
C GLN G 96 45.57 50.83 12.17
N TRP G 97 45.09 50.69 10.94
CA TRP G 97 43.65 50.77 10.65
C TRP G 97 43.01 49.38 10.57
N ARG G 98 42.05 49.17 9.68
CA ARG G 98 41.31 47.90 9.68
C ARG G 98 42.22 46.72 9.30
N HIS G 99 43.15 47.00 8.38
CA HIS G 99 44.01 45.96 7.79
C HIS G 99 45.50 46.16 8.04
N SER G 100 45.95 47.41 8.10
CA SER G 100 47.35 47.75 8.31
C SER G 100 47.93 47.55 9.71
N TYR G 101 49.22 47.24 9.72
CA TYR G 101 50.01 47.14 10.92
C TYR G 101 51.49 47.27 10.56
N THR G 102 52.35 47.27 11.56
CA THR G 102 53.80 47.17 11.38
C THR G 102 54.29 46.11 12.36
N ALA G 103 55.43 45.49 12.05
CA ALA G 103 55.96 44.42 12.90
C ALA G 103 57.47 44.19 12.73
N SER G 104 58.05 43.39 13.62
CA SER G 104 59.44 42.95 13.51
C SER G 104 59.50 41.51 12.96
N TYR G 105 60.59 41.20 12.27
CA TYR G 105 60.67 39.95 11.50
C TYR G 105 62.01 39.25 11.59
N ASP G 106 61.93 37.93 11.77
CA ASP G 106 63.07 37.05 11.71
C ASP G 106 62.70 35.83 10.87
N ILE G 107 63.64 35.39 10.05
CA ILE G 107 63.44 34.21 9.22
C ILE G 107 64.20 33.05 9.83
N TYR G 108 63.57 31.88 9.85
CA TYR G 108 64.23 30.69 10.38
C TYR G 108 64.58 29.74 9.24
N ASP G 109 65.86 29.36 9.20
CA ASP G 109 66.39 28.37 8.27
C ASP G 109 66.14 26.96 8.81
N LEU G 110 65.22 26.25 8.16
CA LEU G 110 64.91 24.86 8.53
C LEU G 110 66.04 23.87 8.21
N ASN G 111 67.01 24.30 7.38
CA ASN G 111 68.12 23.44 6.90
C ASN G 111 69.39 23.52 7.76
N LYS G 112 69.55 24.63 8.48
CA LYS G 112 70.67 24.85 9.39
C LYS G 112 70.18 24.81 10.83
N ARG G 113 68.88 25.07 10.98
CA ARG G 113 68.21 25.23 12.28
C ARG G 113 68.87 26.25 13.21
N GLN G 114 69.03 27.46 12.68
CA GLN G 114 69.42 28.65 13.43
C GLN G 114 68.56 29.81 12.90
N LEU G 115 68.58 30.93 13.61
CA LEU G 115 68.02 32.18 13.08
C LEU G 115 69.00 32.72 12.04
N ILE G 116 68.47 33.25 10.94
CA ILE G 116 69.30 33.96 9.96
C ILE G 116 69.66 35.33 10.56
N THR G 117 70.77 35.38 11.30
CA THR G 117 71.20 36.59 12.00
C THR G 117 71.71 37.64 11.01
N GLU G 118 71.88 37.21 9.76
CA GLU G 118 72.46 38.04 8.72
C GLU G 118 71.37 38.82 7.99
N GLU G 119 71.76 39.98 7.46
CA GLU G 119 70.85 40.92 6.78
C GLU G 119 69.40 40.80 7.23
N ARG G 120 69.14 41.15 8.48
CA ARG G 120 67.80 41.00 9.07
C ARG G 120 66.79 41.97 8.47
N ILE G 121 65.52 41.56 8.46
CA ILE G 121 64.41 42.41 8.02
C ILE G 121 64.22 43.51 9.07
N PRO G 122 64.04 44.78 8.62
CA PRO G 122 64.04 45.93 9.54
C PRO G 122 62.87 45.91 10.53
N ASN G 123 63.06 46.63 11.65
CA ASN G 123 61.98 46.96 12.55
C ASN G 123 61.07 47.98 11.87
N ASN G 124 59.79 48.00 12.26
CA ASN G 124 58.78 48.93 11.72
C ASN G 124 58.49 48.71 10.23
N THR G 125 58.50 47.43 9.85
CA THR G 125 58.24 47.01 8.48
C THR G 125 56.74 46.89 8.26
N GLN G 126 56.27 47.51 7.17
CA GLN G 126 54.85 47.70 6.90
C GLN G 126 54.14 46.51 6.23
N TRP G 127 54.88 45.78 5.38
CA TRP G 127 54.35 44.56 4.75
C TRP G 127 55.40 43.60 4.18
N VAL G 128 55.43 42.37 4.68
CA VAL G 128 56.29 41.29 4.16
C VAL G 128 55.51 40.20 3.41
N THR G 129 56.05 39.75 2.28
CA THR G 129 55.43 38.67 1.48
C THR G 129 56.45 37.75 0.76
N TRP G 130 56.13 36.46 0.74
CA TRP G 130 56.88 35.49 -0.06
C TRP G 130 56.38 35.51 -1.50
N SER G 131 57.27 35.18 -2.43
CA SER G 131 56.90 34.91 -3.83
C SER G 131 56.03 33.65 -3.92
N PRO G 132 55.10 33.58 -4.90
CA PRO G 132 54.23 32.40 -5.02
C PRO G 132 54.99 31.05 -5.03
N VAL G 133 56.20 31.03 -5.59
CA VAL G 133 57.08 29.85 -5.47
C VAL G 133 58.51 30.21 -5.01
N GLY G 134 59.19 29.23 -4.40
CA GLY G 134 60.54 29.44 -3.85
C GLY G 134 60.53 30.24 -2.56
N HIS G 135 61.60 31.02 -2.34
CA HIS G 135 61.74 31.79 -1.09
C HIS G 135 62.22 33.24 -1.27
N LYS G 136 61.68 33.95 -2.26
CA LYS G 136 61.92 35.38 -2.41
C LYS G 136 61.10 36.17 -1.41
N LEU G 137 61.64 37.30 -0.94
CA LEU G 137 60.91 38.24 -0.06
C LEU G 137 60.67 39.58 -0.72
N ALA G 138 59.46 40.10 -0.54
CA ALA G 138 59.20 41.51 -0.82
C ALA G 138 58.60 42.15 0.43
N TYR G 139 59.21 43.25 0.89
CA TYR G 139 58.68 43.98 2.04
C TYR G 139 58.76 45.47 1.86
N VAL G 140 57.86 46.18 2.53
CA VAL G 140 57.83 47.64 2.52
C VAL G 140 58.25 48.19 3.89
N TRP G 141 59.10 49.21 3.86
CA TRP G 141 59.57 49.89 5.07
C TRP G 141 59.85 51.35 4.73
N ASN G 142 59.40 52.24 5.62
CA ASN G 142 59.38 53.69 5.39
C ASN G 142 58.71 54.11 4.09
N ASN G 143 57.68 53.37 3.70
CA ASN G 143 56.88 53.63 2.50
C ASN G 143 57.56 53.22 1.17
N ASP G 144 58.63 52.42 1.28
CA ASP G 144 59.43 51.96 0.12
C ASP G 144 59.61 50.44 0.05
N ILE G 145 59.85 49.91 -1.15
CA ILE G 145 59.95 48.47 -1.41
C ILE G 145 61.39 47.90 -1.36
N TYR G 146 61.49 46.63 -0.97
CA TYR G 146 62.75 45.92 -0.79
C TYR G 146 62.53 44.48 -1.19
N VAL G 147 63.49 43.91 -1.93
CA VAL G 147 63.44 42.51 -2.34
C VAL G 147 64.69 41.76 -1.86
N LYS G 148 64.47 40.62 -1.21
CA LYS G 148 65.56 39.70 -0.84
C LYS G 148 65.41 38.39 -1.62
N ILE G 149 66.38 38.11 -2.47
CA ILE G 149 66.39 36.87 -3.23
C ILE G 149 66.70 35.72 -2.28
N GLU G 150 67.56 35.99 -1.30
CA GLU G 150 67.91 35.03 -0.24
C GLU G 150 67.78 35.68 1.14
N PRO G 151 67.10 35.00 2.09
CA PRO G 151 66.93 35.42 3.49
C PRO G 151 68.18 35.98 4.21
N ASN G 152 69.37 35.61 3.76
CA ASN G 152 70.63 36.09 4.35
C ASN G 152 71.42 37.03 3.44
N LEU G 153 70.82 37.36 2.29
CA LEU G 153 71.46 38.25 1.32
C LEU G 153 70.98 39.69 1.50
N PRO G 154 71.88 40.66 1.21
CA PRO G 154 71.46 42.08 1.25
C PRO G 154 70.29 42.36 0.32
N SER G 155 69.42 43.28 0.75
CA SER G 155 68.22 43.62 0.00
C SER G 155 68.52 44.51 -1.19
N TYR G 156 67.54 44.59 -2.10
CA TYR G 156 67.59 45.49 -3.24
C TYR G 156 66.45 46.48 -3.10
N ARG G 157 66.80 47.77 -3.05
CA ARG G 157 65.83 48.87 -2.99
C ARG G 157 65.09 48.99 -4.31
N ILE G 158 63.76 48.85 -4.29
CA ILE G 158 62.96 49.03 -5.52
C ILE G 158 62.60 50.50 -5.71
N THR G 159 62.11 51.13 -4.65
CA THR G 159 61.64 52.53 -4.70
C THR G 159 62.43 53.50 -3.81
N TRP G 160 62.32 54.79 -4.12
CA TRP G 160 63.10 55.83 -3.45
C TRP G 160 62.28 57.04 -3.01
N THR G 161 61.03 57.14 -3.48
CA THR G 161 60.17 58.30 -3.19
C THR G 161 59.22 58.13 -1.99
N GLY G 162 59.38 57.03 -1.24
CA GLY G 162 58.56 56.76 -0.06
C GLY G 162 58.55 57.91 0.94
N LYS G 163 57.36 58.35 1.35
CA LYS G 163 57.21 59.51 2.23
C LYS G 163 55.96 59.37 3.08
N GLU G 164 56.14 59.48 4.40
CA GLU G 164 55.04 59.34 5.36
C GLU G 164 53.88 60.30 5.04
N ASP G 165 52.68 59.72 4.90
CA ASP G 165 51.42 60.46 4.64
C ASP G 165 51.30 61.12 3.28
N ILE G 166 52.24 60.86 2.38
CA ILE G 166 52.25 61.50 1.06
C ILE G 166 52.50 60.49 -0.07
N ILE G 167 53.56 59.69 0.05
CA ILE G 167 53.92 58.72 -0.99
C ILE G 167 53.95 57.30 -0.45
N TYR G 168 53.07 56.46 -0.98
CA TYR G 168 53.01 55.06 -0.61
C TYR G 168 53.45 54.20 -1.79
N ASN G 169 54.53 53.44 -1.58
CA ASN G 169 54.96 52.43 -2.53
C ASN G 169 54.64 51.04 -1.99
N GLY G 170 53.76 50.34 -2.69
CA GLY G 170 53.45 48.95 -2.36
C GLY G 170 52.56 48.76 -1.15
N ILE G 171 52.11 49.88 -0.59
CA ILE G 171 51.12 49.89 0.48
C ILE G 171 50.04 50.92 0.12
N THR G 172 48.85 50.72 0.64
CA THR G 172 47.73 51.63 0.42
C THR G 172 47.68 52.77 1.45
N ASP G 173 47.04 53.87 1.05
CA ASP G 173 46.70 54.96 1.98
C ASP G 173 45.43 54.58 2.78
N TRP G 174 44.83 55.55 3.48
CA TRP G 174 43.60 55.27 4.24
C TRP G 174 42.46 54.70 3.39
N VAL G 175 41.91 55.48 2.46
CA VAL G 175 40.76 55.03 1.63
C VAL G 175 40.98 53.78 0.77
N TYR G 176 42.18 53.58 0.26
CA TYR G 176 42.48 52.40 -0.52
C TYR G 176 42.54 51.16 0.34
N GLU G 177 43.12 51.29 1.53
CA GLU G 177 43.09 50.23 2.53
C GLU G 177 41.65 49.84 2.84
N GLU G 178 40.84 50.85 3.13
CA GLU G 178 39.49 50.65 3.68
C GLU G 178 38.44 50.34 2.62
N GLU G 179 38.40 51.15 1.58
CA GLU G 179 37.28 51.16 0.63
C GLU G 179 37.52 50.48 -0.71
N VAL G 180 38.79 50.32 -1.09
CA VAL G 180 39.09 49.80 -2.42
C VAL G 180 39.68 48.40 -2.34
N PHE G 181 40.76 48.24 -1.57
CA PHE G 181 41.54 46.99 -1.60
C PHE G 181 41.21 46.04 -0.48
N SER G 182 40.70 46.59 0.64
CA SER G 182 40.48 45.84 1.88
C SER G 182 41.76 45.11 2.29
N ALA G 183 42.88 45.83 2.14
CA ALA G 183 44.19 45.35 2.54
C ALA G 183 45.16 46.52 2.63
N TYR G 184 46.25 46.33 3.39
CA TYR G 184 47.39 47.23 3.39
C TYR G 184 48.29 46.96 2.17
N SER G 185 48.40 45.68 1.80
CA SER G 185 49.31 45.26 0.75
C SER G 185 48.87 45.76 -0.63
N ALA G 186 49.80 46.41 -1.32
CA ALA G 186 49.67 46.74 -2.75
C ALA G 186 50.91 46.24 -3.54
N LEU G 187 51.23 44.96 -3.34
CA LEU G 187 52.30 44.25 -4.05
C LEU G 187 51.76 42.92 -4.58
N TRP G 188 52.15 42.57 -5.81
CA TRP G 188 51.62 41.37 -6.47
C TRP G 188 52.70 40.61 -7.25
N TRP G 189 53.29 39.60 -6.61
CA TRP G 189 54.24 38.70 -7.25
C TRP G 189 53.60 37.95 -8.41
N SER G 190 54.31 37.88 -9.53
CA SER G 190 53.97 36.99 -10.65
C SER G 190 53.91 35.53 -10.17
N PRO G 191 53.08 34.70 -10.83
CA PRO G 191 52.90 33.29 -10.44
C PRO G 191 54.18 32.48 -10.09
N ASN G 192 55.31 32.73 -10.76
CA ASN G 192 56.56 32.06 -10.39
C ASN G 192 57.63 32.94 -9.72
N GLY G 193 57.26 34.17 -9.39
CA GLY G 193 58.15 35.07 -8.64
C GLY G 193 59.20 35.79 -9.46
N THR G 194 59.10 35.73 -10.79
CA THR G 194 59.95 36.51 -11.68
C THR G 194 59.68 38.01 -11.48
N PHE G 195 58.41 38.40 -11.54
CA PHE G 195 58.04 39.81 -11.46
C PHE G 195 57.36 40.21 -10.16
N LEU G 196 57.63 41.45 -9.74
CA LEU G 196 56.87 42.10 -8.68
C LEU G 196 56.13 43.34 -9.22
N ALA G 197 54.81 43.33 -9.13
CA ALA G 197 53.97 44.47 -9.53
C ALA G 197 53.51 45.24 -8.29
N TYR G 198 53.36 46.56 -8.43
CA TYR G 198 52.97 47.42 -7.32
C TYR G 198 52.32 48.74 -7.71
N ALA G 199 51.53 49.27 -6.80
CA ALA G 199 50.92 50.58 -6.98
C ALA G 199 51.51 51.62 -6.03
N GLN G 200 51.49 52.87 -6.51
CA GLN G 200 52.01 54.02 -5.77
C GLN G 200 50.90 55.04 -5.62
N PHE G 201 50.66 55.47 -4.38
CA PHE G 201 49.59 56.43 -4.06
C PHE G 201 50.16 57.76 -3.62
N ASN G 202 49.55 58.85 -4.09
CA ASN G 202 50.03 60.20 -3.82
C ASN G 202 48.96 61.03 -3.13
N ASP G 203 49.19 61.36 -1.86
CA ASP G 203 48.17 62.03 -1.04
C ASP G 203 48.36 63.54 -0.87
N THR G 204 49.35 64.11 -1.58
CA THR G 204 49.77 65.53 -1.43
C THR G 204 48.68 66.55 -1.05
N GLU G 205 47.57 66.53 -1.79
CA GLU G 205 46.53 67.55 -1.68
C GLU G 205 45.26 67.07 -0.94
N VAL G 206 45.28 65.83 -0.48
CA VAL G 206 44.15 65.28 0.31
C VAL G 206 44.13 65.93 1.70
N PRO G 207 42.98 66.54 2.07
CA PRO G 207 42.85 67.16 3.41
C PRO G 207 42.96 66.12 4.52
N LEU G 208 43.57 66.52 5.64
CA LEU G 208 43.74 65.62 6.79
C LEU G 208 42.51 65.70 7.70
N ILE G 209 42.14 64.57 8.28
CA ILE G 209 41.25 64.61 9.45
C ILE G 209 42.13 64.68 10.71
N GLU G 210 41.73 65.55 11.64
CA GLU G 210 42.50 65.79 12.85
C GLU G 210 41.65 65.50 14.06
N TYR G 211 42.18 64.69 14.97
CA TYR G 211 41.51 64.42 16.24
C TYR G 211 42.53 64.19 17.36
N SER G 212 42.12 64.43 18.60
CA SER G 212 42.99 64.26 19.75
C SER G 212 43.07 62.78 20.12
N PHE G 213 44.27 62.36 20.48
CA PHE G 213 44.49 61.09 21.10
C PHE G 213 45.08 61.40 22.46
N TYR G 214 44.45 60.86 23.49
CA TYR G 214 44.75 61.22 24.87
C TYR G 214 45.88 60.40 25.47
N SER G 215 45.96 59.13 25.09
CA SER G 215 47.05 58.22 25.47
C SER G 215 46.95 57.81 26.92
N ASP G 216 48.00 57.18 27.44
CA ASP G 216 48.15 56.91 28.87
C ASP G 216 48.02 58.22 29.64
N GLU G 217 47.62 58.16 30.91
CA GLU G 217 47.43 59.38 31.74
C GLU G 217 48.76 60.11 32.00
N SER G 218 49.86 59.42 31.77
CA SER G 218 51.19 60.00 31.88
C SER G 218 51.50 61.02 30.78
N LEU G 219 50.78 60.96 29.64
CA LEU G 219 50.97 61.96 28.59
C LEU G 219 50.28 63.26 29.00
N GLN G 220 51.11 64.28 29.20
CA GLN G 220 50.70 65.56 29.74
C GLN G 220 49.90 66.39 28.75
N TYR G 221 50.35 66.46 27.51
CA TYR G 221 49.58 67.14 26.48
C TYR G 221 49.05 66.10 25.51
N PRO G 222 47.75 66.16 25.18
CA PRO G 222 47.22 65.25 24.16
C PRO G 222 47.87 65.43 22.77
N LYS G 223 48.07 64.30 22.11
CA LYS G 223 48.54 64.20 20.74
C LYS G 223 47.40 64.51 19.77
N THR G 224 47.71 65.20 18.66
CA THR G 224 46.78 65.33 17.53
C THR G 224 47.17 64.33 16.43
N VAL G 225 46.25 63.43 16.10
CA VAL G 225 46.44 62.49 15.01
C VAL G 225 46.00 63.18 13.71
N ARG G 226 46.83 63.07 12.67
CA ARG G 226 46.53 63.65 11.36
C ARG G 226 46.54 62.56 10.27
N VAL G 227 45.40 62.36 9.64
CA VAL G 227 45.27 61.34 8.58
C VAL G 227 44.78 62.01 7.30
N PRO G 228 45.48 61.74 6.16
CA PRO G 228 44.92 62.10 4.85
C PRO G 228 43.65 61.27 4.61
N TYR G 229 42.54 61.97 4.38
CA TYR G 229 41.24 61.35 4.39
C TYR G 229 40.31 62.28 3.61
N PRO G 230 39.87 61.83 2.40
CA PRO G 230 39.01 62.65 1.58
C PRO G 230 37.55 62.39 1.88
N LYS G 231 36.84 63.42 2.30
CA LYS G 231 35.43 63.28 2.53
C LYS G 231 34.70 63.52 1.22
N ALA G 232 33.41 63.20 1.18
CA ALA G 232 32.57 63.42 0.01
C ALA G 232 32.99 64.70 -0.72
N GLY G 233 33.57 64.55 -1.90
CA GLY G 233 33.95 65.68 -2.75
C GLY G 233 35.39 66.18 -2.67
N ALA G 234 36.11 65.89 -1.58
CA ALA G 234 37.51 66.37 -1.40
C ALA G 234 38.45 65.83 -2.48
N VAL G 235 39.65 66.37 -2.57
CA VAL G 235 40.56 65.86 -3.59
C VAL G 235 41.11 64.49 -3.17
N ASN G 236 41.25 63.61 -4.16
CA ASN G 236 41.58 62.21 -3.91
C ASN G 236 43.04 61.90 -4.13
N PRO G 237 43.51 60.80 -3.52
CA PRO G 237 44.84 60.32 -3.86
C PRO G 237 44.89 59.89 -5.34
N THR G 238 46.03 60.12 -5.97
CA THR G 238 46.29 59.69 -7.33
C THR G 238 47.11 58.39 -7.30
N VAL G 239 47.11 57.63 -8.38
CA VAL G 239 47.79 56.33 -8.40
C VAL G 239 48.56 56.04 -9.71
N LYS G 240 49.60 55.21 -9.58
CA LYS G 240 50.35 54.68 -10.71
C LYS G 240 50.56 53.18 -10.47
N PHE G 241 50.73 52.43 -11.55
CA PHE G 241 51.02 51.00 -11.45
C PHE G 241 52.37 50.69 -12.12
N PHE G 242 53.16 49.82 -11.48
CA PHE G 242 54.50 49.48 -11.95
C PHE G 242 54.76 47.96 -11.94
N VAL G 243 55.72 47.52 -12.77
CA VAL G 243 56.25 46.15 -12.70
C VAL G 243 57.79 46.13 -12.68
N VAL G 244 58.35 45.19 -11.94
CA VAL G 244 59.81 45.03 -11.83
C VAL G 244 60.23 43.54 -11.86
N ASN G 245 61.14 43.22 -12.77
CA ASN G 245 61.74 41.88 -12.85
C ASN G 245 62.72 41.68 -11.70
N THR G 246 62.44 40.68 -10.86
CA THR G 246 63.19 40.42 -9.63
C THR G 246 64.42 39.52 -9.84
N ASP G 247 64.49 38.90 -11.02
CA ASP G 247 65.60 38.03 -11.40
C ASP G 247 66.77 38.82 -12.03
N SER G 248 66.53 40.10 -12.29
CA SER G 248 67.52 40.96 -12.96
C SER G 248 67.97 42.14 -12.08
N LEU G 249 67.77 42.02 -10.77
CA LEU G 249 68.10 43.07 -9.81
C LEU G 249 69.59 43.34 -9.69
N SER G 250 69.98 44.59 -9.97
CA SER G 250 71.39 45.00 -9.96
C SER G 250 71.82 45.48 -8.57
N SER G 251 73.11 45.34 -8.29
CA SER G 251 73.69 45.83 -7.02
C SER G 251 74.56 47.06 -7.22
N VAL G 252 74.75 47.47 -8.48
CA VAL G 252 75.54 48.63 -8.84
C VAL G 252 74.70 49.73 -9.49
N THR G 253 73.46 49.39 -9.80
CA THR G 253 72.49 50.33 -10.39
C THR G 253 71.09 50.12 -9.82
N ASN G 254 70.35 51.22 -9.73
CA ASN G 254 68.94 51.19 -9.33
C ASN G 254 68.12 50.35 -10.30
N ALA G 255 67.17 49.59 -9.75
CA ALA G 255 66.28 48.74 -10.54
C ALA G 255 65.28 49.57 -11.32
N THR G 256 65.14 49.26 -12.61
CA THR G 256 64.16 49.91 -13.48
C THR G 256 62.77 49.44 -13.12
N SER G 257 61.80 50.34 -13.17
CA SER G 257 60.41 49.98 -12.97
C SER G 257 59.59 50.49 -14.16
N ILE G 258 59.09 49.57 -14.96
CA ILE G 258 58.19 49.94 -16.06
C ILE G 258 56.78 50.23 -15.55
N GLN G 259 56.28 51.40 -15.91
CA GLN G 259 54.93 51.82 -15.57
C GLN G 259 53.90 51.36 -16.57
N ILE G 260 52.89 50.63 -16.10
CA ILE G 260 51.67 50.44 -16.88
C ILE G 260 50.76 51.64 -16.59
N THR G 261 50.53 52.43 -17.64
CA THR G 261 49.62 53.56 -17.57
C THR G 261 48.20 53.05 -17.55
N ALA G 262 47.30 53.82 -16.92
CA ALA G 262 45.86 53.59 -17.02
C ALA G 262 45.39 53.98 -18.43
N PRO G 263 44.33 53.30 -18.94
CA PRO G 263 43.79 53.66 -20.27
C PRO G 263 43.29 55.12 -20.36
N ALA G 264 43.28 55.66 -21.57
CA ALA G 264 42.83 57.03 -21.83
C ALA G 264 41.44 57.32 -21.22
N SER G 265 40.54 56.33 -21.32
CA SER G 265 39.19 56.41 -20.73
C SER G 265 39.19 56.79 -19.24
N MET G 266 40.22 56.32 -18.54
CA MET G 266 40.39 56.59 -17.12
C MET G 266 41.12 57.92 -16.90
N LEU G 267 42.23 58.12 -17.61
CA LEU G 267 43.09 59.33 -17.49
C LEU G 267 42.41 60.69 -17.73
N ILE G 268 41.26 60.67 -18.41
CA ILE G 268 40.46 61.88 -18.63
C ILE G 268 39.98 62.58 -17.34
N GLY G 269 39.78 61.82 -16.26
CA GLY G 269 39.37 62.39 -14.94
C GLY G 269 39.98 61.62 -13.77
N ASP G 270 39.57 61.91 -12.52
CA ASP G 270 40.02 60.99 -11.46
C ASP G 270 39.31 59.63 -11.48
N HIS G 271 39.96 58.67 -10.84
CA HIS G 271 39.77 57.26 -11.12
C HIS G 271 40.56 56.44 -10.11
N TYR G 272 40.30 55.15 -10.07
CA TYR G 272 40.96 54.28 -9.12
C TYR G 272 41.53 53.04 -9.78
N LEU G 273 42.68 52.57 -9.30
CA LEU G 273 43.03 51.17 -9.50
C LEU G 273 42.25 50.31 -8.49
N CYS G 274 41.46 49.34 -8.96
CA CYS G 274 40.57 48.57 -8.08
C CYS G 274 40.76 47.04 -8.05
N ASP G 275 41.42 46.49 -9.07
CA ASP G 275 41.80 45.07 -9.09
C ASP G 275 43.12 44.84 -9.82
N VAL G 276 43.90 43.92 -9.28
CA VAL G 276 45.16 43.46 -9.87
C VAL G 276 45.17 41.91 -9.85
N THR G 277 45.27 41.29 -11.02
CA THR G 277 45.33 39.83 -11.11
C THR G 277 46.33 39.36 -12.18
N TRP G 278 47.28 38.53 -11.74
CA TRP G 278 48.20 37.85 -12.64
C TRP G 278 47.45 36.72 -13.37
N ALA G 279 47.65 36.62 -14.68
CA ALA G 279 47.00 35.61 -15.53
C ALA G 279 47.95 34.46 -15.84
N THR G 280 49.15 34.81 -16.29
CA THR G 280 50.26 33.88 -16.52
C THR G 280 51.52 34.50 -15.91
N GLN G 281 52.68 33.94 -16.24
CA GLN G 281 53.97 34.48 -15.81
C GLN G 281 54.25 35.86 -16.43
N GLU G 282 53.68 36.08 -17.61
CA GLU G 282 53.96 37.25 -18.43
C GLU G 282 52.68 38.01 -18.77
N ARG G 283 51.56 37.58 -18.21
CA ARG G 283 50.28 38.25 -18.46
C ARG G 283 49.66 38.77 -17.16
N ILE G 284 49.27 40.04 -17.18
CA ILE G 284 48.64 40.65 -16.02
C ILE G 284 47.37 41.45 -16.42
N SER G 285 46.37 41.41 -15.53
CA SER G 285 45.11 42.13 -15.72
C SER G 285 44.98 43.25 -14.69
N LEU G 286 44.48 44.39 -15.15
CA LEU G 286 44.31 45.58 -14.30
C LEU G 286 42.94 46.16 -14.55
N GLN G 287 42.12 46.19 -13.51
CA GLN G 287 40.85 46.88 -13.62
C GLN G 287 40.95 48.27 -13.03
N TRP G 288 40.40 49.22 -13.77
CA TRP G 288 40.46 50.62 -13.42
C TRP G 288 39.02 51.10 -13.27
N LEU G 289 38.80 52.00 -12.33
CA LEU G 289 37.46 52.42 -11.96
C LEU G 289 37.39 53.95 -11.93
N ARG G 290 36.50 54.53 -12.73
CA ARG G 290 36.29 55.99 -12.73
C ARG G 290 35.82 56.47 -11.36
N ARG G 291 36.07 57.74 -11.05
CA ARG G 291 35.64 58.30 -9.76
C ARG G 291 34.11 58.34 -9.62
N ILE G 292 33.41 58.58 -10.73
CA ILE G 292 31.98 58.30 -10.79
C ILE G 292 31.90 56.81 -11.12
N GLN G 293 31.43 56.03 -10.15
CA GLN G 293 31.69 54.60 -10.13
C GLN G 293 30.64 53.76 -10.85
N ASN G 294 30.15 54.28 -11.99
CA ASN G 294 29.26 53.52 -12.86
C ASN G 294 29.99 52.97 -14.10
N TYR G 295 31.30 53.25 -14.21
CA TYR G 295 32.11 52.86 -15.37
C TYR G 295 33.48 52.30 -14.97
N SER G 296 33.76 51.06 -15.38
CA SER G 296 35.08 50.44 -15.14
C SER G 296 35.70 49.89 -16.43
N VAL G 297 37.04 49.85 -16.45
CA VAL G 297 37.77 49.31 -17.59
C VAL G 297 38.83 48.30 -17.14
N MET G 298 38.72 47.08 -17.65
CA MET G 298 39.82 46.11 -17.55
C MET G 298 40.67 46.16 -18.83
N ASP G 299 42.00 46.09 -18.66
CA ASP G 299 42.86 45.70 -19.77
C ASP G 299 43.92 44.66 -19.40
N ILE G 300 44.30 43.87 -20.39
CA ILE G 300 45.22 42.74 -20.25
C ILE G 300 46.57 43.15 -20.82
N CYS G 301 47.64 42.93 -20.06
CA CYS G 301 48.98 43.34 -20.50
C CYS G 301 49.95 42.18 -20.61
N ASP G 302 50.43 41.96 -21.84
CA ASP G 302 51.49 41.00 -22.11
C ASP G 302 52.85 41.69 -21.93
N TYR G 303 53.81 40.93 -21.42
CA TYR G 303 55.19 41.38 -21.33
C TYR G 303 55.86 41.17 -22.70
N ASP G 304 56.52 42.21 -23.21
CA ASP G 304 57.28 42.12 -24.46
C ASP G 304 58.76 41.93 -24.16
N GLU G 305 59.32 40.80 -24.58
CA GLU G 305 60.74 40.50 -24.37
C GLU G 305 61.66 41.45 -25.14
N SER G 306 61.24 41.86 -26.33
CA SER G 306 62.04 42.74 -27.19
C SER G 306 62.22 44.16 -26.63
N SER G 307 61.23 44.64 -25.87
CA SER G 307 61.24 45.99 -25.28
C SER G 307 61.57 45.99 -23.79
N GLY G 308 61.32 44.85 -23.13
CA GLY G 308 61.36 44.77 -21.67
C GLY G 308 60.15 45.48 -21.06
N ARG G 309 59.10 45.63 -21.86
CA ARG G 309 57.95 46.48 -21.52
C ARG G 309 56.64 45.71 -21.41
N TRP G 310 55.57 46.47 -21.11
CA TRP G 310 54.22 45.91 -20.94
C TRP G 310 53.23 46.50 -21.93
N ASN G 311 52.68 45.61 -22.76
CA ASN G 311 51.76 45.98 -23.83
C ASN G 311 50.33 45.51 -23.57
N CYS G 312 49.42 46.47 -23.40
CA CYS G 312 48.00 46.19 -23.25
C CYS G 312 47.25 46.80 -24.43
N LEU G 313 46.56 45.96 -25.21
CA LEU G 313 45.86 46.43 -26.41
C LEU G 313 44.47 46.96 -26.08
N VAL G 314 43.93 47.79 -26.99
CA VAL G 314 42.54 48.28 -26.90
C VAL G 314 41.56 47.12 -27.21
N ALA G 315 42.02 46.18 -28.02
CA ALA G 315 41.25 44.97 -28.34
C ALA G 315 41.19 43.97 -27.17
N ARG G 316 42.05 44.17 -26.17
CA ARG G 316 42.06 43.34 -24.96
C ARG G 316 41.35 44.05 -23.81
N GLN G 317 40.53 45.03 -24.15
CA GLN G 317 39.77 45.81 -23.18
C GLN G 317 38.33 45.32 -23.10
N HIS G 318 37.84 45.20 -21.86
CA HIS G 318 36.46 44.89 -21.59
C HIS G 318 35.89 45.96 -20.67
N ILE G 319 34.71 46.46 -21.00
CA ILE G 319 34.05 47.47 -20.17
C ILE G 319 33.00 46.81 -19.26
N GLU G 320 32.82 47.41 -18.09
CA GLU G 320 31.75 47.03 -17.18
C GLU G 320 31.10 48.31 -16.66
N MET G 321 29.86 48.54 -17.04
CA MET G 321 29.15 49.75 -16.63
C MET G 321 27.73 49.45 -16.13
N SER G 322 27.15 50.41 -15.41
CA SER G 322 25.78 50.30 -14.92
C SER G 322 25.01 51.57 -15.27
N THR G 323 23.73 51.41 -15.60
CA THR G 323 22.86 52.55 -15.87
C THR G 323 21.93 52.85 -14.69
N THR G 324 21.66 51.83 -13.87
CA THR G 324 20.72 51.95 -12.75
C THR G 324 21.38 52.29 -11.39
N GLY G 325 22.70 52.13 -11.33
CA GLY G 325 23.47 52.45 -10.13
C GLY G 325 24.97 52.43 -10.35
N TRP G 326 25.67 51.74 -9.45
CA TRP G 326 27.13 51.65 -9.48
C TRP G 326 27.56 50.30 -10.05
N VAL G 327 28.87 50.10 -10.23
CA VAL G 327 29.38 48.83 -10.79
C VAL G 327 29.96 47.89 -9.72
N GLY G 328 29.31 46.74 -9.60
CA GLY G 328 29.69 45.74 -8.62
C GLY G 328 28.80 45.82 -7.39
N ARG G 329 29.05 44.93 -6.44
CA ARG G 329 28.38 44.98 -5.16
C ARG G 329 28.99 46.13 -4.35
N PHE G 330 30.31 46.09 -4.19
CA PHE G 330 31.07 47.20 -3.63
C PHE G 330 32.10 47.71 -4.64
N ARG G 331 32.77 46.77 -5.29
CA ARG G 331 33.72 47.07 -6.36
C ARG G 331 33.51 46.04 -7.49
N PRO G 332 34.06 46.32 -8.69
CA PRO G 332 33.97 45.37 -9.81
C PRO G 332 34.64 44.02 -9.50
N SER G 333 34.13 42.97 -10.13
CA SER G 333 34.52 41.58 -9.86
C SER G 333 35.97 41.27 -10.24
N GLU G 334 36.61 40.35 -9.52
CA GLU G 334 37.92 39.83 -9.93
C GLU G 334 37.78 38.67 -10.93
N PRO G 335 38.74 38.55 -11.88
CA PRO G 335 38.72 37.48 -12.86
C PRO G 335 39.41 36.20 -12.38
N HIS G 336 39.08 35.08 -13.02
CA HIS G 336 39.74 33.78 -12.74
C HIS G 336 40.17 33.16 -14.06
N PHE G 337 41.47 33.24 -14.34
CA PHE G 337 41.99 32.83 -15.64
C PHE G 337 42.23 31.32 -15.71
N THR G 338 41.74 30.72 -16.79
CA THR G 338 42.10 29.35 -17.16
C THR G 338 43.60 29.30 -17.41
N LEU G 339 44.19 28.13 -17.17
CA LEU G 339 45.65 27.97 -17.14
C LEU G 339 46.40 28.58 -18.32
N ASP G 340 45.85 28.44 -19.53
CA ASP G 340 46.45 29.03 -20.74
C ASP G 340 46.56 30.56 -20.65
N GLY G 341 45.53 31.18 -20.08
CA GLY G 341 45.52 32.62 -19.87
C GLY G 341 44.87 33.38 -21.01
N ASN G 342 44.13 32.68 -21.86
CA ASN G 342 43.46 33.30 -22.98
C ASN G 342 41.96 33.47 -22.76
N SER G 343 41.51 33.15 -21.54
CA SER G 343 40.13 33.32 -21.09
C SER G 343 40.02 33.39 -19.55
N PHE G 344 38.95 34.03 -19.07
CA PHE G 344 38.71 34.20 -17.64
C PHE G 344 37.23 34.21 -17.28
N TYR G 345 36.93 33.92 -16.01
CA TYR G 345 35.57 33.93 -15.51
C TYR G 345 35.38 35.09 -14.54
N LYS G 346 34.26 35.80 -14.71
CA LYS G 346 33.97 37.02 -13.95
C LYS G 346 32.46 37.17 -13.67
N ILE G 347 32.12 37.31 -12.39
CA ILE G 347 30.73 37.58 -11.94
C ILE G 347 30.34 39.01 -12.29
N ILE G 348 29.26 39.15 -13.06
CA ILE G 348 28.73 40.45 -13.46
C ILE G 348 27.19 40.39 -13.46
N SER G 349 26.57 41.56 -13.44
CA SER G 349 25.12 41.66 -13.38
C SER G 349 24.48 41.35 -14.72
N ASN G 350 23.59 40.35 -14.72
CA ASN G 350 22.89 39.97 -15.95
C ASN G 350 21.86 41.02 -16.44
N GLU G 351 21.25 40.75 -17.59
CA GLU G 351 20.37 41.69 -18.29
C GLU G 351 19.16 42.14 -17.48
N GLU G 352 18.82 41.39 -16.42
CA GLU G 352 17.72 41.76 -15.52
C GLU G 352 18.16 42.27 -14.14
N GLY G 353 19.34 41.85 -13.69
CA GLY G 353 19.93 42.38 -12.46
C GLY G 353 20.71 41.37 -11.65
N TYR G 354 20.52 40.10 -11.95
CA TYR G 354 21.10 39.04 -11.13
C TYR G 354 22.55 38.73 -11.47
N ARG G 355 23.36 38.53 -10.43
CA ARG G 355 24.80 38.40 -10.61
C ARG G 355 25.24 36.98 -10.93
N HIS G 356 25.78 36.82 -12.16
CA HIS G 356 26.08 35.50 -12.69
C HIS G 356 27.46 35.42 -13.34
N ILE G 357 28.05 34.23 -13.26
CA ILE G 357 29.39 33.98 -13.78
C ILE G 357 29.38 34.08 -15.29
N CYS G 358 30.17 35.00 -15.83
CA CYS G 358 30.31 35.13 -17.27
C CYS G 358 31.65 34.56 -17.74
N TYR G 359 31.62 33.94 -18.92
CA TYR G 359 32.83 33.41 -19.53
C TYR G 359 33.29 34.36 -20.63
N PHE G 360 34.42 35.03 -20.36
CA PHE G 360 35.01 36.02 -21.25
C PHE G 360 36.09 35.44 -22.14
N GLN G 361 36.19 35.94 -23.36
CA GLN G 361 37.33 35.64 -24.21
C GLN G 361 38.17 36.91 -24.34
N ILE G 362 39.48 36.75 -24.22
CA ILE G 362 40.42 37.88 -24.11
C ILE G 362 40.40 38.88 -25.28
N ASP G 363 39.97 38.42 -26.46
CA ASP G 363 39.79 39.26 -27.65
C ASP G 363 38.38 39.82 -27.77
N LYS G 364 37.39 39.05 -27.33
CA LYS G 364 35.99 39.33 -27.61
C LYS G 364 35.36 40.23 -26.55
N LYS G 365 34.63 41.24 -27.01
CA LYS G 365 33.94 42.20 -26.13
C LYS G 365 32.81 41.54 -25.35
N ASP G 366 31.93 40.83 -26.06
CA ASP G 366 30.76 40.19 -25.47
C ASP G 366 31.14 38.91 -24.74
N CYS G 367 30.36 38.57 -23.72
CA CYS G 367 30.51 37.29 -23.02
C CYS G 367 29.17 36.55 -22.95
N THR G 368 29.23 35.27 -22.59
CA THR G 368 28.02 34.45 -22.38
C THR G 368 27.93 33.95 -20.94
N PHE G 369 26.76 34.14 -20.34
CA PHE G 369 26.52 33.74 -18.95
C PHE G 369 26.45 32.23 -18.76
N ILE G 370 27.30 31.71 -17.89
CA ILE G 370 27.32 30.27 -17.60
C ILE G 370 26.30 29.88 -16.49
N THR G 371 25.74 30.90 -15.83
CA THR G 371 24.61 30.76 -14.89
C THR G 371 23.53 31.82 -15.19
N LYS G 372 22.29 31.55 -14.80
CA LYS G 372 21.16 32.48 -15.01
C LYS G 372 19.98 32.21 -14.05
N GLY G 373 19.07 33.19 -13.92
CA GLY G 373 17.90 33.05 -13.05
C GLY G 373 17.81 33.98 -11.84
N THR G 374 16.77 33.78 -11.03
CA THR G 374 16.45 34.68 -9.90
C THR G 374 17.18 34.34 -8.59
N TRP G 375 18.49 34.17 -8.73
CA TRP G 375 19.41 34.06 -7.61
C TRP G 375 20.69 34.81 -7.99
N GLU G 376 21.67 34.81 -7.10
CA GLU G 376 22.94 35.47 -7.41
C GLU G 376 24.13 34.61 -7.03
N VAL G 377 25.19 34.69 -7.84
CA VAL G 377 26.44 34.03 -7.50
C VAL G 377 27.22 34.92 -6.51
N ILE G 378 27.74 34.30 -5.45
CA ILE G 378 28.45 35.05 -4.43
C ILE G 378 29.92 35.20 -4.81
N GLY G 379 30.64 34.09 -4.94
CA GLY G 379 32.04 34.11 -5.36
C GLY G 379 32.52 32.91 -6.17
N ILE G 380 33.39 33.16 -7.14
CA ILE G 380 34.06 32.08 -7.86
C ILE G 380 35.24 31.60 -7.02
N GLU G 381 35.24 30.31 -6.70
CA GLU G 381 36.12 29.78 -5.65
C GLU G 381 37.32 29.01 -6.15
N ALA G 382 37.15 28.33 -7.28
CA ALA G 382 38.21 27.51 -7.87
C ALA G 382 38.01 27.34 -9.37
N LEU G 383 39.07 26.92 -10.04
CA LEU G 383 39.05 26.63 -11.47
C LEU G 383 40.08 25.57 -11.83
N THR G 384 39.60 24.44 -12.35
CA THR G 384 40.48 23.46 -12.98
C THR G 384 40.19 23.45 -14.48
N SER G 385 40.97 22.65 -15.22
CA SER G 385 40.76 22.48 -16.66
C SER G 385 39.38 21.89 -16.96
N ASP G 386 38.88 21.05 -16.05
CA ASP G 386 37.60 20.35 -16.23
C ASP G 386 36.40 21.02 -15.55
N TYR G 387 36.61 21.57 -14.35
CA TYR G 387 35.51 22.14 -13.55
C TYR G 387 35.77 23.57 -13.05
N LEU G 388 34.67 24.26 -12.72
CA LEU G 388 34.71 25.50 -11.95
C LEU G 388 33.82 25.31 -10.71
N TYR G 389 34.38 25.65 -9.55
CA TYR G 389 33.66 25.56 -8.30
C TYR G 389 33.29 26.98 -7.87
N TYR G 390 32.10 27.13 -7.29
CA TYR G 390 31.60 28.44 -6.88
C TYR G 390 30.54 28.36 -5.78
N ILE G 391 30.20 29.52 -5.23
CA ILE G 391 29.17 29.66 -4.19
C ILE G 391 28.06 30.58 -4.68
N SER G 392 26.81 30.23 -4.34
CA SER G 392 25.63 31.04 -4.68
C SER G 392 24.48 30.84 -3.69
N ASN G 393 23.42 31.65 -3.83
CA ASN G 393 22.22 31.55 -2.99
C ASN G 393 20.98 30.94 -3.67
N GLU G 394 21.19 29.97 -4.57
CA GLU G 394 20.08 29.39 -5.34
C GLU G 394 19.22 28.48 -4.48
N TYR G 395 19.86 27.54 -3.78
CA TYR G 395 19.16 26.50 -3.05
C TYR G 395 17.91 27.03 -2.34
N LYS G 396 16.76 26.44 -2.69
CA LYS G 396 15.49 26.75 -2.05
C LYS G 396 15.02 28.19 -2.19
N GLY G 397 15.67 28.94 -3.08
CA GLY G 397 15.34 30.35 -3.32
C GLY G 397 15.51 31.22 -2.08
N MET G 398 16.55 30.91 -1.30
CA MET G 398 16.86 31.62 -0.07
C MET G 398 18.08 32.52 -0.27
N PRO G 399 17.89 33.84 -0.32
CA PRO G 399 18.99 34.78 -0.47
C PRO G 399 20.02 34.70 0.66
N GLY G 400 19.61 34.23 1.83
CA GLY G 400 20.46 34.20 3.03
C GLY G 400 21.17 32.88 3.25
N GLY G 401 20.97 31.93 2.33
CA GLY G 401 21.72 30.67 2.33
C GLY G 401 22.87 30.71 1.34
N ARG G 402 23.90 29.91 1.61
CA ARG G 402 25.07 29.83 0.73
C ARG G 402 25.38 28.37 0.45
N ASN G 403 25.52 28.04 -0.84
CA ASN G 403 25.91 26.69 -1.21
C ASN G 403 26.95 26.64 -2.32
N LEU G 404 27.80 25.60 -2.25
CA LEU G 404 28.88 25.40 -3.19
C LEU G 404 28.42 24.46 -4.31
N TYR G 405 28.50 24.95 -5.53
CA TYR G 405 28.18 24.16 -6.71
C TYR G 405 29.44 24.00 -7.56
N LYS G 406 29.53 22.89 -8.29
CA LYS G 406 30.54 22.76 -9.35
C LYS G 406 29.91 22.64 -10.72
N ILE G 407 30.35 23.51 -11.63
CA ILE G 407 29.87 23.50 -13.00
C ILE G 407 30.89 22.83 -13.93
N GLN G 408 30.43 21.85 -14.71
CA GLN G 408 31.27 21.20 -15.71
C GLN G 408 31.53 22.18 -16.85
N LEU G 409 32.80 22.43 -17.12
CA LEU G 409 33.23 23.42 -18.11
C LEU G 409 32.95 23.07 -19.58
N SER G 410 32.70 21.80 -19.87
CA SER G 410 32.36 21.37 -21.23
C SER G 410 30.85 21.24 -21.45
N ASP G 411 30.08 21.25 -20.36
CA ASP G 411 28.63 21.10 -20.40
C ASP G 411 28.01 21.92 -19.27
N TYR G 412 27.56 23.14 -19.61
CA TYR G 412 27.05 24.10 -18.60
C TYR G 412 25.75 23.66 -17.90
N THR G 413 24.99 22.78 -18.55
CA THR G 413 23.76 22.24 -17.96
C THR G 413 24.03 21.25 -16.81
N LYS G 414 25.29 20.82 -16.68
CA LYS G 414 25.68 19.86 -15.65
C LYS G 414 26.28 20.50 -14.39
N VAL G 415 25.41 21.02 -13.52
CA VAL G 415 25.82 21.67 -12.27
C VAL G 415 25.42 20.80 -11.06
N THR G 416 26.40 20.50 -10.20
CA THR G 416 26.18 19.68 -9.00
C THR G 416 26.37 20.50 -7.72
N CYS G 417 25.37 20.49 -6.83
CA CYS G 417 25.56 21.04 -5.50
C CYS G 417 26.35 20.06 -4.66
N LEU G 418 27.52 20.50 -4.19
CA LEU G 418 28.37 19.63 -3.39
C LEU G 418 28.00 19.70 -1.91
N SER G 419 27.32 20.78 -1.54
CA SER G 419 27.01 21.05 -0.13
C SER G 419 25.55 20.78 0.26
N CYS G 420 24.62 21.33 -0.51
CA CYS G 420 23.16 21.30 -0.25
C CYS G 420 22.64 20.09 0.54
N GLU G 421 23.00 18.89 0.10
CA GLU G 421 22.43 17.66 0.65
C GLU G 421 23.27 16.96 1.71
N LEU G 422 24.42 17.53 2.05
CA LEU G 422 25.30 16.99 3.11
C LEU G 422 24.63 17.03 4.49
N ASN G 423 23.99 18.17 4.78
CA ASN G 423 23.20 18.37 5.99
C ASN G 423 22.18 19.46 5.72
N PRO G 424 20.97 19.08 5.30
CA PRO G 424 19.97 20.09 4.95
C PRO G 424 19.43 20.83 6.17
N GLU G 425 19.52 20.20 7.34
CA GLU G 425 19.00 20.74 8.60
C GLU G 425 20.03 21.63 9.27
N ARG G 426 21.22 21.04 9.50
CA ARG G 426 22.32 21.69 10.19
C ARG G 426 23.01 22.76 9.33
N CYS G 427 22.91 22.65 8.01
CA CYS G 427 23.75 23.44 7.09
C CYS G 427 23.09 24.15 5.90
N GLN G 428 22.94 25.46 6.00
CA GLN G 428 22.39 26.26 4.90
C GLN G 428 23.30 27.42 4.48
N TYR G 429 24.52 27.46 5.03
CA TYR G 429 25.46 28.57 4.79
C TYR G 429 26.89 28.05 4.72
N TYR G 430 27.43 27.98 3.51
CA TYR G 430 28.73 27.32 3.28
C TYR G 430 29.80 28.27 2.72
N SER G 431 31.05 28.00 3.12
CA SER G 431 32.25 28.55 2.46
C SER G 431 33.31 27.44 2.27
N VAL G 432 34.31 27.70 1.44
CA VAL G 432 35.24 26.63 1.01
C VAL G 432 36.72 27.06 0.84
N SER G 433 37.61 26.23 1.35
CA SER G 433 39.05 26.40 1.18
C SER G 433 39.63 25.19 0.42
N PHE G 434 40.30 25.46 -0.69
CA PHE G 434 40.87 24.41 -1.56
C PHE G 434 42.37 24.18 -1.36
N SER G 435 42.78 22.92 -1.54
CA SER G 435 44.21 22.56 -1.63
C SER G 435 44.78 23.14 -2.93
N LYS G 436 46.11 23.33 -2.95
CA LYS G 436 46.78 24.16 -3.97
C LYS G 436 46.39 23.93 -5.44
N GLU G 437 45.90 22.74 -5.77
CA GLU G 437 45.44 22.48 -7.14
C GLU G 437 44.01 21.89 -7.19
N ALA G 438 43.25 22.10 -6.11
CA ALA G 438 41.86 21.66 -5.99
C ALA G 438 41.66 20.14 -5.99
N LYS G 439 42.56 19.42 -5.33
CA LYS G 439 42.47 17.95 -5.20
C LYS G 439 41.68 17.58 -3.94
N TYR G 440 41.70 18.49 -2.97
CA TYR G 440 40.91 18.37 -1.77
C TYR G 440 40.12 19.66 -1.57
N TYR G 441 39.31 19.72 -0.52
CA TYR G 441 38.66 20.94 -0.07
C TYR G 441 38.03 20.80 1.30
N GLN G 442 38.15 21.86 2.09
CA GLN G 442 37.43 21.98 3.35
C GLN G 442 36.13 22.73 3.09
N LEU G 443 35.04 22.25 3.68
CA LEU G 443 33.81 23.00 3.72
C LEU G 443 33.59 23.58 5.10
N ARG G 444 33.44 24.91 5.18
CA ARG G 444 33.01 25.57 6.41
C ARG G 444 31.49 25.75 6.37
N CYS G 445 30.80 25.05 7.27
CA CYS G 445 29.36 25.24 7.44
C CYS G 445 29.13 26.22 8.58
N SER G 446 28.43 27.32 8.29
CA SER G 446 28.22 28.41 9.25
C SER G 446 26.99 28.23 10.17
N GLY G 447 26.05 27.40 9.76
CA GLY G 447 24.76 27.26 10.43
C GLY G 447 23.71 26.69 9.49
N PRO G 448 22.43 26.64 9.93
CA PRO G 448 21.89 27.24 11.15
C PRO G 448 22.30 26.53 12.44
N GLY G 449 22.65 25.23 12.32
CA GLY G 449 23.18 24.45 13.43
C GLY G 449 24.56 24.96 13.83
N LEU G 450 25.25 24.22 14.67
CA LEU G 450 26.62 24.59 15.04
C LEU G 450 27.55 24.44 13.82
N PRO G 451 28.55 25.34 13.69
CA PRO G 451 29.50 25.25 12.58
C PRO G 451 30.17 23.88 12.47
N LEU G 452 30.26 23.36 11.25
CA LEU G 452 30.81 22.03 10.97
C LEU G 452 31.87 22.09 9.88
N TYR G 453 33.02 21.49 10.15
CA TYR G 453 34.14 21.51 9.22
C TYR G 453 34.41 20.12 8.66
N THR G 454 34.23 19.96 7.34
CA THR G 454 34.45 18.68 6.65
C THR G 454 35.46 18.78 5.50
N LEU G 455 36.34 17.78 5.41
CA LEU G 455 37.33 17.67 4.34
C LEU G 455 36.84 16.70 3.26
N HIS G 456 36.87 17.16 2.01
CA HIS G 456 36.42 16.35 0.89
C HIS G 456 37.49 16.23 -0.19
N SER G 457 37.48 15.10 -0.90
CA SER G 457 38.31 14.92 -2.10
C SER G 457 37.48 15.23 -3.33
N SER G 458 37.98 16.13 -4.18
CA SER G 458 37.20 16.70 -5.29
C SER G 458 37.06 15.79 -6.51
N VAL G 459 37.94 14.78 -6.63
CA VAL G 459 37.94 13.89 -7.78
C VAL G 459 36.66 13.07 -7.85
N ASN G 460 36.22 12.54 -6.71
CA ASN G 460 34.96 11.80 -6.60
C ASN G 460 33.99 12.33 -5.53
N ASP G 461 34.24 13.57 -5.10
CA ASP G 461 33.38 14.34 -4.17
C ASP G 461 32.90 13.58 -2.93
N LYS G 462 33.75 12.73 -2.37
CA LYS G 462 33.40 12.03 -1.13
C LYS G 462 34.06 12.69 0.09
N GLY G 463 33.37 12.60 1.23
CA GLY G 463 33.87 13.18 2.46
C GLY G 463 34.89 12.28 3.14
N LEU G 464 36.13 12.76 3.20
CA LEU G 464 37.21 12.02 3.88
C LEU G 464 36.94 11.90 5.39
N ARG G 465 36.84 13.04 6.09
CA ARG G 465 36.56 13.03 7.52
C ARG G 465 35.79 14.25 8.04
N VAL G 466 35.39 14.16 9.30
CA VAL G 466 34.82 15.28 10.05
C VAL G 466 35.98 15.94 10.82
N LEU G 467 36.34 17.15 10.40
CA LEU G 467 37.47 17.88 11.00
C LEU G 467 37.11 18.48 12.37
N GLU G 468 35.98 19.19 12.42
CA GLU G 468 35.41 19.71 13.66
C GLU G 468 33.89 19.69 13.57
N ASP G 469 33.24 19.08 14.56
CA ASP G 469 31.78 18.97 14.60
C ASP G 469 31.15 19.78 15.75
N ASN G 470 32.02 20.34 16.60
CA ASN G 470 31.65 21.14 17.76
C ASN G 470 30.80 20.44 18.83
N SER G 471 31.08 19.16 19.06
CA SER G 471 30.33 18.37 20.03
C SER G 471 30.66 18.76 21.48
N ALA G 472 31.82 19.39 21.68
CA ALA G 472 32.20 19.95 22.98
C ALA G 472 31.24 21.09 23.34
N LEU G 473 31.08 22.03 22.41
CA LEU G 473 30.11 23.13 22.54
C LEU G 473 28.66 22.63 22.63
N ASP G 474 28.34 21.64 21.79
CA ASP G 474 27.03 20.98 21.78
C ASP G 474 26.68 20.41 23.16
N LYS G 475 27.68 19.85 23.83
CA LYS G 475 27.52 19.25 25.14
C LYS G 475 27.21 20.29 26.21
N MET G 476 27.89 21.44 26.13
CA MET G 476 27.71 22.53 27.09
C MET G 476 26.35 23.19 26.98
N LEU G 477 25.94 23.48 25.75
CA LEU G 477 24.67 24.13 25.43
C LEU G 477 23.42 23.32 25.80
N GLN G 478 23.63 22.07 26.22
CA GLN G 478 22.54 21.13 26.49
C GLN G 478 21.69 21.50 27.70
N ASN G 479 22.30 22.08 28.73
CA ASN G 479 21.54 22.57 29.89
C ASN G 479 21.43 24.10 29.94
N VAL G 480 21.80 24.73 28.83
CA VAL G 480 21.55 26.16 28.64
C VAL G 480 20.26 26.34 27.83
N GLN G 481 19.38 27.19 28.33
CA GLN G 481 18.17 27.62 27.62
C GLN G 481 18.50 28.59 26.50
N MET G 482 18.82 28.04 25.32
CA MET G 482 19.24 28.84 24.18
C MET G 482 18.04 29.35 23.37
N PRO G 483 18.16 30.55 22.78
CA PRO G 483 17.11 31.07 21.90
C PRO G 483 17.05 30.31 20.58
N SER G 484 16.02 30.60 19.78
CA SER G 484 15.92 30.01 18.44
C SER G 484 15.95 31.10 17.37
N LYS G 485 16.16 30.70 16.12
CA LYS G 485 16.11 31.63 14.99
C LYS G 485 14.99 31.27 14.02
N LYS G 486 14.13 32.24 13.73
CA LYS G 486 13.19 32.13 12.64
C LYS G 486 13.73 32.95 11.46
N LEU G 487 13.83 32.32 10.29
CA LEU G 487 14.24 33.00 9.06
C LEU G 487 13.11 32.83 8.07
N ASP G 488 12.38 33.92 7.83
CA ASP G 488 11.25 33.90 6.92
C ASP G 488 11.15 35.24 6.19
N PHE G 489 10.08 35.40 5.41
CA PHE G 489 9.90 36.59 4.60
C PHE G 489 8.49 37.16 4.74
N ILE G 490 8.38 38.47 4.52
CA ILE G 490 7.08 39.13 4.39
C ILE G 490 6.94 39.62 2.94
N ILE G 491 5.70 39.80 2.50
CA ILE G 491 5.45 40.32 1.15
C ILE G 491 4.92 41.75 1.20
N LEU G 492 5.65 42.66 0.55
CA LEU G 492 5.28 44.08 0.43
C LEU G 492 5.34 44.49 -1.04
N ASN G 493 4.20 44.90 -1.60
CA ASN G 493 4.09 45.26 -3.01
C ASN G 493 4.69 44.15 -3.88
N GLU G 494 4.06 42.98 -3.81
CA GLU G 494 4.48 41.75 -4.51
C GLU G 494 6.00 41.56 -4.64
N THR G 495 6.70 41.78 -3.52
CA THR G 495 8.14 41.52 -3.41
C THR G 495 8.45 40.85 -2.05
N LYS G 496 9.24 39.77 -2.12
CA LYS G 496 9.75 39.07 -0.93
C LYS G 496 10.85 39.89 -0.25
N PHE G 497 10.63 40.19 1.04
CA PHE G 497 11.63 40.85 1.88
C PHE G 497 11.89 40.01 3.14
N TRP G 498 13.15 39.58 3.31
CA TRP G 498 13.48 38.59 4.33
C TRP G 498 13.81 39.19 5.68
N TYR G 499 13.35 38.53 6.72
CA TYR G 499 13.65 38.91 8.09
C TYR G 499 14.19 37.72 8.89
N GLN G 500 14.80 38.01 10.03
CA GLN G 500 15.07 36.97 11.02
C GLN G 500 14.65 37.41 12.42
N MET G 501 14.28 36.42 13.24
CA MET G 501 13.97 36.69 14.64
C MET G 501 14.71 35.76 15.59
N ILE G 502 15.54 36.36 16.44
CA ILE G 502 16.11 35.67 17.60
C ILE G 502 15.02 35.65 18.67
N LEU G 503 14.55 34.45 19.00
CA LEU G 503 13.37 34.25 19.82
C LEU G 503 13.74 33.59 21.13
N PRO G 504 13.28 34.17 22.25
CA PRO G 504 13.54 33.64 23.59
C PRO G 504 13.23 32.15 23.70
N PRO G 505 13.93 31.42 24.61
CA PRO G 505 13.58 30.04 24.88
C PRO G 505 12.12 29.89 25.26
N HIS G 506 11.53 28.74 24.96
CA HIS G 506 10.11 28.49 25.28
C HIS G 506 9.17 29.52 24.66
N PHE G 507 9.56 30.02 23.48
CA PHE G 507 8.78 31.02 22.76
C PHE G 507 7.31 30.66 22.65
N ASP G 508 6.46 31.60 23.07
CA ASP G 508 5.02 31.40 23.14
C ASP G 508 4.29 32.53 22.44
N LYS G 509 3.62 32.21 21.33
CA LYS G 509 2.92 33.23 20.55
C LYS G 509 1.76 33.90 21.28
N SER G 510 1.28 33.27 22.36
CA SER G 510 0.21 33.84 23.20
C SER G 510 0.71 34.99 24.07
N LYS G 511 2.02 35.13 24.17
CA LYS G 511 2.65 36.17 24.99
C LYS G 511 3.02 37.36 24.13
N LYS G 512 3.16 38.52 24.77
CA LYS G 512 3.59 39.73 24.08
C LYS G 512 5.01 40.10 24.54
N TYR G 513 5.95 39.97 23.61
CA TYR G 513 7.37 40.21 23.89
C TYR G 513 7.85 41.61 23.49
N PRO G 514 8.82 42.17 24.25
CA PRO G 514 9.50 43.35 23.78
C PRO G 514 10.33 42.94 22.57
N LEU G 515 10.47 43.85 21.60
CA LEU G 515 11.24 43.55 20.40
C LEU G 515 12.30 44.60 20.20
N LEU G 516 13.50 44.13 19.88
CA LEU G 516 14.60 45.02 19.52
C LEU G 516 14.90 44.78 18.06
N LEU G 517 14.76 45.86 17.28
CA LEU G 517 15.16 45.87 15.89
C LEU G 517 16.67 46.15 15.74
N ASP G 518 17.41 45.08 15.46
CA ASP G 518 18.84 45.12 15.16
C ASP G 518 19.02 45.49 13.68
N VAL G 519 19.58 46.67 13.42
CA VAL G 519 19.66 47.22 12.08
C VAL G 519 21.08 47.52 11.58
N TYR G 520 21.33 47.14 10.33
CA TYR G 520 22.47 47.65 9.57
C TYR G 520 21.95 48.41 8.34
N ALA G 521 21.39 47.66 7.40
CA ALA G 521 20.72 48.19 6.19
C ALA G 521 21.59 49.02 5.20
N GLY G 522 22.91 48.80 5.23
CA GLY G 522 23.81 49.45 4.27
C GLY G 522 23.61 48.93 2.85
N PRO G 523 24.10 49.69 1.85
CA PRO G 523 23.96 49.20 0.48
C PRO G 523 24.58 47.82 0.33
N CYS G 524 23.77 46.89 -0.19
CA CYS G 524 24.15 45.49 -0.35
C CYS G 524 24.37 44.76 0.98
N SER G 525 23.63 45.17 2.00
CA SER G 525 23.65 44.45 3.26
C SER G 525 22.79 43.19 3.21
N GLN G 526 23.09 42.28 4.13
CA GLN G 526 22.23 41.17 4.45
C GLN G 526 22.28 40.99 5.95
N LYS G 527 21.17 41.25 6.62
CA LYS G 527 21.06 41.05 8.06
C LYS G 527 20.28 39.78 8.46
N ALA G 528 19.50 39.25 7.51
CA ALA G 528 18.74 38.01 7.67
C ALA G 528 19.41 36.88 6.88
N ASP G 529 19.84 35.84 7.59
CA ASP G 529 20.54 34.71 6.97
C ASP G 529 20.49 33.44 7.82
N THR G 530 21.28 32.44 7.44
CA THR G 530 21.29 31.16 8.14
C THR G 530 22.51 30.96 9.03
N VAL G 531 23.23 32.05 9.36
CA VAL G 531 24.40 31.91 10.21
C VAL G 531 23.99 31.73 11.68
N PHE G 532 24.59 30.72 12.33
CA PHE G 532 24.53 30.57 13.78
C PHE G 532 25.48 31.55 14.45
N ARG G 533 24.94 32.40 15.30
CA ARG G 533 25.75 33.39 16.01
C ARG G 533 25.57 33.24 17.51
N LEU G 534 26.62 33.57 18.26
CA LEU G 534 26.54 33.75 19.70
C LEU G 534 26.99 35.17 19.99
N ASN G 535 26.02 36.02 20.31
CA ASN G 535 26.28 37.44 20.44
C ASN G 535 25.44 38.11 21.53
N TRP G 536 25.37 39.44 21.47
CA TRP G 536 24.58 40.21 22.40
C TRP G 536 23.08 39.90 22.26
N ALA G 537 22.61 39.70 21.03
CA ALA G 537 21.22 39.26 20.77
C ALA G 537 20.94 37.90 21.39
N THR G 538 21.93 37.02 21.39
CA THR G 538 21.79 35.73 22.07
C THR G 538 21.48 35.92 23.55
N TYR G 539 22.23 36.79 24.22
CA TYR G 539 21.98 37.15 25.62
C TYR G 539 20.60 37.77 25.82
N LEU G 540 20.23 38.70 24.94
CA LEU G 540 18.98 39.42 25.09
C LEU G 540 17.76 38.54 25.02
N ALA G 541 17.77 37.56 24.11
CA ALA G 541 16.63 36.67 23.94
C ALA G 541 16.64 35.64 25.04
N SER G 542 17.83 35.13 25.35
CA SER G 542 17.94 34.02 26.29
C SER G 542 17.70 34.43 27.73
N THR G 543 18.26 35.57 28.14
CA THR G 543 18.16 36.01 29.54
C THR G 543 17.03 37.00 29.78
N GLU G 544 16.86 37.95 28.87
CA GLU G 544 15.93 39.07 29.08
C GLU G 544 14.62 38.89 28.33
N ASN G 545 14.48 37.78 27.62
CA ASN G 545 13.24 37.43 26.90
C ASN G 545 12.78 38.54 25.95
N ILE G 546 13.75 39.07 25.20
CA ILE G 546 13.52 40.07 24.17
C ILE G 546 13.68 39.39 22.82
N ILE G 547 12.72 39.61 21.92
CA ILE G 547 12.92 39.20 20.53
C ILE G 547 13.86 40.20 19.86
N VAL G 548 14.87 39.69 19.18
CA VAL G 548 15.79 40.55 18.41
C VAL G 548 15.63 40.25 16.92
N ALA G 549 15.15 41.25 16.18
CA ALA G 549 14.80 41.07 14.80
C ALA G 549 15.66 41.93 13.89
N SER G 550 15.92 41.41 12.68
CA SER G 550 16.58 42.16 11.62
C SER G 550 15.75 42.00 10.34
N PHE G 551 15.77 43.03 9.50
CA PHE G 551 15.01 43.05 8.26
C PHE G 551 15.84 43.57 7.09
N ASP G 552 15.75 42.88 5.95
CA ASP G 552 16.46 43.29 4.74
C ASP G 552 15.47 43.95 3.76
N GLY G 553 15.38 45.27 3.86
CA GLY G 553 14.51 46.07 3.01
C GLY G 553 15.23 46.50 1.74
N ARG G 554 14.76 47.59 1.14
CA ARG G 554 15.36 48.10 -0.10
C ARG G 554 16.78 48.62 0.13
N GLY G 555 17.66 48.28 -0.81
CA GLY G 555 19.08 48.62 -0.72
C GLY G 555 19.95 47.42 -0.43
N SER G 556 19.31 46.35 0.06
CA SER G 556 20.07 45.18 0.52
C SER G 556 20.51 44.31 -0.66
N GLY G 557 21.37 43.35 -0.40
CA GLY G 557 22.06 42.66 -1.47
C GLY G 557 21.58 41.26 -1.76
N TYR G 558 22.23 40.67 -2.76
CA TYR G 558 22.07 39.26 -3.10
C TYR G 558 20.64 38.90 -3.52
N GLN G 559 19.91 39.89 -4.03
CA GLN G 559 18.53 39.70 -4.51
C GLN G 559 18.29 40.43 -5.85
N GLY G 560 19.37 40.66 -6.61
CA GLY G 560 19.28 41.38 -7.88
C GLY G 560 19.45 42.89 -7.75
N ASP G 561 19.72 43.56 -8.87
CA ASP G 561 19.95 45.02 -8.90
C ASP G 561 18.71 45.85 -8.58
N LYS G 562 17.54 45.27 -8.80
CA LYS G 562 16.29 45.99 -8.62
C LYS G 562 16.10 46.38 -7.16
N ILE G 563 16.49 45.51 -6.24
CA ILE G 563 16.41 45.80 -4.79
C ILE G 563 17.61 46.64 -4.31
N MET G 564 18.81 46.19 -4.67
CA MET G 564 20.06 46.79 -4.21
C MET G 564 20.25 48.23 -4.68
N HIS G 565 19.90 48.49 -5.93
CA HIS G 565 20.04 49.83 -6.51
C HIS G 565 18.84 50.72 -6.19
N ALA G 566 17.86 50.19 -5.46
CA ALA G 566 16.67 50.97 -5.08
C ALA G 566 17.00 52.28 -4.36
N ILE G 567 18.13 52.31 -3.64
CA ILE G 567 18.55 53.51 -2.90
C ILE G 567 19.68 54.29 -3.59
N ASN G 568 20.00 53.94 -4.84
CA ASN G 568 20.97 54.71 -5.61
C ASN G 568 20.66 56.20 -5.56
N ARG G 569 21.67 56.99 -5.17
CA ARG G 569 21.59 58.45 -5.04
C ARG G 569 20.60 58.91 -3.97
N ARG G 570 20.26 57.98 -3.07
CA ARG G 570 19.08 58.12 -2.23
C ARG G 570 19.27 57.41 -0.88
N LEU G 571 20.41 57.63 -0.22
CA LEU G 571 20.64 57.09 1.14
C LEU G 571 19.80 57.86 2.16
N GLY G 572 19.34 57.14 3.19
CA GLY G 572 18.43 57.70 4.18
C GLY G 572 16.97 57.77 3.75
N THR G 573 16.56 56.90 2.82
CA THR G 573 15.19 56.93 2.31
C THR G 573 14.43 55.62 2.52
N PHE G 574 14.40 54.77 1.49
CA PHE G 574 13.62 53.52 1.49
C PHE G 574 14.10 52.50 2.53
N GLU G 575 15.39 52.48 2.75
CA GLU G 575 16.02 51.62 3.74
C GLU G 575 15.59 51.97 5.17
N VAL G 576 15.45 53.27 5.44
CA VAL G 576 15.00 53.77 6.73
C VAL G 576 13.52 53.47 6.93
N GLU G 577 12.74 53.70 5.88
CA GLU G 577 11.29 53.52 5.95
C GLU G 577 10.92 52.05 6.03
N ASP G 578 11.71 51.21 5.35
CA ASP G 578 11.48 49.75 5.35
C ASP G 578 11.80 49.08 6.69
N GLN G 579 12.57 49.78 7.54
CA GLN G 579 12.80 49.32 8.92
C GLN G 579 11.59 49.64 9.82
N ILE G 580 11.03 50.83 9.66
CA ILE G 580 9.84 51.24 10.39
C ILE G 580 8.67 50.32 10.02
N GLU G 581 8.47 50.13 8.71
CA GLU G 581 7.40 49.28 8.20
C GLU G 581 7.58 47.82 8.61
N ALA G 582 8.84 47.40 8.79
CA ALA G 582 9.14 46.05 9.26
C ALA G 582 8.68 45.86 10.70
N ALA G 583 8.99 46.81 11.58
CA ALA G 583 8.52 46.75 12.97
C ALA G 583 6.98 46.70 13.05
N ARG G 584 6.31 47.38 12.14
CA ARG G 584 4.84 47.35 12.06
C ARG G 584 4.29 45.99 11.61
N GLN G 585 5.09 45.29 10.82
CA GLN G 585 4.75 43.96 10.35
C GLN G 585 5.00 42.93 11.44
N PHE G 586 5.96 43.23 12.32
CA PHE G 586 6.23 42.36 13.45
C PHE G 586 5.13 42.55 14.51
N SER G 587 4.61 43.78 14.62
CA SER G 587 3.52 44.10 15.55
C SER G 587 2.24 43.32 15.23
N LYS G 588 1.87 43.28 13.95
CA LYS G 588 0.62 42.64 13.54
C LYS G 588 0.69 41.11 13.53
N MET G 589 1.89 40.56 13.79
CA MET G 589 2.07 39.13 14.00
C MET G 589 1.48 38.70 15.34
N GLY G 590 1.43 39.63 16.29
CA GLY G 590 0.63 39.46 17.49
C GLY G 590 1.35 39.10 18.77
N PHE G 591 2.61 38.67 18.68
CA PHE G 591 3.39 38.34 19.87
C PHE G 591 4.32 39.49 20.32
N VAL G 592 4.05 40.70 19.81
CA VAL G 592 4.88 41.86 20.13
C VAL G 592 4.14 42.88 21.00
N ASP G 593 4.82 43.34 22.05
CA ASP G 593 4.37 44.45 22.87
C ASP G 593 4.68 45.76 22.13
N ASN G 594 3.63 46.41 21.66
CA ASN G 594 3.75 47.63 20.88
C ASN G 594 4.30 48.82 21.65
N LYS G 595 4.26 48.73 22.98
CA LYS G 595 4.75 49.79 23.85
C LYS G 595 6.25 49.66 24.10
N ARG G 596 6.80 48.48 23.80
CA ARG G 596 8.23 48.21 23.99
C ARG G 596 8.88 47.67 22.73
N ILE G 597 9.03 48.57 21.76
CA ILE G 597 9.84 48.30 20.58
C ILE G 597 11.05 49.23 20.53
N ALA G 598 12.24 48.65 20.41
CA ALA G 598 13.47 49.43 20.32
C ALA G 598 14.21 49.16 19.03
N ILE G 599 15.09 50.08 18.67
CA ILE G 599 15.96 49.93 17.51
C ILE G 599 17.40 50.21 17.92
N TRP G 600 18.34 49.54 17.27
CA TRP G 600 19.76 49.78 17.53
C TRP G 600 20.60 49.35 16.35
N GLY G 601 21.81 49.89 16.28
CA GLY G 601 22.75 49.56 15.22
C GLY G 601 24.05 50.32 15.33
N TRP G 602 25.04 49.85 14.58
CA TRP G 602 26.38 50.36 14.63
C TRP G 602 26.71 50.89 13.23
N SER G 603 27.26 52.11 13.20
CA SER G 603 27.84 52.70 12.00
C SER G 603 26.78 53.11 10.97
N TYR G 604 26.66 52.38 9.86
CA TYR G 604 25.55 52.62 8.95
C TYR G 604 24.27 52.35 9.73
N GLY G 605 24.33 51.32 10.57
CA GLY G 605 23.22 50.94 11.45
C GLY G 605 22.85 52.00 12.44
N GLY G 606 23.84 52.74 12.95
CA GLY G 606 23.60 53.88 13.83
C GLY G 606 22.94 55.04 13.10
N TYR G 607 23.39 55.29 11.87
CA TYR G 607 22.73 56.25 11.01
C TYR G 607 21.25 55.89 10.83
N VAL G 608 20.97 54.67 10.37
CA VAL G 608 19.58 54.28 10.14
C VAL G 608 18.76 54.37 11.43
N THR G 609 19.30 53.82 12.52
CA THR G 609 18.71 53.93 13.85
C THR G 609 18.33 55.37 14.19
N SER G 610 19.29 56.30 14.03
CA SER G 610 19.05 57.71 14.34
C SER G 610 17.99 58.32 13.40
N MET G 611 18.02 57.90 12.13
CA MET G 611 17.06 58.38 11.13
C MET G 611 15.66 57.85 11.42
N VAL G 612 15.57 56.60 11.83
CA VAL G 612 14.30 56.01 12.25
C VAL G 612 13.78 56.65 13.54
N LEU G 613 14.64 56.81 14.54
CA LEU G 613 14.29 57.52 15.75
C LEU G 613 13.86 58.98 15.52
N GLY G 614 14.39 59.60 14.47
CA GLY G 614 14.04 60.97 14.13
C GLY G 614 12.92 61.16 13.10
N SER G 615 12.18 60.09 12.79
CA SER G 615 11.12 60.15 11.77
C SER G 615 9.72 60.49 12.30
N GLY G 616 9.53 60.47 13.61
CA GLY G 616 8.23 60.80 14.21
C GLY G 616 7.14 59.77 13.95
N SER G 617 7.58 58.55 13.66
CA SER G 617 6.68 57.46 13.29
C SER G 617 5.88 56.92 14.50
N GLY G 618 6.46 57.02 15.70
CA GLY G 618 5.78 56.58 16.91
C GLY G 618 5.90 55.09 17.21
N VAL G 619 6.50 54.35 16.30
CA VAL G 619 6.65 52.89 16.46
C VAL G 619 7.64 52.52 17.59
N PHE G 620 8.72 53.28 17.69
CA PHE G 620 9.84 52.96 18.60
C PHE G 620 9.86 53.85 19.85
N LYS G 621 10.08 53.21 21.00
CA LYS G 621 10.12 53.88 22.30
C LYS G 621 11.52 54.45 22.56
N CYS G 622 12.53 53.66 22.21
CA CYS G 622 13.91 54.02 22.46
C CYS G 622 14.86 53.38 21.42
N GLY G 623 16.12 53.81 21.43
CA GLY G 623 17.12 53.23 20.55
C GLY G 623 18.53 53.71 20.79
N ILE G 624 19.50 52.99 20.23
CA ILE G 624 20.92 53.22 20.49
C ILE G 624 21.66 53.31 19.17
N ALA G 625 22.32 54.45 18.95
CA ALA G 625 23.26 54.60 17.82
C ALA G 625 24.67 54.53 18.31
N VAL G 626 25.42 53.57 17.76
CA VAL G 626 26.85 53.43 17.99
C VAL G 626 27.62 53.86 16.73
N ALA G 627 28.55 54.81 16.91
CA ALA G 627 29.40 55.34 15.84
C ALA G 627 28.66 55.64 14.54
N PRO G 628 27.54 56.40 14.64
CA PRO G 628 26.69 56.62 13.49
C PRO G 628 27.28 57.63 12.53
N VAL G 629 27.10 57.38 11.23
CA VAL G 629 27.21 58.45 10.25
C VAL G 629 26.06 59.41 10.58
N SER G 630 26.30 60.70 10.32
CA SER G 630 25.46 61.82 10.76
C SER G 630 24.93 62.61 9.54
N ARG G 631 25.83 62.81 8.59
CA ARG G 631 25.55 63.47 7.34
C ARG G 631 26.66 63.01 6.43
N TRP G 632 26.34 62.75 5.17
CA TRP G 632 27.25 62.04 4.27
C TRP G 632 28.48 62.84 3.80
N GLU G 633 28.40 64.17 3.86
CA GLU G 633 29.56 65.03 3.55
C GLU G 633 30.75 64.74 4.44
N TYR G 634 30.49 64.20 5.64
CA TYR G 634 31.52 63.83 6.60
C TYR G 634 32.21 62.50 6.31
N TYR G 635 31.57 61.64 5.50
CA TYR G 635 32.13 60.31 5.27
C TYR G 635 33.10 60.29 4.08
N ASP G 636 33.85 59.21 3.90
CA ASP G 636 34.90 59.19 2.87
C ASP G 636 34.36 59.09 1.44
N SER G 637 35.06 59.73 0.51
CA SER G 637 34.58 59.95 -0.86
C SER G 637 34.25 58.67 -1.63
N VAL G 638 35.15 57.69 -1.63
CA VAL G 638 34.93 56.53 -2.50
C VAL G 638 33.65 55.77 -2.09
N TYR G 639 33.55 55.36 -0.83
CA TYR G 639 32.29 54.76 -0.32
C TYR G 639 31.07 55.62 -0.59
N THR G 640 31.13 56.89 -0.21
CA THR G 640 29.99 57.81 -0.28
C THR G 640 29.53 58.15 -1.70
N GLU G 641 30.46 58.58 -2.56
CA GLU G 641 30.13 58.95 -3.96
C GLU G 641 29.61 57.77 -4.79
N ARG G 642 30.05 56.56 -4.44
CA ARG G 642 29.53 55.32 -5.01
C ARG G 642 28.01 55.25 -5.03
N TYR G 643 27.38 55.71 -3.96
CA TYR G 643 25.91 55.63 -3.82
C TYR G 643 25.24 56.99 -3.90
N MET G 644 25.99 58.05 -3.60
CA MET G 644 25.41 59.39 -3.45
C MET G 644 25.87 60.38 -4.54
N GLY G 645 26.93 60.04 -5.26
CA GLY G 645 27.52 60.99 -6.20
C GLY G 645 28.20 62.14 -5.47
N LEU G 646 28.08 63.34 -6.02
CA LEU G 646 28.82 64.50 -5.52
C LEU G 646 27.89 65.48 -4.79
N PRO G 647 28.39 66.11 -3.71
CA PRO G 647 27.62 67.12 -3.00
C PRO G 647 27.75 68.52 -3.61
N THR G 648 27.47 68.63 -4.91
CA THR G 648 27.49 69.90 -5.61
C THR G 648 26.06 70.17 -6.11
N PRO G 649 25.63 71.45 -6.10
CA PRO G 649 24.28 71.80 -6.58
C PRO G 649 23.96 71.39 -8.02
N GLU G 650 24.97 70.90 -8.74
CA GLU G 650 24.80 70.42 -10.12
C GLU G 650 24.78 68.89 -10.17
N ASP G 651 25.00 68.25 -9.03
CA ASP G 651 24.85 66.80 -8.93
C ASP G 651 23.80 66.40 -7.88
N ASN G 652 24.26 66.11 -6.66
CA ASN G 652 23.38 65.54 -5.65
C ASN G 652 23.35 66.29 -4.31
N LEU G 653 23.80 67.55 -4.30
CA LEU G 653 23.83 68.33 -3.04
C LEU G 653 22.50 68.30 -2.32
N ASP G 654 21.41 68.40 -3.07
CA ASP G 654 20.07 68.47 -2.47
C ASP G 654 19.80 67.31 -1.51
N HIS G 655 20.05 66.08 -1.97
CA HIS G 655 19.78 64.94 -1.12
C HIS G 655 20.72 64.82 0.09
N TYR G 656 22.02 65.02 -0.13
CA TYR G 656 23.02 65.15 0.95
C TYR G 656 22.47 65.97 2.13
N ARG G 657 21.90 67.13 1.82
CA ARG G 657 21.38 68.06 2.82
C ARG G 657 20.09 67.54 3.47
N ASN G 658 19.35 66.74 2.72
CA ASN G 658 18.08 66.19 3.20
C ASN G 658 18.20 64.90 4.00
N SER G 659 19.36 64.26 3.93
CA SER G 659 19.56 62.94 4.53
C SER G 659 20.41 62.95 5.81
N THR G 660 20.41 64.07 6.52
CA THR G 660 21.21 64.20 7.74
C THR G 660 20.36 63.88 8.95
N VAL G 661 20.95 63.31 9.99
CA VAL G 661 20.18 63.09 11.23
C VAL G 661 19.89 64.40 12.01
N MET G 662 20.78 65.38 11.86
CA MET G 662 20.60 66.69 12.49
C MET G 662 19.28 67.37 12.09
N SER G 663 18.91 67.29 10.81
CA SER G 663 17.65 67.89 10.35
C SER G 663 16.43 67.33 11.08
N ARG G 664 16.57 66.11 11.59
CA ARG G 664 15.46 65.42 12.28
C ARG G 664 15.45 65.57 13.81
N ALA G 665 16.35 66.40 14.34
CA ALA G 665 16.54 66.59 15.78
C ALA G 665 15.24 66.80 16.57
N GLU G 666 14.35 67.64 16.05
CA GLU G 666 13.08 67.93 16.69
C GLU G 666 12.28 66.67 17.05
N ASN G 667 12.35 65.65 16.20
CA ASN G 667 11.57 64.42 16.39
C ASN G 667 12.08 63.49 17.48
N PHE G 668 13.25 63.78 18.04
CA PHE G 668 13.79 62.98 19.15
C PHE G 668 13.12 63.25 20.49
N LYS G 669 12.20 64.21 20.54
CA LYS G 669 11.40 64.46 21.76
C LYS G 669 10.48 63.30 22.10
N GLN G 670 10.20 62.47 21.11
CA GLN G 670 9.26 61.35 21.26
C GLN G 670 9.93 60.02 21.68
N VAL G 671 11.26 60.02 21.80
CA VAL G 671 12.00 58.76 22.01
C VAL G 671 13.10 58.92 23.05
N GLU G 672 13.56 57.79 23.58
CA GLU G 672 14.75 57.73 24.44
C GLU G 672 15.91 57.28 23.56
N TYR G 673 16.96 58.09 23.52
CA TYR G 673 18.07 57.92 22.60
C TYR G 673 19.37 57.77 23.36
N LEU G 674 20.15 56.77 22.99
CA LEU G 674 21.50 56.63 23.50
C LEU G 674 22.47 56.72 22.35
N LEU G 675 23.37 57.69 22.42
CA LEU G 675 24.37 57.94 21.39
C LEU G 675 25.77 57.61 21.92
N ILE G 676 26.45 56.70 21.24
CA ILE G 676 27.79 56.24 21.65
C ILE G 676 28.75 56.44 20.50
N HIS G 677 29.95 56.94 20.80
CA HIS G 677 31.01 57.08 19.82
C HIS G 677 32.41 57.04 20.43
N GLY G 678 33.35 56.39 19.73
CA GLY G 678 34.78 56.42 20.07
C GLY G 678 35.47 57.71 19.65
N THR G 679 36.39 58.22 20.47
CA THR G 679 37.00 59.52 20.17
C THR G 679 38.12 59.45 19.12
N ALA G 680 38.75 58.29 19.01
CA ALA G 680 39.85 58.04 18.05
C ALA G 680 39.38 57.22 16.82
N ASP G 681 38.12 57.44 16.43
CA ASP G 681 37.53 56.78 15.27
C ASP G 681 38.05 57.44 13.97
N ASP G 682 38.88 56.70 13.23
CA ASP G 682 39.48 57.18 11.99
C ASP G 682 38.55 57.04 10.79
N ASN G 683 37.54 56.19 10.99
CA ASN G 683 36.60 55.83 9.98
C ASN G 683 35.37 56.74 10.01
N VAL G 684 34.42 56.47 10.91
CA VAL G 684 33.29 57.38 11.11
C VAL G 684 33.71 58.32 12.23
N HIS G 685 34.12 59.52 11.87
CA HIS G 685 34.79 60.44 12.81
C HIS G 685 33.90 60.83 13.97
N PHE G 686 34.49 61.01 15.14
CA PHE G 686 33.75 61.51 16.31
C PHE G 686 32.92 62.76 15.99
N GLN G 687 33.42 63.59 15.08
CA GLN G 687 32.70 64.73 14.48
C GLN G 687 31.22 64.44 14.18
N GLN G 688 30.97 63.27 13.61
CA GLN G 688 29.62 62.87 13.25
C GLN G 688 28.63 62.86 14.42
N SER G 689 29.00 62.18 15.51
CA SER G 689 28.22 62.19 16.75
C SER G 689 28.19 63.53 17.46
N ALA G 690 29.32 64.23 17.44
CA ALA G 690 29.41 65.60 17.96
C ALA G 690 28.42 66.58 17.31
N GLN G 691 28.08 66.36 16.05
CA GLN G 691 27.10 67.22 15.39
C GLN G 691 25.66 66.80 15.69
N ILE G 692 25.44 65.49 15.84
CA ILE G 692 24.16 64.98 16.34
C ILE G 692 23.85 65.58 17.72
N SER G 693 24.80 65.50 18.66
CA SER G 693 24.54 65.95 20.05
C SER G 693 24.30 67.45 20.10
N LYS G 694 25.02 68.20 19.28
CA LYS G 694 24.84 69.64 19.19
C LYS G 694 23.44 70.01 18.64
N ALA G 695 22.99 69.33 17.59
CA ALA G 695 21.62 69.55 17.09
C ALA G 695 20.57 69.22 18.14
N LEU G 696 20.71 68.11 18.83
CA LEU G 696 19.77 67.74 19.89
C LEU G 696 19.72 68.75 21.04
N VAL G 697 20.87 69.28 21.44
CA VAL G 697 20.94 70.33 22.46
C VAL G 697 20.18 71.61 22.01
N ASP G 698 20.42 72.03 20.76
CA ASP G 698 19.83 73.26 20.19
C ASP G 698 18.29 73.27 20.07
N VAL G 699 17.67 72.09 19.96
CA VAL G 699 16.20 71.95 19.94
C VAL G 699 15.64 71.59 21.34
N GLY G 700 16.55 71.31 22.27
CA GLY G 700 16.20 71.02 23.65
C GLY G 700 15.79 69.59 23.93
N VAL G 701 16.27 68.63 23.15
CA VAL G 701 15.97 67.23 23.48
C VAL G 701 17.03 66.56 24.37
N ASP G 702 16.56 65.99 25.47
CA ASP G 702 17.38 65.23 26.37
C ASP G 702 17.63 63.85 25.80
N PHE G 703 18.82 63.32 26.05
CA PHE G 703 19.22 62.02 25.52
C PHE G 703 20.39 61.52 26.35
N GLN G 704 20.78 60.27 26.13
CA GLN G 704 21.91 59.68 26.84
C GLN G 704 23.10 59.64 25.90
N ALA G 705 24.30 59.81 26.44
CA ALA G 705 25.54 59.75 25.66
C ALA G 705 26.65 58.96 26.35
N MET G 706 27.55 58.42 25.52
CA MET G 706 28.78 57.80 25.99
C MET G 706 29.89 57.96 24.94
N TRP G 707 30.95 58.67 25.29
CA TRP G 707 32.16 58.72 24.50
C TRP G 707 33.09 57.62 24.98
N TYR G 708 33.88 57.04 24.07
CA TYR G 708 34.96 56.14 24.49
C TYR G 708 36.33 56.69 24.16
N THR G 709 36.98 57.24 25.18
CA THR G 709 38.33 57.82 25.03
C THR G 709 39.25 56.85 24.30
N ASP G 710 39.73 57.28 23.13
CA ASP G 710 40.83 56.63 22.39
C ASP G 710 40.40 55.30 21.75
N GLU G 711 39.09 55.05 21.71
CA GLU G 711 38.55 53.92 20.98
C GLU G 711 38.29 54.27 19.51
N ASP G 712 38.57 53.34 18.61
CA ASP G 712 38.24 53.57 17.20
C ASP G 712 36.86 53.01 16.85
N HIS G 713 36.66 52.70 15.57
CA HIS G 713 35.33 52.34 15.05
C HIS G 713 34.81 51.08 15.63
N GLY G 714 35.73 50.21 16.04
CA GLY G 714 35.36 48.92 16.57
C GLY G 714 34.98 48.93 18.03
N ILE G 715 35.36 50.00 18.76
CA ILE G 715 35.27 50.08 20.22
C ILE G 715 35.58 48.70 20.83
N ALA G 716 36.77 48.20 20.54
CA ALA G 716 37.07 46.76 20.63
C ALA G 716 38.11 46.32 21.63
N SER G 717 38.76 47.25 22.33
CA SER G 717 39.57 46.89 23.50
C SER G 717 38.77 45.93 24.36
N SER G 718 39.43 45.01 25.04
CA SER G 718 38.72 44.13 25.95
C SER G 718 37.87 44.93 26.96
N THR G 719 38.44 45.94 27.58
CA THR G 719 37.66 46.73 28.57
C THR G 719 36.49 47.56 27.98
N ALA G 720 36.74 48.30 26.90
CA ALA G 720 35.66 49.08 26.26
C ALA G 720 34.57 48.21 25.66
N HIS G 721 34.99 47.10 25.05
CA HIS G 721 34.02 46.15 24.52
C HIS G 721 33.04 45.67 25.61
N GLN G 722 33.55 45.28 26.77
CA GLN G 722 32.67 44.93 27.89
C GLN G 722 31.83 46.10 28.40
N HIS G 723 32.41 47.31 28.41
CA HIS G 723 31.77 48.48 28.98
C HIS G 723 30.56 48.90 28.13
N ILE G 724 30.79 49.06 26.83
CA ILE G 724 29.72 49.42 25.91
C ILE G 724 28.52 48.48 25.98
N TYR G 725 28.76 47.16 25.97
CA TYR G 725 27.66 46.18 25.99
C TYR G 725 26.93 46.12 27.32
N THR G 726 27.69 46.28 28.40
CA THR G 726 27.14 46.47 29.75
C THR G 726 26.25 47.72 29.76
N HIS G 727 26.76 48.83 29.25
CA HIS G 727 26.04 50.09 29.24
C HIS G 727 24.71 50.03 28.44
N MET G 728 24.72 49.36 27.29
CA MET G 728 23.54 49.33 26.41
C MET G 728 22.50 48.37 26.95
N SER G 729 22.97 47.33 27.66
CA SER G 729 22.10 46.39 28.36
C SER G 729 21.28 47.10 29.43
N HIS G 730 21.93 47.93 30.27
CA HIS G 730 21.19 48.75 31.25
C HIS G 730 20.14 49.61 30.54
N PHE G 731 20.53 50.23 29.44
CA PHE G 731 19.65 51.11 28.69
C PHE G 731 18.43 50.39 28.11
N ILE G 732 18.66 49.24 27.46
CA ILE G 732 17.57 48.47 26.86
C ILE G 732 16.66 47.92 27.95
N LYS G 733 17.24 47.49 29.06
CA LYS G 733 16.46 46.95 30.16
C LYS G 733 15.55 48.00 30.83
N GLN G 734 16.11 49.14 31.22
CA GLN G 734 15.32 50.24 31.79
C GLN G 734 14.21 50.72 30.83
N CYS G 735 14.56 50.83 29.54
CA CYS G 735 13.60 51.17 28.47
C CYS G 735 12.45 50.16 28.39
N PHE G 736 12.76 48.90 28.63
CA PHE G 736 11.79 47.81 28.54
C PHE G 736 11.17 47.47 29.90
N SER G 737 11.59 48.20 30.95
CA SER G 737 11.15 47.96 32.33
C SER G 737 11.54 46.57 32.86
N LEU G 738 12.75 46.12 32.52
CA LEU G 738 13.24 44.80 32.91
C LEU G 738 14.07 44.86 34.18
N PRO G 739 13.78 43.98 35.16
CA PRO G 739 14.46 43.98 36.47
C PRO G 739 15.99 43.87 36.37
N TYR H 1 33.94 51.92 4.68
CA TYR H 1 32.92 50.94 4.95
C TYR H 1 32.40 51.20 6.37
N PRO H 2 31.25 51.88 6.49
CA PRO H 2 30.77 52.26 7.79
C PRO H 2 30.12 51.03 8.42
N SER H 3 30.97 50.14 8.89
CA SER H 3 30.56 48.87 9.46
C SER H 3 31.54 48.51 10.54
N LYS H 4 31.01 48.04 11.67
CA LYS H 4 31.80 47.55 12.79
C LYS H 4 32.82 46.51 12.33
N PRO H 5 34.10 46.74 12.64
CA PRO H 5 35.17 45.75 12.53
C PRO H 5 34.87 44.51 13.38
C1 NAG I . -50.39 -12.81 -22.21
C2 NAG I . -50.90 -12.45 -23.62
C3 NAG I . -51.45 -11.02 -23.69
C4 NAG I . -52.44 -10.70 -22.58
C5 NAG I . -51.96 -11.25 -21.23
C6 NAG I . -53.10 -11.29 -20.23
C7 NAG I . -49.67 -13.76 -25.29
C8 NAG I . -48.61 -13.77 -26.36
N2 NAG I . -49.87 -12.62 -24.64
O3 NAG I . -52.04 -10.77 -24.95
O4 NAG I . -52.53 -9.29 -22.47
O5 NAG I . -51.45 -12.58 -21.30
O6 NAG I . -52.67 -10.61 -19.08
O7 NAG I . -50.30 -14.79 -25.04
C1 NAG I . -53.82 -8.71 -22.81
C2 NAG I . -53.78 -7.25 -22.35
C3 NAG I . -55.08 -6.51 -22.69
C4 NAG I . -55.34 -6.65 -24.20
C5 NAG I . -55.30 -8.13 -24.62
C6 NAG I . -55.41 -8.25 -26.13
C7 NAG I . -52.11 -6.79 -20.57
C8 NAG I . -51.04 -6.55 -21.61
N2 NAG I . -53.36 -7.09 -20.96
O3 NAG I . -54.97 -5.15 -22.35
O4 NAG I . -56.56 -6.03 -24.57
O5 NAG I . -54.10 -8.75 -24.20
O6 NAG I . -54.25 -7.67 -26.70
O7 NAG I . -51.80 -6.72 -19.38
C1 NAG J . -32.53 18.25 -14.01
C2 NAG J . -33.22 19.27 -14.92
C3 NAG J . -33.37 18.77 -16.35
C4 NAG J . -32.15 18.03 -16.89
C5 NAG J . -31.43 17.17 -15.83
C6 NAG J . -30.00 16.84 -16.26
C7 NAG J . -34.77 20.80 -13.86
C8 NAG J . -36.21 21.22 -13.80
N2 NAG J . -34.54 19.62 -14.45
O3 NAG J . -33.65 19.88 -17.19
O4 NAG J . -32.59 17.24 -17.97
O5 NAG J . -31.30 17.84 -14.59
O6 NAG J . -29.46 15.91 -15.36
O7 NAG J . -33.87 21.51 -13.41
C1 NAG J . -31.91 17.68 -19.17
C2 NAG J . -31.48 16.50 -20.04
C3 NAG J . -30.65 17.03 -21.20
C4 NAG J . -31.35 18.19 -21.94
C5 NAG J . -31.91 19.23 -20.95
C6 NAG J . -32.76 20.29 -21.65
C7 NAG J . -31.07 14.28 -19.03
C8 NAG J . -32.54 13.94 -18.96
N2 NAG J . -30.70 15.53 -19.29
O3 NAG J . -30.41 15.95 -22.07
O4 NAG J . -30.41 18.80 -22.80
O5 NAG J . -32.67 18.59 -19.93
O6 NAG J . -34.13 19.94 -21.57
O7 NAG J . -30.23 13.39 -18.83
C1 NAG K . 50.17 -25.75 -28.01
C2 NAG K . 51.19 -24.79 -28.63
C3 NAG K . 52.20 -25.57 -29.49
C4 NAG K . 52.77 -26.78 -28.74
C5 NAG K . 51.68 -27.59 -28.01
C6 NAG K . 52.29 -28.57 -27.02
C7 NAG K . 50.36 -22.52 -29.07
C8 NAG K . 49.77 -21.58 -30.09
N2 NAG K . 50.53 -23.78 -29.45
O3 NAG K . 53.29 -24.73 -29.83
O4 NAG K . 53.39 -27.59 -29.70
O5 NAG K . 50.82 -26.75 -27.26
O6 NAG K . 51.39 -29.64 -26.82
O7 NAG K . 50.67 -22.08 -27.96
C1 NAG K . 54.81 -27.54 -29.52
C2 NAG K . 55.45 -28.85 -29.97
C3 NAG K . 56.90 -28.86 -29.49
C4 NAG K . 57.63 -27.51 -29.68
C5 NAG K . 56.77 -26.26 -29.98
C6 NAG K . 57.37 -25.48 -31.14
C7 NAG K . 53.86 -30.74 -30.15
C8 NAG K . 53.37 -30.28 -31.50
N2 NAG K . 54.73 -30.00 -29.45
O3 NAG K . 57.63 -29.87 -30.16
O4 NAG K . 58.37 -27.27 -28.50
O5 NAG K . 55.39 -26.50 -30.27
O6 NAG K . 56.64 -24.28 -31.33
O7 NAG K . 53.44 -31.79 -29.71
C1 NAG L . 52.51 63.97 -5.90
C2 NAG L . 53.81 64.10 -6.71
C3 NAG L . 54.35 65.53 -6.63
C4 NAG L . 53.30 66.56 -7.03
C5 NAG L . 51.98 66.29 -6.30
C6 NAG L . 50.85 67.17 -6.84
C7 NAG L . 55.02 62.00 -6.93
C8 NAG L . 56.18 61.15 -6.49
N2 NAG L . 54.84 63.17 -6.31
O3 NAG L . 55.47 65.67 -7.48
O4 NAG L . 53.84 67.82 -6.67
O5 NAG L . 51.58 64.92 -6.39
O6 NAG L . 49.69 67.09 -6.04
O7 NAG L . 54.26 61.59 -7.83
C1 NAG L . 54.16 68.68 -7.76
C2 NAG L . 54.18 70.13 -7.25
C3 NAG L . 54.56 71.07 -8.40
C4 NAG L . 55.88 70.62 -9.01
C5 NAG L . 55.79 69.16 -9.45
C6 NAG L . 57.11 68.63 -10.04
C7 NAG L . 52.57 70.35 -5.35
C8 NAG L . 53.59 69.92 -4.32
N2 NAG L . 52.92 70.53 -6.63
O3 NAG L . 54.69 72.40 -7.94
O4 NAG L . 56.24 71.48 -10.09
O5 NAG L . 55.42 68.36 -8.33
O6 NAG L . 58.09 68.41 -9.03
O7 NAG L . 51.41 70.53 -4.96
C1 NAG M . -17.02 -55.64 -29.30
C2 NAG M . -16.80 -54.32 -30.05
C3 NAG M . -17.50 -54.24 -31.41
C4 NAG M . -17.43 -55.53 -32.22
C5 NAG M . -17.56 -56.80 -31.35
C6 NAG M . -17.16 -58.03 -32.15
C7 NAG M . -16.41 -52.29 -28.77
C8 NAG M . -14.96 -52.41 -29.15
N2 NAG M . -17.24 -53.19 -29.26
O3 NAG M . -16.91 -53.20 -32.18
O4 NAG M . -18.47 -55.49 -33.17
O5 NAG M . -16.75 -56.73 -30.17
O6 NAG M . -17.73 -58.02 -33.44
O7 NAG M . -16.80 -51.38 -28.04
C1 NAG N . -20.67 -16.29 -29.07
C2 NAG N . -20.61 -15.72 -30.51
C3 NAG N . -19.18 -15.85 -31.07
C4 NAG N . -18.33 -14.95 -30.19
C5 NAG N . -18.36 -15.46 -28.73
C6 NAG N . -17.63 -14.50 -27.77
C7 NAG N . -21.87 -17.38 -31.96
C8 NAG N . -22.71 -17.41 -33.21
N2 NAG N . -21.70 -16.17 -31.39
O3 NAG N . -19.09 -15.50 -32.43
O4 NAG N . -17.01 -14.83 -30.68
O5 NAG N . -19.69 -15.68 -28.23
O6 NAG N . -18.27 -13.25 -27.69
O7 NAG N . -21.41 -18.43 -31.52
C1 NAG O . -43.15 -40.62 -38.52
C2 NAG O . -43.02 -41.45 -39.81
C3 NAG O . -43.72 -40.75 -40.97
C4 NAG O . -45.16 -40.39 -40.62
C5 NAG O . -45.21 -39.62 -39.29
C6 NAG O . -46.63 -39.29 -38.82
C7 NAG O . -41.15 -42.74 -40.82
C8 NAG O . -39.66 -42.78 -41.06
N2 NAG O . -41.61 -41.70 -40.11
O3 NAG O . -43.73 -41.57 -42.11
O4 NAG O . -45.76 -39.69 -41.70
O5 NAG O . -44.53 -40.35 -38.27
O6 NAG O . -47.34 -40.47 -38.48
O7 NAG O . -41.85 -43.64 -41.28
C1 NAG P . -43.57 -14.16 -39.69
C2 NAG P . -43.14 -13.10 -40.72
C3 NAG P . -42.29 -12.01 -40.05
C4 NAG P . -43.19 -11.33 -39.02
C5 NAG P . -43.60 -12.36 -37.95
C6 NAG P . -45.05 -12.15 -37.50
C7 NAG P . -43.21 -14.07 -42.96
C8 NAG P . -42.48 -14.02 -44.27
N2 NAG P . -42.50 -13.73 -41.88
O3 NAG P . -41.75 -11.09 -40.97
O4 NAG P . -42.55 -10.20 -38.44
O5 NAG P . -43.38 -13.72 -38.35
O6 NAG P . -45.09 -11.86 -36.12
O7 NAG P . -44.40 -14.42 -42.93
C1 NAG Q . -61.55 -30.33 -3.69
C2 NAG Q . -62.77 -31.22 -3.40
C3 NAG Q . -63.94 -30.48 -2.74
C4 NAG Q . -63.50 -29.57 -1.61
C5 NAG Q . -62.31 -28.71 -2.06
C6 NAG Q . -61.79 -27.83 -0.93
C7 NAG Q . -63.31 -33.18 -4.77
C8 NAG Q . -63.79 -33.69 -6.11
N2 NAG Q . -63.26 -31.85 -4.62
O3 NAG Q . -64.83 -31.42 -2.21
O4 NAG Q . -64.62 -28.81 -1.18
O5 NAG Q . -61.25 -29.52 -2.55
O6 NAG Q . -61.57 -26.53 -1.44
O7 NAG Q . -62.98 -33.96 -3.87
C1 NAG R . -55.75 -19.16 13.98
C2 NAG R . -56.38 -17.97 13.24
C3 NAG R . -57.65 -17.49 13.98
C4 NAG R . -58.62 -18.66 14.06
C5 NAG R . -57.99 -19.83 14.82
C6 NAG R . -58.89 -21.07 14.72
C7 NAG R . -55.04 -15.83 13.66
C8 NAG R . -54.83 -14.53 12.93
N2 NAG R . -55.43 -16.89 12.93
O3 NAG R . -58.26 -16.37 13.35
O4 NAG R . -59.82 -18.23 14.67
O5 NAG R . -56.69 -20.18 14.37
O6 NAG R . -58.59 -21.99 15.75
O7 NAG R . -54.81 -15.89 14.87
C1 NAG S . -44.25 36.92 36.59
C2 NAG S . -45.33 36.75 35.49
C3 NAG S . -45.69 38.07 34.78
C4 NAG S . -46.03 39.14 35.81
C5 NAG S . -44.97 39.28 36.91
C6 NAG S . -45.58 40.16 38.01
C7 NAG S . -45.59 34.62 34.28
C8 NAG S . -46.47 34.02 35.34
N2 NAG S . -44.92 35.73 34.53
O3 NAG S . -46.82 37.93 33.95
O4 NAG S . -46.27 40.37 35.16
O5 NAG S . -44.59 38.01 37.46
O6 NAG S . -44.68 40.43 39.06
O7 NAG S . -45.52 34.06 33.18
C1 NAG T . -55.65 14.28 5.70
C2 NAG T . -56.84 14.91 4.95
C3 NAG T . -58.02 14.88 5.92
C4 NAG T . -58.37 13.41 6.14
C5 NAG T . -57.14 12.64 6.67
C6 NAG T . -57.35 11.13 6.72
C7 NAG T . -56.16 17.35 4.73
C8 NAG T . -55.94 18.41 3.69
N2 NAG T . -56.55 16.16 4.25
O3 NAG T . -59.14 15.59 5.42
O4 NAG T . -59.49 13.28 6.99
O5 NAG T . -55.98 12.91 5.90
O6 NAG T . -57.53 10.57 5.44
O7 NAG T . -55.99 17.61 5.92
C1 NAG U . -38.42 44.01 6.31
C2 NAG U . -39.25 45.27 6.58
C3 NAG U . -39.59 46.03 5.29
C4 NAG U . -38.33 46.29 4.48
C5 NAG U . -37.61 44.94 4.24
C6 NAG U . -36.30 45.12 3.47
C7 NAG U . -40.78 45.71 8.43
C8 NAG U . -42.25 45.93 8.67
N2 NAG U . -40.45 44.98 7.36
O3 NAG U . -40.21 47.26 5.60
O4 NAG U . -38.60 46.98 3.27
O5 NAG U . -37.30 44.34 5.50
O6 NAG U . -35.45 45.99 4.21
O7 NAG U . -39.93 46.20 9.19
C1 NAG V . -48.15 28.89 -13.04
C2 NAG V . -49.30 28.97 -14.06
C3 NAG V . -49.80 27.56 -14.40
C4 NAG V . -48.65 26.71 -14.92
C5 NAG V . -47.50 26.71 -13.91
C6 NAG V . -46.30 25.94 -14.46
C7 NAG V . -50.84 30.86 -14.34
C8 NAG V . -52.09 30.59 -15.15
N2 NAG V . -50.37 29.85 -13.60
O3 NAG V . -50.85 27.58 -15.36
O4 NAG V . -49.13 25.40 -15.19
O5 NAG V . -47.11 28.03 -13.53
O6 NAG V . -45.56 26.72 -15.37
O7 NAG V . -50.31 31.97 -14.36
C1 NAG W . -6.84 20.47 -3.83
C2 NAG W . -5.51 21.25 -3.84
C3 NAG W . -4.67 20.91 -5.08
C4 NAG W . -4.40 19.41 -5.08
C5 NAG W . -5.74 18.68 -5.12
C6 NAG W . -5.56 17.17 -4.98
C7 NAG W . -5.21 23.50 -2.83
C8 NAG W . -5.76 24.89 -2.79
N2 NAG W . -5.76 22.69 -3.75
O3 NAG W . -3.45 21.61 -5.07
O4 NAG W . -3.55 19.04 -6.17
O5 NAG W . -6.59 19.08 -4.04
O6 NAG W . -6.79 16.59 -5.33
O7 NAG W . -4.28 23.17 -2.06
C1 NAG X . 40.35 4.28 -17.12
C2 NAG X . 40.56 5.81 -17.17
C3 NAG X . 41.96 6.25 -17.62
C4 NAG X . 43.09 5.36 -17.12
C5 NAG X . 42.72 3.88 -17.12
C6 NAG X . 43.78 3.03 -16.42
C7 NAG X . 38.44 7.00 -17.72
C8 NAG X . 38.47 8.25 -16.86
N2 NAG X . 39.62 6.45 -18.09
O3 NAG X . 42.22 7.56 -17.17
O4 NAG X . 44.24 5.62 -17.92
O5 NAG X . 41.47 3.68 -16.47
O6 NAG X . 44.19 3.63 -15.22
O7 NAG X . 37.36 6.51 -18.06
C1 NAG Y . 49.20 -9.36 -38.20
C2 NAG Y . 49.89 -8.91 -39.51
C3 NAG Y . 49.63 -9.88 -40.66
C4 NAG Y . 49.85 -11.35 -40.25
C5 NAG Y . 49.13 -11.67 -38.94
C6 NAG Y . 49.42 -13.09 -38.46
C7 NAG Y . 50.19 -6.46 -39.70
C8 NAG Y . 49.46 -5.14 -39.72
N2 NAG Y . 49.43 -7.58 -39.89
O3 NAG Y . 50.49 -9.56 -41.74
O4 NAG Y . 49.39 -12.20 -41.30
O5 NAG Y . 49.50 -10.73 -37.92
O6 NAG Y . 50.63 -13.03 -37.54
O7 NAG Y . 51.43 -6.44 -39.52
C1 NAG Z . 48.02 -32.68 -1.29
C2 NAG Z . 48.73 -32.91 0.05
C3 NAG Z . 49.82 -33.99 -0.03
C4 NAG Z . 49.45 -35.23 -0.83
C5 NAG Z . 48.53 -34.98 -2.03
C6 NAG Z . 47.73 -36.25 -2.31
C7 NAG Z . 48.92 -30.84 1.43
C8 NAG Z . 49.45 -29.44 1.35
N2 NAG Z . 49.40 -31.70 0.54
O3 NAG Z . 50.14 -34.43 1.26
O4 NAG Z . 50.64 -35.87 -1.26
O5 NAG Z . 47.59 -33.93 -1.83
O6 NAG Z . 47.02 -36.61 -1.14
O7 NAG Z . 48.08 -31.12 2.29
C1 NAG AA . 30.66 -43.36 12.68
C2 NAG AA . 30.18 -44.32 11.57
C3 NAG AA . 29.10 -43.74 10.63
C4 NAG AA . 28.93 -42.22 10.76
C5 NAG AA . 30.27 -41.54 11.03
C6 NAG AA . 30.09 -40.01 11.12
C7 NAG AA . 31.35 -45.94 10.14
C8 NAG AA . 31.20 -47.23 10.89
N2 NAG AA . 31.34 -44.81 10.85
O3 NAG AA . 27.85 -44.36 10.87
O4 NAG AA . 28.28 -41.69 9.60
O5 NAG AA . 30.88 -42.01 12.24
O6 NAG AA . 31.26 -39.35 10.69
O7 NAG AA . 31.49 -45.92 8.91
C1 NAG BA . 59.03 31.97 -14.62
C2 NAG BA . 59.98 30.90 -15.19
C3 NAG BA . 61.08 31.53 -16.05
C4 NAG BA . 60.51 32.53 -17.07
C5 NAG BA . 59.47 33.48 -16.46
C6 NAG BA . 58.77 34.30 -17.54
C7 NAG BA . 60.30 28.81 -13.94
C8 NAG BA . 61.32 27.81 -14.40
N2 NAG BA . 60.59 30.10 -14.13
O3 NAG BA . 61.76 30.51 -16.74
O4 NAG BA . 61.57 33.29 -17.61
O5 NAG BA . 58.50 32.77 -15.67
O6 NAG BA . 57.91 33.49 -18.31
O7 NAG BA . 59.27 28.42 -13.40
C1 NAG CA . 69.58 55.43 -7.10
C2 NAG CA . 71.05 55.80 -6.87
C3 NAG CA . 71.29 56.87 -5.81
C4 NAG CA . 70.18 57.93 -5.72
C5 NAG CA . 68.74 57.40 -5.91
C6 NAG CA . 68.03 58.09 -7.08
C7 NAG CA . 72.47 53.90 -7.46
C8 NAG CA . 72.64 52.42 -7.17
N2 NAG CA . 71.81 54.60 -6.54
O3 NAG CA . 72.51 57.51 -6.11
O4 NAG CA . 70.29 58.57 -4.46
O5 NAG CA . 68.72 55.99 -6.10
O6 NAG CA . 67.29 59.20 -6.62
O7 NAG CA . 72.93 54.38 -8.50
#